data_2RNW
#
_entry.id   2RNW
#
loop_
_entity.id
_entity.type
_entity.pdbx_description
1 polymer 'Histone acetyltransferase PCAF'
2 polymer 'Histone H3'
#
loop_
_entity_poly.entity_id
_entity_poly.type
_entity_poly.pdbx_seq_one_letter_code
_entity_poly.pdbx_strand_id
1 'polypeptide(L)'
;GSHMSKEPRDPDQLYSTLKSILQQVKSHQSAWPFMEPVKRTEAPGYYEVIRFPMDLKTMSERLKNRYYVSKKLFMADLQR
VFTNCKEYNPPESEYYKCANILEKFFFSKIKEAGLIDK
;
A
2 'polypeptide(L)' ARTKQTAR(ALY)STGGKA B
#
# COMPACT_ATOMS: atom_id res chain seq x y z
N GLY A 1 -25.94 -4.00 -6.24
CA GLY A 1 -27.26 -4.19 -6.90
C GLY A 1 -27.61 -5.65 -7.08
N SER A 2 -27.38 -6.17 -8.27
CA SER A 2 -27.68 -7.57 -8.57
C SER A 2 -26.66 -8.14 -9.56
N HIS A 3 -25.74 -7.30 -10.00
CA HIS A 3 -24.70 -7.72 -10.95
C HIS A 3 -23.69 -8.64 -10.28
N MET A 4 -22.63 -8.98 -11.00
CA MET A 4 -21.58 -9.84 -10.47
C MET A 4 -21.00 -9.27 -9.18
N SER A 5 -20.38 -8.10 -9.28
CA SER A 5 -19.77 -7.45 -8.12
C SER A 5 -18.80 -8.38 -7.42
N LYS A 6 -17.88 -8.95 -8.19
CA LYS A 6 -16.89 -9.87 -7.64
C LYS A 6 -15.76 -10.11 -8.66
N GLU A 7 -15.96 -9.62 -9.88
CA GLU A 7 -14.96 -9.79 -10.93
C GLU A 7 -14.89 -8.54 -11.82
N PRO A 8 -14.08 -7.54 -11.43
CA PRO A 8 -13.92 -6.29 -12.18
C PRO A 8 -13.45 -6.54 -13.61
N ARG A 9 -12.22 -7.04 -13.73
CA ARG A 9 -11.61 -7.34 -15.03
C ARG A 9 -11.35 -6.10 -15.86
N ASP A 10 -12.41 -5.50 -16.41
CA ASP A 10 -12.27 -4.31 -17.23
C ASP A 10 -11.31 -3.29 -16.61
N PRO A 11 -10.34 -2.81 -17.41
CA PRO A 11 -9.33 -1.85 -16.96
C PRO A 11 -9.90 -0.53 -16.44
N ASP A 12 -11.17 -0.28 -16.73
CA ASP A 12 -11.82 0.96 -16.29
C ASP A 12 -12.48 0.75 -14.94
N GLN A 13 -13.37 -0.23 -14.89
CA GLN A 13 -14.05 -0.55 -13.64
C GLN A 13 -13.01 -0.79 -12.56
N LEU A 14 -11.90 -1.40 -12.96
CA LEU A 14 -10.80 -1.67 -12.05
C LEU A 14 -10.11 -0.39 -11.69
N TYR A 15 -9.53 0.27 -12.67
CA TYR A 15 -8.80 1.50 -12.45
C TYR A 15 -9.46 2.36 -11.38
N SER A 16 -10.68 2.81 -11.60
CA SER A 16 -11.29 3.66 -10.59
C SER A 16 -11.72 2.91 -9.33
N THR A 17 -11.97 1.62 -9.40
CA THR A 17 -12.27 0.85 -8.20
C THR A 17 -11.04 0.91 -7.34
N LEU A 18 -9.95 0.60 -7.98
CA LEU A 18 -8.63 0.61 -7.40
C LEU A 18 -8.23 2.03 -7.07
N LYS A 19 -8.78 2.97 -7.84
CA LYS A 19 -8.51 4.39 -7.64
C LYS A 19 -9.19 4.89 -6.38
N SER A 20 -10.43 4.44 -6.19
CA SER A 20 -11.20 4.79 -5.02
C SER A 20 -10.70 4.00 -3.83
N ILE A 21 -10.25 2.77 -4.09
CA ILE A 21 -9.72 1.94 -3.04
C ILE A 21 -8.44 2.56 -2.53
N LEU A 22 -7.44 2.64 -3.40
CA LEU A 22 -6.16 3.25 -3.06
C LEU A 22 -6.43 4.53 -2.30
N GLN A 23 -7.43 5.26 -2.78
CA GLN A 23 -7.87 6.49 -2.17
C GLN A 23 -8.25 6.25 -0.71
N GLN A 24 -9.02 5.20 -0.52
CA GLN A 24 -9.51 4.78 0.78
C GLN A 24 -8.42 4.19 1.66
N VAL A 25 -7.48 3.48 1.05
CA VAL A 25 -6.40 2.86 1.80
C VAL A 25 -5.57 3.99 2.32
N LYS A 26 -5.37 4.93 1.44
CA LYS A 26 -4.64 6.11 1.71
C LYS A 26 -5.44 6.93 2.70
N SER A 27 -6.76 6.86 2.56
CA SER A 27 -7.66 7.57 3.45
C SER A 27 -7.53 6.93 4.83
N HIS A 28 -7.20 5.65 4.81
CA HIS A 28 -7.00 4.90 6.04
C HIS A 28 -5.66 5.29 6.65
N GLN A 29 -5.72 5.90 7.84
CA GLN A 29 -4.54 6.36 8.55
C GLN A 29 -3.32 5.47 8.33
N SER A 30 -3.51 4.18 8.57
CA SER A 30 -2.44 3.18 8.48
C SER A 30 -1.63 3.26 7.21
N ALA A 31 -2.20 3.85 6.18
CA ALA A 31 -1.51 3.97 4.90
C ALA A 31 -0.76 5.28 4.83
N TRP A 32 -0.46 5.85 6.00
CA TRP A 32 0.22 7.14 6.07
C TRP A 32 1.64 7.13 5.50
N PRO A 33 2.43 6.04 5.63
CA PRO A 33 3.78 6.01 5.09
C PRO A 33 3.80 5.65 3.63
N PHE A 34 3.03 4.63 3.30
CA PHE A 34 2.95 4.13 1.93
C PHE A 34 2.53 5.27 1.01
N MET A 35 1.80 6.24 1.56
CA MET A 35 1.33 7.37 0.78
C MET A 35 2.40 7.89 -0.14
N GLU A 36 3.42 8.47 0.46
CA GLU A 36 4.50 9.10 -0.28
C GLU A 36 5.81 8.33 -0.19
N PRO A 37 6.49 8.20 -1.35
CA PRO A 37 7.79 7.52 -1.46
C PRO A 37 8.75 8.02 -0.39
N VAL A 38 9.59 7.11 0.09
CA VAL A 38 10.55 7.42 1.13
C VAL A 38 11.80 8.08 0.56
N LYS A 39 12.54 8.77 1.42
CA LYS A 39 13.76 9.46 1.02
C LYS A 39 14.84 8.51 0.53
N ARG A 40 14.63 7.22 0.75
CA ARG A 40 15.59 6.20 0.34
C ARG A 40 16.84 6.22 1.22
N THR A 41 17.03 7.31 1.98
CA THR A 41 18.19 7.42 2.85
C THR A 41 17.86 8.09 4.18
N GLU A 42 16.87 8.98 4.19
CA GLU A 42 16.47 9.61 5.44
C GLU A 42 15.96 8.46 6.26
N ALA A 43 15.52 7.49 5.49
CA ALA A 43 15.01 6.25 6.00
C ALA A 43 16.16 5.39 6.51
N PRO A 44 16.09 5.01 7.79
CA PRO A 44 17.11 4.19 8.47
C PRO A 44 17.43 2.91 7.69
N GLY A 45 18.36 3.00 6.75
CA GLY A 45 18.72 1.84 5.95
C GLY A 45 17.49 1.15 5.43
N TYR A 46 16.59 1.94 4.85
CA TYR A 46 15.33 1.47 4.29
C TYR A 46 15.48 0.93 2.89
N TYR A 47 16.08 1.69 2.00
CA TYR A 47 16.26 1.23 0.64
C TYR A 47 17.30 0.12 0.62
N GLU A 48 18.07 0.01 1.70
CA GLU A 48 19.09 -1.02 1.83
C GLU A 48 18.44 -2.37 2.09
N VAL A 49 17.24 -2.31 2.66
CA VAL A 49 16.46 -3.49 2.99
C VAL A 49 15.35 -3.67 1.98
N ILE A 50 14.71 -2.56 1.73
CA ILE A 50 13.58 -2.49 0.84
C ILE A 50 14.01 -2.50 -0.62
N ARG A 51 14.09 -3.70 -1.18
CA ARG A 51 14.45 -3.86 -2.57
C ARG A 51 13.21 -3.68 -3.42
N PHE A 52 12.09 -3.42 -2.73
CA PHE A 52 10.79 -3.27 -3.38
C PHE A 52 9.94 -2.23 -2.66
N PRO A 53 10.32 -0.96 -2.74
CA PRO A 53 9.60 0.12 -2.12
C PRO A 53 8.55 0.73 -3.01
N MET A 54 7.30 0.48 -2.68
CA MET A 54 6.20 1.05 -3.43
C MET A 54 5.39 1.93 -2.50
N ASP A 55 4.81 2.95 -3.08
CA ASP A 55 4.02 3.90 -2.33
C ASP A 55 2.69 4.16 -3.03
N LEU A 56 1.66 4.28 -2.22
CA LEU A 56 0.31 4.52 -2.70
C LEU A 56 0.27 5.65 -3.71
N LYS A 57 1.23 6.57 -3.61
CA LYS A 57 1.31 7.68 -4.54
C LYS A 57 1.55 7.14 -5.94
N THR A 58 2.67 6.43 -6.09
CA THR A 58 3.03 5.82 -7.37
C THR A 58 1.94 4.87 -7.79
N MET A 59 1.24 4.31 -6.81
CA MET A 59 0.17 3.38 -7.06
C MET A 59 -0.99 4.05 -7.76
N SER A 60 -1.52 5.10 -7.15
CA SER A 60 -2.64 5.81 -7.72
C SER A 60 -2.21 6.64 -8.93
N GLU A 61 -0.90 6.91 -9.03
CA GLU A 61 -0.37 7.66 -10.16
C GLU A 61 -0.15 6.71 -11.33
N ARG A 62 0.24 5.48 -11.02
CA ARG A 62 0.43 4.46 -12.05
C ARG A 62 -0.97 4.07 -12.49
N LEU A 63 -1.79 3.89 -11.47
CA LEU A 63 -3.20 3.59 -11.62
C LEU A 63 -3.83 4.69 -12.45
N LYS A 64 -3.33 5.91 -12.21
CA LYS A 64 -3.78 7.10 -12.91
C LYS A 64 -3.48 6.97 -14.37
N ASN A 65 -2.22 6.68 -14.63
CA ASN A 65 -1.72 6.53 -15.97
C ASN A 65 -2.37 5.35 -16.67
N ARG A 66 -3.27 4.68 -15.95
CA ARG A 66 -4.00 3.52 -16.47
C ARG A 66 -3.11 2.28 -16.47
N TYR A 67 -2.40 2.10 -15.36
CA TYR A 67 -1.50 0.97 -15.20
C TYR A 67 -2.19 -0.14 -14.44
N TYR A 68 -3.22 0.20 -13.67
CA TYR A 68 -3.95 -0.80 -12.90
C TYR A 68 -5.00 -1.48 -13.76
N VAL A 69 -4.58 -1.90 -14.95
CA VAL A 69 -5.46 -2.58 -15.88
C VAL A 69 -5.76 -4.00 -15.41
N SER A 70 -5.18 -4.36 -14.27
CA SER A 70 -5.38 -5.68 -13.70
C SER A 70 -5.64 -5.58 -12.21
N LYS A 71 -6.60 -6.35 -11.73
CA LYS A 71 -6.96 -6.33 -10.32
C LYS A 71 -5.73 -6.53 -9.44
N LYS A 72 -4.95 -7.56 -9.71
CA LYS A 72 -3.79 -7.81 -8.89
C LYS A 72 -2.69 -6.81 -9.14
N LEU A 73 -2.55 -6.27 -10.35
CA LEU A 73 -1.52 -5.25 -10.55
C LEU A 73 -1.62 -4.27 -9.42
N PHE A 74 -2.81 -3.73 -9.33
CA PHE A 74 -3.18 -2.83 -8.27
C PHE A 74 -2.67 -3.39 -6.97
N MET A 75 -2.93 -4.68 -6.78
CA MET A 75 -2.52 -5.34 -5.57
C MET A 75 -1.00 -5.38 -5.43
N ALA A 76 -0.32 -6.06 -6.33
CA ALA A 76 1.11 -6.17 -6.26
C ALA A 76 1.73 -4.86 -5.85
N ASP A 77 1.06 -3.76 -6.14
CA ASP A 77 1.56 -2.45 -5.76
C ASP A 77 1.15 -2.14 -4.33
N LEU A 78 -0.14 -2.29 -4.03
CA LEU A 78 -0.63 -2.04 -2.68
C LEU A 78 -0.07 -3.11 -1.77
N GLN A 79 -0.32 -4.34 -2.15
CA GLN A 79 0.21 -5.47 -1.44
C GLN A 79 1.68 -5.20 -1.20
N ARG A 80 2.35 -4.67 -2.23
CA ARG A 80 3.76 -4.31 -2.15
C ARG A 80 4.02 -3.28 -1.05
N VAL A 81 3.28 -2.16 -1.04
CA VAL A 81 3.48 -1.15 -0.01
C VAL A 81 3.52 -1.82 1.34
N PHE A 82 2.59 -2.74 1.53
CA PHE A 82 2.52 -3.50 2.77
C PHE A 82 3.79 -4.33 2.93
N THR A 83 4.22 -4.98 1.84
CA THR A 83 5.40 -5.83 1.88
C THR A 83 6.62 -5.10 2.42
N ASN A 84 6.99 -4.00 1.79
CA ASN A 84 8.17 -3.24 2.23
C ASN A 84 8.00 -2.79 3.68
N CYS A 85 6.80 -2.33 4.02
CA CYS A 85 6.54 -1.91 5.38
C CYS A 85 6.85 -3.04 6.34
N LYS A 86 6.41 -4.23 5.97
CA LYS A 86 6.63 -5.42 6.78
C LYS A 86 8.03 -5.97 6.58
N GLU A 87 8.65 -5.59 5.47
CA GLU A 87 9.98 -6.05 5.12
C GLU A 87 11.02 -5.55 6.10
N TYR A 88 10.97 -4.25 6.39
CA TYR A 88 11.94 -3.65 7.29
C TYR A 88 11.29 -3.07 8.54
N ASN A 89 10.40 -2.14 8.34
CA ASN A 89 9.70 -1.49 9.42
C ASN A 89 9.10 -2.54 10.38
N PRO A 90 9.50 -2.54 11.67
CA PRO A 90 9.00 -3.50 12.68
C PRO A 90 7.47 -3.43 12.87
N PRO A 91 6.85 -4.56 13.29
CA PRO A 91 5.39 -4.63 13.52
C PRO A 91 4.96 -3.86 14.75
N GLU A 92 5.92 -3.24 15.42
CA GLU A 92 5.66 -2.45 16.60
C GLU A 92 6.04 -0.98 16.35
N SER A 93 6.70 -0.73 15.22
CA SER A 93 7.12 0.62 14.86
C SER A 93 5.97 1.46 14.32
N GLU A 94 4.74 1.03 14.57
CA GLU A 94 3.56 1.77 14.09
C GLU A 94 3.50 1.74 12.55
N TYR A 95 4.60 1.38 11.92
CA TYR A 95 4.68 1.32 10.46
C TYR A 95 4.09 0.03 9.93
N TYR A 96 4.75 -1.06 10.25
CA TYR A 96 4.33 -2.36 9.81
C TYR A 96 2.88 -2.61 10.21
N LYS A 97 2.59 -2.55 11.50
CA LYS A 97 1.23 -2.82 11.97
C LYS A 97 0.22 -2.03 11.14
N CYS A 98 0.59 -0.81 10.76
CA CYS A 98 -0.25 0.03 9.92
C CYS A 98 -0.55 -0.70 8.63
N ALA A 99 0.50 -1.29 8.08
CA ALA A 99 0.38 -2.09 6.86
C ALA A 99 -0.73 -3.08 7.06
N ASN A 100 -0.61 -3.84 8.14
CA ASN A 100 -1.59 -4.84 8.50
C ASN A 100 -2.95 -4.22 8.80
N ILE A 101 -2.96 -3.01 9.38
CA ILE A 101 -4.22 -2.37 9.72
C ILE A 101 -5.00 -2.01 8.47
N LEU A 102 -4.44 -1.14 7.65
CA LEU A 102 -5.07 -0.77 6.41
C LEU A 102 -5.19 -2.00 5.53
N GLU A 103 -4.09 -2.73 5.32
CA GLU A 103 -4.14 -3.93 4.48
C GLU A 103 -5.41 -4.73 4.79
N LYS A 104 -5.81 -4.72 6.06
CA LYS A 104 -7.04 -5.39 6.47
C LYS A 104 -8.23 -4.65 5.83
N PHE A 105 -8.28 -3.34 6.07
CA PHE A 105 -9.31 -2.50 5.47
C PHE A 105 -9.27 -2.72 3.98
N PHE A 106 -8.11 -2.42 3.42
CA PHE A 106 -7.82 -2.63 2.02
C PHE A 106 -8.37 -3.98 1.57
N PHE A 107 -8.25 -4.97 2.44
CA PHE A 107 -8.73 -6.32 2.14
C PHE A 107 -10.23 -6.34 1.98
N SER A 108 -10.93 -5.55 2.78
CA SER A 108 -12.38 -5.49 2.68
C SER A 108 -12.76 -4.69 1.44
N LYS A 109 -11.88 -3.79 1.05
CA LYS A 109 -12.10 -2.95 -0.12
C LYS A 109 -12.07 -3.77 -1.40
N ILE A 110 -10.97 -4.48 -1.59
CA ILE A 110 -10.77 -5.32 -2.77
C ILE A 110 -11.84 -6.39 -2.88
N LYS A 111 -11.93 -7.24 -1.85
CA LYS A 111 -12.92 -8.31 -1.85
C LYS A 111 -14.30 -7.75 -2.14
N GLU A 112 -14.55 -6.52 -1.66
CA GLU A 112 -15.83 -5.86 -1.90
C GLU A 112 -15.86 -5.37 -3.34
N ALA A 113 -14.69 -4.93 -3.81
CA ALA A 113 -14.54 -4.45 -5.15
C ALA A 113 -14.24 -5.60 -6.10
N GLY A 114 -14.44 -6.83 -5.58
CA GLY A 114 -14.19 -8.03 -6.34
C GLY A 114 -12.79 -8.11 -6.88
N LEU A 115 -11.91 -7.26 -6.38
CA LEU A 115 -10.52 -7.24 -6.82
C LEU A 115 -9.81 -8.50 -6.37
N ILE A 116 -9.26 -8.43 -5.17
CA ILE A 116 -8.54 -9.50 -4.53
C ILE A 116 -8.96 -10.89 -5.02
N ASP A 117 -7.97 -11.75 -5.21
CA ASP A 117 -8.19 -13.10 -5.66
C ASP A 117 -7.10 -14.02 -5.10
N LYS A 118 -6.13 -13.42 -4.42
CA LYS A 118 -5.05 -14.18 -3.81
C LYS A 118 -4.26 -14.95 -4.87
N ALA B 1 12.31 16.58 -5.38
CA ALA B 1 12.63 17.33 -4.14
C ALA B 1 11.42 18.12 -3.64
N ARG B 2 11.60 18.82 -2.52
CA ARG B 2 10.53 19.62 -1.94
C ARG B 2 9.30 18.75 -1.65
N THR B 3 9.55 17.55 -1.16
CA THR B 3 8.46 16.61 -0.84
C THR B 3 8.11 16.69 0.63
N LYS B 4 6.82 16.57 0.94
CA LYS B 4 6.36 16.62 2.33
C LYS B 4 5.80 15.28 2.77
N GLN B 5 6.68 14.32 3.02
CA GLN B 5 6.26 12.99 3.45
C GLN B 5 5.92 13.00 4.94
N THR B 6 5.59 11.83 5.48
CA THR B 6 5.24 11.70 6.89
C THR B 6 5.98 10.55 7.55
N ALA B 7 6.49 9.62 6.74
CA ALA B 7 7.23 8.48 7.28
C ALA B 7 8.42 8.96 8.10
N ARG B 8 8.25 9.00 9.42
CA ARG B 8 9.31 9.45 10.31
C ARG B 8 10.63 8.77 9.95
N SER B 10 13.60 7.85 10.15
CA SER B 10 14.67 7.98 11.14
C SER B 10 14.19 7.57 12.53
N THR B 11 14.91 6.63 13.13
CA THR B 11 14.56 6.13 14.46
C THR B 11 14.45 7.28 15.47
N GLY B 12 13.28 7.38 16.08
CA GLY B 12 13.04 8.43 17.06
C GLY B 12 11.88 8.10 17.99
N GLY B 13 10.89 7.39 17.47
CA GLY B 13 9.74 7.02 18.26
C GLY B 13 8.50 6.73 17.42
N LYS B 14 8.20 5.46 17.25
CA LYS B 14 7.05 5.04 16.46
C LYS B 14 6.43 3.77 17.04
N ALA B 15 5.21 3.90 17.56
CA ALA B 15 4.50 2.77 18.14
C ALA B 15 3.04 3.13 18.43
N GLY A 1 -24.24 -21.53 -4.26
CA GLY A 1 -23.59 -20.42 -5.01
C GLY A 1 -24.50 -19.21 -5.16
N SER A 2 -24.58 -18.40 -4.11
CA SER A 2 -25.42 -17.21 -4.12
C SER A 2 -24.69 -16.01 -3.53
N HIS A 3 -24.66 -14.91 -4.28
CA HIS A 3 -24.00 -13.69 -3.84
C HIS A 3 -22.51 -13.92 -3.62
N MET A 4 -21.70 -13.55 -4.60
CA MET A 4 -20.25 -13.72 -4.50
C MET A 4 -19.55 -12.37 -4.70
N SER A 5 -19.89 -11.69 -5.79
CA SER A 5 -19.30 -10.39 -6.10
C SER A 5 -17.77 -10.49 -6.17
N LYS A 6 -17.26 -10.87 -7.33
CA LYS A 6 -15.83 -11.01 -7.54
C LYS A 6 -15.51 -10.80 -9.00
N GLU A 7 -14.22 -10.83 -9.33
CA GLU A 7 -13.78 -10.64 -10.70
C GLU A 7 -14.27 -9.30 -11.26
N PRO A 8 -13.46 -8.23 -11.13
CA PRO A 8 -13.82 -6.91 -11.63
C PRO A 8 -13.61 -6.78 -13.12
N ARG A 9 -12.40 -7.15 -13.57
CA ARG A 9 -12.05 -7.09 -14.98
C ARG A 9 -12.17 -5.67 -15.52
N ASP A 10 -11.86 -5.50 -16.80
CA ASP A 10 -11.91 -4.20 -17.45
C ASP A 10 -10.89 -3.25 -16.83
N PRO A 11 -10.19 -2.45 -17.65
CA PRO A 11 -9.17 -1.52 -17.17
C PRO A 11 -9.76 -0.26 -16.57
N ASP A 12 -11.03 -0.01 -16.86
CA ASP A 12 -11.71 1.19 -16.37
C ASP A 12 -12.40 0.93 -15.04
N GLN A 13 -13.30 -0.04 -15.03
CA GLN A 13 -14.00 -0.40 -13.82
C GLN A 13 -13.00 -0.66 -12.70
N LEU A 14 -11.88 -1.29 -13.06
CA LEU A 14 -10.82 -1.57 -12.11
C LEU A 14 -10.13 -0.28 -11.73
N TYR A 15 -9.53 0.38 -12.69
CA TYR A 15 -8.82 1.61 -12.44
C TYR A 15 -9.51 2.46 -11.38
N SER A 16 -10.72 2.90 -11.61
CA SER A 16 -11.36 3.71 -10.60
C SER A 16 -11.81 2.95 -9.36
N THR A 17 -12.05 1.65 -9.48
CA THR A 17 -12.36 0.84 -8.32
C THR A 17 -11.16 0.92 -7.42
N LEU A 18 -10.05 0.54 -8.01
CA LEU A 18 -8.75 0.56 -7.39
C LEU A 18 -8.38 1.99 -7.02
N LYS A 19 -8.88 2.94 -7.80
CA LYS A 19 -8.62 4.35 -7.57
C LYS A 19 -9.33 4.82 -6.32
N SER A 20 -10.58 4.39 -6.17
CA SER A 20 -11.37 4.74 -5.01
C SER A 20 -10.81 4.01 -3.80
N ILE A 21 -10.37 2.77 -4.01
CA ILE A 21 -9.79 1.99 -2.95
C ILE A 21 -8.53 2.66 -2.44
N LEU A 22 -7.50 2.69 -3.30
CA LEU A 22 -6.23 3.32 -2.96
C LEU A 22 -6.50 4.62 -2.24
N GLN A 23 -7.52 5.32 -2.73
CA GLN A 23 -7.95 6.59 -2.18
C GLN A 23 -8.20 6.50 -0.68
N GLN A 24 -9.08 5.58 -0.27
CA GLN A 24 -9.40 5.41 1.15
C GLN A 24 -8.26 4.77 1.90
N VAL A 25 -7.63 3.74 1.32
CA VAL A 25 -6.51 3.07 1.97
C VAL A 25 -5.54 4.13 2.45
N LYS A 26 -5.25 5.08 1.58
CA LYS A 26 -4.36 6.18 1.93
C LYS A 26 -5.02 7.03 3.00
N SER A 27 -6.35 7.13 2.90
CA SER A 27 -7.14 7.88 3.86
C SER A 27 -7.36 7.08 5.14
N HIS A 28 -7.01 5.79 5.10
CA HIS A 28 -7.19 4.91 6.25
C HIS A 28 -6.21 5.24 7.37
N GLN A 29 -5.46 6.33 7.21
CA GLN A 29 -4.46 6.75 8.19
C GLN A 29 -3.25 5.83 8.20
N SER A 30 -3.50 4.54 8.40
CA SER A 30 -2.45 3.54 8.44
C SER A 30 -1.57 3.59 7.20
N ALA A 31 -2.12 4.11 6.12
CA ALA A 31 -1.40 4.21 4.86
C ALA A 31 -0.66 5.52 4.81
N TRP A 32 -0.36 6.07 5.99
CA TRP A 32 0.34 7.33 6.09
C TRP A 32 1.74 7.29 5.47
N PRO A 33 2.47 6.15 5.53
CA PRO A 33 3.78 6.08 4.93
C PRO A 33 3.70 5.61 3.49
N PHE A 34 2.92 4.55 3.28
CA PHE A 34 2.74 4.00 1.95
C PHE A 34 2.33 5.10 0.99
N MET A 35 1.36 5.89 1.40
CA MET A 35 0.86 6.97 0.55
C MET A 35 1.97 7.83 0.02
N GLU A 36 2.99 8.10 0.83
CA GLU A 36 4.06 8.97 0.38
C GLU A 36 5.43 8.28 0.33
N PRO A 37 6.09 8.35 -0.83
CA PRO A 37 7.42 7.77 -1.04
C PRO A 37 8.44 8.30 -0.07
N VAL A 38 9.20 7.39 0.50
CA VAL A 38 10.21 7.74 1.48
C VAL A 38 11.32 8.55 0.79
N LYS A 39 12.05 9.35 1.57
CA LYS A 39 13.10 10.20 1.00
C LYS A 39 14.32 9.40 0.59
N ARG A 40 14.23 8.09 0.70
CA ARG A 40 15.32 7.20 0.32
C ARG A 40 16.55 7.37 1.23
N THR A 41 16.48 8.27 2.21
CA THR A 41 17.62 8.46 3.10
C THR A 41 17.24 8.93 4.49
N GLU A 42 16.12 9.64 4.64
CA GLU A 42 15.71 10.07 5.97
C GLU A 42 15.42 8.80 6.70
N ALA A 43 15.02 7.86 5.87
CA ALA A 43 14.72 6.51 6.25
C ALA A 43 15.98 5.79 6.72
N PRO A 44 15.95 5.30 7.96
CA PRO A 44 17.08 4.56 8.55
C PRO A 44 17.50 3.36 7.71
N GLY A 45 18.27 3.62 6.66
CA GLY A 45 18.69 2.54 5.77
C GLY A 45 17.50 1.73 5.29
N TYR A 46 16.48 2.45 4.84
CA TYR A 46 15.23 1.85 4.36
C TYR A 46 15.34 1.35 2.92
N TYR A 47 16.03 2.08 2.06
CA TYR A 47 16.16 1.65 0.67
C TYR A 47 17.25 0.57 0.53
N GLU A 48 18.12 0.50 1.53
CA GLU A 48 19.19 -0.51 1.53
C GLU A 48 18.61 -1.87 1.88
N VAL A 49 17.44 -1.84 2.52
CA VAL A 49 16.74 -3.04 2.92
C VAL A 49 15.60 -3.32 1.98
N ILE A 50 14.84 -2.27 1.73
CA ILE A 50 13.69 -2.32 0.89
C ILE A 50 14.07 -2.41 -0.57
N ARG A 51 14.15 -3.64 -1.07
CA ARG A 51 14.49 -3.87 -2.45
C ARG A 51 13.35 -3.44 -3.37
N PHE A 52 12.12 -3.48 -2.85
CA PHE A 52 10.95 -3.08 -3.63
C PHE A 52 10.04 -2.12 -2.87
N PRO A 53 10.42 -0.83 -2.81
CA PRO A 53 9.63 0.17 -2.14
C PRO A 53 8.54 0.76 -3.02
N MET A 54 7.30 0.48 -2.68
CA MET A 54 6.17 1.00 -3.42
C MET A 54 5.34 1.88 -2.49
N ASP A 55 4.70 2.87 -3.07
CA ASP A 55 3.90 3.81 -2.31
C ASP A 55 2.58 4.08 -3.00
N LEU A 56 1.54 4.20 -2.22
CA LEU A 56 0.20 4.44 -2.72
C LEU A 56 0.14 5.63 -3.65
N LYS A 57 1.13 6.52 -3.57
CA LYS A 57 1.17 7.66 -4.48
C LYS A 57 1.44 7.13 -5.88
N THR A 58 2.57 6.45 -6.03
CA THR A 58 2.96 5.84 -7.29
C THR A 58 1.89 4.88 -7.74
N MET A 59 1.21 4.30 -6.76
CA MET A 59 0.14 3.36 -7.02
C MET A 59 -1.00 4.03 -7.72
N SER A 60 -1.52 5.09 -7.12
CA SER A 60 -2.62 5.82 -7.69
C SER A 60 -2.16 6.66 -8.88
N GLU A 61 -0.85 6.88 -8.98
CA GLU A 61 -0.29 7.61 -10.11
C GLU A 61 -0.17 6.68 -11.30
N ARG A 62 0.22 5.43 -11.03
CA ARG A 62 0.32 4.43 -12.08
C ARG A 62 -1.10 4.13 -12.50
N LEU A 63 -1.88 3.87 -11.47
CA LEU A 63 -3.30 3.62 -11.59
C LEU A 63 -3.95 4.72 -12.43
N LYS A 64 -3.64 5.96 -12.06
CA LYS A 64 -4.13 7.14 -12.74
C LYS A 64 -3.66 7.17 -14.19
N ASN A 65 -2.43 6.73 -14.41
CA ASN A 65 -1.86 6.70 -15.75
C ASN A 65 -2.45 5.53 -16.52
N ARG A 66 -3.37 4.82 -15.87
CA ARG A 66 -4.06 3.67 -16.45
C ARG A 66 -3.14 2.47 -16.48
N TYR A 67 -2.48 2.25 -15.36
CA TYR A 67 -1.57 1.13 -15.20
C TYR A 67 -2.25 0.00 -14.46
N TYR A 68 -3.23 0.34 -13.62
CA TYR A 68 -3.97 -0.66 -12.87
C TYR A 68 -5.02 -1.34 -13.73
N VAL A 69 -4.61 -1.71 -14.94
CA VAL A 69 -5.50 -2.37 -15.88
C VAL A 69 -5.79 -3.80 -15.43
N SER A 70 -5.22 -4.16 -14.29
CA SER A 70 -5.41 -5.50 -13.74
C SER A 70 -5.67 -5.42 -12.25
N LYS A 71 -6.65 -6.17 -11.78
CA LYS A 71 -7.02 -6.18 -10.38
C LYS A 71 -5.80 -6.42 -9.49
N LYS A 72 -5.06 -7.47 -9.78
CA LYS A 72 -3.93 -7.78 -8.96
C LYS A 72 -2.78 -6.81 -9.17
N LEU A 73 -2.64 -6.23 -10.37
CA LEU A 73 -1.58 -5.24 -10.56
C LEU A 73 -1.67 -4.29 -9.40
N PHE A 74 -2.85 -3.69 -9.32
CA PHE A 74 -3.21 -2.81 -8.26
C PHE A 74 -2.71 -3.38 -6.96
N MET A 75 -2.98 -4.67 -6.79
CA MET A 75 -2.57 -5.33 -5.58
C MET A 75 -1.06 -5.39 -5.43
N ALA A 76 -0.38 -6.06 -6.34
CA ALA A 76 1.05 -6.18 -6.27
C ALA A 76 1.67 -4.88 -5.83
N ASP A 77 1.02 -3.78 -6.11
CA ASP A 77 1.52 -2.47 -5.72
C ASP A 77 1.11 -2.17 -4.29
N LEU A 78 -0.18 -2.33 -4.01
CA LEU A 78 -0.67 -2.08 -2.66
C LEU A 78 -0.12 -3.16 -1.77
N GLN A 79 -0.38 -4.39 -2.15
CA GLN A 79 0.14 -5.53 -1.44
C GLN A 79 1.62 -5.28 -1.19
N ARG A 80 2.29 -4.75 -2.22
CA ARG A 80 3.70 -4.41 -2.11
C ARG A 80 3.98 -3.40 -0.99
N VAL A 81 3.25 -2.27 -0.98
CA VAL A 81 3.48 -1.27 0.06
C VAL A 81 3.51 -1.95 1.42
N PHE A 82 2.59 -2.89 1.59
CA PHE A 82 2.52 -3.64 2.82
C PHE A 82 3.78 -4.48 2.98
N THR A 83 4.22 -5.11 1.88
CA THR A 83 5.40 -5.96 1.93
C THR A 83 6.63 -5.22 2.43
N ASN A 84 7.00 -4.13 1.76
CA ASN A 84 8.18 -3.35 2.18
C ASN A 84 7.98 -2.86 3.60
N CYS A 85 6.76 -2.45 3.92
CA CYS A 85 6.44 -1.99 5.26
C CYS A 85 6.83 -3.05 6.27
N LYS A 86 6.45 -4.28 5.99
CA LYS A 86 6.75 -5.40 6.86
C LYS A 86 8.17 -5.90 6.64
N GLU A 87 8.74 -5.56 5.49
CA GLU A 87 10.09 -5.98 5.12
C GLU A 87 11.13 -5.43 6.08
N TYR A 88 11.06 -4.13 6.35
CA TYR A 88 12.03 -3.50 7.21
C TYR A 88 11.37 -2.91 8.45
N ASN A 89 10.44 -2.01 8.22
CA ASN A 89 9.72 -1.37 9.30
C ASN A 89 9.20 -2.42 10.29
N PRO A 90 9.77 -2.47 11.51
CA PRO A 90 9.39 -3.46 12.54
C PRO A 90 7.91 -3.46 12.90
N PRO A 91 7.36 -4.64 13.28
CA PRO A 91 5.95 -4.78 13.67
C PRO A 91 5.55 -3.80 14.75
N GLU A 92 6.51 -3.38 15.55
CA GLU A 92 6.26 -2.45 16.64
C GLU A 92 6.75 -1.04 16.32
N SER A 93 6.87 -0.72 15.04
CA SER A 93 7.34 0.61 14.67
C SER A 93 6.22 1.51 14.19
N GLU A 94 4.97 1.12 14.44
CA GLU A 94 3.81 1.90 14.02
C GLU A 94 3.68 1.87 12.48
N TYR A 95 4.74 1.43 11.81
CA TYR A 95 4.75 1.35 10.36
C TYR A 95 4.13 0.04 9.91
N TYR A 96 4.80 -1.04 10.28
CA TYR A 96 4.35 -2.37 9.93
C TYR A 96 2.88 -2.54 10.28
N LYS A 97 2.55 -2.35 11.55
CA LYS A 97 1.16 -2.52 11.98
C LYS A 97 0.24 -1.85 10.98
N CYS A 98 0.50 -0.57 10.74
CA CYS A 98 -0.29 0.23 9.79
C CYS A 98 -0.55 -0.58 8.53
N ALA A 99 0.47 -1.29 8.08
CA ALA A 99 0.33 -2.14 6.93
C ALA A 99 -0.83 -3.08 7.17
N ASN A 100 -0.71 -3.81 8.27
CA ASN A 100 -1.73 -4.76 8.68
C ASN A 100 -3.08 -4.07 8.94
N ILE A 101 -3.06 -2.84 9.48
CA ILE A 101 -4.31 -2.14 9.77
C ILE A 101 -5.06 -1.83 8.51
N LEU A 102 -4.46 -1.01 7.65
CA LEU A 102 -5.07 -0.66 6.41
C LEU A 102 -5.21 -1.93 5.55
N GLU A 103 -4.13 -2.67 5.37
CA GLU A 103 -4.20 -3.90 4.56
C GLU A 103 -5.48 -4.67 4.90
N LYS A 104 -5.90 -4.61 6.18
CA LYS A 104 -7.13 -5.26 6.59
C LYS A 104 -8.32 -4.55 5.93
N PHE A 105 -8.40 -3.23 6.14
CA PHE A 105 -9.44 -2.42 5.51
C PHE A 105 -9.37 -2.66 4.02
N PHE A 106 -8.19 -2.40 3.47
CA PHE A 106 -7.86 -2.62 2.08
C PHE A 106 -8.42 -3.97 1.64
N PHE A 107 -8.26 -4.97 2.51
CA PHE A 107 -8.73 -6.32 2.21
C PHE A 107 -10.24 -6.34 2.05
N SER A 108 -10.93 -5.54 2.82
CA SER A 108 -12.38 -5.48 2.72
C SER A 108 -12.77 -4.68 1.49
N LYS A 109 -11.88 -3.77 1.09
CA LYS A 109 -12.11 -2.91 -0.07
C LYS A 109 -12.07 -3.73 -1.35
N ILE A 110 -11.01 -4.48 -1.52
CA ILE A 110 -10.83 -5.32 -2.70
C ILE A 110 -11.90 -6.39 -2.77
N LYS A 111 -11.96 -7.21 -1.73
CA LYS A 111 -12.95 -8.27 -1.65
C LYS A 111 -14.33 -7.72 -1.94
N GLU A 112 -14.56 -6.47 -1.56
CA GLU A 112 -15.82 -5.80 -1.80
C GLU A 112 -15.86 -5.33 -3.25
N ALA A 113 -14.71 -4.84 -3.72
CA ALA A 113 -14.58 -4.38 -5.08
C ALA A 113 -14.31 -5.56 -6.00
N GLY A 114 -14.52 -6.76 -5.45
CA GLY A 114 -14.31 -7.99 -6.18
C GLY A 114 -12.92 -8.11 -6.73
N LEU A 115 -12.01 -7.24 -6.28
CA LEU A 115 -10.64 -7.26 -6.74
C LEU A 115 -9.93 -8.53 -6.30
N ILE A 116 -9.33 -8.44 -5.11
CA ILE A 116 -8.60 -9.51 -4.48
C ILE A 116 -9.02 -10.91 -4.93
N ASP A 117 -8.01 -11.76 -5.11
CA ASP A 117 -8.23 -13.13 -5.54
C ASP A 117 -7.31 -14.07 -4.76
N LYS A 118 -6.28 -13.49 -4.13
CA LYS A 118 -5.32 -14.26 -3.36
C LYS A 118 -4.75 -15.41 -4.18
N ALA B 1 23.04 9.71 21.84
CA ALA B 1 23.32 10.35 23.15
C ALA B 1 22.79 11.78 23.20
N ARG B 2 23.19 12.58 22.22
CA ARG B 2 22.75 13.98 22.15
C ARG B 2 21.23 14.05 22.00
N THR B 3 20.70 13.32 21.02
CA THR B 3 19.26 13.31 20.77
C THR B 3 18.76 11.89 20.51
N LYS B 4 17.69 11.52 21.21
CA LYS B 4 17.10 10.20 21.06
C LYS B 4 16.63 9.97 19.62
N GLN B 5 17.40 9.19 18.87
CA GLN B 5 17.08 8.90 17.48
C GLN B 5 17.05 7.40 17.22
N THR B 6 16.10 6.95 16.41
CA THR B 6 15.97 5.54 16.08
C THR B 6 15.62 5.36 14.60
N ALA B 7 14.74 6.22 14.10
CA ALA B 7 14.32 6.15 12.70
C ALA B 7 13.77 7.48 12.22
N ARG B 8 14.60 8.22 11.49
CA ARG B 8 14.18 9.51 10.94
C ARG B 8 13.36 9.29 9.67
N SER B 10 10.69 10.08 8.60
CA SER B 10 9.61 11.05 8.52
C SER B 10 8.47 10.69 9.46
N THR B 11 8.68 10.90 10.76
CA THR B 11 7.67 10.59 11.76
C THR B 11 7.90 11.39 13.04
N GLY B 12 6.82 11.63 13.78
CA GLY B 12 6.92 12.39 15.02
C GLY B 12 6.56 11.56 16.23
N GLY B 13 6.40 10.25 16.03
CA GLY B 13 6.06 9.37 17.12
C GLY B 13 5.88 7.92 16.67
N LYS B 14 6.98 7.26 16.35
CA LYS B 14 6.93 5.87 15.91
C LYS B 14 6.54 4.95 17.05
N ALA B 15 6.34 3.67 16.73
CA ALA B 15 5.96 2.67 17.74
C ALA B 15 4.67 3.08 18.45
N GLY A 1 -22.10 -8.10 0.76
CA GLY A 1 -22.32 -7.30 -0.49
C GLY A 1 -23.64 -7.63 -1.16
N SER A 2 -23.59 -7.83 -2.47
CA SER A 2 -24.79 -8.14 -3.24
C SER A 2 -25.12 -9.63 -3.15
N HIS A 3 -24.38 -10.44 -3.89
CA HIS A 3 -24.59 -11.89 -3.89
C HIS A 3 -23.26 -12.64 -3.84
N MET A 4 -22.27 -12.02 -3.20
CA MET A 4 -20.94 -12.62 -3.07
C MET A 4 -20.34 -12.89 -4.44
N SER A 5 -19.61 -11.92 -4.97
CA SER A 5 -18.99 -12.05 -6.28
C SER A 5 -17.59 -11.44 -6.29
N LYS A 6 -16.81 -11.79 -7.32
CA LYS A 6 -15.45 -11.29 -7.45
C LYS A 6 -15.17 -10.98 -8.91
N GLU A 7 -13.90 -10.82 -9.25
CA GLU A 7 -13.50 -10.52 -10.61
C GLU A 7 -14.15 -9.22 -11.10
N PRO A 8 -13.39 -8.11 -11.12
CA PRO A 8 -13.91 -6.83 -11.56
C PRO A 8 -13.82 -6.66 -13.08
N ARG A 9 -12.65 -6.98 -13.61
CA ARG A 9 -12.38 -6.88 -15.04
C ARG A 9 -12.52 -5.44 -15.53
N ASP A 10 -12.24 -5.22 -16.81
CA ASP A 10 -12.32 -3.89 -17.40
C ASP A 10 -11.30 -2.96 -16.75
N PRO A 11 -10.31 -2.46 -17.51
CA PRO A 11 -9.28 -1.57 -16.98
C PRO A 11 -9.86 -0.26 -16.45
N ASP A 12 -11.14 -0.02 -16.75
CA ASP A 12 -11.80 1.20 -16.30
C ASP A 12 -12.49 0.99 -14.97
N GLN A 13 -13.39 0.01 -14.92
CA GLN A 13 -14.08 -0.30 -13.68
C GLN A 13 -13.05 -0.58 -12.60
N LEU A 14 -11.96 -1.22 -13.00
CA LEU A 14 -10.86 -1.53 -12.08
C LEU A 14 -10.17 -0.26 -11.69
N TYR A 15 -9.57 0.41 -12.66
CA TYR A 15 -8.86 1.64 -12.41
C TYR A 15 -9.52 2.47 -11.32
N SER A 16 -10.74 2.92 -11.53
CA SER A 16 -11.36 3.75 -10.51
C SER A 16 -11.81 2.98 -9.27
N THR A 17 -12.01 1.67 -9.37
CA THR A 17 -12.32 0.89 -8.20
C THR A 17 -11.11 0.92 -7.31
N LEU A 18 -10.00 0.66 -7.96
CA LEU A 18 -8.70 0.65 -7.37
C LEU A 18 -8.29 2.07 -7.02
N LYS A 19 -8.82 3.02 -7.79
CA LYS A 19 -8.54 4.43 -7.58
C LYS A 19 -9.25 4.92 -6.34
N SER A 20 -10.48 4.47 -6.17
CA SER A 20 -11.28 4.83 -5.02
C SER A 20 -10.79 4.05 -3.82
N ILE A 21 -10.32 2.83 -4.07
CA ILE A 21 -9.79 2.00 -3.00
C ILE A 21 -8.52 2.64 -2.49
N LEU A 22 -7.50 2.68 -3.34
CA LEU A 22 -6.22 3.27 -2.99
C LEU A 22 -6.49 4.57 -2.25
N GLN A 23 -7.44 5.33 -2.78
CA GLN A 23 -7.86 6.59 -2.20
C GLN A 23 -8.16 6.40 -0.72
N GLN A 24 -9.09 5.50 -0.43
CA GLN A 24 -9.48 5.19 0.93
C GLN A 24 -8.37 4.57 1.74
N VAL A 25 -7.68 3.58 1.19
CA VAL A 25 -6.58 2.96 1.90
C VAL A 25 -5.65 4.04 2.43
N LYS A 26 -5.39 5.04 1.58
CA LYS A 26 -4.56 6.17 1.95
C LYS A 26 -5.29 6.99 2.99
N SER A 27 -6.61 6.97 2.89
CA SER A 27 -7.47 7.70 3.82
C SER A 27 -7.70 6.88 5.08
N HIS A 28 -7.24 5.63 5.07
CA HIS A 28 -7.41 4.74 6.21
C HIS A 28 -6.45 5.08 7.35
N GLN A 29 -5.70 6.18 7.19
CA GLN A 29 -4.75 6.62 8.20
C GLN A 29 -3.52 5.72 8.24
N SER A 30 -3.75 4.41 8.34
CA SER A 30 -2.69 3.44 8.40
C SER A 30 -1.79 3.51 7.18
N ALA A 31 -2.32 4.04 6.10
CA ALA A 31 -1.56 4.16 4.87
C ALA A 31 -0.83 5.49 4.84
N TRP A 32 -0.58 6.02 6.03
CA TRP A 32 0.11 7.30 6.18
C TRP A 32 1.51 7.29 5.55
N PRO A 33 2.25 6.17 5.58
CA PRO A 33 3.56 6.11 4.96
C PRO A 33 3.49 5.65 3.52
N PHE A 34 2.78 4.56 3.31
CA PHE A 34 2.61 4.01 1.97
C PHE A 34 2.22 5.11 1.01
N MET A 35 1.24 5.89 1.39
CA MET A 35 0.76 6.98 0.55
C MET A 35 1.91 7.85 0.10
N GLU A 36 2.86 8.10 0.97
CA GLU A 36 3.98 8.96 0.62
C GLU A 36 5.26 8.19 0.34
N PRO A 37 6.10 8.72 -0.57
CA PRO A 37 7.37 8.10 -0.94
C PRO A 37 8.46 8.41 0.06
N VAL A 38 9.04 7.37 0.61
CA VAL A 38 10.11 7.51 1.61
C VAL A 38 11.26 8.32 1.06
N LYS A 39 11.99 8.96 1.97
CA LYS A 39 13.13 9.80 1.60
C LYS A 39 14.23 9.02 0.90
N ARG A 40 14.19 7.70 1.01
CA ARG A 40 15.19 6.84 0.40
C ARG A 40 16.52 6.90 1.15
N THR A 41 16.78 8.03 1.81
CA THR A 41 18.00 8.20 2.57
C THR A 41 17.73 8.53 4.03
N GLU A 42 16.76 9.41 4.26
CA GLU A 42 16.37 9.75 5.61
C GLU A 42 15.81 8.47 6.21
N ALA A 43 15.59 7.55 5.30
CA ALA A 43 15.10 6.24 5.57
C ALA A 43 16.21 5.36 6.15
N PRO A 44 16.02 4.88 7.39
CA PRO A 44 16.99 4.02 8.08
C PRO A 44 17.38 2.81 7.25
N GLY A 45 18.31 3.02 6.33
CA GLY A 45 18.73 1.94 5.46
C GLY A 45 17.54 1.28 4.81
N TYR A 46 16.41 2.01 4.85
CA TYR A 46 15.14 1.53 4.32
C TYR A 46 15.27 1.06 2.89
N TYR A 47 15.83 1.88 2.02
CA TYR A 47 15.98 1.48 0.62
C TYR A 47 17.02 0.38 0.47
N GLU A 48 17.85 0.21 1.49
CA GLU A 48 18.88 -0.84 1.47
C GLU A 48 18.24 -2.20 1.74
N VAL A 49 17.20 -2.19 2.59
CA VAL A 49 16.47 -3.39 2.94
C VAL A 49 15.34 -3.58 1.94
N ILE A 50 14.68 -2.48 1.70
CA ILE A 50 13.55 -2.42 0.82
C ILE A 50 13.98 -2.41 -0.63
N ARG A 51 14.09 -3.60 -1.20
CA ARG A 51 14.47 -3.74 -2.59
C ARG A 51 13.23 -3.55 -3.46
N PHE A 52 12.11 -3.33 -2.79
CA PHE A 52 10.83 -3.18 -3.46
C PHE A 52 9.92 -2.22 -2.70
N PRO A 53 10.24 -0.92 -2.73
CA PRO A 53 9.45 0.10 -2.07
C PRO A 53 8.38 0.69 -2.97
N MET A 54 7.13 0.48 -2.58
CA MET A 54 6.02 1.02 -3.34
C MET A 54 5.20 1.92 -2.43
N ASP A 55 4.62 2.94 -3.02
CA ASP A 55 3.84 3.90 -2.29
C ASP A 55 2.52 4.14 -3.01
N LEU A 56 1.46 4.23 -2.22
CA LEU A 56 0.12 4.44 -2.73
C LEU A 56 0.07 5.63 -3.68
N LYS A 57 1.07 6.51 -3.60
CA LYS A 57 1.13 7.64 -4.51
C LYS A 57 1.43 7.12 -5.92
N THR A 58 2.56 6.43 -6.03
CA THR A 58 2.99 5.84 -7.29
C THR A 58 1.91 4.90 -7.79
N MET A 59 1.28 4.21 -6.84
CA MET A 59 0.20 3.30 -7.13
C MET A 59 -0.94 4.00 -7.83
N SER A 60 -1.46 5.03 -7.18
CA SER A 60 -2.57 5.77 -7.77
C SER A 60 -2.12 6.57 -8.98
N GLU A 61 -0.80 6.79 -9.10
CA GLU A 61 -0.24 7.50 -10.24
C GLU A 61 -0.11 6.54 -11.41
N ARG A 62 0.25 5.29 -11.11
CA ARG A 62 0.34 4.26 -12.15
C ARG A 62 -1.08 3.99 -12.58
N LEU A 63 -1.87 3.73 -11.55
CA LEU A 63 -3.28 3.49 -11.66
C LEU A 63 -3.92 4.59 -12.51
N LYS A 64 -3.57 5.83 -12.18
CA LYS A 64 -4.04 7.01 -12.89
C LYS A 64 -3.57 7.00 -14.34
N ASN A 65 -2.34 6.56 -14.54
CA ASN A 65 -1.78 6.49 -15.88
C ASN A 65 -2.38 5.30 -16.62
N ARG A 66 -3.31 4.63 -15.95
CA ARG A 66 -4.00 3.47 -16.50
C ARG A 66 -3.10 2.26 -16.50
N TYR A 67 -2.46 2.04 -15.36
CA TYR A 67 -1.56 0.92 -15.18
C TYR A 67 -2.25 -0.19 -14.41
N TYR A 68 -3.27 0.17 -13.63
CA TYR A 68 -4.01 -0.82 -12.86
C TYR A 68 -5.06 -1.49 -13.72
N VAL A 69 -4.59 -1.98 -14.87
CA VAL A 69 -5.43 -2.67 -15.81
C VAL A 69 -5.80 -4.06 -15.30
N SER A 70 -5.25 -4.40 -14.15
CA SER A 70 -5.51 -5.70 -13.55
C SER A 70 -5.73 -5.56 -12.06
N LYS A 71 -6.77 -6.20 -11.56
CA LYS A 71 -7.10 -6.13 -10.14
C LYS A 71 -5.87 -6.37 -9.28
N LYS A 72 -5.14 -7.43 -9.56
CA LYS A 72 -3.98 -7.73 -8.77
C LYS A 72 -2.81 -6.80 -9.06
N LEU A 73 -2.72 -6.18 -10.24
CA LEU A 73 -1.63 -5.23 -10.46
C LEU A 73 -1.71 -4.27 -9.32
N PHE A 74 -2.88 -3.68 -9.23
CA PHE A 74 -3.25 -2.78 -8.18
C PHE A 74 -2.75 -3.35 -6.87
N MET A 75 -3.02 -4.64 -6.68
CA MET A 75 -2.61 -5.30 -5.46
C MET A 75 -1.11 -5.38 -5.31
N ALA A 76 -0.43 -6.08 -6.22
CA ALA A 76 1.00 -6.22 -6.13
C ALA A 76 1.64 -4.92 -5.72
N ASP A 77 0.99 -3.81 -6.03
CA ASP A 77 1.50 -2.51 -5.67
C ASP A 77 1.10 -2.17 -4.25
N LEU A 78 -0.20 -2.31 -3.97
CA LEU A 78 -0.69 -2.04 -2.63
C LEU A 78 -0.11 -3.09 -1.71
N GLN A 79 -0.41 -4.32 -2.05
CA GLN A 79 0.12 -5.45 -1.32
C GLN A 79 1.60 -5.20 -1.08
N ARG A 80 2.26 -4.69 -2.12
CA ARG A 80 3.69 -4.36 -2.02
C ARG A 80 3.95 -3.34 -0.91
N VAL A 81 3.23 -2.21 -0.91
CA VAL A 81 3.44 -1.20 0.13
C VAL A 81 3.46 -1.88 1.48
N PHE A 82 2.54 -2.82 1.67
CA PHE A 82 2.49 -3.57 2.90
C PHE A 82 3.74 -4.44 3.03
N THR A 83 4.18 -5.03 1.91
CA THR A 83 5.35 -5.91 1.92
C THR A 83 6.60 -5.19 2.41
N ASN A 84 6.98 -4.08 1.75
CA ASN A 84 8.17 -3.34 2.17
C ASN A 84 8.05 -2.94 3.63
N CYS A 85 6.86 -2.52 4.03
CA CYS A 85 6.64 -2.15 5.41
C CYS A 85 7.02 -3.32 6.30
N LYS A 86 6.38 -4.46 6.07
CA LYS A 86 6.66 -5.66 6.84
C LYS A 86 8.08 -6.14 6.56
N GLU A 87 8.66 -5.68 5.44
CA GLU A 87 10.01 -6.07 5.06
C GLU A 87 11.05 -5.56 6.06
N TYR A 88 11.00 -4.25 6.32
CA TYR A 88 11.93 -3.64 7.24
C TYR A 88 11.19 -3.07 8.44
N ASN A 89 10.30 -2.14 8.16
CA ASN A 89 9.51 -1.50 9.20
C ASN A 89 9.01 -2.54 10.20
N PRO A 90 9.49 -2.49 11.46
CA PRO A 90 9.12 -3.44 12.51
C PRO A 90 7.63 -3.48 12.83
N PRO A 91 7.12 -4.65 13.24
CA PRO A 91 5.73 -4.79 13.66
C PRO A 91 5.48 -3.85 14.82
N GLU A 92 6.56 -3.61 15.57
CA GLU A 92 6.55 -2.74 16.71
C GLU A 92 6.39 -1.27 16.28
N SER A 93 6.91 -0.94 15.11
CA SER A 93 6.82 0.41 14.57
C SER A 93 5.42 0.69 14.04
N GLU A 94 4.99 1.94 14.14
CA GLU A 94 3.67 2.34 13.66
C GLU A 94 3.54 2.15 12.15
N TYR A 95 4.62 1.66 11.53
CA TYR A 95 4.64 1.44 10.09
C TYR A 95 4.03 0.10 9.73
N TYR A 96 4.73 -0.95 10.15
CA TYR A 96 4.31 -2.29 9.86
C TYR A 96 2.85 -2.49 10.21
N LYS A 97 2.51 -2.30 11.47
CA LYS A 97 1.13 -2.50 11.92
C LYS A 97 0.18 -1.91 10.90
N CYS A 98 0.36 -0.63 10.67
CA CYS A 98 -0.43 0.12 9.71
C CYS A 98 -0.64 -0.66 8.43
N ALA A 99 0.41 -1.35 8.01
CA ALA A 99 0.33 -2.17 6.81
C ALA A 99 -0.78 -3.18 6.99
N ASN A 100 -0.73 -3.84 8.13
CA ASN A 100 -1.71 -4.84 8.49
C ASN A 100 -3.07 -4.21 8.75
N ILE A 101 -3.09 -3.02 9.38
CA ILE A 101 -4.36 -2.37 9.69
C ILE A 101 -5.14 -2.05 8.44
N LEU A 102 -4.55 -1.20 7.60
CA LEU A 102 -5.17 -0.84 6.36
C LEU A 102 -5.35 -2.10 5.53
N GLU A 103 -4.30 -2.91 5.40
CA GLU A 103 -4.41 -4.14 4.61
C GLU A 103 -5.74 -4.85 4.89
N LYS A 104 -6.19 -4.78 6.15
CA LYS A 104 -7.47 -5.37 6.54
C LYS A 104 -8.59 -4.62 5.83
N PHE A 105 -8.64 -3.30 6.06
CA PHE A 105 -9.64 -2.46 5.39
C PHE A 105 -9.53 -2.71 3.90
N PHE A 106 -8.33 -2.50 3.40
CA PHE A 106 -7.96 -2.76 2.02
C PHE A 106 -8.57 -4.06 1.57
N PHE A 107 -8.44 -5.08 2.41
CA PHE A 107 -8.96 -6.40 2.11
C PHE A 107 -10.47 -6.39 1.94
N SER A 108 -11.14 -5.54 2.71
CA SER A 108 -12.58 -5.46 2.61
C SER A 108 -12.95 -4.69 1.35
N LYS A 109 -12.10 -3.74 0.98
CA LYS A 109 -12.33 -2.92 -0.19
C LYS A 109 -12.28 -3.76 -1.46
N ILE A 110 -11.18 -4.46 -1.63
CA ILE A 110 -10.95 -5.31 -2.78
C ILE A 110 -11.95 -6.45 -2.85
N LYS A 111 -11.95 -7.26 -1.80
CA LYS A 111 -12.85 -8.40 -1.72
C LYS A 111 -14.26 -7.97 -2.11
N GLU A 112 -14.58 -6.73 -1.74
CA GLU A 112 -15.89 -6.15 -2.03
C GLU A 112 -15.90 -5.58 -3.45
N ALA A 113 -14.76 -5.03 -3.83
CA ALA A 113 -14.59 -4.46 -5.15
C ALA A 113 -14.25 -5.55 -6.15
N GLY A 114 -14.57 -6.79 -5.76
CA GLY A 114 -14.30 -7.95 -6.58
C GLY A 114 -12.87 -8.02 -7.06
N LEU A 115 -12.00 -7.21 -6.47
CA LEU A 115 -10.61 -7.19 -6.89
C LEU A 115 -9.89 -8.44 -6.42
N ILE A 116 -9.33 -8.34 -5.22
CA ILE A 116 -8.59 -9.40 -4.58
C ILE A 116 -8.98 -10.79 -5.08
N ASP A 117 -7.97 -11.62 -5.32
CA ASP A 117 -8.17 -12.97 -5.79
C ASP A 117 -7.19 -13.92 -5.11
N LYS A 118 -6.02 -13.38 -4.74
CA LYS A 118 -5.00 -14.17 -4.07
C LYS A 118 -4.56 -15.35 -4.93
N ALA B 1 30.85 15.12 7.70
CA ALA B 1 30.90 13.83 6.97
C ALA B 1 30.51 12.68 7.90
N ARG B 2 29.45 11.95 7.52
CA ARG B 2 28.96 10.82 8.31
C ARG B 2 28.64 11.24 9.74
N THR B 3 28.07 12.43 9.88
CA THR B 3 27.71 12.95 11.19
C THR B 3 26.39 13.72 11.14
N LYS B 4 25.70 13.64 10.00
CA LYS B 4 24.42 14.34 9.84
C LYS B 4 23.42 13.48 9.08
N GLN B 5 23.35 12.20 9.43
CA GLN B 5 22.42 11.27 8.77
C GLN B 5 21.15 11.10 9.59
N THR B 6 21.24 10.31 10.65
CA THR B 6 20.08 10.06 11.53
C THR B 6 18.83 9.74 10.72
N ALA B 7 18.75 8.50 10.23
CA ALA B 7 17.61 8.08 9.44
C ALA B 7 16.45 7.63 10.32
N ARG B 8 15.51 8.54 10.56
CA ARG B 8 14.34 8.25 11.38
C ARG B 8 13.12 7.97 10.51
N SER B 10 9.94 8.31 8.30
CA SER B 10 8.85 9.28 8.34
C SER B 10 8.68 9.84 9.75
N THR B 11 8.95 11.13 9.91
CA THR B 11 8.83 11.80 11.19
C THR B 11 9.78 11.20 12.23
N GLY B 12 9.35 10.12 12.87
CA GLY B 12 10.18 9.47 13.88
C GLY B 12 10.43 8.02 13.56
N GLY B 13 11.33 7.40 14.32
CA GLY B 13 11.66 6.00 14.11
C GLY B 13 10.50 5.08 14.42
N LYS B 14 10.32 4.77 15.71
CA LYS B 14 9.24 3.89 16.13
C LYS B 14 8.03 4.69 16.60
N ALA B 15 6.84 4.18 16.33
CA ALA B 15 5.60 4.84 16.73
C ALA B 15 5.55 6.28 16.21
N GLY A 1 -23.81 -12.29 -14.63
CA GLY A 1 -22.85 -12.62 -15.73
C GLY A 1 -21.59 -11.78 -15.67
N SER A 2 -21.70 -10.51 -16.08
CA SER A 2 -20.56 -9.61 -16.07
C SER A 2 -20.28 -9.09 -14.66
N HIS A 3 -21.29 -8.49 -14.04
CA HIS A 3 -21.17 -7.95 -12.70
C HIS A 3 -21.98 -8.77 -11.71
N MET A 4 -21.35 -9.75 -11.08
CA MET A 4 -22.02 -10.61 -10.11
C MET A 4 -21.71 -10.17 -8.68
N SER A 5 -20.49 -10.47 -8.23
CA SER A 5 -20.06 -10.11 -6.89
C SER A 5 -18.53 -10.13 -6.79
N LYS A 6 -17.89 -10.62 -7.83
CA LYS A 6 -16.44 -10.70 -7.88
C LYS A 6 -15.97 -10.51 -9.31
N GLU A 7 -14.67 -10.66 -9.52
CA GLU A 7 -14.08 -10.50 -10.85
C GLU A 7 -14.49 -9.16 -11.47
N PRO A 8 -13.78 -8.08 -11.11
CA PRO A 8 -14.07 -6.74 -11.65
C PRO A 8 -13.84 -6.66 -13.14
N ARG A 9 -12.63 -6.99 -13.56
CA ARG A 9 -12.24 -6.96 -14.97
C ARG A 9 -12.33 -5.54 -15.53
N ASP A 10 -11.96 -5.39 -16.79
CA ASP A 10 -11.97 -4.09 -17.45
C ASP A 10 -10.96 -3.15 -16.78
N PRO A 11 -10.23 -2.36 -17.58
CA PRO A 11 -9.21 -1.44 -17.06
C PRO A 11 -9.81 -0.17 -16.47
N ASP A 12 -11.09 0.08 -16.74
CA ASP A 12 -11.74 1.29 -16.26
C ASP A 12 -12.43 1.03 -14.93
N GLN A 13 -13.33 0.06 -14.93
CA GLN A 13 -14.04 -0.31 -13.73
C GLN A 13 -13.03 -0.58 -12.61
N LEU A 14 -11.92 -1.23 -12.99
CA LEU A 14 -10.86 -1.52 -12.06
C LEU A 14 -10.16 -0.26 -11.65
N TYR A 15 -9.55 0.41 -12.62
CA TYR A 15 -8.81 1.63 -12.35
C TYR A 15 -9.48 2.47 -11.28
N SER A 16 -10.70 2.92 -11.50
CA SER A 16 -11.33 3.74 -10.49
C SER A 16 -11.79 2.98 -9.25
N THR A 17 -12.02 1.67 -9.36
CA THR A 17 -12.34 0.88 -8.19
C THR A 17 -11.13 0.93 -7.30
N LEU A 18 -10.03 0.62 -7.93
CA LEU A 18 -8.72 0.62 -7.33
C LEU A 18 -8.31 2.03 -6.98
N LYS A 19 -8.83 2.98 -7.74
CA LYS A 19 -8.54 4.40 -7.53
C LYS A 19 -9.26 4.88 -6.28
N SER A 20 -10.50 4.44 -6.12
CA SER A 20 -11.29 4.79 -4.97
C SER A 20 -10.78 4.01 -3.77
N ILE A 21 -10.32 2.79 -4.02
CA ILE A 21 -9.78 1.97 -2.96
C ILE A 21 -8.51 2.60 -2.45
N LEU A 22 -7.47 2.62 -3.29
CA LEU A 22 -6.20 3.23 -2.94
C LEU A 22 -6.46 4.52 -2.21
N GLN A 23 -7.42 5.27 -2.74
CA GLN A 23 -7.84 6.53 -2.15
C GLN A 23 -8.13 6.35 -0.68
N GLN A 24 -9.07 5.44 -0.40
CA GLN A 24 -9.49 5.14 0.95
C GLN A 24 -8.39 4.50 1.78
N VAL A 25 -7.66 3.55 1.21
CA VAL A 25 -6.57 2.93 1.92
C VAL A 25 -5.63 4.01 2.42
N LYS A 26 -5.44 5.03 1.61
CA LYS A 26 -4.59 6.15 1.97
C LYS A 26 -5.34 7.01 2.96
N SER A 27 -6.66 7.00 2.78
CA SER A 27 -7.55 7.73 3.65
C SER A 27 -7.51 7.05 5.02
N HIS A 28 -7.08 5.80 4.98
CA HIS A 28 -6.93 5.01 6.19
C HIS A 28 -5.61 5.37 6.85
N GLN A 29 -5.70 5.95 8.05
CA GLN A 29 -4.52 6.39 8.79
C GLN A 29 -3.30 5.50 8.56
N SER A 30 -3.51 4.20 8.69
CA SER A 30 -2.43 3.21 8.57
C SER A 30 -1.62 3.34 7.28
N ALA A 31 -2.21 3.93 6.27
CA ALA A 31 -1.53 4.11 5.01
C ALA A 31 -0.82 5.45 4.97
N TRP A 32 -0.51 5.96 6.17
CA TRP A 32 0.15 7.24 6.30
C TRP A 32 1.56 7.26 5.72
N PRO A 33 2.34 6.15 5.77
CA PRO A 33 3.67 6.14 5.20
C PRO A 33 3.65 5.73 3.76
N PHE A 34 2.95 4.64 3.47
CA PHE A 34 2.85 4.13 2.12
C PHE A 34 2.48 5.25 1.18
N MET A 35 1.35 5.90 1.46
CA MET A 35 0.88 6.99 0.64
C MET A 35 2.01 7.92 0.23
N GLU A 36 2.84 8.28 1.19
CA GLU A 36 3.93 9.21 0.89
C GLU A 36 5.23 8.47 0.59
N PRO A 37 6.06 9.06 -0.27
CA PRO A 37 7.35 8.52 -0.67
C PRO A 37 8.46 8.87 0.30
N VAL A 38 9.02 7.83 0.91
CA VAL A 38 10.10 7.97 1.88
C VAL A 38 11.24 8.80 1.28
N LYS A 39 12.09 9.38 2.14
CA LYS A 39 13.18 10.20 1.66
C LYS A 39 14.28 9.36 1.05
N ARG A 40 14.13 8.04 1.16
CA ARG A 40 15.10 7.09 0.62
C ARG A 40 16.43 7.18 1.36
N THR A 41 16.46 7.92 2.48
CA THR A 41 17.68 8.06 3.26
C THR A 41 17.42 8.21 4.75
N GLU A 42 16.39 8.97 5.11
CA GLU A 42 16.06 9.13 6.53
C GLU A 42 15.72 7.73 6.99
N ALA A 43 15.32 7.00 5.98
CA ALA A 43 14.94 5.63 6.05
C ALA A 43 16.15 4.73 6.31
N PRO A 44 16.19 4.10 7.50
CA PRO A 44 17.28 3.21 7.91
C PRO A 44 17.61 2.14 6.87
N GLY A 45 18.61 2.43 6.02
CA GLY A 45 19.00 1.49 4.98
C GLY A 45 17.80 0.97 4.23
N TYR A 46 16.77 1.80 4.14
CA TYR A 46 15.52 1.46 3.48
C TYR A 46 15.71 0.70 2.18
N TYR A 47 16.32 1.31 1.19
CA TYR A 47 16.53 0.61 -0.09
C TYR A 47 17.36 -0.66 0.07
N GLU A 48 18.08 -0.78 1.18
CA GLU A 48 18.91 -1.96 1.43
C GLU A 48 18.04 -3.12 1.91
N VAL A 49 17.04 -2.79 2.71
CA VAL A 49 16.11 -3.76 3.25
C VAL A 49 14.94 -3.91 2.30
N ILE A 50 14.68 -2.83 1.60
CA ILE A 50 13.58 -2.76 0.69
C ILE A 50 14.00 -3.02 -0.75
N ARG A 51 13.96 -4.28 -1.14
CA ARG A 51 14.30 -4.68 -2.49
C ARG A 51 13.08 -4.50 -3.38
N PHE A 52 11.99 -4.11 -2.73
CA PHE A 52 10.71 -3.92 -3.40
C PHE A 52 9.94 -2.76 -2.77
N PRO A 53 10.36 -1.52 -3.07
CA PRO A 53 9.74 -0.32 -2.53
C PRO A 53 8.57 0.20 -3.36
N MET A 54 7.47 0.49 -2.69
CA MET A 54 6.29 1.04 -3.34
C MET A 54 5.52 1.91 -2.37
N ASP A 55 4.75 2.83 -2.92
CA ASP A 55 3.98 3.77 -2.14
C ASP A 55 2.64 4.01 -2.82
N LEU A 56 1.59 4.12 -2.03
CA LEU A 56 0.24 4.33 -2.53
C LEU A 56 0.18 5.52 -3.48
N LYS A 57 1.16 6.40 -3.43
CA LYS A 57 1.19 7.53 -4.33
C LYS A 57 1.45 7.03 -5.74
N THR A 58 2.60 6.37 -5.92
CA THR A 58 2.98 5.79 -7.20
C THR A 58 1.92 4.80 -7.65
N MET A 59 1.24 4.21 -6.67
CA MET A 59 0.20 3.26 -6.93
C MET A 59 -0.94 3.94 -7.66
N SER A 60 -1.43 5.01 -7.08
CA SER A 60 -2.53 5.76 -7.66
C SER A 60 -2.04 6.56 -8.87
N GLU A 61 -0.73 6.76 -8.97
CA GLU A 61 -0.14 7.46 -10.11
C GLU A 61 -0.05 6.51 -11.28
N ARG A 62 0.31 5.26 -11.00
CA ARG A 62 0.38 4.24 -12.04
C ARG A 62 -1.05 3.98 -12.46
N LEU A 63 -1.84 3.73 -11.42
CA LEU A 63 -3.26 3.52 -11.54
C LEU A 63 -3.88 4.65 -12.36
N LYS A 64 -3.45 5.87 -12.02
CA LYS A 64 -3.89 7.10 -12.68
C LYS A 64 -3.47 7.09 -14.14
N ASN A 65 -2.25 6.63 -14.38
CA ASN A 65 -1.72 6.57 -15.73
C ASN A 65 -2.33 5.39 -16.49
N ARG A 66 -3.28 4.72 -15.82
CA ARG A 66 -4.00 3.59 -16.40
C ARG A 66 -3.10 2.35 -16.41
N TYR A 67 -2.44 2.14 -15.29
CA TYR A 67 -1.56 1.00 -15.12
C TYR A 67 -2.26 -0.12 -14.36
N TYR A 68 -3.25 0.24 -13.55
CA TYR A 68 -4.00 -0.75 -12.79
C TYR A 68 -5.07 -1.40 -13.65
N VAL A 69 -4.67 -1.79 -14.86
CA VAL A 69 -5.57 -2.45 -15.79
C VAL A 69 -5.89 -3.86 -15.32
N SER A 70 -5.29 -4.25 -14.20
CA SER A 70 -5.51 -5.57 -13.63
C SER A 70 -5.76 -5.46 -12.14
N LYS A 71 -6.75 -6.20 -11.67
CA LYS A 71 -7.11 -6.18 -10.26
C LYS A 71 -5.91 -6.45 -9.38
N LYS A 72 -5.19 -7.50 -9.68
CA LYS A 72 -4.05 -7.85 -8.87
C LYS A 72 -2.87 -6.92 -9.12
N LEU A 73 -2.78 -6.29 -10.28
CA LEU A 73 -1.69 -5.33 -10.49
C LEU A 73 -1.75 -4.37 -9.34
N PHE A 74 -2.92 -3.76 -9.26
CA PHE A 74 -3.27 -2.86 -8.20
C PHE A 74 -2.77 -3.44 -6.90
N MET A 75 -3.03 -4.72 -6.73
CA MET A 75 -2.62 -5.40 -5.53
C MET A 75 -1.12 -5.47 -5.38
N ALA A 76 -0.45 -6.14 -6.31
CA ALA A 76 0.99 -6.27 -6.23
C ALA A 76 1.62 -4.98 -5.80
N ASP A 77 0.96 -3.86 -6.08
CA ASP A 77 1.48 -2.56 -5.69
C ASP A 77 1.08 -2.27 -4.26
N LEU A 78 -0.21 -2.42 -3.96
CA LEU A 78 -0.69 -2.18 -2.62
C LEU A 78 -0.13 -3.26 -1.71
N GLN A 79 -0.40 -4.50 -2.09
CA GLN A 79 0.14 -5.63 -1.38
C GLN A 79 1.61 -5.37 -1.13
N ARG A 80 2.27 -4.87 -2.18
CA ARG A 80 3.69 -4.53 -2.09
C ARG A 80 3.97 -3.54 -0.95
N VAL A 81 3.25 -2.42 -0.91
CA VAL A 81 3.47 -1.44 0.16
C VAL A 81 3.47 -2.14 1.50
N PHE A 82 2.53 -3.06 1.67
CA PHE A 82 2.42 -3.81 2.90
C PHE A 82 3.68 -4.67 3.09
N THR A 83 4.21 -5.21 1.98
CA THR A 83 5.40 -6.06 2.05
C THR A 83 6.64 -5.30 2.52
N ASN A 84 7.00 -4.24 1.78
CA ASN A 84 8.17 -3.44 2.14
C ASN A 84 8.02 -2.87 3.54
N CYS A 85 6.79 -2.53 3.90
CA CYS A 85 6.52 -1.99 5.23
C CYS A 85 6.99 -2.98 6.28
N LYS A 86 6.52 -4.21 6.15
CA LYS A 86 6.88 -5.27 7.08
C LYS A 86 8.35 -5.67 6.91
N GLU A 87 8.91 -5.33 5.75
CA GLU A 87 10.31 -5.65 5.44
C GLU A 87 11.28 -4.72 6.13
N TYR A 88 10.89 -3.46 6.19
CA TYR A 88 11.74 -2.41 6.72
C TYR A 88 11.35 -2.00 8.12
N ASN A 89 10.25 -2.54 8.60
CA ASN A 89 9.77 -2.15 9.91
C ASN A 89 9.11 -3.32 10.66
N PRO A 90 9.15 -3.28 12.01
CA PRO A 90 8.53 -4.29 12.86
C PRO A 90 7.06 -3.97 13.12
N PRO A 91 6.23 -4.96 13.42
CA PRO A 91 4.79 -4.74 13.67
C PRO A 91 4.53 -3.93 14.94
N GLU A 92 5.59 -3.35 15.49
CA GLU A 92 5.50 -2.54 16.69
C GLU A 92 5.86 -1.07 16.42
N SER A 93 6.56 -0.82 15.31
CA SER A 93 6.98 0.54 14.95
C SER A 93 5.84 1.38 14.40
N GLU A 94 4.60 0.91 14.57
CA GLU A 94 3.43 1.63 14.08
C GLU A 94 3.42 1.63 12.54
N TYR A 95 4.55 1.25 11.96
CA TYR A 95 4.68 1.21 10.51
C TYR A 95 4.15 -0.09 9.96
N TYR A 96 4.81 -1.18 10.32
CA TYR A 96 4.43 -2.50 9.89
C TYR A 96 2.96 -2.74 10.20
N LYS A 97 2.61 -2.67 11.49
CA LYS A 97 1.24 -2.93 11.89
C LYS A 97 0.27 -2.15 11.01
N CYS A 98 0.61 -0.90 10.71
CA CYS A 98 -0.20 -0.05 9.85
C CYS A 98 -0.48 -0.77 8.55
N ALA A 99 0.55 -1.43 8.04
CA ALA A 99 0.44 -2.20 6.83
C ALA A 99 -0.69 -3.18 7.00
N ASN A 100 -0.65 -3.88 8.13
CA ASN A 100 -1.65 -4.86 8.47
C ASN A 100 -2.99 -4.22 8.78
N ILE A 101 -2.99 -3.02 9.39
CA ILE A 101 -4.24 -2.36 9.75
C ILE A 101 -5.04 -1.99 8.51
N LEU A 102 -4.47 -1.13 7.70
CA LEU A 102 -5.11 -0.74 6.47
C LEU A 102 -5.29 -1.99 5.62
N GLU A 103 -4.23 -2.78 5.44
CA GLU A 103 -4.35 -4.00 4.63
C GLU A 103 -5.65 -4.73 4.94
N LYS A 104 -6.09 -4.66 6.21
CA LYS A 104 -7.37 -5.25 6.61
C LYS A 104 -8.48 -4.50 5.89
N PHE A 105 -8.59 -3.21 6.21
CA PHE A 105 -9.57 -2.36 5.55
C PHE A 105 -9.49 -2.59 4.05
N PHE A 106 -8.29 -2.39 3.54
CA PHE A 106 -7.95 -2.62 2.14
C PHE A 106 -8.56 -3.93 1.68
N PHE A 107 -8.43 -4.96 2.52
CA PHE A 107 -8.94 -6.28 2.22
C PHE A 107 -10.45 -6.26 2.04
N SER A 108 -11.13 -5.39 2.78
CA SER A 108 -12.56 -5.28 2.67
C SER A 108 -12.93 -4.51 1.42
N LYS A 109 -12.02 -3.62 1.01
CA LYS A 109 -12.22 -2.80 -0.18
C LYS A 109 -12.20 -3.66 -1.42
N ILE A 110 -11.09 -4.36 -1.62
CA ILE A 110 -10.92 -5.25 -2.76
C ILE A 110 -11.99 -6.32 -2.79
N LYS A 111 -12.07 -7.07 -1.71
CA LYS A 111 -13.04 -8.13 -1.56
C LYS A 111 -14.42 -7.63 -1.92
N GLU A 112 -14.68 -6.37 -1.58
CA GLU A 112 -15.96 -5.74 -1.88
C GLU A 112 -15.96 -5.32 -3.34
N ALA A 113 -14.80 -4.90 -3.81
CA ALA A 113 -14.64 -4.48 -5.19
C ALA A 113 -14.33 -5.69 -6.06
N GLY A 114 -14.52 -6.87 -5.48
CA GLY A 114 -14.27 -8.11 -6.18
C GLY A 114 -12.85 -8.23 -6.68
N LEU A 115 -12.00 -7.30 -6.26
CA LEU A 115 -10.62 -7.30 -6.70
C LEU A 115 -9.89 -8.55 -6.21
N ILE A 116 -9.33 -8.43 -5.00
CA ILE A 116 -8.60 -9.48 -4.33
C ILE A 116 -8.98 -10.89 -4.80
N ASP A 117 -7.96 -11.72 -4.98
CA ASP A 117 -8.16 -13.10 -5.43
C ASP A 117 -7.20 -14.03 -4.69
N LYS A 118 -6.28 -13.43 -3.92
CA LYS A 118 -5.29 -14.21 -3.16
C LYS A 118 -4.40 -15.01 -4.10
N ALA B 1 25.17 -5.37 14.86
CA ALA B 1 23.70 -5.19 14.98
C ALA B 1 22.96 -6.39 14.41
N ARG B 2 21.92 -6.83 15.12
CA ARG B 2 21.12 -7.97 14.69
C ARG B 2 19.63 -7.68 14.82
N THR B 3 19.23 -7.31 16.03
CA THR B 3 17.82 -7.00 16.30
C THR B 3 17.69 -5.93 17.38
N LYS B 4 18.64 -5.00 17.40
CA LYS B 4 18.64 -3.92 18.39
C LYS B 4 18.66 -2.56 17.70
N GLN B 5 17.68 -2.34 16.81
CA GLN B 5 17.57 -1.08 16.09
C GLN B 5 16.19 -0.93 15.47
N THR B 6 15.51 0.17 15.83
CA THR B 6 14.18 0.44 15.30
C THR B 6 14.25 1.28 14.04
N ALA B 7 13.34 1.02 13.10
CA ALA B 7 13.30 1.75 11.85
C ALA B 7 12.28 2.88 11.90
N ARG B 8 12.65 4.04 11.36
CA ARG B 8 11.78 5.21 11.34
C ARG B 8 11.93 5.99 10.05
N SER B 10 11.40 9.16 7.44
CA SER B 10 11.39 10.61 7.57
C SER B 10 11.82 11.04 8.97
N THR B 11 11.60 12.32 9.29
CA THR B 11 11.98 12.85 10.59
C THR B 11 10.78 13.51 11.27
N GLY B 12 10.21 12.82 12.26
CA GLY B 12 9.06 13.34 12.98
C GLY B 12 8.18 12.24 13.52
N GLY B 13 7.32 11.69 12.67
CA GLY B 13 6.42 10.64 13.10
C GLY B 13 7.03 9.26 12.88
N LYS B 14 6.82 8.37 13.84
CA LYS B 14 7.35 7.01 13.74
C LYS B 14 6.61 6.06 14.67
N ALA B 15 5.68 6.60 15.44
CA ALA B 15 4.90 5.79 16.38
C ALA B 15 3.60 6.49 16.76
N GLY A 1 -26.42 0.81 -0.72
CA GLY A 1 -26.33 -0.56 -0.15
C GLY A 1 -26.98 -1.60 -1.05
N SER A 2 -26.53 -1.68 -2.29
CA SER A 2 -27.06 -2.63 -3.25
C SER A 2 -26.00 -3.05 -4.26
N HIS A 3 -24.76 -3.13 -3.82
CA HIS A 3 -23.66 -3.52 -4.68
C HIS A 3 -22.87 -4.69 -4.08
N MET A 4 -22.77 -5.77 -4.85
CA MET A 4 -22.05 -6.96 -4.42
C MET A 4 -21.42 -7.68 -5.60
N SER A 5 -20.44 -7.02 -6.23
CA SER A 5 -19.75 -7.60 -7.37
C SER A 5 -18.47 -8.32 -6.94
N LYS A 6 -18.24 -9.50 -7.51
CA LYS A 6 -17.06 -10.29 -7.19
C LYS A 6 -16.18 -10.48 -8.42
N GLU A 7 -16.38 -9.64 -9.43
CA GLU A 7 -15.61 -9.72 -10.66
C GLU A 7 -15.61 -8.38 -11.41
N PRO A 8 -14.71 -7.46 -11.01
CA PRO A 8 -14.62 -6.15 -11.64
C PRO A 8 -14.28 -6.24 -13.13
N ARG A 9 -13.07 -6.72 -13.41
CA ARG A 9 -12.60 -6.87 -14.79
C ARG A 9 -12.52 -5.51 -15.48
N ASP A 10 -12.05 -5.52 -16.73
CA ASP A 10 -11.90 -4.29 -17.50
C ASP A 10 -10.86 -3.38 -16.87
N PRO A 11 -10.06 -2.66 -17.67
CA PRO A 11 -9.02 -1.77 -17.17
C PRO A 11 -9.60 -0.48 -16.57
N ASP A 12 -10.85 -0.18 -16.92
CA ASP A 12 -11.51 1.03 -16.45
C ASP A 12 -12.24 0.77 -15.14
N GLN A 13 -13.15 -0.19 -15.15
CA GLN A 13 -13.90 -0.54 -13.94
C GLN A 13 -12.93 -0.78 -12.80
N LEU A 14 -11.84 -1.48 -13.11
CA LEU A 14 -10.79 -1.76 -12.15
C LEU A 14 -10.11 -0.46 -11.76
N TYR A 15 -9.51 0.18 -12.74
CA TYR A 15 -8.79 1.42 -12.49
C TYR A 15 -9.48 2.27 -11.44
N SER A 16 -10.67 2.73 -11.68
CA SER A 16 -11.32 3.57 -10.68
C SER A 16 -11.77 2.81 -9.43
N THR A 17 -12.01 1.51 -9.55
CA THR A 17 -12.33 0.71 -8.38
C THR A 17 -11.12 0.79 -7.48
N LEU A 18 -10.02 0.40 -8.07
CA LEU A 18 -8.72 0.41 -7.45
C LEU A 18 -8.34 1.84 -7.09
N LYS A 19 -8.87 2.79 -7.86
CA LYS A 19 -8.60 4.21 -7.65
C LYS A 19 -9.31 4.71 -6.41
N SER A 20 -10.54 4.27 -6.23
CA SER A 20 -11.33 4.65 -5.07
C SER A 20 -10.81 3.90 -3.85
N ILE A 21 -10.37 2.67 -4.07
CA ILE A 21 -9.81 1.87 -2.99
C ILE A 21 -8.53 2.52 -2.51
N LEU A 22 -7.53 2.56 -3.37
CA LEU A 22 -6.24 3.18 -3.04
C LEU A 22 -6.50 4.48 -2.33
N GLN A 23 -7.49 5.21 -2.85
CA GLN A 23 -7.91 6.47 -2.29
C GLN A 23 -8.23 6.31 -0.82
N GLN A 24 -9.02 5.29 -0.52
CA GLN A 24 -9.46 4.98 0.83
C GLN A 24 -8.37 4.36 1.69
N VAL A 25 -7.54 3.51 1.09
CA VAL A 25 -6.48 2.86 1.83
C VAL A 25 -5.58 3.96 2.31
N LYS A 26 -5.36 4.89 1.42
CA LYS A 26 -4.57 6.05 1.68
C LYS A 26 -5.30 6.89 2.71
N SER A 27 -6.62 6.93 2.55
CA SER A 27 -7.49 7.67 3.45
C SER A 27 -7.40 7.04 4.82
N HIS A 28 -7.07 5.75 4.81
CA HIS A 28 -6.92 5.00 6.04
C HIS A 28 -5.59 5.39 6.67
N GLN A 29 -5.66 6.07 7.81
CA GLN A 29 -4.47 6.55 8.52
C GLN A 29 -3.26 5.64 8.35
N SER A 30 -3.47 4.34 8.56
CA SER A 30 -2.42 3.35 8.48
C SER A 30 -1.59 3.43 7.20
N ALA A 31 -2.15 4.01 6.17
CA ALA A 31 -1.45 4.14 4.90
C ALA A 31 -0.71 5.45 4.83
N TRP A 32 -0.41 6.00 5.99
CA TRP A 32 0.30 7.28 6.09
C TRP A 32 1.69 7.21 5.47
N PRO A 33 2.44 6.09 5.58
CA PRO A 33 3.75 5.99 4.98
C PRO A 33 3.67 5.48 3.56
N PHE A 34 2.79 4.53 3.33
CA PHE A 34 2.61 3.97 2.01
C PHE A 34 2.29 5.06 1.02
N MET A 35 1.27 5.84 1.32
CA MET A 35 0.85 6.92 0.44
C MET A 35 2.04 7.75 0.01
N GLU A 36 2.89 8.12 0.95
CA GLU A 36 4.03 8.96 0.63
C GLU A 36 5.29 8.15 0.39
N PRO A 37 6.12 8.63 -0.52
CA PRO A 37 7.38 7.99 -0.87
C PRO A 37 8.49 8.38 0.06
N VAL A 38 9.09 7.38 0.65
CA VAL A 38 10.17 7.57 1.60
C VAL A 38 11.30 8.31 0.94
N LYS A 39 12.01 9.07 1.74
CA LYS A 39 13.08 9.88 1.25
C LYS A 39 14.33 9.06 0.96
N ARG A 40 14.23 7.76 1.23
CA ARG A 40 15.33 6.82 0.99
C ARG A 40 16.43 6.97 2.03
N THR A 41 16.88 8.19 2.27
CA THR A 41 17.93 8.43 3.26
C THR A 41 17.36 8.84 4.60
N GLU A 42 16.27 9.59 4.58
CA GLU A 42 15.60 9.96 5.81
C GLU A 42 15.14 8.67 6.44
N ALA A 43 15.21 7.67 5.58
CA ALA A 43 14.86 6.31 5.88
C ALA A 43 16.05 5.53 6.42
N PRO A 44 15.91 4.96 7.61
CA PRO A 44 16.96 4.18 8.27
C PRO A 44 17.42 3.01 7.41
N GLY A 45 18.31 3.28 6.46
CA GLY A 45 18.78 2.25 5.56
C GLY A 45 17.63 1.52 4.90
N TYR A 46 16.46 2.16 4.96
CA TYR A 46 15.22 1.61 4.41
C TYR A 46 15.39 1.13 2.98
N TYR A 47 15.93 1.97 2.11
CA TYR A 47 16.11 1.57 0.72
C TYR A 47 17.21 0.51 0.59
N GLU A 48 18.04 0.39 1.62
CA GLU A 48 19.12 -0.60 1.63
C GLU A 48 18.58 -1.98 1.99
N VAL A 49 17.43 -1.99 2.66
CA VAL A 49 16.78 -3.23 3.07
C VAL A 49 15.66 -3.55 2.10
N ILE A 50 14.88 -2.53 1.87
CA ILE A 50 13.72 -2.60 1.02
C ILE A 50 14.12 -2.85 -0.42
N ARG A 51 14.08 -4.11 -0.81
CA ARG A 51 14.41 -4.49 -2.16
C ARG A 51 13.38 -3.91 -3.14
N PHE A 52 12.12 -3.74 -2.68
CA PHE A 52 11.07 -3.18 -3.53
C PHE A 52 10.14 -2.24 -2.77
N PRO A 53 10.49 -0.95 -2.69
CA PRO A 53 9.67 0.06 -2.03
C PRO A 53 8.62 0.65 -2.94
N MET A 54 7.36 0.47 -2.58
CA MET A 54 6.26 1.04 -3.34
C MET A 54 5.41 1.92 -2.43
N ASP A 55 4.73 2.88 -3.02
CA ASP A 55 3.91 3.81 -2.29
C ASP A 55 2.58 4.03 -2.99
N LEU A 56 1.54 4.20 -2.20
CA LEU A 56 0.19 4.40 -2.72
C LEU A 56 0.13 5.58 -3.68
N LYS A 57 1.11 6.48 -3.59
CA LYS A 57 1.15 7.62 -4.50
C LYS A 57 1.42 7.11 -5.90
N THR A 58 2.56 6.42 -6.05
CA THR A 58 2.95 5.83 -7.32
C THR A 58 1.89 4.84 -7.77
N MET A 59 1.22 4.25 -6.79
CA MET A 59 0.17 3.29 -7.06
C MET A 59 -1.01 3.94 -7.75
N SER A 60 -1.54 4.98 -7.13
CA SER A 60 -2.67 5.69 -7.69
C SER A 60 -2.25 6.54 -8.88
N GLU A 61 -0.94 6.81 -8.98
CA GLU A 61 -0.41 7.57 -10.11
C GLU A 61 -0.22 6.63 -11.30
N ARG A 62 0.19 5.40 -10.99
CA ARG A 62 0.36 4.39 -12.02
C ARG A 62 -1.04 4.03 -12.48
N LEU A 63 -1.86 3.81 -11.47
CA LEU A 63 -3.26 3.50 -11.61
C LEU A 63 -3.92 4.58 -12.47
N LYS A 64 -3.59 5.83 -12.13
CA LYS A 64 -4.10 7.00 -12.84
C LYS A 64 -3.60 7.03 -14.27
N ASN A 65 -2.36 6.59 -14.46
CA ASN A 65 -1.77 6.56 -15.80
C ASN A 65 -2.31 5.38 -16.58
N ARG A 66 -3.27 4.68 -15.95
CA ARG A 66 -3.91 3.52 -16.54
C ARG A 66 -2.99 2.32 -16.53
N TYR A 67 -2.38 2.11 -15.37
CA TYR A 67 -1.45 1.00 -15.18
C TYR A 67 -2.14 -0.14 -14.43
N TYR A 68 -3.21 0.18 -13.70
CA TYR A 68 -3.93 -0.85 -12.96
C TYR A 68 -4.93 -1.55 -13.85
N VAL A 69 -4.42 -2.02 -14.98
CA VAL A 69 -5.20 -2.73 -15.97
C VAL A 69 -5.55 -4.12 -15.48
N SER A 70 -5.12 -4.44 -14.27
CA SER A 70 -5.37 -5.75 -13.69
C SER A 70 -5.65 -5.62 -12.21
N LYS A 71 -6.61 -6.39 -11.72
CA LYS A 71 -6.99 -6.35 -10.32
C LYS A 71 -5.77 -6.53 -9.43
N LYS A 72 -4.96 -7.52 -9.73
CA LYS A 72 -3.81 -7.78 -8.90
C LYS A 72 -2.70 -6.76 -9.13
N LEU A 73 -2.50 -6.23 -10.35
CA LEU A 73 -1.46 -5.22 -10.53
C LEU A 73 -1.58 -4.27 -9.37
N PHE A 74 -2.79 -3.75 -9.27
CA PHE A 74 -3.17 -2.89 -8.20
C PHE A 74 -2.67 -3.48 -6.90
N MET A 75 -3.03 -4.74 -6.69
CA MET A 75 -2.62 -5.42 -5.48
C MET A 75 -1.11 -5.52 -5.33
N ALA A 76 -0.45 -6.24 -6.22
CA ALA A 76 0.99 -6.38 -6.16
C ALA A 76 1.63 -5.07 -5.77
N ASP A 77 0.94 -3.98 -6.09
CA ASP A 77 1.43 -2.65 -5.78
C ASP A 77 1.05 -2.28 -4.36
N LEU A 78 -0.24 -2.43 -4.02
CA LEU A 78 -0.69 -2.13 -2.68
C LEU A 78 -0.12 -3.18 -1.75
N GLN A 79 -0.40 -4.43 -2.09
CA GLN A 79 0.15 -5.53 -1.35
C GLN A 79 1.62 -5.27 -1.12
N ARG A 80 2.28 -4.78 -2.19
CA ARG A 80 3.70 -4.44 -2.11
C ARG A 80 3.97 -3.43 -1.00
N VAL A 81 3.26 -2.29 -0.99
CA VAL A 81 3.48 -1.29 0.05
C VAL A 81 3.51 -1.97 1.41
N PHE A 82 2.57 -2.89 1.60
CA PHE A 82 2.49 -3.61 2.84
C PHE A 82 3.76 -4.45 3.02
N THR A 83 4.20 -5.10 1.93
CA THR A 83 5.38 -5.95 2.00
C THR A 83 6.62 -5.22 2.50
N ASN A 84 6.99 -4.13 1.83
CA ASN A 84 8.17 -3.37 2.25
C ASN A 84 8.03 -2.92 3.69
N CYS A 85 6.83 -2.49 4.07
CA CYS A 85 6.59 -2.05 5.44
C CYS A 85 6.94 -3.18 6.38
N LYS A 86 6.53 -4.39 6.03
CA LYS A 86 6.81 -5.56 6.85
C LYS A 86 8.23 -6.06 6.60
N GLU A 87 8.79 -5.66 5.46
CA GLU A 87 10.14 -6.07 5.07
C GLU A 87 11.18 -5.58 6.05
N TYR A 88 11.13 -4.29 6.39
CA TYR A 88 12.10 -3.72 7.30
C TYR A 88 11.40 -3.22 8.55
N ASN A 89 10.49 -2.29 8.36
CA ASN A 89 9.73 -1.74 9.47
C ASN A 89 9.21 -2.89 10.33
N PRO A 90 9.44 -2.85 11.65
CA PRO A 90 9.04 -3.92 12.56
C PRO A 90 7.58 -3.86 12.97
N PRO A 91 7.00 -5.01 13.37
CA PRO A 91 5.64 -5.09 13.85
C PRO A 91 5.48 -4.16 15.06
N GLU A 92 6.61 -3.91 15.71
CA GLU A 92 6.67 -3.04 16.87
C GLU A 92 6.43 -1.58 16.50
N SER A 93 6.89 -1.19 15.33
CA SER A 93 6.71 0.19 14.86
C SER A 93 5.31 0.38 14.31
N GLU A 94 4.82 1.60 14.40
CA GLU A 94 3.49 1.91 13.88
C GLU A 94 3.49 1.84 12.36
N TYR A 95 4.59 1.33 11.81
CA TYR A 95 4.73 1.19 10.37
C TYR A 95 4.14 -0.12 9.90
N TYR A 96 4.77 -1.21 10.34
CA TYR A 96 4.34 -2.53 9.97
C TYR A 96 2.86 -2.70 10.31
N LYS A 97 2.53 -2.53 11.58
CA LYS A 97 1.14 -2.71 12.00
C LYS A 97 0.20 -1.94 11.10
N CYS A 98 0.60 -0.74 10.71
CA CYS A 98 -0.21 0.08 9.81
C CYS A 98 -0.52 -0.71 8.55
N ALA A 99 0.48 -1.43 8.08
CA ALA A 99 0.32 -2.30 6.93
C ALA A 99 -0.84 -3.21 7.19
N ASN A 100 -0.73 -3.93 8.29
CA ASN A 100 -1.75 -4.86 8.71
C ASN A 100 -3.09 -4.17 8.98
N ILE A 101 -3.05 -2.94 9.49
CA ILE A 101 -4.29 -2.23 9.81
C ILE A 101 -5.07 -1.90 8.54
N LEU A 102 -4.47 -1.08 7.70
CA LEU A 102 -5.09 -0.72 6.45
C LEU A 102 -5.22 -1.98 5.60
N GLU A 103 -4.15 -2.72 5.40
CA GLU A 103 -4.22 -3.94 4.58
C GLU A 103 -5.48 -4.71 4.91
N LYS A 104 -5.90 -4.67 6.18
CA LYS A 104 -7.15 -5.32 6.59
C LYS A 104 -8.31 -4.57 5.95
N PHE A 105 -8.38 -3.25 6.16
CA PHE A 105 -9.40 -2.43 5.53
C PHE A 105 -9.34 -2.66 4.03
N PHE A 106 -8.17 -2.40 3.50
CA PHE A 106 -7.85 -2.63 2.10
C PHE A 106 -8.44 -3.95 1.66
N PHE A 107 -8.31 -4.95 2.52
CA PHE A 107 -8.81 -6.29 2.23
C PHE A 107 -10.31 -6.30 2.06
N SER A 108 -11.03 -5.51 2.86
CA SER A 108 -12.47 -5.45 2.74
C SER A 108 -12.86 -4.67 1.50
N LYS A 109 -12.02 -3.70 1.15
CA LYS A 109 -12.27 -2.87 -0.03
C LYS A 109 -12.24 -3.72 -1.29
N ILE A 110 -11.14 -4.42 -1.46
CA ILE A 110 -10.93 -5.29 -2.60
C ILE A 110 -11.93 -6.44 -2.63
N LYS A 111 -11.92 -7.21 -1.56
CA LYS A 111 -12.82 -8.33 -1.41
C LYS A 111 -14.22 -7.93 -1.82
N GLU A 112 -14.52 -6.66 -1.56
CA GLU A 112 -15.81 -6.08 -1.90
C GLU A 112 -15.83 -5.62 -3.34
N ALA A 113 -14.70 -5.06 -3.78
CA ALA A 113 -14.55 -4.59 -5.13
C ALA A 113 -14.19 -5.74 -6.07
N GLY A 114 -14.49 -6.97 -5.62
CA GLY A 114 -14.20 -8.16 -6.40
C GLY A 114 -12.75 -8.19 -6.86
N LEU A 115 -11.94 -7.37 -6.23
CA LEU A 115 -10.54 -7.27 -6.55
C LEU A 115 -9.77 -8.50 -6.09
N ILE A 116 -9.27 -8.41 -4.86
CA ILE A 116 -8.53 -9.47 -4.20
C ILE A 116 -8.93 -10.87 -4.70
N ASP A 117 -7.94 -11.73 -4.85
CA ASP A 117 -8.16 -13.10 -5.31
C ASP A 117 -7.17 -14.05 -4.65
N LYS A 118 -6.04 -13.51 -4.20
CA LYS A 118 -5.02 -14.30 -3.53
C LYS A 118 -4.52 -15.42 -4.44
N ALA B 1 34.51 4.91 10.04
CA ALA B 1 34.79 3.55 10.55
C ALA B 1 33.52 2.86 11.03
N ARG B 2 32.91 3.42 12.08
CA ARG B 2 31.68 2.86 12.63
C ARG B 2 30.55 3.86 12.55
N THR B 3 30.12 4.17 11.33
CA THR B 3 29.03 5.11 11.11
C THR B 3 27.74 4.38 10.76
N LYS B 4 26.66 4.72 11.45
CA LYS B 4 25.37 4.09 11.22
C LYS B 4 24.33 5.12 10.76
N GLN B 5 23.33 4.66 10.01
CA GLN B 5 22.28 5.54 9.51
C GLN B 5 21.52 6.18 10.68
N THR B 6 21.05 5.34 11.59
CA THR B 6 20.30 5.81 12.76
C THR B 6 19.19 6.79 12.36
N ALA B 7 18.26 6.31 11.54
CA ALA B 7 17.16 7.15 11.09
C ALA B 7 15.84 6.69 11.70
N ARG B 8 14.83 7.56 11.62
CA ARG B 8 13.52 7.24 12.17
C ARG B 8 12.46 7.33 11.06
N SER B 10 11.35 9.67 9.82
CA SER B 10 10.49 10.81 10.13
C SER B 10 9.15 10.36 10.70
N THR B 11 8.97 10.56 12.00
CA THR B 11 7.72 10.18 12.67
C THR B 11 7.69 10.70 14.11
N GLY B 12 8.87 10.94 14.66
CA GLY B 12 8.96 11.43 16.02
C GLY B 12 8.55 10.40 17.05
N GLY B 13 8.42 9.15 16.61
CA GLY B 13 8.03 8.08 17.51
C GLY B 13 7.40 6.90 16.78
N LYS B 14 8.25 6.08 16.17
CA LYS B 14 7.78 4.92 15.42
C LYS B 14 7.44 3.77 16.37
N ALA B 15 6.27 3.84 16.99
CA ALA B 15 5.81 2.81 17.91
C ALA B 15 4.33 2.94 18.19
N GLY A 1 -24.65 -10.32 -14.71
CA GLY A 1 -25.03 -8.95 -15.11
C GLY A 1 -25.02 -7.97 -13.96
N SER A 2 -25.63 -8.37 -12.84
CA SER A 2 -25.68 -7.52 -11.66
C SER A 2 -25.37 -8.32 -10.39
N HIS A 3 -25.71 -9.61 -10.42
CA HIS A 3 -25.48 -10.49 -9.29
C HIS A 3 -24.00 -10.81 -9.15
N MET A 4 -23.22 -10.46 -10.17
CA MET A 4 -21.78 -10.72 -10.17
C MET A 4 -21.03 -9.59 -9.49
N SER A 5 -20.58 -9.84 -8.27
CA SER A 5 -19.83 -8.84 -7.50
C SER A 5 -18.37 -9.27 -7.33
N LYS A 6 -17.79 -9.81 -8.41
CA LYS A 6 -16.42 -10.27 -8.39
C LYS A 6 -15.85 -10.28 -9.80
N GLU A 7 -14.55 -10.42 -9.90
CA GLU A 7 -13.88 -10.45 -11.18
C GLU A 7 -14.10 -9.15 -11.96
N PRO A 8 -13.33 -8.08 -11.65
CA PRO A 8 -13.46 -6.81 -12.35
C PRO A 8 -12.93 -6.88 -13.77
N ARG A 9 -11.65 -7.25 -13.90
CA ARG A 9 -11.00 -7.41 -15.19
C ARG A 9 -10.87 -6.08 -15.96
N ASP A 10 -11.98 -5.58 -16.49
CA ASP A 10 -11.97 -4.33 -17.25
C ASP A 10 -11.01 -3.31 -16.62
N PRO A 11 -10.23 -2.60 -17.45
CA PRO A 11 -9.24 -1.63 -16.97
C PRO A 11 -9.87 -0.33 -16.48
N ASP A 12 -11.16 -0.13 -16.78
CA ASP A 12 -11.85 1.08 -16.37
C ASP A 12 -12.53 0.86 -15.03
N GLN A 13 -13.39 -0.16 -14.98
CA GLN A 13 -14.08 -0.49 -13.75
C GLN A 13 -13.04 -0.72 -12.65
N LEU A 14 -11.91 -1.31 -13.05
CA LEU A 14 -10.82 -1.57 -12.13
C LEU A 14 -10.16 -0.27 -11.74
N TYR A 15 -9.57 0.40 -12.71
CA TYR A 15 -8.87 1.65 -12.45
C TYR A 15 -9.57 2.46 -11.37
N SER A 16 -10.79 2.88 -11.60
CA SER A 16 -11.45 3.68 -10.59
C SER A 16 -11.90 2.90 -9.35
N THR A 17 -12.07 1.59 -9.45
CA THR A 17 -12.39 0.80 -8.28
C THR A 17 -11.18 0.87 -7.38
N LEU A 18 -10.07 0.57 -8.02
CA LEU A 18 -8.77 0.58 -7.42
C LEU A 18 -8.40 2.01 -7.05
N LYS A 19 -8.93 2.95 -7.82
CA LYS A 19 -8.68 4.36 -7.61
C LYS A 19 -9.42 4.85 -6.37
N SER A 20 -10.64 4.37 -6.21
CA SER A 20 -11.45 4.72 -5.06
C SER A 20 -10.95 3.94 -3.86
N ILE A 21 -10.42 2.74 -4.12
CA ILE A 21 -9.87 1.93 -3.05
C ILE A 21 -8.61 2.59 -2.54
N LEU A 22 -7.58 2.63 -3.39
CA LEU A 22 -6.32 3.25 -3.04
C LEU A 22 -6.60 4.54 -2.30
N GLN A 23 -7.60 5.25 -2.82
CA GLN A 23 -8.05 6.49 -2.23
C GLN A 23 -8.32 6.30 -0.75
N GLN A 24 -9.25 5.40 -0.45
CA GLN A 24 -9.62 5.07 0.90
C GLN A 24 -8.49 4.48 1.71
N VAL A 25 -7.77 3.52 1.13
CA VAL A 25 -6.64 2.91 1.83
C VAL A 25 -5.74 4.01 2.37
N LYS A 26 -5.46 4.99 1.51
CA LYS A 26 -4.65 6.13 1.89
C LYS A 26 -5.42 6.96 2.91
N SER A 27 -6.73 6.91 2.78
CA SER A 27 -7.64 7.62 3.66
C SER A 27 -7.87 6.81 4.94
N HIS A 28 -7.34 5.60 4.95
CA HIS A 28 -7.50 4.71 6.11
C HIS A 28 -6.53 5.05 7.23
N GLN A 29 -5.82 6.17 7.09
CA GLN A 29 -4.85 6.60 8.09
C GLN A 29 -3.61 5.71 8.07
N SER A 30 -3.81 4.42 8.34
CA SER A 30 -2.73 3.46 8.39
C SER A 30 -1.83 3.55 7.16
N ALA A 31 -2.41 3.98 6.07
CA ALA A 31 -1.67 4.10 4.82
C ALA A 31 -0.98 5.45 4.76
N TRP A 32 -0.72 6.01 5.94
CA TRP A 32 -0.07 7.31 6.05
C TRP A 32 1.37 7.30 5.52
N PRO A 33 2.13 6.20 5.62
CA PRO A 33 3.48 6.17 5.10
C PRO A 33 3.51 5.72 3.65
N PHE A 34 2.83 4.61 3.38
CA PHE A 34 2.77 4.08 2.03
C PHE A 34 2.43 5.19 1.07
N MET A 35 1.33 5.87 1.34
CA MET A 35 0.89 6.96 0.50
C MET A 35 2.04 7.85 0.08
N GLU A 36 2.94 8.14 1.00
CA GLU A 36 4.06 9.01 0.68
C GLU A 36 5.40 8.27 0.63
N PRO A 37 6.07 8.31 -0.53
CA PRO A 37 7.38 7.68 -0.77
C PRO A 37 8.45 8.14 0.22
N VAL A 38 9.25 7.17 0.67
CA VAL A 38 10.34 7.46 1.59
C VAL A 38 11.43 8.23 0.86
N LYS A 39 12.25 8.97 1.60
CA LYS A 39 13.30 9.79 0.98
C LYS A 39 14.40 8.91 0.39
N ARG A 40 14.26 7.61 0.54
CA ARG A 40 15.23 6.65 0.02
C ARG A 40 16.55 6.74 0.77
N THR A 41 16.66 7.66 1.72
CA THR A 41 17.89 7.79 2.48
C THR A 41 17.68 8.19 3.92
N GLU A 42 16.63 8.98 4.21
CA GLU A 42 16.36 9.33 5.59
C GLU A 42 16.16 8.02 6.29
N ALA A 43 15.75 7.10 5.45
CA ALA A 43 15.46 5.76 5.77
C ALA A 43 16.74 4.94 5.91
N PRO A 44 16.91 4.28 7.06
CA PRO A 44 18.08 3.44 7.37
C PRO A 44 18.32 2.35 6.33
N GLY A 45 19.08 2.66 5.29
CA GLY A 45 19.34 1.67 4.25
C GLY A 45 18.05 0.99 3.81
N TYR A 46 16.96 1.71 3.98
CA TYR A 46 15.63 1.21 3.63
C TYR A 46 15.57 0.71 2.21
N TYR A 47 16.00 1.53 1.27
CA TYR A 47 15.98 1.11 -0.12
C TYR A 47 16.95 -0.04 -0.35
N GLU A 48 17.86 -0.25 0.61
CA GLU A 48 18.83 -1.34 0.52
C GLU A 48 18.15 -2.66 0.87
N VAL A 49 17.27 -2.60 1.86
CA VAL A 49 16.52 -3.76 2.32
C VAL A 49 15.26 -3.87 1.51
N ILE A 50 14.62 -2.73 1.39
CA ILE A 50 13.39 -2.59 0.67
C ILE A 50 13.71 -2.51 -0.81
N ARG A 51 14.00 -3.67 -1.35
CA ARG A 51 14.31 -3.80 -2.77
C ARG A 51 13.02 -3.65 -3.58
N PHE A 52 11.90 -3.55 -2.85
CA PHE A 52 10.59 -3.41 -3.48
C PHE A 52 9.72 -2.44 -2.68
N PRO A 53 10.04 -1.14 -2.72
CA PRO A 53 9.28 -0.12 -2.03
C PRO A 53 8.17 0.46 -2.88
N MET A 54 6.95 0.28 -2.43
CA MET A 54 5.81 0.82 -3.15
C MET A 54 5.08 1.81 -2.27
N ASP A 55 4.53 2.82 -2.90
CA ASP A 55 3.81 3.86 -2.22
C ASP A 55 2.50 4.13 -2.93
N LEU A 56 1.44 4.23 -2.15
CA LEU A 56 0.12 4.47 -2.68
C LEU A 56 0.07 5.66 -3.61
N LYS A 57 1.10 6.50 -3.57
CA LYS A 57 1.16 7.64 -4.47
C LYS A 57 1.41 7.13 -5.88
N THR A 58 2.54 6.43 -6.04
CA THR A 58 2.91 5.84 -7.32
C THR A 58 1.85 4.84 -7.75
N MET A 59 1.16 4.30 -6.77
CA MET A 59 0.11 3.34 -7.02
C MET A 59 -1.05 3.98 -7.73
N SER A 60 -1.56 5.07 -7.17
CA SER A 60 -2.66 5.77 -7.78
C SER A 60 -2.20 6.53 -9.01
N GLU A 61 -0.89 6.75 -9.11
CA GLU A 61 -0.30 7.40 -10.28
C GLU A 61 -0.22 6.40 -11.41
N ARG A 62 0.21 5.18 -11.06
CA ARG A 62 0.28 4.10 -12.04
C ARG A 62 -1.14 3.81 -12.46
N LEU A 63 -1.95 3.71 -11.43
CA LEU A 63 -3.37 3.51 -11.56
C LEU A 63 -3.97 4.61 -12.42
N LYS A 64 -3.48 5.83 -12.19
CA LYS A 64 -3.90 7.00 -12.92
C LYS A 64 -3.64 6.80 -14.40
N ASN A 65 -2.45 6.28 -14.67
CA ASN A 65 -2.02 5.99 -16.03
C ASN A 65 -2.91 4.93 -16.63
N ARG A 66 -3.76 4.37 -15.77
CA ARG A 66 -4.67 3.29 -16.14
C ARG A 66 -3.90 1.98 -16.07
N TYR A 67 -2.65 2.11 -15.65
CA TYR A 67 -1.75 0.97 -15.48
C TYR A 67 -2.38 -0.12 -14.63
N TYR A 68 -3.37 0.24 -13.82
CA TYR A 68 -4.02 -0.75 -12.97
C TYR A 68 -5.08 -1.51 -13.77
N VAL A 69 -4.72 -1.91 -14.99
CA VAL A 69 -5.61 -2.65 -15.87
C VAL A 69 -5.91 -4.04 -15.32
N SER A 70 -5.25 -4.39 -14.22
CA SER A 70 -5.44 -5.69 -13.61
C SER A 70 -5.68 -5.55 -12.12
N LYS A 71 -6.71 -6.23 -11.64
CA LYS A 71 -7.05 -6.17 -10.23
C LYS A 71 -5.83 -6.41 -9.37
N LYS A 72 -5.08 -7.44 -9.70
CA LYS A 72 -3.92 -7.76 -8.91
C LYS A 72 -2.75 -6.83 -9.18
N LEU A 73 -2.68 -6.21 -10.36
CA LEU A 73 -1.60 -5.24 -10.58
C LEU A 73 -1.67 -4.29 -9.42
N PHE A 74 -2.84 -3.69 -9.34
CA PHE A 74 -3.21 -2.81 -8.27
C PHE A 74 -2.74 -3.40 -6.97
N MET A 75 -2.99 -4.69 -6.82
CA MET A 75 -2.61 -5.38 -5.61
C MET A 75 -1.11 -5.46 -5.44
N ALA A 76 -0.43 -6.16 -6.35
CA ALA A 76 1.00 -6.29 -6.26
C ALA A 76 1.64 -5.00 -5.84
N ASP A 77 0.97 -3.91 -6.15
CA ASP A 77 1.47 -2.59 -5.79
C ASP A 77 1.05 -2.25 -4.36
N LEU A 78 -0.25 -2.38 -4.07
CA LEU A 78 -0.74 -2.11 -2.73
C LEU A 78 -0.17 -3.15 -1.81
N GLN A 79 -0.41 -4.40 -2.17
CA GLN A 79 0.12 -5.52 -1.44
C GLN A 79 1.60 -5.24 -1.21
N ARG A 80 2.27 -4.76 -2.26
CA ARG A 80 3.69 -4.43 -2.17
C ARG A 80 3.97 -3.40 -1.06
N VAL A 81 3.17 -2.33 -0.98
CA VAL A 81 3.39 -1.33 0.06
C VAL A 81 3.44 -2.01 1.42
N PHE A 82 2.49 -2.92 1.64
CA PHE A 82 2.44 -3.65 2.89
C PHE A 82 3.67 -4.54 3.03
N THR A 83 4.17 -5.05 1.90
CA THR A 83 5.33 -5.93 1.93
C THR A 83 6.57 -5.24 2.48
N ASN A 84 6.94 -4.11 1.87
CA ASN A 84 8.13 -3.37 2.31
C ASN A 84 8.00 -2.95 3.76
N CYS A 85 6.88 -2.37 4.14
CA CYS A 85 6.69 -1.96 5.53
C CYS A 85 6.95 -3.15 6.44
N LYS A 86 6.45 -4.30 6.03
CA LYS A 86 6.62 -5.53 6.77
C LYS A 86 7.99 -6.15 6.53
N GLU A 87 8.62 -5.75 5.44
CA GLU A 87 9.93 -6.27 5.05
C GLU A 87 11.03 -5.77 5.97
N TYR A 88 11.05 -4.46 6.21
CA TYR A 88 12.08 -3.85 7.01
C TYR A 88 11.53 -3.21 8.28
N ASN A 89 10.62 -2.26 8.10
CA ASN A 89 10.02 -1.55 9.21
C ASN A 89 9.58 -2.53 10.31
N PRO A 90 9.74 -2.14 11.60
CA PRO A 90 9.36 -2.98 12.74
C PRO A 90 7.85 -3.19 12.86
N PRO A 91 7.39 -4.39 13.26
CA PRO A 91 5.96 -4.68 13.41
C PRO A 91 5.39 -4.03 14.66
N GLU A 92 6.23 -3.25 15.32
CA GLU A 92 5.84 -2.51 16.50
C GLU A 92 5.55 -1.07 16.13
N SER A 93 6.28 -0.57 15.15
CA SER A 93 6.12 0.80 14.70
C SER A 93 4.77 0.94 14.02
N GLU A 94 4.22 2.15 14.04
CA GLU A 94 2.94 2.40 13.40
C GLU A 94 3.06 2.29 11.89
N TYR A 95 4.21 1.82 11.42
CA TYR A 95 4.45 1.64 9.99
C TYR A 95 3.96 0.28 9.53
N TYR A 96 4.64 -0.75 10.03
CA TYR A 96 4.31 -2.11 9.69
C TYR A 96 2.87 -2.42 10.07
N LYS A 97 2.56 -2.28 11.35
CA LYS A 97 1.22 -2.58 11.82
C LYS A 97 0.20 -1.93 10.90
N CYS A 98 0.38 -0.64 10.65
CA CYS A 98 -0.48 0.12 9.75
C CYS A 98 -0.73 -0.67 8.48
N ALA A 99 0.33 -1.31 8.00
CA ALA A 99 0.22 -2.16 6.82
C ALA A 99 -0.89 -3.14 7.06
N ASN A 100 -0.75 -3.88 8.15
CA ASN A 100 -1.72 -4.86 8.56
C ASN A 100 -3.09 -4.23 8.82
N ILE A 101 -3.11 -3.00 9.38
CA ILE A 101 -4.39 -2.34 9.68
C ILE A 101 -5.16 -2.02 8.42
N LEU A 102 -4.58 -1.16 7.58
CA LEU A 102 -5.20 -0.81 6.34
C LEU A 102 -5.33 -2.06 5.48
N GLU A 103 -4.24 -2.80 5.28
CA GLU A 103 -4.30 -4.01 4.46
C GLU A 103 -5.57 -4.80 4.79
N LYS A 104 -5.97 -4.77 6.06
CA LYS A 104 -7.20 -5.43 6.49
C LYS A 104 -8.39 -4.74 5.83
N PHE A 105 -8.48 -3.41 6.02
CA PHE A 105 -9.53 -2.62 5.39
C PHE A 105 -9.44 -2.83 3.88
N PHE A 106 -8.27 -2.53 3.37
CA PHE A 106 -7.94 -2.72 1.97
C PHE A 106 -8.47 -4.06 1.50
N PHE A 107 -8.34 -5.08 2.34
CA PHE A 107 -8.81 -6.41 2.02
C PHE A 107 -10.32 -6.44 1.86
N SER A 108 -11.01 -5.70 2.70
CA SER A 108 -12.46 -5.63 2.60
C SER A 108 -12.82 -4.78 1.40
N LYS A 109 -11.91 -3.87 1.02
CA LYS A 109 -12.12 -2.99 -0.13
C LYS A 109 -12.15 -3.80 -1.42
N ILE A 110 -11.04 -4.48 -1.67
CA ILE A 110 -10.88 -5.32 -2.85
C ILE A 110 -11.96 -6.38 -2.91
N LYS A 111 -12.01 -7.17 -1.85
CA LYS A 111 -12.97 -8.25 -1.71
C LYS A 111 -14.38 -7.76 -1.97
N GLU A 112 -14.62 -6.52 -1.62
CA GLU A 112 -15.91 -5.89 -1.84
C GLU A 112 -15.97 -5.36 -3.27
N ALA A 113 -14.81 -4.94 -3.75
CA ALA A 113 -14.69 -4.42 -5.09
C ALA A 113 -14.42 -5.57 -6.05
N GLY A 114 -14.62 -6.79 -5.53
CA GLY A 114 -14.40 -8.00 -6.30
C GLY A 114 -13.01 -8.10 -6.88
N LEU A 115 -12.12 -7.25 -6.40
CA LEU A 115 -10.74 -7.25 -6.88
C LEU A 115 -10.02 -8.53 -6.46
N ILE A 116 -9.39 -8.44 -5.28
CA ILE A 116 -8.64 -9.51 -4.67
C ILE A 116 -9.04 -10.89 -5.17
N ASP A 117 -8.02 -11.69 -5.46
CA ASP A 117 -8.20 -13.05 -5.93
C ASP A 117 -7.07 -13.93 -5.41
N LYS A 118 -6.06 -13.29 -4.81
CA LYS A 118 -4.92 -14.00 -4.26
C LYS A 118 -4.30 -14.95 -5.29
N ALA B 1 23.27 7.58 24.69
CA ALA B 1 24.52 7.12 24.03
C ALA B 1 24.39 5.66 23.60
N ARG B 2 23.17 5.14 23.63
CA ARG B 2 22.91 3.75 23.25
C ARG B 2 22.41 3.66 21.81
N THR B 3 22.65 4.72 21.04
CA THR B 3 22.23 4.76 19.64
C THR B 3 23.14 5.67 18.82
N LYS B 4 23.50 5.21 17.62
CA LYS B 4 24.36 5.99 16.73
C LYS B 4 24.19 5.54 15.29
N GLN B 5 22.94 5.55 14.81
CA GLN B 5 22.64 5.15 13.44
C GLN B 5 22.15 6.33 12.64
N THR B 6 22.16 6.19 11.31
CA THR B 6 21.72 7.25 10.42
C THR B 6 20.32 6.97 9.88
N ALA B 7 19.41 6.60 10.78
CA ALA B 7 18.03 6.31 10.38
C ALA B 7 17.10 7.48 10.69
N ARG B 8 15.98 7.51 10.01
CA ARG B 8 14.98 8.56 10.20
C ARG B 8 13.61 8.02 9.81
N SER B 10 12.00 5.57 11.00
CA SER B 10 11.26 5.35 12.24
C SER B 10 12.10 5.75 13.44
N THR B 11 11.47 6.38 14.43
CA THR B 11 12.17 6.83 15.63
C THR B 11 12.37 5.68 16.62
N GLY B 12 11.92 4.48 16.23
CA GLY B 12 12.07 3.32 17.08
C GLY B 12 10.92 3.20 18.08
N GLY B 13 10.32 4.34 18.44
CA GLY B 13 9.22 4.33 19.38
C GLY B 13 7.89 4.08 18.70
N LYS B 14 7.50 4.99 17.81
CA LYS B 14 6.24 4.86 17.09
C LYS B 14 6.40 5.31 15.63
N ALA B 15 6.36 6.61 15.41
CA ALA B 15 6.50 7.16 14.06
C ALA B 15 7.91 7.67 13.82
N GLY A 1 -21.66 -6.46 -12.41
CA GLY A 1 -22.45 -6.04 -11.21
C GLY A 1 -23.56 -7.01 -10.88
N SER A 2 -24.45 -6.60 -9.97
CA SER A 2 -25.58 -7.43 -9.57
C SER A 2 -25.10 -8.75 -8.97
N HIS A 3 -24.98 -8.80 -7.65
CA HIS A 3 -24.53 -10.00 -6.95
C HIS A 3 -23.15 -10.42 -7.42
N MET A 4 -22.67 -11.55 -6.89
CA MET A 4 -21.35 -12.08 -7.24
C MET A 4 -20.24 -11.09 -6.89
N SER A 5 -19.97 -10.16 -7.80
CA SER A 5 -18.93 -9.15 -7.59
C SER A 5 -17.58 -9.80 -7.26
N LYS A 6 -17.06 -10.57 -8.21
CA LYS A 6 -15.78 -11.25 -8.02
C LYS A 6 -14.98 -11.27 -9.32
N GLU A 7 -15.24 -10.30 -10.19
CA GLU A 7 -14.55 -10.21 -11.46
C GLU A 7 -14.75 -8.84 -12.10
N PRO A 8 -14.14 -7.78 -11.51
CA PRO A 8 -14.25 -6.41 -12.01
C PRO A 8 -14.01 -6.32 -13.52
N ARG A 9 -12.86 -6.80 -13.96
CA ARG A 9 -12.50 -6.77 -15.38
C ARG A 9 -12.51 -5.33 -15.91
N ASP A 10 -12.13 -5.17 -17.16
CA ASP A 10 -12.08 -3.85 -17.79
C ASP A 10 -11.11 -2.94 -17.03
N PRO A 11 -10.02 -2.49 -17.68
CA PRO A 11 -9.03 -1.63 -17.05
C PRO A 11 -9.63 -0.34 -16.49
N ASP A 12 -10.90 -0.08 -16.79
CA ASP A 12 -11.56 1.13 -16.32
C ASP A 12 -12.26 0.90 -15.00
N GLN A 13 -13.18 -0.05 -14.97
CA GLN A 13 -13.89 -0.38 -13.75
C GLN A 13 -12.89 -0.68 -12.64
N LEU A 14 -11.80 -1.35 -13.01
CA LEU A 14 -10.73 -1.67 -12.09
C LEU A 14 -10.02 -0.40 -11.69
N TYR A 15 -9.41 0.26 -12.66
CA TYR A 15 -8.68 1.48 -12.39
C TYR A 15 -9.35 2.32 -11.33
N SER A 16 -10.56 2.78 -11.55
CA SER A 16 -11.20 3.61 -10.55
C SER A 16 -11.67 2.84 -9.31
N THR A 17 -11.87 1.54 -9.40
CA THR A 17 -12.20 0.76 -8.23
C THR A 17 -10.99 0.80 -7.33
N LEU A 18 -9.89 0.46 -7.96
CA LEU A 18 -8.59 0.44 -7.37
C LEU A 18 -8.18 1.87 -7.00
N LYS A 19 -8.71 2.81 -7.77
CA LYS A 19 -8.43 4.23 -7.56
C LYS A 19 -9.14 4.72 -6.31
N SER A 20 -10.40 4.32 -6.17
CA SER A 20 -11.19 4.69 -5.02
C SER A 20 -10.69 3.92 -3.80
N ILE A 21 -10.23 2.69 -4.05
CA ILE A 21 -9.69 1.88 -2.98
C ILE A 21 -8.42 2.52 -2.46
N LEU A 22 -7.40 2.56 -3.31
CA LEU A 22 -6.12 3.17 -2.98
C LEU A 22 -6.38 4.47 -2.26
N GLN A 23 -7.33 5.22 -2.80
CA GLN A 23 -7.76 6.48 -2.23
C GLN A 23 -8.03 6.32 -0.74
N GLN A 24 -8.91 5.38 -0.44
CA GLN A 24 -9.29 5.08 0.92
C GLN A 24 -8.19 4.44 1.74
N VAL A 25 -7.45 3.50 1.15
CA VAL A 25 -6.35 2.86 1.87
C VAL A 25 -5.48 3.97 2.44
N LYS A 26 -5.17 4.92 1.58
CA LYS A 26 -4.36 6.07 1.95
C LYS A 26 -5.11 6.89 2.99
N SER A 27 -6.43 6.88 2.87
CA SER A 27 -7.30 7.60 3.79
C SER A 27 -7.53 6.80 5.06
N HIS A 28 -7.06 5.56 5.05
CA HIS A 28 -7.23 4.67 6.20
C HIS A 28 -6.24 4.98 7.32
N GLN A 29 -5.54 6.11 7.19
CA GLN A 29 -4.55 6.51 8.18
C GLN A 29 -3.33 5.60 8.18
N SER A 30 -3.56 4.31 8.44
CA SER A 30 -2.50 3.32 8.48
C SER A 30 -1.61 3.39 7.25
N ALA A 31 -2.19 3.85 6.17
CA ALA A 31 -1.47 3.97 4.91
C ALA A 31 -0.74 5.30 4.85
N TRP A 32 -0.45 5.84 6.03
CA TRP A 32 0.23 7.12 6.18
C TRP A 32 1.66 7.13 5.61
N PRO A 33 2.41 6.01 5.66
CA PRO A 33 3.76 6.00 5.14
C PRO A 33 3.81 5.60 3.67
N PHE A 34 3.13 4.52 3.33
CA PHE A 34 3.12 4.04 1.96
C PHE A 34 2.64 5.14 1.04
N MET A 35 1.58 5.83 1.46
CA MET A 35 1.01 6.88 0.65
C MET A 35 2.06 7.86 0.21
N GLU A 36 3.00 8.17 1.10
CA GLU A 36 4.02 9.13 0.77
C GLU A 36 5.37 8.47 0.59
N PRO A 37 5.97 8.69 -0.58
CA PRO A 37 7.28 8.15 -0.93
C PRO A 37 8.35 8.53 0.09
N VAL A 38 9.21 7.57 0.37
CA VAL A 38 10.28 7.76 1.33
C VAL A 38 11.33 8.70 0.76
N LYS A 39 12.11 9.34 1.62
CA LYS A 39 13.14 10.28 1.18
C LYS A 39 14.39 9.52 0.75
N ARG A 40 14.33 8.19 0.84
CA ARG A 40 15.44 7.34 0.47
C ARG A 40 16.63 7.52 1.41
N THR A 41 16.43 8.27 2.49
CA THR A 41 17.50 8.49 3.46
C THR A 41 16.97 8.63 4.88
N GLU A 42 15.93 9.43 5.07
CA GLU A 42 15.36 9.58 6.40
C GLU A 42 15.21 8.19 6.99
N ALA A 43 14.83 7.29 6.09
CA ALA A 43 14.68 5.88 6.41
C ALA A 43 16.02 5.24 6.79
N PRO A 44 16.04 4.52 7.91
CA PRO A 44 17.24 3.80 8.35
C PRO A 44 17.71 2.74 7.34
N GLY A 45 18.43 3.19 6.31
CA GLY A 45 18.93 2.26 5.29
C GLY A 45 17.81 1.55 4.54
N TYR A 46 16.71 2.26 4.33
CA TYR A 46 15.53 1.74 3.65
C TYR A 46 15.80 1.14 2.28
N TYR A 47 16.24 1.93 1.32
CA TYR A 47 16.49 1.37 0.00
C TYR A 47 17.47 0.19 0.05
N GLU A 48 18.21 0.07 1.15
CA GLU A 48 19.16 -1.04 1.31
C GLU A 48 18.44 -2.34 1.64
N VAL A 49 17.40 -2.22 2.47
CA VAL A 49 16.60 -3.36 2.89
C VAL A 49 15.46 -3.57 1.92
N ILE A 50 14.87 -2.45 1.57
CA ILE A 50 13.75 -2.39 0.68
C ILE A 50 14.17 -2.59 -0.76
N ARG A 51 14.15 -3.84 -1.20
CA ARG A 51 14.49 -4.16 -2.57
C ARG A 51 13.28 -3.91 -3.46
N PHE A 52 12.10 -3.81 -2.84
CA PHE A 52 10.86 -3.57 -3.56
C PHE A 52 10.03 -2.48 -2.89
N PRO A 53 10.42 -1.20 -3.09
CA PRO A 53 9.72 -0.07 -2.51
C PRO A 53 8.53 0.40 -3.35
N MET A 54 7.35 0.30 -2.75
CA MET A 54 6.12 0.72 -3.42
C MET A 54 5.40 1.71 -2.50
N ASP A 55 4.74 2.67 -3.10
CA ASP A 55 4.01 3.68 -2.35
C ASP A 55 2.66 3.90 -2.98
N LEU A 56 1.65 4.05 -2.13
CA LEU A 56 0.28 4.27 -2.59
C LEU A 56 0.23 5.43 -3.58
N LYS A 57 1.15 6.38 -3.41
CA LYS A 57 1.23 7.50 -4.34
C LYS A 57 1.54 6.94 -5.72
N THR A 58 2.68 6.24 -5.79
CA THR A 58 3.14 5.60 -7.01
C THR A 58 2.08 4.66 -7.55
N MET A 59 1.31 4.10 -6.62
CA MET A 59 0.25 3.17 -6.95
C MET A 59 -0.90 3.86 -7.66
N SER A 60 -1.44 4.89 -7.02
CA SER A 60 -2.54 5.63 -7.60
C SER A 60 -2.05 6.45 -8.78
N GLU A 61 -0.75 6.70 -8.82
CA GLU A 61 -0.15 7.44 -9.92
C GLU A 61 -0.03 6.51 -11.12
N ARG A 62 0.40 5.28 -10.85
CA ARG A 62 0.52 4.27 -11.90
C ARG A 62 -0.89 3.98 -12.37
N LEU A 63 -1.70 3.66 -11.38
CA LEU A 63 -3.11 3.40 -11.54
C LEU A 63 -3.75 4.49 -12.40
N LYS A 64 -3.38 5.74 -12.09
CA LYS A 64 -3.85 6.91 -12.82
C LYS A 64 -3.52 6.79 -14.29
N ASN A 65 -2.31 6.36 -14.56
CA ASN A 65 -1.82 6.18 -15.92
C ASN A 65 -2.46 4.94 -16.54
N ARG A 66 -3.47 4.42 -15.84
CA ARG A 66 -4.18 3.23 -16.29
C ARG A 66 -3.27 2.03 -16.23
N TYR A 67 -2.36 2.07 -15.25
CA TYR A 67 -1.42 1.00 -15.05
C TYR A 67 -2.08 -0.16 -14.30
N TYR A 68 -3.17 0.13 -13.59
CA TYR A 68 -3.88 -0.91 -12.86
C TYR A 68 -4.90 -1.59 -13.75
N VAL A 69 -4.41 -2.07 -14.88
CA VAL A 69 -5.22 -2.77 -15.85
C VAL A 69 -5.62 -4.15 -15.34
N SER A 70 -5.12 -4.49 -14.16
CA SER A 70 -5.42 -5.79 -13.58
C SER A 70 -5.71 -5.66 -12.10
N LYS A 71 -6.64 -6.48 -11.61
CA LYS A 71 -7.00 -6.45 -10.21
C LYS A 71 -5.77 -6.60 -9.34
N LYS A 72 -4.96 -7.60 -9.64
CA LYS A 72 -3.80 -7.86 -8.84
C LYS A 72 -2.68 -6.85 -9.08
N LEU A 73 -2.49 -6.32 -10.29
CA LEU A 73 -1.43 -5.31 -10.46
C LEU A 73 -1.55 -4.37 -9.31
N PHE A 74 -2.74 -3.83 -9.21
CA PHE A 74 -3.13 -2.97 -8.13
C PHE A 74 -2.65 -3.57 -6.82
N MET A 75 -2.98 -4.85 -6.64
CA MET A 75 -2.60 -5.52 -5.42
C MET A 75 -1.10 -5.65 -5.26
N ALA A 76 -0.45 -6.37 -6.15
CA ALA A 76 0.99 -6.54 -6.08
C ALA A 76 1.64 -5.24 -5.70
N ASP A 77 0.99 -4.14 -6.02
CA ASP A 77 1.49 -2.82 -5.72
C ASP A 77 1.10 -2.44 -4.30
N LEU A 78 -0.19 -2.58 -3.98
CA LEU A 78 -0.66 -2.28 -2.64
C LEU A 78 -0.10 -3.32 -1.70
N GLN A 79 -0.39 -4.57 -2.01
CA GLN A 79 0.13 -5.68 -1.26
C GLN A 79 1.61 -5.42 -1.04
N ARG A 80 2.27 -4.94 -2.10
CA ARG A 80 3.68 -4.60 -2.03
C ARG A 80 3.96 -3.53 -0.96
N VAL A 81 3.25 -2.40 -1.01
CA VAL A 81 3.48 -1.35 -0.01
C VAL A 81 3.52 -1.98 1.37
N PHE A 82 2.61 -2.90 1.61
CA PHE A 82 2.56 -3.59 2.88
C PHE A 82 3.84 -4.41 3.04
N THR A 83 4.25 -5.10 1.97
CA THR A 83 5.44 -5.93 2.03
C THR A 83 6.68 -5.15 2.42
N ASN A 84 7.03 -4.11 1.64
CA ASN A 84 8.20 -3.31 1.94
C ASN A 84 8.09 -2.75 3.35
N CYS A 85 6.89 -2.35 3.73
CA CYS A 85 6.67 -1.83 5.06
C CYS A 85 7.19 -2.85 6.07
N LYS A 86 6.65 -4.05 6.01
CA LYS A 86 7.05 -5.13 6.91
C LYS A 86 8.48 -5.59 6.64
N GLU A 87 8.96 -5.28 5.45
CA GLU A 87 10.30 -5.68 5.02
C GLU A 87 11.39 -4.93 5.77
N TYR A 88 11.11 -3.67 6.08
CA TYR A 88 12.09 -2.82 6.70
C TYR A 88 11.65 -2.36 8.08
N ASN A 89 10.39 -2.58 8.38
CA ASN A 89 9.82 -2.15 9.65
C ASN A 89 9.41 -3.32 10.54
N PRO A 90 9.58 -3.16 11.85
CA PRO A 90 9.19 -4.17 12.84
C PRO A 90 7.67 -4.15 13.02
N PRO A 91 7.05 -5.27 13.42
CA PRO A 91 5.60 -5.32 13.61
C PRO A 91 5.15 -4.49 14.79
N GLU A 92 6.11 -3.83 15.44
CA GLU A 92 5.84 -2.96 16.57
C GLU A 92 5.78 -1.51 16.12
N SER A 93 6.62 -1.16 15.15
CA SER A 93 6.66 0.20 14.65
C SER A 93 5.32 0.57 14.04
N GLU A 94 4.92 1.82 14.23
CA GLU A 94 3.65 2.32 13.70
C GLU A 94 3.55 2.10 12.19
N TYR A 95 4.61 1.58 11.59
CA TYR A 95 4.65 1.34 10.15
C TYR A 95 4.04 0.01 9.78
N TYR A 96 4.72 -1.06 10.20
CA TYR A 96 4.28 -2.40 9.90
C TYR A 96 2.83 -2.59 10.28
N LYS A 97 2.52 -2.41 11.56
CA LYS A 97 1.17 -2.61 12.04
C LYS A 97 0.19 -2.01 11.05
N CYS A 98 0.38 -0.71 10.82
CA CYS A 98 -0.42 0.04 9.88
C CYS A 98 -0.63 -0.72 8.58
N ALA A 99 0.42 -1.38 8.14
CA ALA A 99 0.36 -2.20 6.93
C ALA A 99 -0.75 -3.21 7.09
N ASN A 100 -0.70 -3.90 8.21
CA ASN A 100 -1.68 -4.91 8.55
C ASN A 100 -3.05 -4.29 8.84
N ILE A 101 -3.07 -3.09 9.44
CA ILE A 101 -4.32 -2.42 9.76
C ILE A 101 -5.08 -2.07 8.50
N LEU A 102 -4.46 -1.25 7.65
CA LEU A 102 -5.07 -0.88 6.41
C LEU A 102 -5.27 -2.14 5.57
N GLU A 103 -4.23 -2.95 5.41
CA GLU A 103 -4.35 -4.18 4.63
C GLU A 103 -5.67 -4.90 4.97
N LYS A 104 -6.07 -4.81 6.24
CA LYS A 104 -7.32 -5.39 6.70
C LYS A 104 -8.48 -4.65 6.02
N PHE A 105 -8.48 -3.32 6.14
CA PHE A 105 -9.48 -2.50 5.47
C PHE A 105 -9.40 -2.76 3.97
N PHE A 106 -8.21 -2.50 3.45
CA PHE A 106 -7.88 -2.75 2.06
C PHE A 106 -8.45 -4.09 1.63
N PHE A 107 -8.39 -5.05 2.53
CA PHE A 107 -8.91 -6.39 2.25
C PHE A 107 -10.41 -6.35 2.04
N SER A 108 -11.11 -5.60 2.88
CA SER A 108 -12.54 -5.48 2.73
C SER A 108 -12.84 -4.64 1.49
N LYS A 109 -11.89 -3.78 1.13
CA LYS A 109 -12.03 -2.92 -0.04
C LYS A 109 -12.07 -3.74 -1.32
N ILE A 110 -11.00 -4.49 -1.53
CA ILE A 110 -10.87 -5.36 -2.69
C ILE A 110 -11.97 -6.39 -2.73
N LYS A 111 -12.05 -7.14 -1.65
CA LYS A 111 -13.06 -8.19 -1.50
C LYS A 111 -14.45 -7.65 -1.79
N GLU A 112 -14.63 -6.37 -1.50
CA GLU A 112 -15.91 -5.71 -1.76
C GLU A 112 -15.92 -5.22 -3.20
N ALA A 113 -14.74 -4.86 -3.68
CA ALA A 113 -14.57 -4.39 -5.04
C ALA A 113 -14.31 -5.56 -5.96
N GLY A 114 -14.55 -6.77 -5.43
CA GLY A 114 -14.36 -7.99 -6.19
C GLY A 114 -12.96 -8.12 -6.75
N LEU A 115 -12.04 -7.31 -6.24
CA LEU A 115 -10.67 -7.36 -6.70
C LEU A 115 -9.97 -8.63 -6.24
N ILE A 116 -9.36 -8.53 -5.06
CA ILE A 116 -8.64 -9.61 -4.41
C ILE A 116 -9.07 -11.01 -4.89
N ASP A 117 -8.07 -11.86 -5.07
CA ASP A 117 -8.29 -13.23 -5.51
C ASP A 117 -7.29 -14.17 -4.83
N LYS A 118 -6.28 -13.58 -4.18
CA LYS A 118 -5.25 -14.37 -3.50
C LYS A 118 -4.57 -15.34 -4.46
N ALA B 1 10.65 11.85 27.88
CA ALA B 1 11.02 11.78 26.45
C ALA B 1 12.13 12.79 26.13
N ARG B 2 11.75 14.07 26.06
CA ARG B 2 12.69 15.14 25.77
C ARG B 2 13.39 14.91 24.44
N THR B 3 12.73 15.32 23.35
CA THR B 3 13.27 15.18 21.99
C THR B 3 13.83 13.78 21.73
N LYS B 4 12.99 12.91 21.15
CA LYS B 4 13.40 11.54 20.83
C LYS B 4 13.51 11.36 19.32
N GLN B 5 13.84 10.15 18.89
CA GLN B 5 13.96 9.86 17.47
C GLN B 5 13.38 8.49 17.13
N THR B 6 12.72 8.40 15.98
CA THR B 6 12.12 7.15 15.53
C THR B 6 12.59 6.79 14.12
N ALA B 7 13.84 6.30 14.02
CA ALA B 7 14.41 5.91 12.74
C ALA B 7 14.60 7.11 11.81
N ARG B 8 14.11 8.28 12.24
CA ARG B 8 14.23 9.50 11.43
C ARG B 8 13.41 9.38 10.14
N SER B 10 10.09 8.85 9.79
CA SER B 10 8.89 9.68 9.90
C SER B 10 8.42 9.77 11.34
N THR B 11 8.60 10.94 11.95
CA THR B 11 8.21 11.15 13.34
C THR B 11 6.74 11.57 13.44
N GLY B 12 5.87 10.60 13.69
CA GLY B 12 4.45 10.87 13.81
C GLY B 12 3.71 9.77 14.54
N GLY B 13 4.45 8.81 15.08
CA GLY B 13 3.84 7.70 15.80
C GLY B 13 4.84 6.62 16.13
N LYS B 14 4.49 5.77 17.10
CA LYS B 14 5.37 4.69 17.51
C LYS B 14 4.67 3.34 17.37
N ALA B 15 3.38 3.31 17.64
CA ALA B 15 2.59 2.09 17.54
C ALA B 15 1.10 2.38 17.57
N GLY A 1 -26.53 -15.81 -8.05
CA GLY A 1 -25.26 -15.38 -7.41
C GLY A 1 -25.20 -13.87 -7.22
N SER A 2 -23.98 -13.35 -7.05
CA SER A 2 -23.79 -11.92 -6.85
C SER A 2 -23.34 -11.25 -8.14
N HIS A 3 -24.21 -10.43 -8.73
CA HIS A 3 -23.89 -9.74 -9.97
C HIS A 3 -23.42 -8.31 -9.69
N MET A 4 -22.50 -7.82 -10.51
CA MET A 4 -21.95 -6.48 -10.36
C MET A 4 -21.38 -6.28 -8.96
N SER A 5 -20.57 -7.23 -8.52
CA SER A 5 -19.95 -7.17 -7.21
C SER A 5 -18.75 -8.13 -7.14
N LYS A 6 -18.28 -8.55 -8.31
CA LYS A 6 -17.15 -9.45 -8.40
C LYS A 6 -16.63 -9.49 -9.84
N GLU A 7 -15.33 -9.71 -9.97
CA GLU A 7 -14.70 -9.78 -11.29
C GLU A 7 -14.78 -8.44 -12.01
N PRO A 8 -13.94 -7.46 -11.63
CA PRO A 8 -13.91 -6.14 -12.25
C PRO A 8 -13.48 -6.22 -13.71
N ARG A 9 -12.24 -6.69 -13.91
CA ARG A 9 -11.67 -6.85 -15.24
C ARG A 9 -11.50 -5.52 -15.96
N ASP A 10 -12.61 -4.95 -16.45
CA ASP A 10 -12.57 -3.68 -17.16
C ASP A 10 -11.51 -2.74 -16.59
N PRO A 11 -10.52 -2.34 -17.40
CA PRO A 11 -9.45 -1.45 -16.96
C PRO A 11 -9.97 -0.13 -16.40
N ASP A 12 -11.24 0.15 -16.68
CA ASP A 12 -11.87 1.38 -16.21
C ASP A 12 -12.54 1.14 -14.86
N GLN A 13 -13.43 0.15 -14.82
CA GLN A 13 -14.11 -0.19 -13.59
C GLN A 13 -13.08 -0.49 -12.51
N LEU A 14 -11.97 -1.11 -12.93
CA LEU A 14 -10.87 -1.43 -12.02
C LEU A 14 -10.18 -0.15 -11.63
N TYR A 15 -9.58 0.52 -12.62
CA TYR A 15 -8.85 1.74 -12.36
C TYR A 15 -9.51 2.56 -11.27
N SER A 16 -10.73 3.00 -11.47
CA SER A 16 -11.35 3.82 -10.46
C SER A 16 -11.82 3.05 -9.22
N THR A 17 -12.02 1.74 -9.33
CA THR A 17 -12.33 0.95 -8.15
C THR A 17 -11.11 0.98 -7.27
N LEU A 18 -10.01 0.68 -7.91
CA LEU A 18 -8.71 0.67 -7.32
C LEU A 18 -8.29 2.09 -6.97
N LYS A 19 -8.81 3.04 -7.74
CA LYS A 19 -8.52 4.45 -7.53
C LYS A 19 -9.25 4.93 -6.29
N SER A 20 -10.49 4.51 -6.16
CA SER A 20 -11.30 4.86 -5.00
C SER A 20 -10.78 4.09 -3.81
N ILE A 21 -10.34 2.85 -4.05
CA ILE A 21 -9.79 2.04 -2.99
C ILE A 21 -8.52 2.68 -2.46
N LEU A 22 -7.49 2.71 -3.30
CA LEU A 22 -6.21 3.33 -2.96
C LEU A 22 -6.48 4.63 -2.22
N GLN A 23 -7.48 5.34 -2.72
CA GLN A 23 -7.91 6.61 -2.15
C GLN A 23 -8.16 6.49 -0.64
N GLN A 24 -9.09 5.60 -0.27
CA GLN A 24 -9.44 5.43 1.13
C GLN A 24 -8.31 4.75 1.90
N VAL A 25 -7.69 3.73 1.30
CA VAL A 25 -6.57 3.06 1.95
C VAL A 25 -5.59 4.12 2.44
N LYS A 26 -5.31 5.08 1.57
CA LYS A 26 -4.42 6.18 1.89
C LYS A 26 -5.08 7.03 2.96
N SER A 27 -6.41 7.06 2.90
CA SER A 27 -7.23 7.80 3.83
C SER A 27 -7.50 6.98 5.08
N HIS A 28 -7.10 5.71 5.05
CA HIS A 28 -7.32 4.81 6.18
C HIS A 28 -6.45 5.17 7.38
N GLN A 29 -5.75 6.29 7.29
CA GLN A 29 -4.87 6.76 8.36
C GLN A 29 -3.66 5.85 8.55
N SER A 30 -3.81 4.58 8.18
CA SER A 30 -2.74 3.60 8.33
C SER A 30 -1.79 3.65 7.14
N ALA A 31 -2.32 4.05 6.01
CA ALA A 31 -1.54 4.12 4.79
C ALA A 31 -0.81 5.44 4.72
N TRP A 32 -0.60 6.03 5.90
CA TRP A 32 0.07 7.31 6.01
C TRP A 32 1.50 7.27 5.45
N PRO A 33 2.23 6.14 5.54
CA PRO A 33 3.57 6.05 4.99
C PRO A 33 3.56 5.54 3.55
N PHE A 34 2.77 4.49 3.32
CA PHE A 34 2.65 3.91 1.99
C PHE A 34 2.35 5.00 1.00
N MET A 35 1.34 5.81 1.30
CA MET A 35 0.96 6.90 0.43
C MET A 35 2.19 7.68 0.03
N GLU A 36 3.10 7.89 0.97
CA GLU A 36 4.31 8.62 0.66
C GLU A 36 5.36 7.68 0.07
N PRO A 37 6.19 8.20 -0.85
CA PRO A 37 7.23 7.44 -1.53
C PRO A 37 8.53 7.39 -0.77
N VAL A 38 8.47 7.84 0.47
CA VAL A 38 9.62 7.88 1.36
C VAL A 38 10.80 8.62 0.73
N LYS A 39 11.69 9.14 1.57
CA LYS A 39 12.85 9.83 1.06
C LYS A 39 14.00 8.85 0.94
N ARG A 40 14.61 8.80 -0.23
CA ARG A 40 15.72 7.88 -0.48
C ARG A 40 17.02 8.35 0.17
N THR A 41 16.90 8.91 1.37
CA THR A 41 18.06 9.39 2.11
C THR A 41 17.68 9.81 3.53
N GLU A 42 16.40 10.01 3.75
CA GLU A 42 15.89 10.38 5.05
C GLU A 42 15.41 9.13 5.75
N ALA A 43 14.99 8.18 4.93
CA ALA A 43 14.52 6.91 5.40
C ALA A 43 15.69 6.11 5.95
N PRO A 44 15.59 5.67 7.21
CA PRO A 44 16.64 4.91 7.89
C PRO A 44 17.09 3.70 7.09
N GLY A 45 17.97 3.92 6.11
CA GLY A 45 18.45 2.83 5.28
C GLY A 45 17.30 2.05 4.68
N TYR A 46 16.13 2.68 4.66
CA TYR A 46 14.90 2.08 4.15
C TYR A 46 15.08 1.55 2.74
N TYR A 47 15.80 2.26 1.89
CA TYR A 47 15.99 1.81 0.51
C TYR A 47 17.07 0.73 0.41
N GLU A 48 17.92 0.65 1.42
CA GLU A 48 18.98 -0.37 1.44
C GLU A 48 18.37 -1.73 1.74
N VAL A 49 17.24 -1.70 2.42
CA VAL A 49 16.51 -2.89 2.80
C VAL A 49 15.39 -3.14 1.82
N ILE A 50 14.68 -2.07 1.55
CA ILE A 50 13.55 -2.09 0.67
C ILE A 50 13.99 -2.14 -0.78
N ARG A 51 14.17 -3.36 -1.27
CA ARG A 51 14.57 -3.58 -2.64
C ARG A 51 13.36 -3.44 -3.53
N PHE A 52 12.21 -3.22 -2.90
CA PHE A 52 10.96 -3.12 -3.60
C PHE A 52 9.99 -2.14 -2.93
N PRO A 53 10.30 -0.83 -3.02
CA PRO A 53 9.45 0.19 -2.45
C PRO A 53 8.41 0.64 -3.45
N MET A 54 7.15 0.53 -3.07
CA MET A 54 6.06 0.92 -3.95
C MET A 54 5.56 2.29 -3.57
N ASP A 55 4.52 2.29 -2.78
CA ASP A 55 3.90 3.50 -2.23
C ASP A 55 2.64 3.88 -2.99
N LEU A 56 1.56 4.01 -2.24
CA LEU A 56 0.25 4.35 -2.77
C LEU A 56 0.28 5.56 -3.70
N LYS A 57 1.30 6.41 -3.57
CA LYS A 57 1.42 7.56 -4.45
C LYS A 57 1.63 7.08 -5.86
N THR A 58 2.72 6.33 -6.04
CA THR A 58 3.07 5.75 -7.34
C THR A 58 1.98 4.79 -7.78
N MET A 59 1.27 4.24 -6.81
CA MET A 59 0.19 3.30 -7.07
C MET A 59 -0.97 3.98 -7.75
N SER A 60 -1.47 5.05 -7.14
CA SER A 60 -2.58 5.77 -7.72
C SER A 60 -2.13 6.57 -8.94
N GLU A 61 -0.81 6.76 -9.05
CA GLU A 61 -0.22 7.45 -10.20
C GLU A 61 -0.13 6.47 -11.36
N ARG A 62 0.28 5.24 -11.04
CA ARG A 62 0.36 4.18 -12.05
C ARG A 62 -1.06 3.89 -12.46
N LEU A 63 -1.86 3.75 -11.42
CA LEU A 63 -3.28 3.53 -11.54
C LEU A 63 -3.89 4.63 -12.39
N LYS A 64 -3.41 5.85 -12.13
CA LYS A 64 -3.83 7.03 -12.85
C LYS A 64 -3.61 6.86 -14.34
N ASN A 65 -2.47 6.24 -14.64
CA ASN A 65 -2.08 5.97 -16.01
C ASN A 65 -2.94 4.86 -16.58
N ARG A 66 -3.84 4.36 -15.75
CA ARG A 66 -4.72 3.26 -16.11
C ARG A 66 -3.92 1.98 -16.07
N TYR A 67 -2.70 2.12 -15.55
CA TYR A 67 -1.77 1.02 -15.41
C TYR A 67 -2.37 -0.09 -14.55
N TYR A 68 -3.39 0.25 -13.76
CA TYR A 68 -4.04 -0.74 -12.92
C TYR A 68 -5.08 -1.50 -13.72
N VAL A 69 -4.65 -1.93 -14.91
CA VAL A 69 -5.49 -2.69 -15.83
C VAL A 69 -5.88 -4.03 -15.23
N SER A 70 -5.27 -4.37 -14.12
CA SER A 70 -5.54 -5.63 -13.46
C SER A 70 -5.72 -5.44 -11.98
N LYS A 71 -6.79 -6.02 -11.44
CA LYS A 71 -7.10 -5.92 -10.03
C LYS A 71 -5.86 -6.27 -9.21
N LYS A 72 -5.13 -7.28 -9.66
CA LYS A 72 -3.97 -7.69 -8.92
C LYS A 72 -2.76 -6.81 -9.19
N LEU A 73 -2.71 -6.11 -10.33
CA LEU A 73 -1.59 -5.18 -10.52
C LEU A 73 -1.67 -4.26 -9.35
N PHE A 74 -2.84 -3.65 -9.25
CA PHE A 74 -3.21 -2.79 -8.17
C PHE A 74 -2.69 -3.35 -6.87
N MET A 75 -3.00 -4.61 -6.63
CA MET A 75 -2.57 -5.26 -5.41
C MET A 75 -1.07 -5.39 -5.32
N ALA A 76 -0.45 -6.07 -6.27
CA ALA A 76 0.98 -6.24 -6.23
C ALA A 76 1.65 -4.96 -5.78
N ASP A 77 1.00 -3.84 -6.08
CA ASP A 77 1.53 -2.54 -5.69
C ASP A 77 1.12 -2.23 -4.27
N LEU A 78 -0.19 -2.35 -4.00
CA LEU A 78 -0.70 -2.10 -2.66
C LEU A 78 -0.14 -3.15 -1.75
N GLN A 79 -0.42 -4.40 -2.10
CA GLN A 79 0.12 -5.52 -1.37
C GLN A 79 1.60 -5.26 -1.13
N ARG A 80 2.27 -4.75 -2.17
CA ARG A 80 3.68 -4.40 -2.08
C ARG A 80 3.94 -3.36 -0.99
N VAL A 81 3.17 -2.25 -0.98
CA VAL A 81 3.39 -1.23 0.05
C VAL A 81 3.43 -1.89 1.41
N PHE A 82 2.53 -2.86 1.60
CA PHE A 82 2.49 -3.59 2.83
C PHE A 82 3.76 -4.43 2.96
N THR A 83 4.19 -5.04 1.85
CA THR A 83 5.38 -5.89 1.86
C THR A 83 6.61 -5.13 2.34
N ASN A 84 6.95 -4.03 1.65
CA ASN A 84 8.11 -3.24 2.03
C ASN A 84 7.98 -2.78 3.47
N CYS A 85 6.78 -2.40 3.86
CA CYS A 85 6.54 -1.98 5.22
C CYS A 85 6.98 -3.09 6.17
N LYS A 86 6.40 -4.26 5.97
CA LYS A 86 6.72 -5.41 6.78
C LYS A 86 8.15 -5.87 6.51
N GLU A 87 8.70 -5.45 5.37
CA GLU A 87 10.05 -5.82 4.97
C GLU A 87 11.07 -5.25 5.94
N TYR A 88 10.96 -3.94 6.20
CA TYR A 88 11.89 -3.28 7.08
C TYR A 88 11.19 -2.71 8.30
N ASN A 89 10.23 -1.83 8.04
CA ASN A 89 9.47 -1.21 9.11
C ASN A 89 9.05 -2.26 10.14
N PRO A 90 9.60 -2.17 11.38
CA PRO A 90 9.32 -3.14 12.46
C PRO A 90 7.84 -3.30 12.80
N PRO A 91 7.41 -4.55 13.10
CA PRO A 91 6.01 -4.84 13.49
C PRO A 91 5.52 -3.93 14.60
N GLU A 92 6.44 -3.54 15.48
CA GLU A 92 6.12 -2.66 16.58
C GLU A 92 5.98 -1.22 16.11
N SER A 93 6.70 -0.89 15.04
CA SER A 93 6.66 0.45 14.48
C SER A 93 5.27 0.76 13.94
N GLU A 94 4.87 2.02 14.07
CA GLU A 94 3.57 2.48 13.60
C GLU A 94 3.41 2.27 12.10
N TYR A 95 4.46 1.78 11.46
CA TYR A 95 4.46 1.54 10.03
C TYR A 95 3.87 0.18 9.68
N TYR A 96 4.58 -0.86 10.09
CA TYR A 96 4.18 -2.23 9.82
C TYR A 96 2.74 -2.45 10.21
N LYS A 97 2.42 -2.23 11.48
CA LYS A 97 1.05 -2.45 11.94
C LYS A 97 0.07 -1.85 10.95
N CYS A 98 0.28 -0.58 10.64
CA CYS A 98 -0.53 0.15 9.68
C CYS A 98 -0.77 -0.69 8.44
N ALA A 99 0.28 -1.38 8.01
CA ALA A 99 0.21 -2.25 6.85
C ALA A 99 -0.93 -3.23 7.06
N ASN A 100 -0.86 -3.92 8.18
CA ASN A 100 -1.85 -4.89 8.55
C ASN A 100 -3.21 -4.22 8.81
N ILE A 101 -3.21 -3.01 9.38
CA ILE A 101 -4.45 -2.31 9.68
C ILE A 101 -5.20 -1.98 8.40
N LEU A 102 -4.59 -1.19 7.55
CA LEU A 102 -5.19 -0.84 6.29
C LEU A 102 -5.36 -2.10 5.46
N GLU A 103 -4.31 -2.91 5.31
CA GLU A 103 -4.42 -4.14 4.53
C GLU A 103 -5.74 -4.85 4.84
N LYS A 104 -6.16 -4.76 6.10
CA LYS A 104 -7.42 -5.35 6.53
C LYS A 104 -8.58 -4.61 5.84
N PHE A 105 -8.61 -3.29 6.01
CA PHE A 105 -9.61 -2.46 5.36
C PHE A 105 -9.53 -2.71 3.85
N PHE A 106 -8.32 -2.47 3.34
CA PHE A 106 -7.97 -2.72 1.95
C PHE A 106 -8.56 -4.04 1.49
N PHE A 107 -8.45 -5.04 2.36
CA PHE A 107 -8.96 -6.37 2.06
C PHE A 107 -10.47 -6.35 1.85
N SER A 108 -11.17 -5.57 2.64
CA SER A 108 -12.60 -5.46 2.52
C SER A 108 -12.94 -4.67 1.26
N LYS A 109 -12.09 -3.72 0.94
CA LYS A 109 -12.29 -2.88 -0.24
C LYS A 109 -12.21 -3.68 -1.52
N ILE A 110 -11.13 -4.40 -1.67
CA ILE A 110 -10.90 -5.25 -2.84
C ILE A 110 -11.91 -6.37 -2.93
N LYS A 111 -11.94 -7.16 -1.87
CA LYS A 111 -12.84 -8.30 -1.77
C LYS A 111 -14.22 -7.90 -2.26
N GLU A 112 -14.59 -6.67 -1.87
CA GLU A 112 -15.88 -6.09 -2.25
C GLU A 112 -15.83 -5.60 -3.69
N ALA A 113 -14.74 -4.93 -4.02
CA ALA A 113 -14.55 -4.42 -5.36
C ALA A 113 -14.29 -5.57 -6.32
N GLY A 114 -14.47 -6.79 -5.82
CA GLY A 114 -14.26 -7.97 -6.62
C GLY A 114 -12.84 -8.07 -7.11
N LEU A 115 -11.95 -7.26 -6.53
CA LEU A 115 -10.57 -7.25 -6.94
C LEU A 115 -9.84 -8.49 -6.45
N ILE A 116 -9.30 -8.37 -5.24
CA ILE A 116 -8.55 -9.40 -4.58
C ILE A 116 -8.99 -10.81 -4.95
N ASP A 117 -8.00 -11.67 -5.16
CA ASP A 117 -8.24 -13.06 -5.52
C ASP A 117 -7.26 -13.96 -4.77
N LYS A 118 -6.05 -13.45 -4.55
CA LYS A 118 -5.02 -14.18 -3.84
C LYS A 118 -4.78 -15.56 -4.48
N ALA B 1 24.40 11.73 18.07
CA ALA B 1 25.28 11.45 16.92
C ALA B 1 25.96 10.09 17.05
N ARG B 2 25.98 9.33 15.96
CA ARG B 2 26.59 8.01 15.96
C ARG B 2 25.94 7.09 16.98
N THR B 3 24.68 7.36 17.29
CA THR B 3 23.93 6.56 18.25
C THR B 3 22.46 6.96 18.28
N LYS B 4 21.61 6.00 18.65
CA LYS B 4 20.16 6.24 18.72
C LYS B 4 19.59 6.62 17.36
N GLN B 5 18.26 6.58 17.25
CA GLN B 5 17.57 6.91 16.01
C GLN B 5 16.07 7.02 16.22
N THR B 6 15.43 7.86 15.41
CA THR B 6 13.98 8.06 15.50
C THR B 6 13.29 7.74 14.18
N ALA B 7 14.10 7.61 13.12
CA ALA B 7 13.57 7.32 11.80
C ALA B 7 12.50 8.32 11.39
N ARG B 8 12.92 9.56 11.15
CA ARG B 8 11.99 10.60 10.74
C ARG B 8 11.18 10.15 9.52
N SER B 10 10.66 11.41 6.79
CA SER B 10 9.85 12.51 6.30
C SER B 10 8.44 12.49 6.92
N THR B 11 8.29 13.22 8.03
CA THR B 11 7.01 13.29 8.74
C THR B 11 6.65 11.94 9.35
N GLY B 12 6.04 11.98 10.54
CA GLY B 12 5.65 10.75 11.20
C GLY B 12 4.34 10.89 11.97
N GLY B 13 3.61 9.77 12.03
CA GLY B 13 2.33 9.77 12.73
C GLY B 13 2.29 8.73 13.82
N LYS B 14 1.53 7.66 13.60
CA LYS B 14 1.41 6.58 14.59
C LYS B 14 0.58 5.43 14.03
N ALA B 15 0.61 4.30 14.74
CA ALA B 15 -0.11 3.10 14.33
C ALA B 15 -1.57 3.42 14.01
N GLY A 1 -21.02 -23.55 -8.47
CA GLY A 1 -20.22 -23.59 -7.21
C GLY A 1 -20.47 -22.37 -6.34
N SER A 2 -20.23 -21.19 -6.90
CA SER A 2 -20.43 -19.94 -6.17
C SER A 2 -21.24 -18.94 -7.00
N HIS A 3 -22.35 -18.50 -6.44
CA HIS A 3 -23.22 -17.54 -7.12
C HIS A 3 -22.56 -16.18 -7.23
N MET A 4 -21.70 -15.86 -6.26
CA MET A 4 -21.00 -14.58 -6.26
C MET A 4 -19.76 -14.63 -7.16
N SER A 5 -19.06 -13.51 -7.26
CA SER A 5 -17.86 -13.43 -8.09
C SER A 5 -16.83 -12.50 -7.46
N LYS A 6 -15.60 -13.00 -7.30
CA LYS A 6 -14.54 -12.22 -6.71
C LYS A 6 -13.60 -11.68 -7.80
N GLU A 7 -14.19 -11.21 -8.90
CA GLU A 7 -13.42 -10.67 -10.01
C GLU A 7 -14.06 -9.38 -10.54
N PRO A 8 -13.27 -8.29 -10.69
CA PRO A 8 -13.78 -7.03 -11.19
C PRO A 8 -13.68 -6.91 -12.70
N ARG A 9 -12.50 -7.25 -13.23
CA ARG A 9 -12.24 -7.21 -14.67
C ARG A 9 -12.40 -5.79 -15.22
N ASP A 10 -12.15 -5.63 -16.52
CA ASP A 10 -12.25 -4.33 -17.17
C ASP A 10 -11.24 -3.34 -16.58
N PRO A 11 -10.27 -2.87 -17.39
CA PRO A 11 -9.24 -1.94 -16.94
C PRO A 11 -9.82 -0.61 -16.45
N ASP A 12 -11.08 -0.38 -16.76
CA ASP A 12 -11.75 0.86 -16.36
C ASP A 12 -12.43 0.68 -15.01
N GLN A 13 -13.32 -0.31 -14.93
CA GLN A 13 -13.99 -0.60 -13.68
C GLN A 13 -12.95 -0.85 -12.59
N LEU A 14 -11.84 -1.46 -12.99
CA LEU A 14 -10.74 -1.72 -12.08
C LEU A 14 -10.09 -0.42 -11.70
N TYR A 15 -9.51 0.25 -12.69
CA TYR A 15 -8.81 1.50 -12.46
C TYR A 15 -9.49 2.34 -11.39
N SER A 16 -10.71 2.76 -11.61
CA SER A 16 -11.36 3.59 -10.61
C SER A 16 -11.79 2.83 -9.36
N THR A 17 -12.00 1.52 -9.44
CA THR A 17 -12.30 0.75 -8.26
C THR A 17 -11.09 0.83 -7.37
N LEU A 18 -9.97 0.58 -8.01
CA LEU A 18 -8.67 0.61 -7.41
C LEU A 18 -8.30 2.05 -7.07
N LYS A 19 -8.86 2.97 -7.85
CA LYS A 19 -8.63 4.39 -7.66
C LYS A 19 -9.36 4.88 -6.43
N SER A 20 -10.56 4.36 -6.22
CA SER A 20 -11.36 4.72 -5.07
C SER A 20 -10.85 3.95 -3.86
N ILE A 21 -10.39 2.73 -4.10
CA ILE A 21 -9.83 1.92 -3.04
C ILE A 21 -8.59 2.57 -2.51
N LEU A 22 -7.57 2.64 -3.37
CA LEU A 22 -6.31 3.29 -3.03
C LEU A 22 -6.62 4.57 -2.28
N GLN A 23 -7.52 5.35 -2.88
CA GLN A 23 -7.97 6.60 -2.30
C GLN A 23 -8.25 6.43 -0.82
N GLN A 24 -9.06 5.41 -0.51
CA GLN A 24 -9.43 5.10 0.85
C GLN A 24 -8.30 4.51 1.67
N VAL A 25 -7.53 3.59 1.10
CA VAL A 25 -6.43 2.98 1.82
C VAL A 25 -5.54 4.09 2.36
N LYS A 26 -5.18 5.02 1.50
CA LYS A 26 -4.37 6.15 1.89
C LYS A 26 -5.16 6.99 2.88
N SER A 27 -6.47 7.01 2.68
CA SER A 27 -7.37 7.73 3.56
C SER A 27 -7.34 7.08 4.92
N HIS A 28 -6.96 5.80 4.91
CA HIS A 28 -6.84 5.03 6.13
C HIS A 28 -5.53 5.40 6.81
N GLN A 29 -5.64 5.91 8.04
CA GLN A 29 -4.48 6.34 8.81
C GLN A 29 -3.25 5.46 8.58
N SER A 30 -3.45 4.16 8.71
CA SER A 30 -2.39 3.17 8.57
C SER A 30 -1.58 3.32 7.29
N ALA A 31 -2.19 3.93 6.30
CA ALA A 31 -1.54 4.12 5.02
C ALA A 31 -0.83 5.45 4.98
N TRP A 32 -0.48 5.95 6.17
CA TRP A 32 0.21 7.22 6.30
C TRP A 32 1.61 7.21 5.68
N PRO A 33 2.35 6.08 5.71
CA PRO A 33 3.67 6.04 5.10
C PRO A 33 3.61 5.60 3.65
N PHE A 34 2.83 4.57 3.39
CA PHE A 34 2.70 4.04 2.05
C PHE A 34 2.33 5.16 1.09
N MET A 35 1.38 5.98 1.49
CA MET A 35 0.91 7.06 0.64
C MET A 35 2.06 7.91 0.14
N GLU A 36 3.07 8.11 0.97
CA GLU A 36 4.19 8.94 0.54
C GLU A 36 5.47 8.14 0.38
N PRO A 37 6.34 8.59 -0.54
CA PRO A 37 7.62 7.97 -0.84
C PRO A 37 8.72 8.45 0.09
N VAL A 38 9.26 7.52 0.83
CA VAL A 38 10.32 7.80 1.79
C VAL A 38 11.46 8.57 1.12
N LYS A 39 12.23 9.31 1.93
CA LYS A 39 13.32 10.13 1.40
C LYS A 39 14.55 9.30 1.05
N ARG A 40 14.42 7.99 1.17
CA ARG A 40 15.51 7.07 0.84
C ARG A 40 16.71 7.23 1.78
N THR A 41 16.60 8.11 2.77
CA THR A 41 17.71 8.31 3.70
C THR A 41 17.28 8.68 5.10
N GLU A 42 16.16 9.39 5.23
CA GLU A 42 15.69 9.75 6.57
C GLU A 42 15.33 8.45 7.21
N ALA A 43 15.06 7.54 6.29
CA ALA A 43 14.72 6.18 6.58
C ALA A 43 15.96 5.39 7.00
N PRO A 44 15.92 4.85 8.22
CA PRO A 44 17.04 4.05 8.77
C PRO A 44 17.42 2.88 7.88
N GLY A 45 18.30 3.14 6.90
CA GLY A 45 18.72 2.10 5.99
C GLY A 45 17.54 1.38 5.39
N TYR A 46 16.58 2.16 4.90
CA TYR A 46 15.35 1.64 4.31
C TYR A 46 15.54 1.16 2.88
N TYR A 47 15.87 2.06 1.96
CA TYR A 47 16.05 1.67 0.58
C TYR A 47 17.10 0.57 0.43
N GLU A 48 17.93 0.39 1.46
CA GLU A 48 18.94 -0.66 1.45
C GLU A 48 18.26 -2.02 1.60
N VAL A 49 17.24 -2.07 2.44
CA VAL A 49 16.45 -3.27 2.68
C VAL A 49 15.32 -3.32 1.69
N ILE A 50 14.62 -2.22 1.64
CA ILE A 50 13.48 -2.04 0.80
C ILE A 50 13.90 -1.86 -0.66
N ARG A 51 14.16 -2.98 -1.29
CA ARG A 51 14.54 -3.00 -2.69
C ARG A 51 13.27 -2.88 -3.53
N PHE A 52 12.13 -2.90 -2.83
CA PHE A 52 10.83 -2.80 -3.48
C PHE A 52 9.90 -1.88 -2.70
N PRO A 53 10.22 -0.57 -2.71
CA PRO A 53 9.43 0.42 -2.03
C PRO A 53 8.34 1.01 -2.90
N MET A 54 7.12 0.60 -2.63
CA MET A 54 5.98 1.11 -3.37
C MET A 54 5.15 1.97 -2.45
N ASP A 55 4.64 3.04 -3.00
CA ASP A 55 3.86 3.99 -2.25
C ASP A 55 2.52 4.20 -2.92
N LEU A 56 1.48 4.33 -2.11
CA LEU A 56 0.13 4.54 -2.60
C LEU A 56 0.09 5.69 -3.58
N LYS A 57 1.02 6.63 -3.41
CA LYS A 57 1.09 7.77 -4.32
C LYS A 57 1.36 7.26 -5.73
N THR A 58 2.50 6.56 -5.88
CA THR A 58 2.89 5.97 -7.15
C THR A 58 1.82 5.01 -7.62
N MET A 59 1.13 4.43 -6.66
CA MET A 59 0.08 3.47 -6.93
C MET A 59 -1.09 4.13 -7.64
N SER A 60 -1.62 5.18 -7.03
CA SER A 60 -2.75 5.89 -7.61
C SER A 60 -2.30 6.73 -8.80
N GLU A 61 -0.99 7.01 -8.88
CA GLU A 61 -0.44 7.77 -9.99
C GLU A 61 -0.21 6.85 -11.17
N ARG A 62 0.19 5.60 -10.88
CA ARG A 62 0.37 4.60 -11.92
C ARG A 62 -1.01 4.23 -12.38
N LEU A 63 -1.84 4.00 -11.37
CA LEU A 63 -3.24 3.69 -11.54
C LEU A 63 -3.87 4.80 -12.37
N LYS A 64 -3.40 6.01 -12.10
CA LYS A 64 -3.84 7.22 -12.80
C LYS A 64 -3.52 7.13 -14.24
N ASN A 65 -2.26 6.84 -14.48
CA ASN A 65 -1.73 6.75 -15.81
C ASN A 65 -2.30 5.54 -16.56
N ARG A 66 -3.24 4.86 -15.92
CA ARG A 66 -3.91 3.70 -16.49
C ARG A 66 -2.99 2.50 -16.49
N TYR A 67 -2.38 2.29 -15.33
CA TYR A 67 -1.47 1.17 -15.12
C TYR A 67 -2.16 0.04 -14.38
N TYR A 68 -3.19 0.36 -13.62
CA TYR A 68 -3.92 -0.66 -12.86
C TYR A 68 -4.96 -1.33 -13.73
N VAL A 69 -4.54 -1.72 -14.93
CA VAL A 69 -5.41 -2.40 -15.87
C VAL A 69 -5.63 -3.85 -15.46
N SER A 70 -5.08 -4.21 -14.31
CA SER A 70 -5.22 -5.57 -13.80
C SER A 70 -5.55 -5.57 -12.33
N LYS A 71 -6.35 -6.54 -11.92
CA LYS A 71 -6.77 -6.65 -10.53
C LYS A 71 -5.58 -6.66 -9.58
N LYS A 72 -4.71 -7.63 -9.75
CA LYS A 72 -3.58 -7.73 -8.87
C LYS A 72 -2.54 -6.65 -9.10
N LEU A 73 -2.36 -6.17 -10.33
CA LEU A 73 -1.39 -5.09 -10.54
C LEU A 73 -1.53 -4.13 -9.39
N PHE A 74 -2.75 -3.65 -9.28
CA PHE A 74 -3.15 -2.79 -8.20
C PHE A 74 -2.66 -3.39 -6.91
N MET A 75 -3.02 -4.65 -6.71
CA MET A 75 -2.61 -5.33 -5.49
C MET A 75 -1.11 -5.39 -5.33
N ALA A 76 -0.42 -6.11 -6.21
CA ALA A 76 1.03 -6.22 -6.13
C ALA A 76 1.64 -4.91 -5.74
N ASP A 77 0.97 -3.82 -6.08
CA ASP A 77 1.46 -2.50 -5.76
C ASP A 77 1.06 -2.12 -4.34
N LEU A 78 -0.22 -2.31 -4.02
CA LEU A 78 -0.71 -2.03 -2.68
C LEU A 78 -0.13 -3.07 -1.75
N GLN A 79 -0.41 -4.32 -2.09
CA GLN A 79 0.13 -5.43 -1.34
C GLN A 79 1.61 -5.15 -1.12
N ARG A 80 2.26 -4.60 -2.16
CA ARG A 80 3.67 -4.24 -2.08
C ARG A 80 3.93 -3.19 -1.00
N VAL A 81 3.20 -2.06 -1.01
CA VAL A 81 3.41 -1.04 0.00
C VAL A 81 3.49 -1.70 1.37
N PHE A 82 2.60 -2.64 1.59
CA PHE A 82 2.57 -3.37 2.82
C PHE A 82 3.85 -4.21 2.94
N THR A 83 4.22 -4.89 1.84
CA THR A 83 5.40 -5.75 1.82
C THR A 83 6.63 -5.03 2.34
N ASN A 84 6.96 -3.88 1.76
CA ASN A 84 8.14 -3.13 2.19
C ASN A 84 8.02 -2.77 3.66
N CYS A 85 6.86 -2.26 4.07
CA CYS A 85 6.67 -1.91 5.46
C CYS A 85 6.91 -3.15 6.32
N LYS A 86 6.51 -4.29 5.80
CA LYS A 86 6.69 -5.55 6.51
C LYS A 86 8.10 -6.10 6.31
N GLU A 87 8.76 -5.63 5.26
CA GLU A 87 10.10 -6.07 4.91
C GLU A 87 11.13 -5.60 5.93
N TYR A 88 11.09 -4.32 6.25
CA TYR A 88 12.04 -3.74 7.18
C TYR A 88 11.37 -3.21 8.42
N ASN A 89 10.46 -2.28 8.21
CA ASN A 89 9.73 -1.66 9.30
C ASN A 89 9.09 -2.71 10.21
N PRO A 90 9.41 -2.71 11.52
CA PRO A 90 8.85 -3.67 12.48
C PRO A 90 7.33 -3.54 12.65
N PRO A 91 6.67 -4.63 13.07
CA PRO A 91 5.23 -4.62 13.35
C PRO A 91 4.99 -3.85 14.63
N GLU A 92 6.10 -3.44 15.25
CA GLU A 92 6.11 -2.70 16.48
C GLU A 92 6.39 -1.22 16.24
N SER A 93 6.84 -0.88 15.03
CA SER A 93 7.18 0.50 14.70
C SER A 93 5.99 1.28 14.14
N GLU A 94 4.78 0.76 14.33
CA GLU A 94 3.58 1.44 13.83
C GLU A 94 3.55 1.45 12.30
N TYR A 95 4.68 1.12 11.68
CA TYR A 95 4.79 1.09 10.24
C TYR A 95 4.20 -0.19 9.67
N TYR A 96 4.84 -1.29 10.03
CA TYR A 96 4.40 -2.59 9.57
C TYR A 96 2.96 -2.83 10.00
N LYS A 97 2.69 -2.73 11.29
CA LYS A 97 1.34 -2.97 11.78
C LYS A 97 0.34 -2.21 10.94
N CYS A 98 0.66 -0.97 10.64
CA CYS A 98 -0.18 -0.13 9.80
C CYS A 98 -0.50 -0.86 8.50
N ALA A 99 0.51 -1.51 7.96
CA ALA A 99 0.35 -2.30 6.75
C ALA A 99 -0.79 -3.27 6.97
N ASN A 100 -0.69 -4.02 8.04
CA ASN A 100 -1.70 -5.00 8.40
C ASN A 100 -3.03 -4.34 8.74
N ILE A 101 -2.99 -3.13 9.31
CA ILE A 101 -4.23 -2.44 9.68
C ILE A 101 -5.01 -2.05 8.43
N LEU A 102 -4.42 -1.19 7.62
CA LEU A 102 -5.06 -0.79 6.39
C LEU A 102 -5.25 -2.03 5.53
N GLU A 103 -4.22 -2.84 5.33
CA GLU A 103 -4.35 -4.05 4.52
C GLU A 103 -5.66 -4.77 4.85
N LYS A 104 -6.04 -4.74 6.14
CA LYS A 104 -7.28 -5.35 6.58
C LYS A 104 -8.44 -4.59 5.93
N PHE A 105 -8.45 -3.27 6.11
CA PHE A 105 -9.45 -2.41 5.48
C PHE A 105 -9.40 -2.65 3.98
N PHE A 106 -8.22 -2.36 3.44
CA PHE A 106 -7.90 -2.57 2.05
C PHE A 106 -8.46 -3.90 1.57
N PHE A 107 -8.39 -4.90 2.45
CA PHE A 107 -8.89 -6.23 2.13
C PHE A 107 -10.40 -6.21 1.91
N SER A 108 -11.12 -5.56 2.80
CA SER A 108 -12.56 -5.49 2.65
C SER A 108 -12.89 -4.70 1.40
N LYS A 109 -12.00 -3.78 1.06
CA LYS A 109 -12.18 -2.93 -0.11
C LYS A 109 -12.13 -3.77 -1.39
N ILE A 110 -11.04 -4.50 -1.55
CA ILE A 110 -10.84 -5.34 -2.72
C ILE A 110 -11.87 -6.44 -2.84
N LYS A 111 -11.93 -7.29 -1.83
CA LYS A 111 -12.86 -8.40 -1.84
C LYS A 111 -14.28 -7.90 -2.08
N GLU A 112 -14.54 -6.65 -1.70
CA GLU A 112 -15.84 -6.05 -1.93
C GLU A 112 -15.89 -5.54 -3.36
N ALA A 113 -14.73 -5.06 -3.81
CA ALA A 113 -14.59 -4.55 -5.15
C ALA A 113 -14.24 -5.69 -6.10
N GLY A 114 -14.51 -6.92 -5.64
CA GLY A 114 -14.23 -8.11 -6.42
C GLY A 114 -12.79 -8.18 -6.87
N LEU A 115 -11.98 -7.27 -6.35
CA LEU A 115 -10.59 -7.17 -6.70
C LEU A 115 -9.80 -8.42 -6.28
N ILE A 116 -9.25 -8.36 -5.07
CA ILE A 116 -8.45 -9.43 -4.49
C ILE A 116 -8.78 -10.81 -5.06
N ASP A 117 -7.74 -11.58 -5.34
CA ASP A 117 -7.88 -12.92 -5.90
C ASP A 117 -7.37 -13.96 -4.91
N LYS A 118 -6.38 -13.57 -4.10
CA LYS A 118 -5.81 -14.48 -3.11
C LYS A 118 -6.89 -15.10 -2.24
N ALA B 1 30.92 8.69 6.99
CA ALA B 1 30.03 9.06 8.12
C ALA B 1 29.61 10.51 8.04
N ARG B 2 28.29 10.73 7.92
CA ARG B 2 27.75 12.08 7.82
C ARG B 2 27.44 12.64 9.22
N THR B 3 28.44 12.61 10.10
CA THR B 3 28.29 13.11 11.45
C THR B 3 27.18 12.36 12.20
N LYS B 4 26.87 11.16 11.71
CA LYS B 4 25.83 10.33 12.32
C LYS B 4 24.50 11.06 12.37
N GLN B 5 23.67 10.86 11.35
CA GLN B 5 22.36 11.49 11.28
C GLN B 5 21.27 10.54 11.77
N THR B 6 20.35 11.06 12.58
CA THR B 6 19.26 10.26 13.11
C THR B 6 18.22 9.95 12.04
N ALA B 7 17.96 8.65 11.85
CA ALA B 7 16.98 8.20 10.86
C ALA B 7 15.57 8.17 11.46
N ARG B 8 15.24 7.07 12.12
CA ARG B 8 13.92 6.91 12.74
C ARG B 8 12.80 7.04 11.71
N SER B 10 11.95 9.59 9.69
CA SER B 10 11.23 10.85 9.89
C SER B 10 10.34 11.19 8.70
N THR B 11 9.99 12.47 8.58
CA THR B 11 9.15 12.94 7.49
C THR B 11 7.84 12.16 7.42
N GLY B 12 7.23 11.94 8.58
CA GLY B 12 5.98 11.20 8.63
C GLY B 12 5.59 10.82 10.04
N GLY B 13 6.58 10.57 10.89
CA GLY B 13 6.32 10.21 12.26
C GLY B 13 7.03 8.92 12.66
N LYS B 14 6.54 8.29 13.72
CA LYS B 14 7.12 7.04 14.20
C LYS B 14 6.19 6.35 15.19
N ALA B 15 6.66 5.25 15.78
CA ALA B 15 5.87 4.50 16.74
C ALA B 15 5.43 5.38 17.90
N GLY A 1 -23.01 -19.02 -1.64
CA GLY A 1 -24.13 -18.55 -2.51
C GLY A 1 -24.06 -19.13 -3.90
N SER A 2 -24.71 -18.47 -4.86
CA SER A 2 -24.73 -18.93 -6.24
C SER A 2 -23.59 -18.27 -7.04
N HIS A 3 -23.04 -17.18 -6.49
CA HIS A 3 -21.96 -16.46 -7.14
C HIS A 3 -20.62 -16.82 -6.53
N MET A 4 -19.89 -17.72 -7.19
CA MET A 4 -18.58 -18.14 -6.70
C MET A 4 -17.52 -17.09 -7.01
N SER A 5 -16.83 -16.62 -5.97
CA SER A 5 -15.80 -15.60 -6.12
C SER A 5 -16.36 -14.31 -6.71
N LYS A 6 -15.51 -13.30 -6.83
CA LYS A 6 -15.91 -12.02 -7.38
C LYS A 6 -14.81 -11.42 -8.24
N GLU A 7 -15.20 -10.84 -9.37
CA GLU A 7 -14.24 -10.24 -10.30
C GLU A 7 -14.75 -8.90 -10.83
N PRO A 8 -13.87 -7.88 -10.90
CA PRO A 8 -14.24 -6.55 -11.39
C PRO A 8 -14.12 -6.46 -12.91
N ARG A 9 -12.99 -6.92 -13.42
CA ARG A 9 -12.72 -6.94 -14.86
C ARG A 9 -12.65 -5.54 -15.45
N ASP A 10 -12.18 -5.46 -16.69
CA ASP A 10 -12.04 -4.19 -17.41
C ASP A 10 -10.98 -3.32 -16.75
N PRO A 11 -10.17 -2.60 -17.56
CA PRO A 11 -9.11 -1.74 -17.04
C PRO A 11 -9.67 -0.44 -16.48
N ASP A 12 -10.92 -0.15 -16.82
CA ASP A 12 -11.58 1.06 -16.35
C ASP A 12 -12.28 0.79 -15.02
N GLN A 13 -13.16 -0.21 -15.01
CA GLN A 13 -13.86 -0.57 -13.79
C GLN A 13 -12.86 -0.79 -12.67
N LEU A 14 -11.77 -1.46 -13.02
CA LEU A 14 -10.68 -1.73 -12.08
C LEU A 14 -10.00 -0.43 -11.71
N TYR A 15 -9.42 0.23 -12.69
CA TYR A 15 -8.71 1.47 -12.45
C TYR A 15 -9.38 2.30 -11.38
N SER A 16 -10.61 2.74 -11.60
CA SER A 16 -11.25 3.56 -10.58
C SER A 16 -11.72 2.79 -9.35
N THR A 17 -11.91 1.48 -9.48
CA THR A 17 -12.22 0.66 -8.32
C THR A 17 -11.02 0.75 -7.42
N LEU A 18 -9.92 0.39 -8.02
CA LEU A 18 -8.62 0.41 -7.41
C LEU A 18 -8.24 1.84 -7.05
N LYS A 19 -8.76 2.79 -7.82
CA LYS A 19 -8.49 4.20 -7.60
C LYS A 19 -9.22 4.68 -6.36
N SER A 20 -10.46 4.26 -6.22
CA SER A 20 -11.27 4.62 -5.07
C SER A 20 -10.73 3.89 -3.84
N ILE A 21 -10.28 2.66 -4.06
CA ILE A 21 -9.72 1.87 -2.98
C ILE A 21 -8.46 2.54 -2.48
N LEU A 22 -7.44 2.58 -3.33
CA LEU A 22 -6.17 3.22 -3.00
C LEU A 22 -6.47 4.53 -2.28
N GLN A 23 -7.47 5.22 -2.81
CA GLN A 23 -7.93 6.49 -2.25
C GLN A 23 -8.15 6.39 -0.74
N GLN A 24 -8.99 5.44 -0.34
CA GLN A 24 -9.30 5.26 1.08
C GLN A 24 -8.15 4.60 1.83
N VAL A 25 -7.50 3.60 1.23
CA VAL A 25 -6.37 2.95 1.90
C VAL A 25 -5.44 4.04 2.41
N LYS A 26 -5.13 4.96 1.51
CA LYS A 26 -4.29 6.09 1.83
C LYS A 26 -4.96 6.90 2.92
N SER A 27 -6.28 6.96 2.82
CA SER A 27 -7.11 7.69 3.76
C SER A 27 -7.33 6.88 5.05
N HIS A 28 -6.92 5.60 5.01
CA HIS A 28 -7.10 4.72 6.17
C HIS A 28 -6.08 4.97 7.27
N GLN A 29 -5.41 6.12 7.23
CA GLN A 29 -4.40 6.46 8.23
C GLN A 29 -3.16 5.58 8.09
N SER A 30 -3.32 4.28 8.38
CA SER A 30 -2.22 3.32 8.31
C SER A 30 -1.35 3.55 7.09
N ALA A 31 -2.01 3.94 6.03
CA ALA A 31 -1.35 4.15 4.76
C ALA A 31 -0.68 5.50 4.71
N TRP A 32 -0.35 6.01 5.89
CA TRP A 32 0.28 7.31 6.02
C TRP A 32 1.70 7.32 5.43
N PRO A 33 2.48 6.21 5.51
CA PRO A 33 3.81 6.19 4.92
C PRO A 33 3.77 5.68 3.49
N PHE A 34 3.00 4.63 3.27
CA PHE A 34 2.88 4.05 1.94
C PHE A 34 2.45 5.13 0.96
N MET A 35 1.58 6.03 1.42
CA MET A 35 1.08 7.08 0.56
C MET A 35 2.19 8.01 0.11
N GLU A 36 2.83 8.69 1.05
CA GLU A 36 3.90 9.61 0.71
C GLU A 36 5.21 8.89 0.47
N PRO A 37 6.07 9.50 -0.36
CA PRO A 37 7.37 8.95 -0.72
C PRO A 37 8.44 9.23 0.33
N VAL A 38 8.98 8.16 0.88
CA VAL A 38 10.03 8.24 1.89
C VAL A 38 11.19 9.09 1.38
N LYS A 39 12.07 9.55 2.29
CA LYS A 39 13.19 10.39 1.89
C LYS A 39 14.32 9.57 1.27
N ARG A 40 14.18 8.25 1.33
CA ARG A 40 15.18 7.33 0.78
C ARG A 40 16.47 7.34 1.63
N THR A 41 16.65 8.39 2.44
CA THR A 41 17.84 8.48 3.29
C THR A 41 17.47 8.68 4.74
N GLU A 42 16.42 9.47 4.99
CA GLU A 42 15.94 9.68 6.34
C GLU A 42 15.44 8.32 6.81
N ALA A 43 15.34 7.47 5.80
CA ALA A 43 14.93 6.11 5.91
C ALA A 43 16.11 5.20 6.26
N PRO A 44 16.08 4.61 7.46
CA PRO A 44 17.16 3.72 7.95
C PRO A 44 17.45 2.57 7.00
N GLY A 45 18.50 2.73 6.19
CA GLY A 45 18.89 1.70 5.24
C GLY A 45 17.71 1.20 4.44
N TYR A 46 16.70 2.04 4.32
CA TYR A 46 15.47 1.71 3.60
C TYR A 46 15.71 0.99 2.29
N TYR A 47 16.36 1.62 1.34
CA TYR A 47 16.59 0.97 0.05
C TYR A 47 17.43 -0.32 0.18
N GLU A 48 18.13 -0.47 1.30
CA GLU A 48 18.96 -1.67 1.52
C GLU A 48 18.09 -2.87 1.84
N VAL A 49 17.04 -2.61 2.59
CA VAL A 49 16.08 -3.62 3.00
C VAL A 49 14.95 -3.68 2.03
N ILE A 50 14.59 -2.51 1.58
CA ILE A 50 13.51 -2.34 0.65
C ILE A 50 13.98 -2.55 -0.78
N ARG A 51 14.05 -3.81 -1.16
CA ARG A 51 14.46 -4.19 -2.49
C ARG A 51 13.26 -4.04 -3.44
N PHE A 52 12.11 -3.72 -2.85
CA PHE A 52 10.87 -3.54 -3.58
C PHE A 52 10.06 -2.40 -2.96
N PRO A 53 10.50 -1.15 -3.19
CA PRO A 53 9.84 0.03 -2.65
C PRO A 53 8.68 0.53 -3.49
N MET A 54 7.50 0.55 -2.90
CA MET A 54 6.31 1.05 -3.57
C MET A 54 5.52 1.91 -2.60
N ASP A 55 4.84 2.89 -3.16
CA ASP A 55 4.06 3.82 -2.38
C ASP A 55 2.73 4.08 -3.06
N LEU A 56 1.68 4.15 -2.25
CA LEU A 56 0.33 4.39 -2.73
C LEU A 56 0.30 5.53 -3.73
N LYS A 57 1.22 6.49 -3.57
CA LYS A 57 1.30 7.61 -4.50
C LYS A 57 1.56 7.07 -5.90
N THR A 58 2.67 6.34 -6.03
CA THR A 58 3.06 5.73 -7.30
C THR A 58 1.98 4.76 -7.74
N MET A 59 1.30 4.17 -6.77
CA MET A 59 0.24 3.23 -7.03
C MET A 59 -0.90 3.91 -7.76
N SER A 60 -1.42 4.97 -7.17
CA SER A 60 -2.52 5.71 -7.76
C SER A 60 -2.04 6.54 -8.94
N GLU A 61 -0.73 6.76 -9.03
CA GLU A 61 -0.16 7.49 -10.15
C GLU A 61 -0.03 6.56 -11.34
N ARG A 62 0.36 5.31 -11.06
CA ARG A 62 0.45 4.30 -12.11
C ARG A 62 -0.97 4.01 -12.54
N LEU A 63 -1.75 3.74 -11.52
CA LEU A 63 -3.17 3.49 -11.63
C LEU A 63 -3.82 4.59 -12.47
N LYS A 64 -3.49 5.84 -12.11
CA LYS A 64 -3.97 7.02 -12.81
C LYS A 64 -3.55 7.00 -14.26
N ASN A 65 -2.29 6.67 -14.50
CA ASN A 65 -1.76 6.59 -15.84
C ASN A 65 -2.40 5.40 -16.56
N ARG A 66 -3.27 4.71 -15.83
CA ARG A 66 -4.00 3.56 -16.33
C ARG A 66 -3.08 2.35 -16.40
N TYR A 67 -2.37 2.15 -15.31
CA TYR A 67 -1.44 1.04 -15.18
C TYR A 67 -2.10 -0.11 -14.45
N TYR A 68 -3.12 0.20 -13.64
CA TYR A 68 -3.82 -0.83 -12.90
C TYR A 68 -4.86 -1.51 -13.79
N VAL A 69 -4.38 -1.94 -14.94
CA VAL A 69 -5.18 -2.63 -15.93
C VAL A 69 -5.53 -4.03 -15.47
N SER A 70 -5.03 -4.39 -14.30
CA SER A 70 -5.29 -5.72 -13.75
C SER A 70 -5.55 -5.63 -12.26
N LYS A 71 -6.54 -6.36 -11.80
CA LYS A 71 -6.90 -6.36 -10.39
C LYS A 71 -5.68 -6.56 -9.51
N LYS A 72 -4.84 -7.52 -9.86
CA LYS A 72 -3.67 -7.77 -9.06
C LYS A 72 -2.58 -6.73 -9.23
N LEU A 73 -2.36 -6.20 -10.43
CA LEU A 73 -1.32 -5.16 -10.57
C LEU A 73 -1.46 -4.23 -9.40
N PHE A 74 -2.67 -3.72 -9.29
CA PHE A 74 -3.07 -2.88 -8.21
C PHE A 74 -2.60 -3.50 -6.92
N MET A 75 -2.98 -4.74 -6.75
CA MET A 75 -2.64 -5.48 -5.56
C MET A 75 -1.14 -5.59 -5.34
N ALA A 76 -0.44 -6.28 -6.23
CA ALA A 76 0.99 -6.44 -6.10
C ALA A 76 1.63 -5.14 -5.70
N ASP A 77 0.97 -4.04 -6.04
CA ASP A 77 1.48 -2.72 -5.73
C ASP A 77 1.09 -2.33 -4.31
N LEU A 78 -0.19 -2.48 -3.99
CA LEU A 78 -0.67 -2.16 -2.65
C LEU A 78 -0.09 -3.18 -1.71
N GLN A 79 -0.33 -4.44 -2.03
CA GLN A 79 0.20 -5.53 -1.26
C GLN A 79 1.68 -5.25 -1.05
N ARG A 80 2.33 -4.76 -2.11
CA ARG A 80 3.73 -4.39 -2.06
C ARG A 80 4.00 -3.33 -0.99
N VAL A 81 3.27 -2.22 -1.03
CA VAL A 81 3.48 -1.17 -0.03
C VAL A 81 3.53 -1.79 1.35
N PHE A 82 2.62 -2.73 1.57
CA PHE A 82 2.57 -3.44 2.83
C PHE A 82 3.84 -4.27 3.00
N THR A 83 4.29 -4.91 1.90
CA THR A 83 5.49 -5.74 1.94
C THR A 83 6.70 -4.97 2.42
N ASN A 84 7.04 -3.88 1.71
CA ASN A 84 8.19 -3.06 2.09
C ASN A 84 8.03 -2.58 3.52
N CYS A 85 6.80 -2.27 3.90
CA CYS A 85 6.53 -1.82 5.26
C CYS A 85 7.00 -2.89 6.23
N LYS A 86 6.46 -4.10 6.07
CA LYS A 86 6.84 -5.22 6.91
C LYS A 86 8.28 -5.64 6.64
N GLU A 87 8.82 -5.23 5.50
CA GLU A 87 10.18 -5.56 5.09
C GLU A 87 11.23 -4.80 5.86
N TYR A 88 10.95 -3.53 6.12
CA TYR A 88 11.91 -2.65 6.76
C TYR A 88 11.49 -2.26 8.15
N ASN A 89 10.19 -2.19 8.34
CA ASN A 89 9.64 -1.78 9.61
C ASN A 89 9.29 -2.96 10.51
N PRO A 90 9.56 -2.84 11.82
CA PRO A 90 9.27 -3.88 12.81
C PRO A 90 7.78 -3.99 13.10
N PRO A 91 7.27 -5.21 13.33
CA PRO A 91 5.85 -5.43 13.64
C PRO A 91 5.39 -4.56 14.80
N GLU A 92 6.34 -4.17 15.63
CA GLU A 92 6.07 -3.32 16.78
C GLU A 92 5.84 -1.87 16.34
N SER A 93 6.63 -1.41 15.37
CA SER A 93 6.50 -0.04 14.86
C SER A 93 5.12 0.18 14.27
N GLU A 94 4.50 1.29 14.65
CA GLU A 94 3.18 1.65 14.14
C GLU A 94 3.15 1.57 12.62
N TYR A 95 4.34 1.53 12.03
CA TYR A 95 4.51 1.46 10.60
C TYR A 95 4.00 0.13 10.08
N TYR A 96 4.67 -0.92 10.49
CA TYR A 96 4.32 -2.25 10.08
C TYR A 96 2.85 -2.50 10.37
N LYS A 97 2.49 -2.43 11.64
CA LYS A 97 1.11 -2.69 12.05
C LYS A 97 0.15 -2.02 11.10
N CYS A 98 0.38 -0.73 10.88
CA CYS A 98 -0.43 0.05 9.95
C CYS A 98 -0.68 -0.76 8.69
N ALA A 99 0.40 -1.25 8.11
CA ALA A 99 0.32 -2.07 6.91
C ALA A 99 -0.76 -3.10 7.09
N ASN A 100 -0.73 -3.76 8.24
CA ASN A 100 -1.69 -4.78 8.59
C ASN A 100 -3.06 -4.16 8.89
N ILE A 101 -3.07 -2.94 9.44
CA ILE A 101 -4.31 -2.27 9.79
C ILE A 101 -5.11 -1.97 8.53
N LEU A 102 -4.51 -1.17 7.67
CA LEU A 102 -5.14 -0.81 6.44
C LEU A 102 -5.31 -2.08 5.60
N GLU A 103 -4.25 -2.88 5.45
CA GLU A 103 -4.36 -4.11 4.67
C GLU A 103 -5.68 -4.81 4.99
N LYS A 104 -6.09 -4.77 6.26
CA LYS A 104 -7.35 -5.35 6.69
C LYS A 104 -8.49 -4.60 6.00
N PHE A 105 -8.52 -3.28 6.17
CA PHE A 105 -9.52 -2.45 5.50
C PHE A 105 -9.45 -2.72 4.01
N PHE A 106 -8.25 -2.46 3.49
CA PHE A 106 -7.91 -2.71 2.10
C PHE A 106 -8.48 -4.06 1.66
N PHE A 107 -8.43 -5.04 2.57
CA PHE A 107 -8.92 -6.38 2.29
C PHE A 107 -10.44 -6.41 2.07
N SER A 108 -11.17 -5.65 2.86
CA SER A 108 -12.62 -5.62 2.71
C SER A 108 -12.98 -4.82 1.48
N LYS A 109 -12.13 -3.85 1.15
CA LYS A 109 -12.34 -3.00 -0.02
C LYS A 109 -12.28 -3.82 -1.28
N ILE A 110 -11.16 -4.50 -1.44
CA ILE A 110 -10.91 -5.34 -2.59
C ILE A 110 -11.90 -6.48 -2.69
N LYS A 111 -11.95 -7.26 -1.64
CA LYS A 111 -12.87 -8.38 -1.54
C LYS A 111 -14.26 -7.95 -1.95
N GLU A 112 -14.55 -6.69 -1.67
CA GLU A 112 -15.83 -6.10 -2.02
C GLU A 112 -15.78 -5.57 -3.45
N ALA A 113 -14.59 -5.17 -3.86
CA ALA A 113 -14.36 -4.64 -5.19
C ALA A 113 -13.93 -5.74 -6.16
N GLY A 114 -14.24 -6.99 -5.80
CA GLY A 114 -13.90 -8.14 -6.62
C GLY A 114 -12.43 -8.20 -6.98
N LEU A 115 -11.62 -7.39 -6.30
CA LEU A 115 -10.20 -7.32 -6.56
C LEU A 115 -9.47 -8.59 -6.10
N ILE A 116 -9.09 -8.57 -4.83
CA ILE A 116 -8.36 -9.66 -4.20
C ILE A 116 -8.75 -11.05 -4.73
N ASP A 117 -7.74 -11.89 -4.89
CA ASP A 117 -7.93 -13.25 -5.38
C ASP A 117 -7.03 -14.21 -4.62
N LYS A 118 -5.87 -13.69 -4.18
CA LYS A 118 -4.91 -14.49 -3.42
C LYS A 118 -4.55 -15.77 -4.17
N ALA B 1 24.89 -1.44 13.37
CA ALA B 1 25.50 -1.20 14.70
C ALA B 1 25.92 0.25 14.86
N ARG B 2 25.65 1.06 13.82
CA ARG B 2 26.00 2.47 13.84
C ARG B 2 24.81 3.32 13.42
N THR B 3 23.71 2.67 13.08
CA THR B 3 22.50 3.36 12.65
C THR B 3 21.79 4.00 13.84
N LYS B 4 20.48 4.22 13.70
CA LYS B 4 19.68 4.82 14.77
C LYS B 4 20.14 6.24 15.07
N GLN B 5 20.71 6.89 14.05
CA GLN B 5 21.20 8.26 14.21
C GLN B 5 20.08 9.27 13.99
N THR B 6 19.79 9.57 12.73
CA THR B 6 18.74 10.51 12.38
C THR B 6 17.62 9.81 11.61
N ALA B 7 17.91 8.59 11.17
CA ALA B 7 16.95 7.79 10.42
C ALA B 7 15.71 7.52 11.26
N ARG B 8 14.55 7.96 10.77
CA ARG B 8 13.29 7.75 11.50
C ARG B 8 12.14 7.44 10.55
N SER B 10 9.81 8.91 9.60
CA SER B 10 8.72 9.84 9.85
C SER B 10 8.84 11.11 9.01
N THR B 11 7.70 11.67 8.64
CA THR B 11 7.66 12.88 7.84
C THR B 11 6.53 13.79 8.30
N GLY B 12 5.64 13.23 9.12
CA GLY B 12 4.51 13.98 9.62
C GLY B 12 4.09 13.54 11.01
N GLY B 13 4.44 12.30 11.37
CA GLY B 13 4.09 11.77 12.67
C GLY B 13 3.86 10.27 12.66
N LYS B 14 4.48 9.57 13.61
CA LYS B 14 4.34 8.12 13.72
C LYS B 14 2.88 7.73 13.96
N ALA B 15 2.56 6.49 13.62
CA ALA B 15 1.21 5.96 13.81
C ALA B 15 0.18 6.77 13.02
N GLY A 1 -16.35 -23.46 -5.04
CA GLY A 1 -15.95 -22.46 -6.07
C GLY A 1 -17.11 -21.61 -6.55
N SER A 2 -18.33 -22.06 -6.26
CA SER A 2 -19.53 -21.35 -6.67
C SER A 2 -19.62 -20.00 -5.97
N HIS A 3 -20.40 -19.09 -6.53
CA HIS A 3 -20.58 -17.76 -5.97
C HIS A 3 -19.24 -17.07 -5.75
N MET A 4 -18.63 -16.63 -6.84
CA MET A 4 -17.33 -15.95 -6.78
C MET A 4 -17.48 -14.47 -7.15
N SER A 5 -17.57 -13.62 -6.14
CA SER A 5 -17.71 -12.19 -6.36
C SER A 5 -16.35 -11.51 -6.45
N LYS A 6 -15.37 -12.23 -7.00
CA LYS A 6 -14.02 -11.71 -7.14
C LYS A 6 -13.62 -11.60 -8.60
N GLU A 7 -14.17 -10.60 -9.30
CA GLU A 7 -13.86 -10.39 -10.71
C GLU A 7 -14.44 -9.06 -11.20
N PRO A 8 -13.64 -7.98 -11.15
CA PRO A 8 -14.07 -6.67 -11.60
C PRO A 8 -13.92 -6.51 -13.10
N ARG A 9 -12.78 -6.94 -13.61
CA ARG A 9 -12.48 -6.88 -15.03
C ARG A 9 -12.52 -5.45 -15.56
N ASP A 10 -12.16 -5.29 -16.83
CA ASP A 10 -12.15 -3.98 -17.48
C ASP A 10 -11.08 -3.09 -16.83
N PRO A 11 -10.32 -2.33 -17.65
CA PRO A 11 -9.27 -1.46 -17.16
C PRO A 11 -9.83 -0.19 -16.51
N ASP A 12 -11.09 0.11 -16.81
CA ASP A 12 -11.75 1.29 -16.28
C ASP A 12 -12.43 0.97 -14.95
N GLN A 13 -13.31 -0.02 -14.96
CA GLN A 13 -14.00 -0.43 -13.75
C GLN A 13 -12.99 -0.66 -12.64
N LEU A 14 -11.90 -1.33 -13.01
CA LEU A 14 -10.82 -1.61 -12.08
C LEU A 14 -10.14 -0.33 -11.69
N TYR A 15 -9.54 0.34 -12.67
CA TYR A 15 -8.82 1.58 -12.42
C TYR A 15 -9.49 2.42 -11.34
N SER A 16 -10.70 2.86 -11.55
CA SER A 16 -11.32 3.70 -10.55
C SER A 16 -11.78 2.94 -9.30
N THR A 17 -12.00 1.63 -9.40
CA THR A 17 -12.31 0.85 -8.22
C THR A 17 -11.11 0.89 -7.33
N LEU A 18 -10.00 0.62 -7.98
CA LEU A 18 -8.69 0.62 -7.38
C LEU A 18 -8.30 2.04 -7.03
N LYS A 19 -8.83 2.98 -7.79
CA LYS A 19 -8.56 4.40 -7.59
C LYS A 19 -9.27 4.88 -6.34
N SER A 20 -10.50 4.41 -6.16
CA SER A 20 -11.28 4.76 -4.99
C SER A 20 -10.79 3.97 -3.81
N ILE A 21 -10.33 2.74 -4.06
CA ILE A 21 -9.80 1.91 -3.01
C ILE A 21 -8.54 2.54 -2.47
N LEU A 22 -7.52 2.63 -3.33
CA LEU A 22 -6.26 3.24 -2.98
C LEU A 22 -6.53 4.51 -2.20
N GLN A 23 -7.49 5.28 -2.72
CA GLN A 23 -7.92 6.51 -2.12
C GLN A 23 -8.22 6.29 -0.64
N GLN A 24 -9.09 5.32 -0.38
CA GLN A 24 -9.51 4.96 0.95
C GLN A 24 -8.40 4.31 1.77
N VAL A 25 -7.60 3.43 1.16
CA VAL A 25 -6.51 2.79 1.90
C VAL A 25 -5.66 3.87 2.52
N LYS A 26 -5.47 4.92 1.75
CA LYS A 26 -4.74 6.08 2.17
C LYS A 26 -5.56 6.78 3.23
N SER A 27 -6.84 6.83 2.95
CA SER A 27 -7.80 7.45 3.86
C SER A 27 -7.95 6.63 5.13
N HIS A 28 -7.39 5.42 5.11
CA HIS A 28 -7.47 4.54 6.26
C HIS A 28 -6.47 4.92 7.35
N GLN A 29 -5.73 6.01 7.11
CA GLN A 29 -4.73 6.49 8.05
C GLN A 29 -3.49 5.59 8.09
N SER A 30 -3.72 4.30 8.32
CA SER A 30 -2.64 3.33 8.41
C SER A 30 -1.74 3.37 7.18
N ALA A 31 -2.24 3.94 6.10
CA ALA A 31 -1.46 4.03 4.89
C ALA A 31 -0.70 5.35 4.87
N TRP A 32 -0.47 5.91 6.06
CA TRP A 32 0.24 7.17 6.19
C TRP A 32 1.65 7.13 5.59
N PRO A 33 2.37 5.98 5.67
CA PRO A 33 3.70 5.90 5.08
C PRO A 33 3.62 5.46 3.63
N PHE A 34 2.50 4.83 3.29
CA PHE A 34 2.26 4.36 1.94
C PHE A 34 1.90 5.53 1.03
N MET A 35 0.85 6.25 1.42
CA MET A 35 0.36 7.38 0.66
C MET A 35 1.50 8.28 0.21
N GLU A 36 2.43 8.55 1.12
CA GLU A 36 3.55 9.41 0.78
C GLU A 36 4.82 8.60 0.53
N PRO A 37 5.39 8.75 -0.67
CA PRO A 37 6.61 8.05 -1.08
C PRO A 37 7.80 8.42 -0.22
N VAL A 38 8.57 7.41 0.16
CA VAL A 38 9.77 7.62 0.96
C VAL A 38 10.81 8.36 0.11
N LYS A 39 11.74 9.04 0.75
CA LYS A 39 12.77 9.78 0.02
C LYS A 39 13.86 8.84 -0.46
N ARG A 40 13.64 7.55 -0.25
CA ARG A 40 14.58 6.52 -0.66
C ARG A 40 15.90 6.60 0.10
N THR A 41 15.99 7.48 1.10
CA THR A 41 17.21 7.60 1.87
C THR A 41 17.04 8.29 3.22
N GLU A 42 16.01 9.12 3.37
CA GLU A 42 15.80 9.77 4.65
C GLU A 42 15.41 8.66 5.58
N ALA A 43 14.70 7.73 4.97
CA ALA A 43 14.25 6.53 5.61
C ALA A 43 15.46 5.73 6.06
N PRO A 44 15.54 5.46 7.37
CA PRO A 44 16.67 4.74 7.99
C PRO A 44 17.07 3.48 7.22
N GLY A 45 18.08 3.61 6.34
CA GLY A 45 18.52 2.47 5.55
C GLY A 45 17.35 1.71 4.98
N TYR A 46 16.48 2.45 4.31
CA TYR A 46 15.25 1.93 3.71
C TYR A 46 15.46 1.26 2.35
N TYR A 47 15.86 2.02 1.34
CA TYR A 47 16.06 1.41 0.03
C TYR A 47 17.14 0.33 0.09
N GLU A 48 17.95 0.36 1.14
CA GLU A 48 19.02 -0.62 1.33
C GLU A 48 18.41 -1.97 1.68
N VAL A 49 17.28 -1.93 2.37
CA VAL A 49 16.57 -3.12 2.78
C VAL A 49 15.44 -3.40 1.82
N ILE A 50 14.67 -2.37 1.60
CA ILE A 50 13.52 -2.40 0.74
C ILE A 50 13.89 -2.50 -0.73
N ARG A 51 14.00 -3.72 -1.21
CA ARG A 51 14.31 -3.97 -2.61
C ARG A 51 13.01 -3.98 -3.40
N PHE A 52 11.91 -3.81 -2.66
CA PHE A 52 10.58 -3.84 -3.25
C PHE A 52 9.68 -2.80 -2.59
N PRO A 53 9.95 -1.50 -2.84
CA PRO A 53 9.18 -0.41 -2.29
C PRO A 53 8.01 0.00 -3.17
N MET A 54 6.93 0.41 -2.53
CA MET A 54 5.74 0.86 -3.24
C MET A 54 4.92 1.74 -2.32
N ASP A 55 4.48 2.86 -2.85
CA ASP A 55 3.70 3.82 -2.09
C ASP A 55 2.42 4.14 -2.83
N LEU A 56 1.31 4.23 -2.10
CA LEU A 56 0.01 4.51 -2.69
C LEU A 56 0.10 5.60 -3.73
N LYS A 57 1.03 6.54 -3.55
CA LYS A 57 1.19 7.61 -4.51
C LYS A 57 1.52 7.03 -5.89
N THR A 58 2.64 6.31 -5.97
CA THR A 58 3.07 5.69 -7.22
C THR A 58 1.99 4.75 -7.71
N MET A 59 1.27 4.20 -6.76
CA MET A 59 0.21 3.27 -7.04
C MET A 59 -0.92 3.95 -7.77
N SER A 60 -1.40 5.05 -7.21
CA SER A 60 -2.47 5.80 -7.82
C SER A 60 -1.94 6.60 -9.00
N GLU A 61 -0.61 6.77 -9.06
CA GLU A 61 0.02 7.46 -10.17
C GLU A 61 0.04 6.52 -11.36
N ARG A 62 0.35 5.25 -11.08
CA ARG A 62 0.36 4.23 -12.12
C ARG A 62 -1.09 4.04 -12.52
N LEU A 63 -1.86 3.73 -11.51
CA LEU A 63 -3.29 3.54 -11.61
C LEU A 63 -3.90 4.65 -12.45
N LYS A 64 -3.53 5.88 -12.11
CA LYS A 64 -3.97 7.08 -12.80
C LYS A 64 -3.54 7.05 -14.25
N ASN A 65 -2.30 6.66 -14.48
CA ASN A 65 -1.76 6.56 -15.83
C ASN A 65 -2.43 5.39 -16.54
N ARG A 66 -3.31 4.71 -15.80
CA ARG A 66 -4.06 3.56 -16.30
C ARG A 66 -3.18 2.33 -16.35
N TYR A 67 -2.42 2.14 -15.29
CA TYR A 67 -1.54 1.00 -15.17
C TYR A 67 -2.23 -0.12 -14.41
N TYR A 68 -3.25 0.23 -13.64
CA TYR A 68 -3.98 -0.76 -12.88
C TYR A 68 -5.04 -1.44 -13.74
N VAL A 69 -4.62 -1.83 -14.94
CA VAL A 69 -5.49 -2.50 -15.88
C VAL A 69 -5.81 -3.92 -15.42
N SER A 70 -5.26 -4.29 -14.28
CA SER A 70 -5.48 -5.60 -13.71
C SER A 70 -5.73 -5.51 -12.22
N LYS A 71 -6.69 -6.27 -11.74
CA LYS A 71 -7.04 -6.24 -10.33
C LYS A 71 -5.82 -6.48 -9.45
N LYS A 72 -5.09 -7.53 -9.73
CA LYS A 72 -3.94 -7.83 -8.91
C LYS A 72 -2.78 -6.89 -9.18
N LEU A 73 -2.69 -6.26 -10.35
CA LEU A 73 -1.62 -5.30 -10.56
C LEU A 73 -1.69 -4.33 -9.40
N PHE A 74 -2.87 -3.74 -9.32
CA PHE A 74 -3.23 -2.86 -8.25
C PHE A 74 -2.75 -3.46 -6.94
N MET A 75 -2.98 -4.76 -6.82
CA MET A 75 -2.60 -5.45 -5.62
C MET A 75 -1.10 -5.55 -5.46
N ALA A 76 -0.42 -6.24 -6.35
CA ALA A 76 1.02 -6.38 -6.27
C ALA A 76 1.65 -5.08 -5.84
N ASP A 77 0.99 -3.98 -6.18
CA ASP A 77 1.47 -2.67 -5.84
C ASP A 77 1.06 -2.31 -4.42
N LEU A 78 -0.25 -2.44 -4.13
CA LEU A 78 -0.74 -2.14 -2.79
C LEU A 78 -0.20 -3.21 -1.86
N GLN A 79 -0.45 -4.45 -2.22
CA GLN A 79 0.07 -5.57 -1.48
C GLN A 79 1.55 -5.30 -1.23
N ARG A 80 2.21 -4.75 -2.25
CA ARG A 80 3.62 -4.40 -2.15
C ARG A 80 3.87 -3.34 -1.07
N VAL A 81 3.10 -2.24 -1.08
CA VAL A 81 3.32 -1.20 -0.05
C VAL A 81 3.40 -1.86 1.30
N PHE A 82 2.50 -2.82 1.53
CA PHE A 82 2.49 -3.53 2.78
C PHE A 82 3.76 -4.37 2.90
N THR A 83 4.15 -5.03 1.80
CA THR A 83 5.34 -5.88 1.81
C THR A 83 6.57 -5.14 2.35
N ASN A 84 6.90 -4.00 1.75
CA ASN A 84 8.06 -3.23 2.19
C ASN A 84 7.90 -2.77 3.62
N CYS A 85 6.71 -2.29 3.97
CA CYS A 85 6.45 -1.85 5.33
C CYS A 85 6.74 -2.98 6.29
N LYS A 86 6.33 -4.18 5.90
CA LYS A 86 6.55 -5.35 6.71
C LYS A 86 7.97 -5.89 6.55
N GLU A 87 8.60 -5.49 5.45
CA GLU A 87 9.95 -5.93 5.12
C GLU A 87 10.99 -5.37 6.09
N TYR A 88 10.96 -4.05 6.30
CA TYR A 88 11.93 -3.39 7.16
C TYR A 88 11.23 -2.73 8.34
N ASN A 89 10.36 -1.80 8.02
CA ASN A 89 9.60 -1.07 9.01
C ASN A 89 9.04 -2.03 10.07
N PRO A 90 9.59 -2.02 11.30
CA PRO A 90 9.15 -2.90 12.40
C PRO A 90 7.64 -2.89 12.68
N PRO A 91 7.10 -4.02 13.21
CA PRO A 91 5.67 -4.17 13.54
C PRO A 91 5.20 -3.10 14.53
N GLU A 92 6.10 -2.71 15.42
CA GLU A 92 5.80 -1.72 16.45
C GLU A 92 6.12 -0.30 15.98
N SER A 93 6.77 -0.19 14.84
CA SER A 93 7.15 1.12 14.28
C SER A 93 5.96 1.85 13.70
N GLU A 94 4.76 1.49 14.14
CA GLU A 94 3.50 2.07 13.64
C GLU A 94 3.44 2.05 12.11
N TYR A 95 4.52 1.58 11.48
CA TYR A 95 4.58 1.48 10.03
C TYR A 95 3.98 0.17 9.58
N TYR A 96 4.66 -0.89 9.99
CA TYR A 96 4.25 -2.25 9.65
C TYR A 96 2.83 -2.50 10.09
N LYS A 97 2.57 -2.38 11.39
CA LYS A 97 1.23 -2.63 11.90
C LYS A 97 0.18 -1.94 11.04
N CYS A 98 0.49 -0.72 10.66
CA CYS A 98 -0.37 0.08 9.80
C CYS A 98 -0.67 -0.68 8.53
N ALA A 99 0.34 -1.35 8.02
CA ALA A 99 0.21 -2.18 6.84
C ALA A 99 -0.88 -3.19 7.09
N ASN A 100 -0.71 -3.92 8.18
CA ASN A 100 -1.67 -4.94 8.58
C ASN A 100 -3.05 -4.32 8.86
N ILE A 101 -3.06 -3.11 9.41
CA ILE A 101 -4.33 -2.44 9.73
C ILE A 101 -5.11 -2.12 8.48
N LEU A 102 -4.54 -1.26 7.64
CA LEU A 102 -5.17 -0.90 6.40
C LEU A 102 -5.28 -2.14 5.52
N GLU A 103 -4.18 -2.86 5.30
CA GLU A 103 -4.23 -4.06 4.46
C GLU A 103 -5.50 -4.87 4.79
N LYS A 104 -5.89 -4.87 6.07
CA LYS A 104 -7.10 -5.55 6.48
C LYS A 104 -8.30 -4.85 5.84
N PHE A 105 -8.39 -3.52 6.05
CA PHE A 105 -9.44 -2.73 5.44
C PHE A 105 -9.37 -2.93 3.93
N PHE A 106 -8.21 -2.62 3.39
CA PHE A 106 -7.89 -2.80 2.00
C PHE A 106 -8.42 -4.15 1.52
N PHE A 107 -8.29 -5.16 2.39
CA PHE A 107 -8.75 -6.51 2.07
C PHE A 107 -10.25 -6.53 1.90
N SER A 108 -10.96 -5.78 2.74
CA SER A 108 -12.41 -5.71 2.62
C SER A 108 -12.76 -4.87 1.41
N LYS A 109 -11.85 -3.95 1.05
CA LYS A 109 -12.05 -3.07 -0.09
C LYS A 109 -12.06 -3.86 -1.39
N ILE A 110 -10.98 -4.60 -1.62
CA ILE A 110 -10.82 -5.42 -2.81
C ILE A 110 -11.91 -6.49 -2.91
N LYS A 111 -11.99 -7.32 -1.91
CA LYS A 111 -12.97 -8.39 -1.85
C LYS A 111 -14.36 -7.86 -2.13
N GLU A 112 -14.60 -6.64 -1.67
CA GLU A 112 -15.87 -5.97 -1.88
C GLU A 112 -15.91 -5.42 -3.29
N ALA A 113 -14.77 -4.93 -3.73
CA ALA A 113 -14.63 -4.39 -5.07
C ALA A 113 -14.36 -5.52 -6.05
N GLY A 114 -14.60 -6.75 -5.59
CA GLY A 114 -14.40 -7.93 -6.39
C GLY A 114 -12.99 -8.05 -6.93
N LEU A 115 -12.09 -7.21 -6.43
CA LEU A 115 -10.71 -7.22 -6.89
C LEU A 115 -10.02 -8.52 -6.49
N ILE A 116 -9.39 -8.47 -5.32
CA ILE A 116 -8.66 -9.57 -4.73
C ILE A 116 -9.04 -10.93 -5.29
N ASP A 117 -8.02 -11.70 -5.63
CA ASP A 117 -8.20 -13.04 -6.16
C ASP A 117 -7.16 -13.99 -5.56
N LYS A 118 -6.16 -13.41 -4.89
CA LYS A 118 -5.11 -14.20 -4.27
C LYS A 118 -4.37 -15.06 -5.29
N ALA B 1 14.82 18.24 20.84
CA ALA B 1 15.57 16.98 21.13
C ALA B 1 14.72 15.76 20.82
N ARG B 2 15.35 14.60 20.80
CA ARG B 2 14.66 13.35 20.51
C ARG B 2 15.05 12.26 21.50
N THR B 3 14.05 11.54 22.01
CA THR B 3 14.30 10.46 22.97
C THR B 3 14.75 9.20 22.24
N LYS B 4 16.07 8.98 22.22
CA LYS B 4 16.64 7.81 21.55
C LYS B 4 16.28 7.80 20.07
N GLN B 5 16.46 6.66 19.42
CA GLN B 5 16.16 6.52 18.00
C GLN B 5 14.66 6.63 17.74
N THR B 6 14.30 7.10 16.55
CA THR B 6 12.90 7.25 16.17
C THR B 6 12.76 7.28 14.65
N ALA B 7 12.63 6.10 14.04
CA ALA B 7 12.50 6.00 12.59
C ALA B 7 11.23 6.67 12.09
N ARG B 8 11.38 7.88 11.57
CA ARG B 8 10.26 8.61 11.00
C ARG B 8 10.46 8.72 9.49
N SER B 10 12.92 9.45 8.19
CA SER B 10 13.77 10.61 8.01
C SER B 10 15.07 10.45 8.81
N THR B 11 14.93 10.10 10.09
CA THR B 11 16.09 9.91 10.96
C THR B 11 15.69 9.18 12.25
N GLY B 12 16.33 8.04 12.50
CA GLY B 12 16.03 7.29 13.71
C GLY B 12 15.80 5.81 13.44
N GLY B 13 15.35 5.10 14.46
CA GLY B 13 15.09 3.68 14.33
C GLY B 13 13.85 3.23 15.09
N LYS B 14 12.92 2.59 14.38
CA LYS B 14 11.67 2.12 14.98
C LYS B 14 10.82 3.27 15.49
N ALA B 15 9.52 3.06 15.55
CA ALA B 15 8.58 4.07 16.02
C ALA B 15 8.65 5.32 15.15
N GLY A 1 -21.54 1.57 -12.21
CA GLY A 1 -21.70 0.57 -11.12
C GLY A 1 -21.66 -0.85 -11.62
N SER A 2 -22.62 -1.66 -11.17
CA SER A 2 -22.70 -3.06 -11.58
C SER A 2 -21.40 -3.79 -11.28
N HIS A 3 -21.14 -4.02 -10.00
CA HIS A 3 -19.93 -4.72 -9.57
C HIS A 3 -20.22 -5.67 -8.42
N MET A 4 -20.61 -6.90 -8.76
CA MET A 4 -20.91 -7.92 -7.76
C MET A 4 -19.93 -9.08 -7.84
N SER A 5 -19.94 -9.93 -6.81
CA SER A 5 -19.06 -11.09 -6.76
C SER A 5 -17.59 -10.68 -6.89
N LYS A 6 -16.86 -11.27 -7.83
CA LYS A 6 -15.46 -10.96 -8.03
C LYS A 6 -15.17 -10.77 -9.51
N GLU A 7 -13.90 -10.85 -9.87
CA GLU A 7 -13.49 -10.69 -11.25
C GLU A 7 -13.97 -9.37 -11.84
N PRO A 8 -13.32 -8.25 -11.46
CA PRO A 8 -13.69 -6.92 -11.95
C PRO A 8 -13.44 -6.79 -13.46
N ARG A 9 -12.22 -7.16 -13.88
CA ARG A 9 -11.85 -7.09 -15.28
C ARG A 9 -11.99 -5.68 -15.83
N ASP A 10 -11.58 -5.50 -17.09
CA ASP A 10 -11.63 -4.20 -17.74
C ASP A 10 -10.66 -3.24 -17.04
N PRO A 11 -9.94 -2.42 -17.80
CA PRO A 11 -8.97 -1.48 -17.24
C PRO A 11 -9.63 -0.25 -16.63
N ASP A 12 -10.91 -0.05 -16.92
CA ASP A 12 -11.64 1.11 -16.41
C ASP A 12 -12.32 0.82 -15.09
N GLN A 13 -13.20 -0.19 -15.08
CA GLN A 13 -13.90 -0.56 -13.87
C GLN A 13 -12.88 -0.82 -12.76
N LEU A 14 -11.75 -1.42 -13.13
CA LEU A 14 -10.69 -1.70 -12.19
C LEU A 14 -10.02 -0.41 -11.80
N TYR A 15 -9.41 0.27 -12.77
CA TYR A 15 -8.71 1.51 -12.49
C TYR A 15 -9.43 2.34 -11.43
N SER A 16 -10.64 2.76 -11.67
CA SER A 16 -11.31 3.57 -10.68
C SER A 16 -11.77 2.81 -9.44
N THR A 17 -11.94 1.49 -9.53
CA THR A 17 -12.26 0.71 -8.36
C THR A 17 -11.07 0.78 -7.44
N LEU A 18 -9.95 0.50 -8.07
CA LEU A 18 -8.66 0.51 -7.45
C LEU A 18 -8.28 1.94 -7.11
N LYS A 19 -8.82 2.87 -7.88
CA LYS A 19 -8.58 4.29 -7.67
C LYS A 19 -9.31 4.78 -6.45
N SER A 20 -10.55 4.32 -6.29
CA SER A 20 -11.37 4.68 -5.14
C SER A 20 -10.86 3.93 -3.93
N ILE A 21 -10.36 2.72 -4.16
CA ILE A 21 -9.81 1.92 -3.08
C ILE A 21 -8.57 2.60 -2.56
N LEU A 22 -7.53 2.66 -3.41
CA LEU A 22 -6.27 3.30 -3.06
C LEU A 22 -6.58 4.60 -2.34
N GLN A 23 -7.53 5.33 -2.90
CA GLN A 23 -7.99 6.59 -2.33
C GLN A 23 -8.26 6.41 -0.84
N GLN A 24 -9.14 5.46 -0.54
CA GLN A 24 -9.52 5.15 0.81
C GLN A 24 -8.38 4.58 1.64
N VAL A 25 -7.66 3.61 1.10
CA VAL A 25 -6.53 3.03 1.80
C VAL A 25 -5.64 4.16 2.30
N LYS A 26 -5.32 5.08 1.40
CA LYS A 26 -4.51 6.24 1.74
C LYS A 26 -5.27 7.09 2.74
N SER A 27 -6.59 7.01 2.64
CA SER A 27 -7.46 7.77 3.53
C SER A 27 -7.45 7.09 4.89
N HIS A 28 -7.06 5.83 4.89
CA HIS A 28 -6.97 5.05 6.12
C HIS A 28 -5.78 5.53 6.94
N GLN A 29 -6.04 5.83 8.21
CA GLN A 29 -5.02 6.33 9.13
C GLN A 29 -3.73 5.51 9.10
N SER A 30 -3.80 4.32 8.53
CA SER A 30 -2.65 3.43 8.47
C SER A 30 -1.79 3.61 7.22
N ALA A 31 -2.40 4.06 6.13
CA ALA A 31 -1.67 4.25 4.87
C ALA A 31 -0.97 5.59 4.86
N TRP A 32 -0.69 6.11 6.04
CA TRP A 32 -0.03 7.39 6.18
C TRP A 32 1.40 7.41 5.63
N PRO A 33 2.17 6.30 5.70
CA PRO A 33 3.51 6.28 5.15
C PRO A 33 3.52 5.87 3.70
N PHE A 34 2.84 4.79 3.40
CA PHE A 34 2.76 4.28 2.05
C PHE A 34 2.41 5.41 1.10
N MET A 35 1.29 6.05 1.37
CA MET A 35 0.82 7.15 0.54
C MET A 35 1.95 8.08 0.15
N GLU A 36 2.76 8.48 1.12
CA GLU A 36 3.83 9.42 0.83
C GLU A 36 5.21 8.77 0.84
N PRO A 37 5.94 8.89 -0.27
CA PRO A 37 7.29 8.34 -0.44
C PRO A 37 8.21 8.69 0.71
N VAL A 38 8.89 7.67 1.23
CA VAL A 38 9.84 7.82 2.32
C VAL A 38 10.95 8.80 1.91
N LYS A 39 11.78 9.24 2.85
CA LYS A 39 12.85 10.18 2.51
C LYS A 39 13.94 9.49 1.69
N ARG A 40 13.87 8.17 1.62
CA ARG A 40 14.83 7.36 0.87
C ARG A 40 16.21 7.37 1.53
N THR A 41 16.35 8.10 2.64
CA THR A 41 17.63 8.15 3.34
C THR A 41 17.44 8.32 4.83
N GLU A 42 16.40 9.04 5.21
CA GLU A 42 16.07 9.22 6.62
C GLU A 42 15.68 7.86 7.12
N ALA A 43 15.38 7.06 6.13
CA ALA A 43 14.96 5.70 6.26
C ALA A 43 16.16 4.79 6.49
N PRO A 44 16.28 4.23 7.70
CA PRO A 44 17.39 3.35 8.09
C PRO A 44 17.62 2.22 7.11
N GLY A 45 18.69 2.33 6.32
CA GLY A 45 19.00 1.31 5.33
C GLY A 45 17.77 0.86 4.58
N TYR A 46 16.88 1.81 4.35
CA TYR A 46 15.62 1.55 3.67
C TYR A 46 15.78 0.82 2.34
N TYR A 47 16.42 1.44 1.38
CA TYR A 47 16.59 0.81 0.07
C TYR A 47 17.41 -0.48 0.16
N GLU A 48 18.30 -0.58 1.16
CA GLU A 48 19.11 -1.78 1.33
C GLU A 48 18.22 -3.01 1.52
N VAL A 49 17.26 -2.86 2.44
CA VAL A 49 16.29 -3.91 2.73
C VAL A 49 15.17 -3.89 1.72
N ILE A 50 14.59 -2.72 1.59
CA ILE A 50 13.49 -2.51 0.72
C ILE A 50 13.89 -2.61 -0.75
N ARG A 51 13.90 -3.83 -1.27
CA ARG A 51 14.21 -4.07 -2.66
C ARG A 51 12.95 -3.84 -3.48
N PHE A 52 11.85 -3.70 -2.75
CA PHE A 52 10.53 -3.49 -3.32
C PHE A 52 9.85 -2.29 -2.67
N PRO A 53 10.37 -1.09 -2.95
CA PRO A 53 9.85 0.14 -2.41
C PRO A 53 8.73 0.72 -3.25
N MET A 54 7.56 0.81 -2.65
CA MET A 54 6.39 1.33 -3.32
C MET A 54 5.61 2.24 -2.37
N ASP A 55 4.75 3.06 -2.96
CA ASP A 55 3.95 3.99 -2.22
C ASP A 55 2.63 4.19 -2.92
N LEU A 56 1.57 4.32 -2.13
CA LEU A 56 0.23 4.50 -2.65
C LEU A 56 0.17 5.67 -3.62
N LYS A 57 1.17 6.54 -3.57
CA LYS A 57 1.22 7.68 -4.48
C LYS A 57 1.50 7.16 -5.88
N THR A 58 2.64 6.48 -6.03
CA THR A 58 3.04 5.88 -7.30
C THR A 58 1.99 4.90 -7.75
N MET A 59 1.29 4.32 -6.77
CA MET A 59 0.25 3.37 -7.04
C MET A 59 -0.92 4.03 -7.74
N SER A 60 -1.51 5.02 -7.10
CA SER A 60 -2.63 5.72 -7.68
C SER A 60 -2.19 6.52 -8.91
N GLU A 61 -0.88 6.79 -9.00
CA GLU A 61 -0.34 7.50 -10.15
C GLU A 61 -0.22 6.53 -11.32
N ARG A 62 0.25 5.31 -11.03
CA ARG A 62 0.35 4.29 -12.08
C ARG A 62 -1.06 4.01 -12.51
N LEU A 63 -1.84 3.71 -11.50
CA LEU A 63 -3.25 3.45 -11.61
C LEU A 63 -3.88 4.55 -12.47
N LYS A 64 -3.48 5.78 -12.18
CA LYS A 64 -3.93 6.97 -12.90
C LYS A 64 -3.60 6.86 -14.38
N ASN A 65 -2.38 6.41 -14.65
CA ASN A 65 -1.90 6.23 -16.00
C ASN A 65 -2.56 5.01 -16.62
N ARG A 66 -3.47 4.41 -15.87
CA ARG A 66 -4.19 3.22 -16.31
C ARG A 66 -3.27 2.02 -16.29
N TYR A 67 -2.36 2.03 -15.34
CA TYR A 67 -1.41 0.94 -15.15
C TYR A 67 -2.08 -0.19 -14.39
N TYR A 68 -3.10 0.15 -13.61
CA TYR A 68 -3.83 -0.84 -12.84
C TYR A 68 -4.87 -1.55 -13.71
N VAL A 69 -4.44 -1.98 -14.88
CA VAL A 69 -5.31 -2.68 -15.82
C VAL A 69 -5.63 -4.07 -15.31
N SER A 70 -5.07 -4.42 -14.16
CA SER A 70 -5.29 -5.73 -13.57
C SER A 70 -5.60 -5.61 -12.10
N LYS A 71 -6.58 -6.38 -11.64
CA LYS A 71 -6.97 -6.33 -10.24
C LYS A 71 -5.77 -6.53 -9.33
N LYS A 72 -5.01 -7.57 -9.58
CA LYS A 72 -3.87 -7.83 -8.73
C LYS A 72 -2.74 -6.85 -8.97
N LEU A 73 -2.56 -6.34 -10.19
CA LEU A 73 -1.50 -5.34 -10.41
C LEU A 73 -1.60 -4.36 -9.27
N PHE A 74 -2.79 -3.80 -9.20
CA PHE A 74 -3.17 -2.90 -8.13
C PHE A 74 -2.71 -3.47 -6.82
N MET A 75 -3.00 -4.75 -6.63
CA MET A 75 -2.64 -5.41 -5.39
C MET A 75 -1.13 -5.54 -5.23
N ALA A 76 -0.49 -6.31 -6.09
CA ALA A 76 0.95 -6.48 -6.01
C ALA A 76 1.61 -5.18 -5.66
N ASP A 77 0.96 -4.09 -6.02
CA ASP A 77 1.48 -2.77 -5.75
C ASP A 77 1.08 -2.33 -4.35
N LEU A 78 -0.21 -2.44 -4.04
CA LEU A 78 -0.69 -2.08 -2.70
C LEU A 78 -0.15 -3.11 -1.73
N GLN A 79 -0.44 -4.36 -2.01
CA GLN A 79 0.08 -5.45 -1.22
C GLN A 79 1.56 -5.19 -1.00
N ARG A 80 2.23 -4.78 -2.07
CA ARG A 80 3.65 -4.44 -2.03
C ARG A 80 3.94 -3.43 -0.92
N VAL A 81 3.24 -2.29 -0.92
CA VAL A 81 3.48 -1.28 0.10
C VAL A 81 3.50 -1.93 1.48
N PHE A 82 2.55 -2.82 1.71
CA PHE A 82 2.48 -3.53 2.96
C PHE A 82 3.72 -4.40 3.14
N THR A 83 4.18 -5.01 2.05
CA THR A 83 5.34 -5.90 2.10
C THR A 83 6.59 -5.18 2.60
N ASN A 84 6.98 -4.12 1.92
CA ASN A 84 8.17 -3.37 2.31
C ASN A 84 8.08 -2.93 3.76
N CYS A 85 6.92 -2.39 4.14
CA CYS A 85 6.72 -1.97 5.51
C CYS A 85 6.95 -3.15 6.44
N LYS A 86 6.52 -4.32 6.00
CA LYS A 86 6.71 -5.53 6.77
C LYS A 86 8.11 -6.08 6.58
N GLU A 87 8.78 -5.63 5.51
CA GLU A 87 10.12 -6.10 5.19
C GLU A 87 11.13 -5.67 6.25
N TYR A 88 11.24 -4.37 6.48
CA TYR A 88 12.20 -3.86 7.44
C TYR A 88 11.52 -3.13 8.59
N ASN A 89 10.56 -2.27 8.26
CA ASN A 89 9.83 -1.54 9.28
C ASN A 89 9.31 -2.51 10.34
N PRO A 90 9.42 -2.14 11.62
CA PRO A 90 9.00 -2.99 12.74
C PRO A 90 7.48 -3.08 12.90
N PRO A 91 6.95 -4.26 13.29
CA PRO A 91 5.51 -4.45 13.51
C PRO A 91 5.09 -3.79 14.82
N GLU A 92 5.93 -2.87 15.27
CA GLU A 92 5.71 -2.12 16.47
C GLU A 92 5.89 -0.63 16.23
N SER A 93 6.60 -0.28 15.17
CA SER A 93 6.88 1.13 14.88
C SER A 93 5.72 1.81 14.15
N GLU A 94 4.52 1.24 14.28
CA GLU A 94 3.33 1.79 13.65
C GLU A 94 3.39 1.69 12.13
N TYR A 95 4.58 1.53 11.58
CA TYR A 95 4.74 1.44 10.12
C TYR A 95 4.22 0.12 9.61
N TYR A 96 4.92 -0.93 10.01
CA TYR A 96 4.55 -2.26 9.63
C TYR A 96 3.09 -2.51 9.99
N LYS A 97 2.77 -2.33 11.26
CA LYS A 97 1.41 -2.55 11.73
C LYS A 97 0.43 -1.91 10.78
N CYS A 98 0.62 -0.62 10.53
CA CYS A 98 -0.23 0.14 9.61
C CYS A 98 -0.49 -0.66 8.35
N ALA A 99 0.54 -1.32 7.87
CA ALA A 99 0.43 -2.16 6.69
C ALA A 99 -0.68 -3.15 6.92
N ASN A 100 -0.58 -3.85 8.04
CA ASN A 100 -1.56 -4.83 8.43
C ASN A 100 -2.91 -4.19 8.73
N ILE A 101 -2.91 -2.98 9.32
CA ILE A 101 -4.17 -2.32 9.66
C ILE A 101 -4.94 -1.97 8.39
N LEU A 102 -4.34 -1.10 7.59
CA LEU A 102 -4.94 -0.72 6.33
C LEU A 102 -5.28 -1.99 5.57
N GLU A 103 -4.28 -2.86 5.37
CA GLU A 103 -4.47 -4.10 4.64
C GLU A 103 -5.80 -4.76 5.00
N LYS A 104 -6.19 -4.68 6.28
CA LYS A 104 -7.48 -5.24 6.69
C LYS A 104 -8.58 -4.47 5.98
N PHE A 105 -8.55 -3.15 6.13
CA PHE A 105 -9.50 -2.28 5.45
C PHE A 105 -9.42 -2.55 3.96
N PHE A 106 -8.23 -2.35 3.43
CA PHE A 106 -7.91 -2.60 2.04
C PHE A 106 -8.53 -3.90 1.59
N PHE A 107 -8.47 -4.90 2.48
CA PHE A 107 -9.03 -6.20 2.20
C PHE A 107 -10.53 -6.14 2.00
N SER A 108 -11.22 -5.36 2.81
CA SER A 108 -12.66 -5.24 2.67
C SER A 108 -12.98 -4.49 1.39
N LYS A 109 -12.08 -3.58 1.02
CA LYS A 109 -12.25 -2.77 -0.18
C LYS A 109 -12.23 -3.64 -1.42
N ILE A 110 -11.12 -4.36 -1.59
CA ILE A 110 -10.92 -5.25 -2.71
C ILE A 110 -11.94 -6.38 -2.73
N LYS A 111 -11.96 -7.13 -1.64
CA LYS A 111 -12.88 -8.24 -1.47
C LYS A 111 -14.27 -7.81 -1.92
N GLU A 112 -14.59 -6.55 -1.65
CA GLU A 112 -15.86 -5.95 -2.01
C GLU A 112 -15.83 -5.52 -3.46
N ALA A 113 -14.70 -4.98 -3.86
CA ALA A 113 -14.51 -4.50 -5.22
C ALA A 113 -14.19 -5.67 -6.13
N GLY A 114 -14.46 -6.88 -5.63
CA GLY A 114 -14.21 -8.09 -6.39
C GLY A 114 -12.78 -8.22 -6.85
N LEU A 115 -11.91 -7.36 -6.33
CA LEU A 115 -10.51 -7.39 -6.75
C LEU A 115 -9.80 -8.62 -6.19
N ILE A 116 -9.28 -8.44 -4.98
CA ILE A 116 -8.56 -9.48 -4.26
C ILE A 116 -9.02 -10.89 -4.61
N ASP A 117 -8.07 -11.81 -4.59
CA ASP A 117 -8.33 -13.22 -4.89
C ASP A 117 -7.42 -14.11 -4.06
N LYS A 118 -6.26 -13.57 -3.67
CA LYS A 118 -5.28 -14.30 -2.85
C LYS A 118 -5.24 -15.78 -3.20
N ALA B 1 15.93 -0.13 26.95
CA ALA B 1 17.14 0.35 26.22
C ALA B 1 18.23 -0.71 26.21
N ARG B 2 17.85 -1.93 25.86
CA ARG B 2 18.80 -3.04 25.81
C ARG B 2 19.60 -3.01 24.51
N THR B 3 18.91 -3.24 23.39
CA THR B 3 19.56 -3.24 22.08
C THR B 3 18.54 -3.02 20.97
N LYS B 4 17.31 -2.68 21.35
CA LYS B 4 16.25 -2.44 20.38
C LYS B 4 16.60 -1.27 19.46
N GLN B 5 16.04 -1.26 18.27
CA GLN B 5 16.30 -0.20 17.29
C GLN B 5 15.01 0.46 16.85
N THR B 6 15.05 1.78 16.70
CA THR B 6 13.88 2.55 16.26
C THR B 6 14.08 3.06 14.84
N ALA B 7 13.26 2.56 13.93
CA ALA B 7 13.35 2.97 12.53
C ALA B 7 12.52 4.22 12.27
N ARG B 8 13.19 5.28 11.80
CA ARG B 8 12.51 6.54 11.49
C ARG B 8 12.49 6.77 9.99
N SER B 10 9.67 9.10 8.74
CA SER B 10 8.96 10.36 8.61
C SER B 10 9.07 11.18 9.88
N THR B 11 9.22 12.49 9.72
CA THR B 11 9.34 13.40 10.86
C THR B 11 7.97 13.83 11.36
N GLY B 12 7.90 14.22 12.63
CA GLY B 12 6.64 14.65 13.20
C GLY B 12 5.61 13.54 13.26
N GLY B 13 6.07 12.31 13.20
CA GLY B 13 5.17 11.17 13.25
C GLY B 13 5.86 9.87 12.84
N LYS B 14 5.91 8.92 13.77
CA LYS B 14 6.55 7.64 13.51
C LYS B 14 5.88 6.52 14.30
N ALA B 15 5.44 6.85 15.51
CA ALA B 15 4.77 5.88 16.37
C ALA B 15 3.54 6.48 17.04
N GLY A 1 -26.91 -6.80 -15.47
CA GLY A 1 -25.45 -6.96 -15.75
C GLY A 1 -24.62 -6.89 -14.48
N SER A 2 -25.27 -7.07 -13.34
CA SER A 2 -24.59 -7.02 -12.05
C SER A 2 -24.90 -8.26 -11.22
N HIS A 3 -24.06 -9.28 -11.35
CA HIS A 3 -24.25 -10.53 -10.61
C HIS A 3 -23.03 -10.82 -9.73
N MET A 4 -23.09 -10.37 -8.48
CA MET A 4 -22.01 -10.58 -7.53
C MET A 4 -20.71 -9.94 -8.01
N SER A 5 -20.39 -8.78 -7.45
CA SER A 5 -19.17 -8.06 -7.82
C SER A 5 -17.93 -8.85 -7.38
N LYS A 6 -17.37 -9.61 -8.32
CA LYS A 6 -16.19 -10.42 -8.03
C LYS A 6 -15.38 -10.66 -9.31
N GLU A 7 -15.50 -9.74 -10.27
CA GLU A 7 -14.77 -9.86 -11.53
C GLU A 7 -14.73 -8.53 -12.29
N PRO A 8 -13.91 -7.58 -11.82
CA PRO A 8 -13.78 -6.27 -12.46
C PRO A 8 -13.22 -6.41 -13.88
N ARG A 9 -12.02 -6.96 -13.97
CA ARG A 9 -11.35 -7.20 -15.26
C ARG A 9 -11.07 -5.90 -16.02
N ASP A 10 -12.11 -5.35 -16.64
CA ASP A 10 -11.97 -4.10 -17.41
C ASP A 10 -10.98 -3.15 -16.75
N PRO A 11 -10.13 -2.48 -17.55
CA PRO A 11 -9.12 -1.56 -17.03
C PRO A 11 -9.73 -0.26 -16.52
N ASP A 12 -10.99 -0.02 -16.84
CA ASP A 12 -11.68 1.19 -16.42
C ASP A 12 -12.38 0.95 -15.10
N GLN A 13 -13.23 -0.08 -15.07
CA GLN A 13 -13.94 -0.43 -13.85
C GLN A 13 -12.93 -0.68 -12.75
N LEU A 14 -11.80 -1.28 -13.12
CA LEU A 14 -10.73 -1.56 -12.19
C LEU A 14 -10.06 -0.27 -11.78
N TYR A 15 -9.47 0.40 -12.76
CA TYR A 15 -8.77 1.65 -12.49
C TYR A 15 -9.47 2.48 -11.42
N SER A 16 -10.69 2.89 -11.65
CA SER A 16 -11.35 3.69 -10.64
C SER A 16 -11.78 2.93 -9.40
N THR A 17 -12.00 1.62 -9.49
CA THR A 17 -12.31 0.83 -8.31
C THR A 17 -11.09 0.91 -7.41
N LEU A 18 -9.98 0.64 -8.05
CA LEU A 18 -8.67 0.67 -7.45
C LEU A 18 -8.31 2.10 -7.10
N LYS A 19 -8.85 3.03 -7.87
CA LYS A 19 -8.60 4.45 -7.67
C LYS A 19 -9.31 4.92 -6.42
N SER A 20 -10.54 4.44 -6.25
CA SER A 20 -11.33 4.79 -5.08
C SER A 20 -10.82 4.00 -3.89
N ILE A 21 -10.36 2.77 -4.14
CA ILE A 21 -9.81 1.95 -3.09
C ILE A 21 -8.55 2.60 -2.56
N LEU A 22 -7.55 2.71 -3.43
CA LEU A 22 -6.29 3.35 -3.07
C LEU A 22 -6.59 4.61 -2.29
N GLN A 23 -7.56 5.36 -2.81
CA GLN A 23 -8.02 6.59 -2.20
C GLN A 23 -8.39 6.33 -0.74
N GLN A 24 -9.14 5.26 -0.54
CA GLN A 24 -9.59 4.85 0.77
C GLN A 24 -8.50 4.26 1.64
N VAL A 25 -7.60 3.50 1.03
CA VAL A 25 -6.52 2.89 1.78
C VAL A 25 -5.70 4.02 2.32
N LYS A 26 -5.49 4.96 1.42
CA LYS A 26 -4.77 6.16 1.71
C LYS A 26 -5.55 6.95 2.74
N SER A 27 -6.87 6.85 2.64
CA SER A 27 -7.77 7.53 3.56
C SER A 27 -7.67 6.83 4.91
N HIS A 28 -7.24 5.57 4.85
CA HIS A 28 -7.06 4.77 6.04
C HIS A 28 -5.76 5.17 6.74
N GLN A 29 -5.86 5.49 8.01
CA GLN A 29 -4.71 5.93 8.81
C GLN A 29 -3.45 5.16 8.47
N SER A 30 -3.52 3.84 8.54
CA SER A 30 -2.37 2.97 8.30
C SER A 30 -1.58 3.34 7.07
N ALA A 31 -2.28 3.85 6.10
CA ALA A 31 -1.67 4.16 4.83
C ALA A 31 -1.04 5.55 4.85
N TRP A 32 -0.71 6.01 6.05
CA TRP A 32 -0.08 7.30 6.23
C TRP A 32 1.34 7.31 5.65
N PRO A 33 2.09 6.19 5.69
CA PRO A 33 3.43 6.13 5.13
C PRO A 33 3.40 5.71 3.67
N PHE A 34 2.68 4.62 3.39
CA PHE A 34 2.59 4.11 2.05
C PHE A 34 2.22 5.22 1.09
N MET A 35 1.24 6.02 1.47
CA MET A 35 0.79 7.10 0.61
C MET A 35 1.95 7.99 0.20
N GLU A 36 2.83 8.27 1.15
CA GLU A 36 3.96 9.12 0.85
C GLU A 36 5.19 8.32 0.54
N PRO A 37 6.00 8.83 -0.39
CA PRO A 37 7.22 8.20 -0.83
C PRO A 37 8.35 8.41 0.16
N VAL A 38 8.87 7.30 0.64
CA VAL A 38 9.96 7.33 1.60
C VAL A 38 11.13 8.10 1.04
N LYS A 39 11.92 8.73 1.91
CA LYS A 39 13.04 9.54 1.47
C LYS A 39 14.20 8.66 1.06
N ARG A 40 14.62 8.79 -0.20
CA ARG A 40 15.73 8.00 -0.70
C ARG A 40 17.06 8.59 -0.26
N THR A 41 17.16 8.84 1.05
CA THR A 41 18.34 9.40 1.66
C THR A 41 18.17 9.53 3.17
N GLU A 42 16.90 9.62 3.59
CA GLU A 42 16.56 9.75 4.99
C GLU A 42 16.17 8.38 5.55
N ALA A 43 15.64 7.53 4.67
CA ALA A 43 15.24 6.20 5.06
C ALA A 43 16.42 5.43 5.63
N PRO A 44 16.29 4.99 6.89
CA PRO A 44 17.34 4.23 7.59
C PRO A 44 17.77 3.00 6.81
N GLY A 45 18.61 3.20 5.79
CA GLY A 45 19.03 2.09 4.97
C GLY A 45 17.82 1.28 4.54
N TYR A 46 16.70 1.98 4.43
CA TYR A 46 15.42 1.37 4.06
C TYR A 46 15.49 0.67 2.72
N TYR A 47 16.22 1.22 1.79
CA TYR A 47 16.31 0.64 0.46
C TYR A 47 17.35 -0.46 0.40
N GLU A 48 18.26 -0.49 1.36
CA GLU A 48 19.27 -1.54 1.42
C GLU A 48 18.57 -2.86 1.64
N VAL A 49 17.33 -2.76 2.12
CA VAL A 49 16.49 -3.90 2.41
C VAL A 49 15.27 -3.86 1.50
N ILE A 50 14.74 -2.66 1.39
CA ILE A 50 13.57 -2.42 0.59
C ILE A 50 13.97 -2.12 -0.85
N ARG A 51 14.22 -3.18 -1.58
CA ARG A 51 14.59 -3.06 -2.97
C ARG A 51 13.34 -2.83 -3.79
N PHE A 52 12.22 -2.84 -3.08
CA PHE A 52 10.92 -2.66 -3.69
C PHE A 52 10.05 -1.74 -2.86
N PRO A 53 10.44 -0.47 -2.76
CA PRO A 53 9.69 0.52 -2.00
C PRO A 53 8.62 1.17 -2.84
N MET A 54 7.38 0.78 -2.57
CA MET A 54 6.26 1.32 -3.31
C MET A 54 5.40 2.16 -2.39
N ASP A 55 4.69 3.11 -2.98
CA ASP A 55 3.86 4.02 -2.24
C ASP A 55 2.53 4.24 -2.95
N LEU A 56 1.48 4.33 -2.16
CA LEU A 56 0.12 4.54 -2.66
C LEU A 56 0.08 5.67 -3.67
N LYS A 57 0.97 6.63 -3.49
CA LYS A 57 1.04 7.77 -4.41
C LYS A 57 1.35 7.27 -5.81
N THR A 58 2.49 6.60 -5.94
CA THR A 58 2.92 6.03 -7.21
C THR A 58 1.89 5.03 -7.70
N MET A 59 1.21 4.42 -6.76
CA MET A 59 0.18 3.45 -7.06
C MET A 59 -0.99 4.11 -7.76
N SER A 60 -1.49 5.18 -7.17
CA SER A 60 -2.60 5.90 -7.75
C SER A 60 -2.14 6.72 -8.95
N GLU A 61 -0.83 6.94 -9.05
CA GLU A 61 -0.26 7.66 -10.18
C GLU A 61 -0.10 6.70 -11.35
N ARG A 62 0.27 5.45 -11.04
CA ARG A 62 0.39 4.42 -12.06
C ARG A 62 -1.02 4.14 -12.51
N LEU A 63 -1.82 3.88 -11.50
CA LEU A 63 -3.24 3.63 -11.64
C LEU A 63 -3.88 4.72 -12.50
N LYS A 64 -3.56 5.96 -12.14
CA LYS A 64 -4.04 7.13 -12.87
C LYS A 64 -3.57 7.13 -14.30
N ASN A 65 -2.30 6.78 -14.49
CA ASN A 65 -1.72 6.73 -15.82
C ASN A 65 -2.32 5.55 -16.58
N ARG A 66 -3.23 4.84 -15.91
CA ARG A 66 -3.93 3.69 -16.46
C ARG A 66 -3.01 2.48 -16.48
N TYR A 67 -2.36 2.27 -15.35
CA TYR A 67 -1.45 1.15 -15.17
C TYR A 67 -2.13 0.02 -14.43
N TYR A 68 -3.15 0.36 -13.64
CA TYR A 68 -3.88 -0.65 -12.89
C TYR A 68 -4.91 -1.34 -13.78
N VAL A 69 -4.42 -1.81 -14.91
CA VAL A 69 -5.22 -2.51 -15.89
C VAL A 69 -5.56 -3.91 -15.42
N SER A 70 -5.05 -4.25 -14.24
CA SER A 70 -5.28 -5.57 -13.67
C SER A 70 -5.56 -5.47 -12.19
N LYS A 71 -6.56 -6.20 -11.73
CA LYS A 71 -6.93 -6.17 -10.33
C LYS A 71 -5.72 -6.34 -9.44
N LYS A 72 -4.94 -7.38 -9.68
CA LYS A 72 -3.80 -7.62 -8.85
C LYS A 72 -2.65 -6.63 -9.12
N LEU A 73 -2.54 -6.04 -10.32
CA LEU A 73 -1.48 -5.05 -10.51
C LEU A 73 -1.58 -4.10 -9.36
N PHE A 74 -2.78 -3.58 -9.26
CA PHE A 74 -3.17 -2.71 -8.18
C PHE A 74 -2.70 -3.30 -6.88
N MET A 75 -2.95 -4.60 -6.72
CA MET A 75 -2.57 -5.29 -5.50
C MET A 75 -1.06 -5.38 -5.35
N ALA A 76 -0.39 -6.11 -6.23
CA ALA A 76 1.05 -6.25 -6.16
C ALA A 76 1.68 -4.95 -5.77
N ASP A 77 1.02 -3.86 -6.12
CA ASP A 77 1.51 -2.53 -5.81
C ASP A 77 1.11 -2.16 -4.39
N LEU A 78 -0.19 -2.28 -4.10
CA LEU A 78 -0.68 -1.97 -2.76
C LEU A 78 -0.13 -3.00 -1.81
N GLN A 79 -0.41 -4.25 -2.14
CA GLN A 79 0.12 -5.35 -1.38
C GLN A 79 1.59 -5.09 -1.15
N ARG A 80 2.28 -4.63 -2.20
CA ARG A 80 3.70 -4.28 -2.11
C ARG A 80 3.95 -3.25 -1.01
N VAL A 81 3.24 -2.13 -1.02
CA VAL A 81 3.44 -1.12 0.01
C VAL A 81 3.47 -1.78 1.37
N PHE A 82 2.54 -2.72 1.57
CA PHE A 82 2.48 -3.46 2.80
C PHE A 82 3.73 -4.32 2.94
N THR A 83 4.14 -4.96 1.83
CA THR A 83 5.30 -5.84 1.85
C THR A 83 6.55 -5.14 2.36
N ASN A 84 6.94 -4.04 1.72
CA ASN A 84 8.13 -3.31 2.15
C ASN A 84 8.00 -2.90 3.61
N CYS A 85 6.80 -2.51 4.01
CA CYS A 85 6.58 -2.13 5.40
C CYS A 85 6.80 -3.34 6.30
N LYS A 86 6.38 -4.50 5.82
CA LYS A 86 6.55 -5.72 6.58
C LYS A 86 7.95 -6.30 6.39
N GLU A 87 8.62 -5.88 5.33
CA GLU A 87 9.97 -6.35 5.02
C GLU A 87 10.99 -5.80 5.99
N TYR A 88 11.03 -4.48 6.13
CA TYR A 88 11.98 -3.83 7.00
C TYR A 88 11.27 -3.10 8.13
N ASN A 89 10.40 -2.16 7.77
CA ASN A 89 9.65 -1.40 8.76
C ASN A 89 9.22 -2.33 9.90
N PRO A 90 9.84 -2.19 11.09
CA PRO A 90 9.53 -3.06 12.25
C PRO A 90 8.05 -3.17 12.60
N PRO A 91 7.59 -4.40 12.95
CA PRO A 91 6.19 -4.65 13.36
C PRO A 91 5.74 -3.73 14.48
N GLU A 92 6.70 -3.11 15.13
CA GLU A 92 6.42 -2.19 16.23
C GLU A 92 6.57 -0.73 15.83
N SER A 93 7.20 -0.49 14.68
CA SER A 93 7.43 0.88 14.23
C SER A 93 6.15 1.57 13.77
N GLU A 94 4.99 0.95 14.03
CA GLU A 94 3.71 1.51 13.61
C GLU A 94 3.56 1.46 12.09
N TYR A 95 4.68 1.36 11.40
CA TYR A 95 4.68 1.29 9.94
C TYR A 95 4.11 -0.04 9.50
N TYR A 96 4.80 -1.09 9.91
CA TYR A 96 4.39 -2.44 9.60
C TYR A 96 2.94 -2.66 10.05
N LYS A 97 2.68 -2.48 11.33
CA LYS A 97 1.33 -2.70 11.86
C LYS A 97 0.31 -2.09 10.92
N CYS A 98 0.53 -0.82 10.62
CA CYS A 98 -0.34 -0.08 9.71
C CYS A 98 -0.67 -0.96 8.52
N ALA A 99 0.37 -1.49 7.89
CA ALA A 99 0.22 -2.36 6.75
C ALA A 99 -0.90 -3.34 7.04
N ASN A 100 -0.75 -4.05 8.14
CA ASN A 100 -1.73 -5.01 8.58
C ASN A 100 -3.09 -4.34 8.84
N ILE A 101 -3.07 -3.11 9.36
CA ILE A 101 -4.30 -2.39 9.69
C ILE A 101 -5.10 -2.06 8.43
N LEU A 102 -4.52 -1.25 7.55
CA LEU A 102 -5.18 -0.90 6.33
C LEU A 102 -5.32 -2.14 5.47
N GLU A 103 -4.25 -2.92 5.28
CA GLU A 103 -4.35 -4.14 4.47
C GLU A 103 -5.64 -4.88 4.79
N LYS A 104 -6.03 -4.86 6.07
CA LYS A 104 -7.26 -5.48 6.50
C LYS A 104 -8.43 -4.73 5.85
N PHE A 105 -8.43 -3.40 6.02
CA PHE A 105 -9.44 -2.55 5.39
C PHE A 105 -9.40 -2.78 3.88
N PHE A 106 -8.23 -2.51 3.33
CA PHE A 106 -7.93 -2.72 1.92
C PHE A 106 -8.50 -4.06 1.47
N PHE A 107 -8.37 -5.07 2.32
CA PHE A 107 -8.87 -6.40 2.01
C PHE A 107 -10.38 -6.39 1.83
N SER A 108 -11.07 -5.65 2.68
CA SER A 108 -12.51 -5.56 2.58
C SER A 108 -12.87 -4.73 1.36
N LYS A 109 -11.98 -3.80 1.00
CA LYS A 109 -12.20 -2.94 -0.14
C LYS A 109 -12.19 -3.73 -1.43
N ILE A 110 -11.08 -4.42 -1.67
CA ILE A 110 -10.90 -5.25 -2.84
C ILE A 110 -11.93 -6.36 -2.91
N LYS A 111 -11.95 -7.16 -1.86
CA LYS A 111 -12.87 -8.27 -1.73
C LYS A 111 -14.28 -7.83 -2.05
N GLU A 112 -14.57 -6.57 -1.71
CA GLU A 112 -15.87 -5.98 -1.97
C GLU A 112 -15.90 -5.42 -3.38
N ALA A 113 -14.74 -4.92 -3.80
CA ALA A 113 -14.59 -4.35 -5.13
C ALA A 113 -14.31 -5.46 -6.13
N GLY A 114 -14.55 -6.69 -5.69
CA GLY A 114 -14.33 -7.86 -6.53
C GLY A 114 -12.92 -7.96 -7.06
N LEU A 115 -12.01 -7.19 -6.49
CA LEU A 115 -10.63 -7.21 -6.92
C LEU A 115 -9.93 -8.48 -6.45
N ILE A 116 -9.31 -8.35 -5.28
CA ILE A 116 -8.58 -9.43 -4.62
C ILE A 116 -8.91 -10.82 -5.17
N ASP A 117 -7.85 -11.58 -5.43
CA ASP A 117 -7.98 -12.93 -5.96
C ASP A 117 -7.08 -13.89 -5.19
N LYS A 118 -5.89 -13.40 -4.80
CA LYS A 118 -4.94 -14.21 -4.05
C LYS A 118 -4.52 -15.44 -4.85
N ALA B 1 21.40 -2.15 27.20
CA ALA B 1 20.92 -0.75 27.15
C ALA B 1 20.97 -0.21 25.72
N ARG B 2 21.79 -0.84 24.88
CA ARG B 2 21.93 -0.44 23.49
C ARG B 2 21.26 -1.45 22.57
N THR B 3 19.95 -1.62 22.73
CA THR B 3 19.19 -2.55 21.91
C THR B 3 17.96 -1.88 21.31
N LYS B 4 18.18 -1.03 20.31
CA LYS B 4 17.09 -0.32 19.65
C LYS B 4 16.99 -0.73 18.19
N GLN B 5 15.89 -0.31 17.54
CA GLN B 5 15.66 -0.63 16.14
C GLN B 5 14.55 0.25 15.57
N THR B 6 14.77 1.56 15.60
CA THR B 6 13.79 2.51 15.09
C THR B 6 14.04 2.82 13.62
N ALA B 7 13.09 3.51 13.00
CA ALA B 7 13.21 3.87 11.59
C ALA B 7 12.85 5.34 11.37
N ARG B 8 13.85 6.12 10.97
CA ARG B 8 13.67 7.55 10.72
C ARG B 8 13.46 7.80 9.22
N SER B 10 10.56 9.75 8.19
CA SER B 10 9.85 11.02 8.09
C SER B 10 10.43 12.04 9.08
N THR B 11 9.92 12.05 10.31
CA THR B 11 10.37 12.98 11.34
C THR B 11 9.65 12.73 12.66
N GLY B 12 9.62 11.47 13.09
CA GLY B 12 8.97 11.13 14.33
C GLY B 12 7.53 10.70 14.13
N GLY B 13 6.74 10.72 15.22
CA GLY B 13 5.35 10.32 15.13
C GLY B 13 5.19 8.83 14.91
N LYS B 14 6.30 8.09 14.95
CA LYS B 14 6.28 6.65 14.74
C LYS B 14 5.96 5.93 16.05
N ALA B 15 5.75 4.62 15.94
CA ALA B 15 5.44 3.78 17.10
C ALA B 15 4.21 4.31 17.83
N GLY A 1 -18.75 -18.98 -6.95
CA GLY A 1 -19.21 -17.81 -7.74
C GLY A 1 -20.40 -17.13 -7.12
N SER A 2 -20.61 -17.38 -5.82
CA SER A 2 -21.74 -16.78 -5.11
C SER A 2 -21.24 -15.90 -3.96
N HIS A 3 -20.57 -16.51 -3.00
CA HIS A 3 -20.03 -15.78 -1.85
C HIS A 3 -18.54 -15.57 -1.98
N MET A 4 -17.92 -16.32 -2.90
CA MET A 4 -16.48 -16.22 -3.14
C MET A 4 -16.19 -15.90 -4.60
N SER A 5 -14.95 -16.16 -5.02
CA SER A 5 -14.53 -15.91 -6.40
C SER A 5 -14.72 -14.44 -6.76
N LYS A 6 -13.74 -13.62 -6.39
CA LYS A 6 -13.78 -12.19 -6.67
C LYS A 6 -13.04 -11.86 -7.97
N GLU A 7 -13.74 -11.25 -8.91
CA GLU A 7 -13.15 -10.86 -10.18
C GLU A 7 -13.74 -9.54 -10.68
N PRO A 8 -12.94 -8.47 -10.77
CA PRO A 8 -13.40 -7.17 -11.22
C PRO A 8 -13.35 -7.04 -12.74
N ARG A 9 -12.18 -7.32 -13.30
CA ARG A 9 -11.94 -7.26 -14.74
C ARG A 9 -12.12 -5.85 -15.27
N ASP A 10 -11.81 -5.68 -16.56
CA ASP A 10 -11.92 -4.38 -17.24
C ASP A 10 -10.90 -3.39 -16.67
N PRO A 11 -9.96 -2.91 -17.51
CA PRO A 11 -8.93 -1.96 -17.09
C PRO A 11 -9.50 -0.65 -16.55
N ASP A 12 -10.75 -0.36 -16.93
CA ASP A 12 -11.41 0.87 -16.49
C ASP A 12 -12.15 0.62 -15.19
N GLN A 13 -13.02 -0.38 -15.18
CA GLN A 13 -13.76 -0.73 -13.97
C GLN A 13 -12.78 -0.91 -12.82
N LEU A 14 -11.65 -1.54 -13.15
CA LEU A 14 -10.59 -1.77 -12.18
C LEU A 14 -9.94 -0.47 -11.79
N TYR A 15 -9.34 0.17 -12.76
CA TYR A 15 -8.64 1.43 -12.52
C TYR A 15 -9.34 2.28 -11.47
N SER A 16 -10.54 2.72 -11.73
CA SER A 16 -11.19 3.56 -10.78
C SER A 16 -11.65 2.81 -9.53
N THR A 17 -11.93 1.51 -9.64
CA THR A 17 -12.26 0.71 -8.47
C THR A 17 -11.08 0.81 -7.54
N LEU A 18 -9.96 0.41 -8.10
CA LEU A 18 -8.68 0.44 -7.45
C LEU A 18 -8.33 1.87 -7.05
N LYS A 19 -8.85 2.81 -7.84
CA LYS A 19 -8.61 4.24 -7.60
C LYS A 19 -9.36 4.70 -6.36
N SER A 20 -10.59 4.24 -6.22
CA SER A 20 -11.40 4.59 -5.06
C SER A 20 -10.89 3.85 -3.84
N ILE A 21 -10.40 2.64 -4.06
CA ILE A 21 -9.83 1.85 -2.98
C ILE A 21 -8.58 2.52 -2.47
N LEU A 22 -7.55 2.56 -3.32
CA LEU A 22 -6.29 3.20 -2.97
C LEU A 22 -6.59 4.51 -2.25
N GLN A 23 -7.60 5.19 -2.77
CA GLN A 23 -8.08 6.44 -2.22
C GLN A 23 -8.36 6.27 -0.73
N GLN A 24 -9.22 5.31 -0.43
CA GLN A 24 -9.59 5.00 0.93
C GLN A 24 -8.45 4.43 1.76
N VAL A 25 -7.73 3.46 1.22
CA VAL A 25 -6.60 2.88 1.92
C VAL A 25 -5.72 4.02 2.42
N LYS A 26 -5.40 4.94 1.53
CA LYS A 26 -4.60 6.10 1.88
C LYS A 26 -5.35 6.93 2.89
N SER A 27 -6.68 6.90 2.76
CA SER A 27 -7.55 7.64 3.67
C SER A 27 -7.54 6.96 5.02
N HIS A 28 -7.12 5.69 5.01
CA HIS A 28 -7.04 4.90 6.24
C HIS A 28 -5.85 5.36 7.07
N GLN A 29 -6.12 5.64 8.34
CA GLN A 29 -5.10 6.11 9.28
C GLN A 29 -3.81 5.28 9.24
N SER A 30 -3.87 4.10 8.63
CA SER A 30 -2.72 3.22 8.57
C SER A 30 -1.87 3.39 7.31
N ALA A 31 -2.48 3.85 6.23
CA ALA A 31 -1.75 4.02 4.98
C ALA A 31 -1.05 5.36 4.95
N TRP A 32 -0.77 5.89 6.14
CA TRP A 32 -0.09 7.17 6.28
C TRP A 32 1.34 7.16 5.72
N PRO A 33 2.09 6.04 5.79
CA PRO A 33 3.43 6.00 5.26
C PRO A 33 3.44 5.62 3.79
N PHE A 34 2.74 4.53 3.49
CA PHE A 34 2.64 4.05 2.13
C PHE A 34 2.29 5.19 1.21
N MET A 35 1.22 5.90 1.54
CA MET A 35 0.79 7.01 0.74
C MET A 35 1.93 7.96 0.43
N GLU A 36 2.74 8.27 1.43
CA GLU A 36 3.84 9.19 1.21
C GLU A 36 5.18 8.46 1.12
N PRO A 37 5.82 8.60 -0.02
CA PRO A 37 7.12 7.98 -0.30
C PRO A 37 8.17 8.30 0.75
N VAL A 38 9.00 7.31 1.01
CA VAL A 38 10.08 7.44 1.98
C VAL A 38 11.14 8.37 1.46
N LYS A 39 11.93 8.93 2.37
CA LYS A 39 12.95 9.84 2.00
C LYS A 39 14.18 9.07 1.49
N ARG A 40 14.02 7.75 1.40
CA ARG A 40 15.07 6.86 0.90
C ARG A 40 16.20 6.64 1.92
N THR A 41 16.96 7.69 2.22
CA THR A 41 18.09 7.55 3.14
C THR A 41 17.78 7.98 4.57
N GLU A 42 16.72 8.77 4.72
CA GLU A 42 16.30 9.20 6.05
C GLU A 42 15.78 7.96 6.74
N ALA A 43 15.56 7.00 5.88
CA ALA A 43 15.07 5.69 6.20
C ALA A 43 16.25 4.72 6.45
N PRO A 44 16.35 4.19 7.68
CA PRO A 44 17.43 3.27 8.08
C PRO A 44 17.65 2.11 7.11
N GLY A 45 18.70 2.21 6.30
CA GLY A 45 19.03 1.16 5.33
C GLY A 45 17.83 0.71 4.52
N TYR A 46 16.80 1.54 4.54
CA TYR A 46 15.54 1.29 3.84
C TYR A 46 15.71 0.74 2.43
N TYR A 47 16.29 1.49 1.53
CA TYR A 47 16.45 1.00 0.16
C TYR A 47 17.38 -0.21 0.10
N GLU A 48 18.17 -0.42 1.16
CA GLU A 48 19.09 -1.56 1.20
C GLU A 48 18.31 -2.84 1.47
N VAL A 49 17.21 -2.70 2.21
CA VAL A 49 16.33 -3.81 2.54
C VAL A 49 15.21 -3.86 1.54
N ILE A 50 14.61 -2.71 1.39
CA ILE A 50 13.49 -2.51 0.53
C ILE A 50 13.92 -2.46 -0.93
N ARG A 51 14.09 -3.65 -1.48
CA ARG A 51 14.46 -3.80 -2.88
C ARG A 51 13.20 -3.63 -3.72
N PHE A 52 12.07 -3.48 -3.03
CA PHE A 52 10.77 -3.31 -3.66
C PHE A 52 9.94 -2.28 -2.91
N PRO A 53 10.33 -1.00 -3.00
CA PRO A 53 9.63 0.09 -2.33
C PRO A 53 8.50 0.66 -3.17
N MET A 54 7.30 0.53 -2.65
CA MET A 54 6.13 1.04 -3.33
C MET A 54 5.31 1.88 -2.37
N ASP A 55 4.70 2.92 -2.90
CA ASP A 55 3.91 3.84 -2.12
C ASP A 55 2.58 4.11 -2.82
N LEU A 56 1.52 4.21 -2.03
CA LEU A 56 0.19 4.46 -2.55
C LEU A 56 0.15 5.66 -3.47
N LYS A 57 1.14 6.54 -3.33
CA LYS A 57 1.22 7.69 -4.20
C LYS A 57 1.49 7.22 -5.63
N THR A 58 2.61 6.50 -5.78
CA THR A 58 3.00 5.94 -7.07
C THR A 58 1.93 4.96 -7.54
N MET A 59 1.24 4.37 -6.58
CA MET A 59 0.18 3.41 -6.87
C MET A 59 -0.97 4.08 -7.58
N SER A 60 -1.53 5.11 -6.95
CA SER A 60 -2.65 5.81 -7.54
C SER A 60 -2.19 6.67 -8.73
N GLU A 61 -0.88 6.92 -8.80
CA GLU A 61 -0.32 7.68 -9.91
C GLU A 61 -0.12 6.74 -11.09
N ARG A 62 0.29 5.52 -10.79
CA ARG A 62 0.46 4.50 -11.82
C ARG A 62 -0.94 4.18 -12.31
N LEU A 63 -1.76 3.89 -11.32
CA LEU A 63 -3.17 3.59 -11.49
C LEU A 63 -3.82 4.68 -12.34
N LYS A 64 -3.49 5.92 -12.00
CA LYS A 64 -4.00 7.10 -12.68
C LYS A 64 -3.62 7.07 -14.15
N ASN A 65 -2.37 6.77 -14.39
CA ASN A 65 -1.83 6.69 -15.74
C ASN A 65 -2.33 5.45 -16.46
N ARG A 66 -3.29 4.77 -15.84
CA ARG A 66 -3.91 3.58 -16.41
C ARG A 66 -2.94 2.41 -16.36
N TYR A 67 -2.27 2.29 -15.22
CA TYR A 67 -1.32 1.20 -15.01
C TYR A 67 -2.00 0.04 -14.30
N TYR A 68 -3.06 0.34 -13.54
CA TYR A 68 -3.78 -0.70 -12.82
C TYR A 68 -4.80 -1.38 -13.72
N VAL A 69 -4.33 -1.80 -14.89
CA VAL A 69 -5.17 -2.48 -15.86
C VAL A 69 -5.42 -3.92 -15.44
N SER A 70 -4.90 -4.27 -14.26
CA SER A 70 -5.06 -5.62 -13.74
C SER A 70 -5.38 -5.58 -12.26
N LYS A 71 -6.33 -6.43 -11.86
CA LYS A 71 -6.76 -6.49 -10.47
C LYS A 71 -5.58 -6.61 -9.52
N LYS A 72 -4.76 -7.62 -9.73
CA LYS A 72 -3.64 -7.81 -8.83
C LYS A 72 -2.55 -6.78 -9.05
N LEU A 73 -2.37 -6.26 -10.26
CA LEU A 73 -1.35 -5.22 -10.44
C LEU A 73 -1.50 -4.26 -9.30
N PHE A 74 -2.69 -3.74 -9.21
CA PHE A 74 -3.10 -2.87 -8.15
C PHE A 74 -2.64 -3.46 -6.85
N MET A 75 -2.96 -4.75 -6.68
CA MET A 75 -2.60 -5.41 -5.45
C MET A 75 -1.09 -5.49 -5.25
N ALA A 76 -0.40 -6.21 -6.10
CA ALA A 76 1.04 -6.34 -5.98
C ALA A 76 1.65 -5.01 -5.61
N ASP A 77 0.97 -3.94 -5.96
CA ASP A 77 1.45 -2.61 -5.66
C ASP A 77 1.04 -2.22 -4.25
N LEU A 78 -0.24 -2.38 -3.94
CA LEU A 78 -0.72 -2.07 -2.60
C LEU A 78 -0.17 -3.14 -1.67
N GLN A 79 -0.49 -4.38 -2.01
CA GLN A 79 0.02 -5.52 -1.30
C GLN A 79 1.50 -5.27 -1.05
N ARG A 80 2.18 -4.71 -2.07
CA ARG A 80 3.61 -4.38 -1.97
C ARG A 80 3.89 -3.36 -0.87
N VAL A 81 3.20 -2.20 -0.90
CA VAL A 81 3.43 -1.18 0.12
C VAL A 81 3.48 -1.84 1.49
N PHE A 82 2.57 -2.77 1.71
CA PHE A 82 2.55 -3.51 2.95
C PHE A 82 3.82 -4.35 3.07
N THR A 83 4.16 -5.05 1.99
CA THR A 83 5.34 -5.91 1.98
C THR A 83 6.60 -5.18 2.45
N ASN A 84 6.94 -4.08 1.80
CA ASN A 84 8.12 -3.32 2.18
C ASN A 84 8.05 -2.92 3.64
N CYS A 85 6.87 -2.45 4.07
CA CYS A 85 6.70 -2.07 5.46
C CYS A 85 6.97 -3.28 6.34
N LYS A 86 6.56 -4.45 5.87
CA LYS A 86 6.75 -5.67 6.60
C LYS A 86 8.16 -6.24 6.39
N GLU A 87 8.80 -5.79 5.32
CA GLU A 87 10.14 -6.24 4.97
C GLU A 87 11.18 -5.69 5.92
N TYR A 88 11.12 -4.39 6.15
CA TYR A 88 12.07 -3.71 6.98
C TYR A 88 11.40 -3.08 8.19
N ASN A 89 10.44 -2.21 7.93
CA ASN A 89 9.71 -1.53 8.98
C ASN A 89 9.23 -2.55 10.02
N PRO A 90 9.39 -2.23 11.32
CA PRO A 90 9.01 -3.13 12.42
C PRO A 90 7.51 -3.17 12.66
N PRO A 91 6.98 -4.34 13.12
CA PRO A 91 5.54 -4.48 13.42
C PRO A 91 5.20 -3.76 14.71
N GLU A 92 6.16 -2.95 15.17
CA GLU A 92 6.00 -2.17 16.37
C GLU A 92 6.22 -0.69 16.11
N SER A 93 6.80 -0.35 14.96
CA SER A 93 7.09 1.05 14.66
C SER A 93 5.92 1.71 13.94
N GLU A 94 4.69 1.31 14.30
CA GLU A 94 3.46 1.84 13.70
C GLU A 94 3.49 1.80 12.18
N TYR A 95 4.58 1.35 11.60
CA TYR A 95 4.72 1.26 10.15
C TYR A 95 4.16 -0.05 9.64
N TYR A 96 4.83 -1.12 10.00
CA TYR A 96 4.41 -2.45 9.59
C TYR A 96 2.99 -2.67 10.05
N LYS A 97 2.74 -2.43 11.33
CA LYS A 97 1.41 -2.62 11.88
C LYS A 97 0.38 -2.06 10.92
N CYS A 98 0.55 -0.78 10.64
CA CYS A 98 -0.32 -0.05 9.73
C CYS A 98 -0.58 -0.87 8.48
N ALA A 99 0.46 -1.53 8.00
CA ALA A 99 0.35 -2.39 6.83
C ALA A 99 -0.76 -3.37 7.08
N ASN A 100 -0.65 -4.06 8.19
CA ASN A 100 -1.62 -5.05 8.61
C ASN A 100 -2.99 -4.41 8.88
N ILE A 101 -2.99 -3.20 9.45
CA ILE A 101 -4.25 -2.54 9.78
C ILE A 101 -5.03 -2.18 8.51
N LEU A 102 -4.46 -1.30 7.70
CA LEU A 102 -5.10 -0.92 6.47
C LEU A 102 -5.27 -2.16 5.61
N GLU A 103 -4.22 -2.96 5.43
CA GLU A 103 -4.33 -4.17 4.60
C GLU A 103 -5.64 -4.89 4.91
N LYS A 104 -6.03 -4.89 6.19
CA LYS A 104 -7.29 -5.50 6.59
C LYS A 104 -8.44 -4.72 5.93
N PHE A 105 -8.47 -3.41 6.17
CA PHE A 105 -9.48 -2.55 5.55
C PHE A 105 -9.41 -2.75 4.05
N PHE A 106 -8.23 -2.49 3.52
CA PHE A 106 -7.90 -2.69 2.12
C PHE A 106 -8.49 -4.00 1.64
N PHE A 107 -8.37 -5.04 2.48
CA PHE A 107 -8.88 -6.37 2.14
C PHE A 107 -10.38 -6.36 1.97
N SER A 108 -11.08 -5.55 2.76
CA SER A 108 -12.52 -5.46 2.63
C SER A 108 -12.87 -4.66 1.39
N LYS A 109 -11.99 -3.74 1.02
CA LYS A 109 -12.18 -2.89 -0.16
C LYS A 109 -12.16 -3.73 -1.42
N ILE A 110 -11.04 -4.41 -1.62
CA ILE A 110 -10.84 -5.27 -2.79
C ILE A 110 -11.91 -6.35 -2.85
N LYS A 111 -11.99 -7.11 -1.78
CA LYS A 111 -12.94 -8.20 -1.66
C LYS A 111 -14.34 -7.72 -2.01
N GLU A 112 -14.60 -6.46 -1.68
CA GLU A 112 -15.87 -5.83 -1.99
C GLU A 112 -15.87 -5.37 -3.43
N ALA A 113 -14.69 -4.98 -3.89
CA ALA A 113 -14.51 -4.52 -5.25
C ALA A 113 -14.18 -5.69 -6.17
N GLY A 114 -14.44 -6.90 -5.67
CA GLY A 114 -14.17 -8.12 -6.41
C GLY A 114 -12.75 -8.23 -6.89
N LEU A 115 -11.86 -7.39 -6.35
CA LEU A 115 -10.47 -7.40 -6.75
C LEU A 115 -9.74 -8.64 -6.22
N ILE A 116 -9.23 -8.48 -5.00
CA ILE A 116 -8.49 -9.50 -4.27
C ILE A 116 -8.76 -10.94 -4.72
N ASP A 117 -7.72 -11.75 -4.61
CA ASP A 117 -7.77 -13.16 -4.97
C ASP A 117 -6.71 -13.94 -4.20
N LYS A 118 -5.80 -13.21 -3.54
CA LYS A 118 -4.74 -13.83 -2.76
C LYS A 118 -3.87 -14.73 -3.64
N ALA B 1 21.73 -12.36 16.37
CA ALA B 1 22.29 -11.12 16.96
C ALA B 1 23.14 -10.35 15.96
N ARG B 2 22.47 -9.62 15.07
CA ARG B 2 23.15 -8.84 14.04
C ARG B 2 22.52 -7.47 13.89
N THR B 3 22.58 -6.67 14.94
CA THR B 3 22.01 -5.33 14.93
C THR B 3 20.53 -5.37 14.57
N LYS B 4 19.68 -5.56 15.57
CA LYS B 4 18.24 -5.62 15.36
C LYS B 4 17.53 -4.59 16.23
N GLN B 5 17.88 -3.33 16.04
CA GLN B 5 17.28 -2.23 16.79
C GLN B 5 16.06 -1.67 16.08
N THR B 6 15.55 -0.54 16.58
CA THR B 6 14.39 0.10 15.98
C THR B 6 14.73 0.71 14.63
N ALA B 7 13.76 1.38 14.03
CA ALA B 7 13.96 2.01 12.72
C ALA B 7 13.60 3.49 12.77
N ARG B 8 12.30 3.78 12.73
CA ARG B 8 11.82 5.15 12.76
C ARG B 8 12.39 5.95 11.60
N SER B 10 11.29 8.77 9.89
CA SER B 10 11.37 10.19 10.23
C SER B 10 11.29 10.37 11.75
N THR B 11 10.19 9.92 12.33
CA THR B 11 9.98 10.04 13.77
C THR B 11 8.70 9.32 14.20
N GLY B 12 8.51 9.20 15.51
CA GLY B 12 7.33 8.54 16.03
C GLY B 12 7.58 7.82 17.34
N GLY B 13 6.50 7.48 18.05
CA GLY B 13 6.64 6.78 19.32
C GLY B 13 6.44 5.29 19.17
N LYS B 14 7.27 4.67 18.34
CA LYS B 14 7.20 3.23 18.11
C LYS B 14 5.82 2.83 17.60
N ALA B 15 4.93 2.43 18.52
CA ALA B 15 3.58 2.02 18.13
C ALA B 15 2.57 3.11 18.45
N GLY A 1 -29.52 -20.78 -9.26
CA GLY A 1 -29.30 -19.31 -9.33
C GLY A 1 -28.22 -18.84 -8.39
N SER A 2 -27.00 -18.74 -8.91
CA SER A 2 -25.85 -18.30 -8.12
C SER A 2 -25.42 -16.88 -8.51
N HIS A 3 -24.93 -16.13 -7.53
CA HIS A 3 -24.49 -14.76 -7.79
C HIS A 3 -23.61 -14.28 -6.63
N MET A 4 -22.55 -15.04 -6.34
CA MET A 4 -21.63 -14.69 -5.27
C MET A 4 -20.19 -15.02 -5.66
N SER A 5 -19.75 -14.48 -6.79
CA SER A 5 -18.40 -14.71 -7.28
C SER A 5 -17.48 -13.55 -6.91
N LYS A 6 -16.27 -13.56 -7.46
CA LYS A 6 -15.29 -12.52 -7.19
C LYS A 6 -14.65 -12.07 -8.49
N GLU A 7 -13.46 -11.49 -8.39
CA GLU A 7 -12.73 -11.01 -9.55
C GLU A 7 -13.48 -9.89 -10.26
N PRO A 8 -12.85 -8.71 -10.43
CA PRO A 8 -13.49 -7.58 -11.10
C PRO A 8 -13.33 -7.70 -12.61
N ARG A 9 -13.26 -6.57 -13.31
CA ARG A 9 -13.08 -6.58 -14.76
C ARG A 9 -13.07 -5.16 -15.31
N ASP A 10 -12.74 -5.06 -16.61
CA ASP A 10 -12.68 -3.77 -17.28
C ASP A 10 -11.57 -2.89 -16.68
N PRO A 11 -10.65 -2.39 -17.52
CA PRO A 11 -9.54 -1.56 -17.05
C PRO A 11 -10.00 -0.22 -16.48
N ASP A 12 -11.25 0.15 -16.73
CA ASP A 12 -11.77 1.42 -16.24
C ASP A 12 -12.48 1.18 -14.94
N GLN A 13 -13.22 0.09 -14.95
CA GLN A 13 -13.95 -0.35 -13.79
C GLN A 13 -12.97 -0.62 -12.66
N LEU A 14 -11.89 -1.32 -13.01
CA LEU A 14 -10.84 -1.63 -12.06
C LEU A 14 -10.14 -0.35 -11.68
N TYR A 15 -9.54 0.32 -12.65
CA TYR A 15 -8.81 1.55 -12.40
C TYR A 15 -9.48 2.41 -11.34
N SER A 16 -10.69 2.86 -11.56
CA SER A 16 -11.32 3.70 -10.57
C SER A 16 -11.80 2.95 -9.33
N THR A 17 -11.98 1.65 -9.42
CA THR A 17 -12.32 0.86 -8.25
C THR A 17 -11.12 0.90 -7.35
N LEU A 18 -10.00 0.64 -7.98
CA LEU A 18 -8.71 0.63 -7.38
C LEU A 18 -8.30 2.05 -7.03
N LYS A 19 -8.82 3.00 -7.81
CA LYS A 19 -8.53 4.40 -7.61
C LYS A 19 -9.25 4.90 -6.36
N SER A 20 -10.51 4.50 -6.25
CA SER A 20 -11.31 4.86 -5.11
C SER A 20 -10.81 4.08 -3.90
N ILE A 21 -10.37 2.84 -4.14
CA ILE A 21 -9.84 2.04 -3.06
C ILE A 21 -8.58 2.67 -2.54
N LEU A 22 -7.55 2.69 -3.37
CA LEU A 22 -6.26 3.29 -3.01
C LEU A 22 -6.53 4.57 -2.25
N GLN A 23 -7.55 5.28 -2.71
CA GLN A 23 -7.99 6.53 -2.12
C GLN A 23 -8.32 6.36 -0.64
N GLN A 24 -9.21 5.41 -0.33
CA GLN A 24 -9.64 5.16 1.04
C GLN A 24 -8.53 4.53 1.87
N VAL A 25 -7.75 3.66 1.25
CA VAL A 25 -6.65 3.00 1.93
C VAL A 25 -5.71 4.08 2.37
N LYS A 26 -5.53 4.99 1.46
CA LYS A 26 -4.71 6.14 1.67
C LYS A 26 -5.38 6.98 2.74
N SER A 27 -6.71 7.04 2.64
CA SER A 27 -7.52 7.76 3.59
C SER A 27 -7.39 7.10 4.94
N HIS A 28 -7.17 5.80 4.89
CA HIS A 28 -6.97 5.02 6.10
C HIS A 28 -5.67 5.45 6.75
N GLN A 29 -5.76 6.01 7.95
CA GLN A 29 -4.59 6.49 8.68
C GLN A 29 -3.36 5.62 8.47
N SER A 30 -3.54 4.32 8.64
CA SER A 30 -2.47 3.35 8.51
C SER A 30 -1.65 3.49 7.23
N ALA A 31 -2.26 4.06 6.21
CA ALA A 31 -1.56 4.22 4.94
C ALA A 31 -0.83 5.53 4.90
N TRP A 32 -0.53 6.06 6.08
CA TRP A 32 0.15 7.34 6.20
C TRP A 32 1.56 7.33 5.60
N PRO A 33 2.32 6.22 5.68
CA PRO A 33 3.66 6.19 5.09
C PRO A 33 3.59 5.78 3.63
N PHE A 34 2.64 4.90 3.33
CA PHE A 34 2.48 4.42 1.98
C PHE A 34 2.08 5.56 1.08
N MET A 35 1.56 6.62 1.71
CA MET A 35 1.16 7.80 0.98
C MET A 35 2.27 8.24 0.06
N GLU A 36 3.46 8.34 0.62
CA GLU A 36 4.60 8.82 -0.13
C GLU A 36 5.66 7.74 -0.30
N PRO A 37 6.45 7.84 -1.39
CA PRO A 37 7.49 6.88 -1.74
C PRO A 37 8.78 7.07 -0.96
N VAL A 38 8.66 7.72 0.18
CA VAL A 38 9.77 8.00 1.07
C VAL A 38 10.87 8.76 0.37
N LYS A 39 11.48 9.65 1.13
CA LYS A 39 12.51 10.50 0.65
C LYS A 39 13.81 9.72 0.43
N ARG A 40 13.79 8.45 0.79
CA ARG A 40 14.93 7.55 0.62
C ARG A 40 16.03 7.84 1.63
N THR A 41 15.82 8.82 2.51
CA THR A 41 16.83 9.16 3.50
C THR A 41 16.22 9.54 4.84
N GLU A 42 14.99 10.05 4.83
CA GLU A 42 14.34 10.40 6.08
C GLU A 42 14.07 9.07 6.74
N ALA A 43 14.08 8.09 5.86
CA ALA A 43 13.89 6.70 6.20
C ALA A 43 15.22 6.02 6.40
N PRO A 44 15.44 5.48 7.61
CA PRO A 44 16.70 4.81 8.01
C PRO A 44 17.15 3.72 7.05
N GLY A 45 18.05 4.07 6.12
CA GLY A 45 18.56 3.11 5.16
C GLY A 45 17.45 2.31 4.50
N TYR A 46 16.27 2.90 4.47
CA TYR A 46 15.07 2.29 3.91
C TYR A 46 15.28 1.69 2.52
N TYR A 47 15.88 2.43 1.63
CA TYR A 47 16.09 1.92 0.27
C TYR A 47 17.19 0.87 0.24
N GLU A 48 18.01 0.83 1.30
CA GLU A 48 19.10 -0.15 1.39
C GLU A 48 18.54 -1.50 1.78
N VAL A 49 17.35 -1.48 2.37
CA VAL A 49 16.66 -2.66 2.82
C VAL A 49 15.49 -2.95 1.91
N ILE A 50 14.81 -1.88 1.57
CA ILE A 50 13.65 -1.93 0.75
C ILE A 50 14.01 -1.94 -0.73
N ARG A 51 14.17 -3.13 -1.27
CA ARG A 51 14.48 -3.30 -2.68
C ARG A 51 13.21 -3.19 -3.49
N PHE A 52 12.10 -3.00 -2.77
CA PHE A 52 10.79 -2.92 -3.38
C PHE A 52 9.90 -1.93 -2.66
N PRO A 53 10.21 -0.64 -2.76
CA PRO A 53 9.45 0.41 -2.12
C PRO A 53 8.33 0.94 -2.99
N MET A 54 7.13 0.55 -2.66
CA MET A 54 5.97 1.03 -3.38
C MET A 54 5.11 1.82 -2.41
N ASP A 55 4.54 2.88 -2.91
CA ASP A 55 3.74 3.74 -2.09
C ASP A 55 2.51 4.21 -2.85
N LEU A 56 1.41 4.22 -2.13
CA LEU A 56 0.10 4.59 -2.65
C LEU A 56 0.16 5.77 -3.61
N LYS A 57 1.17 6.63 -3.51
CA LYS A 57 1.26 7.74 -4.43
C LYS A 57 1.48 7.20 -5.84
N THR A 58 2.60 6.49 -6.02
CA THR A 58 2.95 5.90 -7.31
C THR A 58 1.88 4.91 -7.73
N MET A 59 1.21 4.33 -6.75
CA MET A 59 0.15 3.38 -7.01
C MET A 59 -1.00 4.05 -7.72
N SER A 60 -1.48 5.15 -7.16
CA SER A 60 -2.57 5.87 -7.75
C SER A 60 -2.09 6.68 -8.95
N GLU A 61 -0.77 6.92 -9.02
CA GLU A 61 -0.19 7.63 -10.16
C GLU A 61 -0.07 6.67 -11.33
N ARG A 62 0.28 5.43 -11.01
CA ARG A 62 0.39 4.38 -12.02
C ARG A 62 -1.03 4.06 -12.45
N LEU A 63 -1.83 3.82 -11.45
CA LEU A 63 -3.24 3.55 -11.58
C LEU A 63 -3.88 4.63 -12.45
N LYS A 64 -3.54 5.89 -12.12
CA LYS A 64 -4.03 7.06 -12.85
C LYS A 64 -3.56 7.03 -14.30
N ASN A 65 -2.29 6.68 -14.50
CA ASN A 65 -1.73 6.60 -15.83
C ASN A 65 -2.34 5.42 -16.58
N ARG A 66 -3.26 4.74 -15.89
CA ARG A 66 -3.96 3.58 -16.42
C ARG A 66 -3.06 2.37 -16.43
N TYR A 67 -2.43 2.15 -15.28
CA TYR A 67 -1.53 1.03 -15.09
C TYR A 67 -2.22 -0.10 -14.33
N TYR A 68 -3.26 0.23 -13.59
CA TYR A 68 -3.99 -0.78 -12.83
C TYR A 68 -5.02 -1.46 -13.70
N VAL A 69 -4.56 -1.90 -14.85
CA VAL A 69 -5.38 -2.59 -15.82
C VAL A 69 -5.72 -3.99 -15.34
N SER A 70 -5.22 -4.36 -14.17
CA SER A 70 -5.46 -5.67 -13.61
C SER A 70 -5.72 -5.58 -12.12
N LYS A 71 -6.63 -6.42 -11.65
CA LYS A 71 -6.99 -6.44 -10.25
C LYS A 71 -5.76 -6.53 -9.36
N LYS A 72 -4.94 -7.53 -9.59
CA LYS A 72 -3.77 -7.70 -8.77
C LYS A 72 -2.69 -6.67 -9.02
N LEU A 73 -2.54 -6.15 -10.25
CA LEU A 73 -1.50 -5.12 -10.45
C LEU A 73 -1.64 -4.16 -9.31
N PHE A 74 -2.85 -3.66 -9.20
CA PHE A 74 -3.25 -2.80 -8.12
C PHE A 74 -2.76 -3.38 -6.81
N MET A 75 -3.04 -4.66 -6.61
CA MET A 75 -2.63 -5.31 -5.39
C MET A 75 -1.12 -5.41 -5.26
N ALA A 76 -0.46 -6.15 -6.14
CA ALA A 76 0.98 -6.29 -6.08
C ALA A 76 1.60 -4.97 -5.69
N ASP A 77 0.94 -3.88 -6.02
CA ASP A 77 1.42 -2.56 -5.71
C ASP A 77 1.02 -2.18 -4.29
N LEU A 78 -0.28 -2.33 -3.99
CA LEU A 78 -0.76 -2.03 -2.65
C LEU A 78 -0.20 -3.08 -1.71
N GLN A 79 -0.45 -4.33 -2.04
CA GLN A 79 0.08 -5.43 -1.29
C GLN A 79 1.55 -5.16 -1.06
N ARG A 80 2.23 -4.66 -2.12
CA ARG A 80 3.64 -4.32 -2.02
C ARG A 80 3.90 -3.28 -0.93
N VAL A 81 3.14 -2.19 -0.92
CA VAL A 81 3.35 -1.16 0.12
C VAL A 81 3.41 -1.83 1.48
N PHE A 82 2.49 -2.77 1.69
CA PHE A 82 2.44 -3.50 2.93
C PHE A 82 3.69 -4.36 3.07
N THR A 83 4.19 -4.89 1.95
CA THR A 83 5.37 -5.74 1.98
C THR A 83 6.61 -4.99 2.46
N ASN A 84 6.97 -3.89 1.78
CA ASN A 84 8.14 -3.11 2.17
C ASN A 84 8.03 -2.68 3.62
N CYS A 85 6.85 -2.22 4.02
CA CYS A 85 6.65 -1.81 5.40
C CYS A 85 6.96 -2.97 6.32
N LYS A 86 6.56 -4.16 5.92
CA LYS A 86 6.82 -5.37 6.68
C LYS A 86 8.25 -5.85 6.43
N GLU A 87 8.83 -5.37 5.32
CA GLU A 87 10.18 -5.76 4.93
C GLU A 87 11.22 -5.16 5.85
N TYR A 88 11.07 -3.88 6.16
CA TYR A 88 12.03 -3.18 6.99
C TYR A 88 11.39 -2.69 8.27
N ASN A 89 10.40 -1.84 8.11
CA ASN A 89 9.69 -1.26 9.22
C ASN A 89 9.24 -2.36 10.20
N PRO A 90 9.73 -2.33 11.45
CA PRO A 90 9.39 -3.34 12.48
C PRO A 90 7.89 -3.43 12.78
N PRO A 91 7.40 -4.66 13.09
CA PRO A 91 5.99 -4.91 13.42
C PRO A 91 5.49 -4.06 14.58
N GLU A 92 6.42 -3.49 15.32
CA GLU A 92 6.10 -2.64 16.47
C GLU A 92 6.31 -1.16 16.20
N SER A 93 6.95 -0.85 15.08
CA SER A 93 7.22 0.54 14.75
C SER A 93 6.00 1.31 14.25
N GLU A 94 4.81 0.72 14.41
CA GLU A 94 3.57 1.36 13.95
C GLU A 94 3.51 1.40 12.43
N TYR A 95 4.68 1.30 11.79
CA TYR A 95 4.76 1.31 10.34
C TYR A 95 4.21 0.01 9.80
N TYR A 96 4.90 -1.05 10.14
CA TYR A 96 4.52 -2.37 9.73
C TYR A 96 3.05 -2.59 10.05
N LYS A 97 2.69 -2.45 11.32
CA LYS A 97 1.31 -2.66 11.75
C LYS A 97 0.38 -1.97 10.78
N CYS A 98 0.62 -0.68 10.58
CA CYS A 98 -0.17 0.13 9.66
C CYS A 98 -0.44 -0.62 8.38
N ALA A 99 0.56 -1.32 7.91
CA ALA A 99 0.42 -2.13 6.73
C ALA A 99 -0.72 -3.09 6.96
N ASN A 100 -0.59 -3.87 8.01
CA ASN A 100 -1.60 -4.83 8.39
C ASN A 100 -2.95 -4.18 8.71
N ILE A 101 -2.93 -2.97 9.29
CA ILE A 101 -4.18 -2.30 9.65
C ILE A 101 -4.99 -1.95 8.42
N LEU A 102 -4.43 -1.08 7.58
CA LEU A 102 -5.10 -0.71 6.37
C LEU A 102 -5.22 -1.96 5.49
N GLU A 103 -4.14 -2.70 5.30
CA GLU A 103 -4.19 -3.91 4.49
C GLU A 103 -5.46 -4.71 4.82
N LYS A 104 -5.89 -4.63 6.08
CA LYS A 104 -7.12 -5.29 6.51
C LYS A 104 -8.31 -4.58 5.87
N PHE A 105 -8.42 -3.27 6.12
CA PHE A 105 -9.48 -2.46 5.52
C PHE A 105 -9.43 -2.69 4.01
N PHE A 106 -8.25 -2.43 3.48
CA PHE A 106 -7.94 -2.65 2.08
C PHE A 106 -8.53 -3.97 1.65
N PHE A 107 -8.20 -5.02 2.37
CA PHE A 107 -8.68 -6.37 2.08
C PHE A 107 -10.20 -6.41 1.91
N SER A 108 -10.92 -5.65 2.74
CA SER A 108 -12.38 -5.65 2.64
C SER A 108 -12.84 -4.78 1.49
N LYS A 109 -11.95 -3.90 1.03
CA LYS A 109 -12.26 -2.99 -0.07
C LYS A 109 -12.26 -3.74 -1.38
N ILE A 110 -11.10 -4.30 -1.66
CA ILE A 110 -10.87 -5.10 -2.84
C ILE A 110 -11.90 -6.21 -2.93
N LYS A 111 -11.96 -6.99 -1.85
CA LYS A 111 -12.88 -8.10 -1.74
C LYS A 111 -14.27 -7.62 -2.15
N GLU A 112 -14.59 -6.41 -1.70
CA GLU A 112 -15.84 -5.77 -2.03
C GLU A 112 -15.87 -5.41 -3.50
N ALA A 113 -14.73 -4.91 -3.97
CA ALA A 113 -14.57 -4.52 -5.35
C ALA A 113 -14.24 -5.73 -6.22
N GLY A 114 -14.45 -6.92 -5.65
CA GLY A 114 -14.18 -8.15 -6.34
C GLY A 114 -12.72 -8.26 -6.74
N LEU A 115 -11.91 -7.28 -6.37
CA LEU A 115 -10.50 -7.27 -6.73
C LEU A 115 -9.79 -8.50 -6.20
N ILE A 116 -9.31 -8.38 -4.95
CA ILE A 116 -8.60 -9.43 -4.25
C ILE A 116 -8.97 -10.83 -4.76
N ASP A 117 -7.96 -11.70 -4.83
CA ASP A 117 -8.16 -13.07 -5.29
C ASP A 117 -7.23 -14.03 -4.54
N LYS A 118 -6.00 -13.58 -4.30
CA LYS A 118 -4.99 -14.38 -3.60
C LYS A 118 -5.12 -15.87 -3.92
N ALA B 1 28.51 13.45 16.12
CA ALA B 1 28.36 13.29 14.66
C ALA B 1 28.87 11.93 14.21
N ARG B 2 28.79 10.95 15.10
CA ARG B 2 29.24 9.60 14.80
C ARG B 2 28.08 8.70 14.40
N THR B 3 28.36 7.72 13.55
CA THR B 3 27.34 6.80 13.07
C THR B 3 26.68 6.04 14.22
N LYS B 4 25.43 6.40 14.52
CA LYS B 4 24.68 5.76 15.59
C LYS B 4 23.19 5.78 15.28
N GLN B 5 22.79 6.69 14.39
CA GLN B 5 21.40 6.82 13.99
C GLN B 5 21.29 7.39 12.58
N THR B 6 20.86 6.56 11.64
CA THR B 6 20.72 6.98 10.25
C THR B 6 19.49 7.87 10.06
N ALA B 7 18.31 7.30 10.29
CA ALA B 7 17.06 8.04 10.15
C ALA B 7 15.97 7.48 11.05
N ARG B 8 14.87 8.22 11.17
CA ARG B 8 13.76 7.80 12.02
C ARG B 8 12.50 7.55 11.18
N SER B 10 10.67 9.42 10.06
CA SER B 10 9.67 10.43 10.38
C SER B 10 10.24 11.47 11.34
N THR B 11 9.40 12.41 11.76
CA THR B 11 9.83 13.45 12.68
C THR B 11 10.26 12.86 14.02
N GLY B 12 9.46 11.92 14.53
CA GLY B 12 9.77 11.30 15.80
C GLY B 12 8.54 10.73 16.48
N GLY B 13 8.64 9.50 16.96
CA GLY B 13 7.52 8.87 17.65
C GLY B 13 7.32 7.43 17.22
N LYS B 14 7.23 7.20 15.91
CA LYS B 14 7.03 5.86 15.36
C LYS B 14 5.77 5.22 15.93
N ALA B 15 5.92 4.49 17.03
CA ALA B 15 4.79 3.82 17.66
C ALA B 15 3.81 4.83 18.26
N GLY A 1 -24.65 -2.15 -2.78
CA GLY A 1 -24.61 -3.43 -3.54
C GLY A 1 -24.76 -4.64 -2.64
N SER A 2 -24.62 -5.83 -3.21
CA SER A 2 -24.74 -7.06 -2.46
C SER A 2 -23.94 -8.19 -3.11
N HIS A 3 -23.33 -9.03 -2.29
CA HIS A 3 -22.52 -10.15 -2.77
C HIS A 3 -21.34 -9.65 -3.60
N MET A 4 -21.59 -9.39 -4.89
CA MET A 4 -20.55 -8.91 -5.80
C MET A 4 -19.39 -9.89 -5.89
N SER A 5 -19.31 -10.59 -7.03
CA SER A 5 -18.25 -11.57 -7.25
C SER A 5 -16.90 -10.88 -7.42
N LYS A 6 -15.95 -11.57 -8.05
CA LYS A 6 -14.63 -11.03 -8.27
C LYS A 6 -14.33 -10.96 -9.75
N GLU A 7 -13.06 -10.75 -10.06
CA GLU A 7 -12.62 -10.67 -11.44
C GLU A 7 -13.22 -9.46 -12.16
N PRO A 8 -12.74 -8.25 -11.82
CA PRO A 8 -13.24 -7.00 -12.42
C PRO A 8 -12.91 -6.92 -13.91
N ARG A 9 -11.67 -7.26 -14.24
CA ARG A 9 -11.19 -7.26 -15.62
C ARG A 9 -11.09 -5.86 -16.23
N ASP A 10 -12.24 -5.31 -16.63
CA ASP A 10 -12.27 -3.98 -17.24
C ASP A 10 -11.23 -3.04 -16.61
N PRO A 11 -10.24 -2.59 -17.40
CA PRO A 11 -9.19 -1.71 -16.92
C PRO A 11 -9.73 -0.37 -16.44
N ASP A 12 -10.98 -0.09 -16.76
CA ASP A 12 -11.63 1.15 -16.37
C ASP A 12 -12.34 0.95 -15.05
N GLN A 13 -13.23 -0.03 -15.02
CA GLN A 13 -13.94 -0.36 -13.80
C GLN A 13 -12.94 -0.62 -12.69
N LEU A 14 -11.83 -1.25 -13.06
CA LEU A 14 -10.76 -1.55 -12.13
C LEU A 14 -10.07 -0.28 -11.72
N TYR A 15 -9.47 0.39 -12.68
CA TYR A 15 -8.75 1.61 -12.41
C TYR A 15 -9.43 2.45 -11.35
N SER A 16 -10.63 2.91 -11.59
CA SER A 16 -11.28 3.73 -10.58
C SER A 16 -11.72 2.96 -9.35
N THR A 17 -11.98 1.67 -9.47
CA THR A 17 -12.30 0.86 -8.31
C THR A 17 -11.10 0.95 -7.41
N LEU A 18 -10.00 0.53 -7.99
CA LEU A 18 -8.70 0.54 -7.36
C LEU A 18 -8.30 1.96 -7.01
N LYS A 19 -8.83 2.92 -7.75
CA LYS A 19 -8.54 4.34 -7.55
C LYS A 19 -9.24 4.85 -6.30
N SER A 20 -10.48 4.43 -6.12
CA SER A 20 -11.26 4.82 -4.96
C SER A 20 -10.75 4.08 -3.74
N ILE A 21 -10.33 2.84 -3.95
CA ILE A 21 -9.77 2.04 -2.87
C ILE A 21 -8.50 2.67 -2.38
N LEU A 22 -7.49 2.69 -3.24
CA LEU A 22 -6.19 3.29 -2.92
C LEU A 22 -6.43 4.60 -2.21
N GLN A 23 -7.39 5.34 -2.75
CA GLN A 23 -7.79 6.62 -2.19
C GLN A 23 -8.06 6.49 -0.70
N GLN A 24 -8.92 5.53 -0.38
CA GLN A 24 -9.33 5.24 0.98
C GLN A 24 -8.24 4.57 1.82
N VAL A 25 -7.50 3.65 1.23
CA VAL A 25 -6.44 2.96 1.96
C VAL A 25 -5.52 4.04 2.45
N LYS A 26 -5.27 4.95 1.55
CA LYS A 26 -4.47 6.11 1.80
C LYS A 26 -5.14 6.93 2.88
N SER A 27 -6.46 7.02 2.75
CA SER A 27 -7.29 7.77 3.68
C SER A 27 -7.25 7.09 5.03
N HIS A 28 -6.89 5.81 5.01
CA HIS A 28 -6.78 5.03 6.23
C HIS A 28 -5.54 5.46 6.99
N GLN A 29 -5.74 5.86 8.24
CA GLN A 29 -4.67 6.34 9.10
C GLN A 29 -3.42 5.45 9.05
N SER A 30 -3.59 4.22 8.60
CA SER A 30 -2.49 3.26 8.54
C SER A 30 -1.61 3.40 7.30
N ALA A 31 -2.22 3.81 6.19
CA ALA A 31 -1.49 3.97 4.94
C ALA A 31 -0.78 5.31 4.89
N TRP A 32 -0.50 5.83 6.08
CA TRP A 32 0.16 7.12 6.23
C TRP A 32 1.58 7.15 5.64
N PRO A 33 2.36 6.05 5.68
CA PRO A 33 3.70 6.05 5.12
C PRO A 33 3.70 5.62 3.67
N PHE A 34 3.05 4.49 3.40
CA PHE A 34 2.97 3.97 2.06
C PHE A 34 2.62 5.08 1.09
N MET A 35 1.54 5.78 1.39
CA MET A 35 1.08 6.87 0.53
C MET A 35 2.22 7.77 0.13
N GLU A 36 3.11 8.07 1.06
CA GLU A 36 4.22 8.96 0.74
C GLU A 36 5.53 8.22 0.54
N PRO A 37 6.35 8.74 -0.36
CA PRO A 37 7.67 8.18 -0.70
C PRO A 37 8.68 8.47 0.38
N VAL A 38 9.63 7.57 0.52
CA VAL A 38 10.66 7.70 1.54
C VAL A 38 11.85 8.54 1.04
N LYS A 39 12.55 9.17 1.97
CA LYS A 39 13.68 10.03 1.62
C LYS A 39 14.87 9.23 1.13
N ARG A 40 14.81 7.91 1.29
CA ARG A 40 15.89 7.03 0.87
C ARG A 40 17.12 7.22 1.78
N THR A 41 17.18 8.35 2.49
CA THR A 41 18.29 8.61 3.40
C THR A 41 17.79 8.82 4.81
N GLU A 42 16.72 9.62 4.96
CA GLU A 42 16.13 9.82 6.27
C GLU A 42 15.70 8.44 6.75
N ALA A 43 15.73 7.55 5.79
CA ALA A 43 15.39 6.16 5.94
C ALA A 43 16.60 5.29 6.30
N PRO A 44 16.49 4.53 7.40
CA PRO A 44 17.55 3.61 7.84
C PRO A 44 17.86 2.55 6.78
N GLY A 45 18.64 2.94 5.77
CA GLY A 45 18.97 2.01 4.71
C GLY A 45 17.73 1.42 4.07
N TYR A 46 16.63 2.16 4.14
CA TYR A 46 15.34 1.73 3.60
C TYR A 46 15.47 1.10 2.22
N TYR A 47 16.10 1.78 1.28
CA TYR A 47 16.24 1.22 -0.06
C TYR A 47 17.19 0.03 -0.09
N GLU A 48 18.02 -0.12 0.94
CA GLU A 48 18.96 -1.25 1.02
C GLU A 48 18.20 -2.53 1.41
N VAL A 49 17.23 -2.36 2.29
CA VAL A 49 16.40 -3.46 2.77
C VAL A 49 15.22 -3.61 1.86
N ILE A 50 14.76 -2.47 1.40
CA ILE A 50 13.62 -2.39 0.54
C ILE A 50 14.04 -2.42 -0.92
N ARG A 51 14.13 -3.62 -1.47
CA ARG A 51 14.50 -3.79 -2.86
C ARG A 51 13.26 -3.56 -3.71
N PHE A 52 12.16 -3.33 -3.02
CA PHE A 52 10.87 -3.14 -3.67
C PHE A 52 10.02 -2.12 -2.92
N PRO A 53 10.39 -0.83 -2.99
CA PRO A 53 9.65 0.22 -2.34
C PRO A 53 8.54 0.79 -3.20
N MET A 54 7.31 0.51 -2.80
CA MET A 54 6.16 1.01 -3.49
C MET A 54 5.34 1.87 -2.54
N ASP A 55 4.73 2.89 -3.10
CA ASP A 55 3.94 3.83 -2.33
C ASP A 55 2.60 4.06 -3.00
N LEU A 56 1.57 4.19 -2.18
CA LEU A 56 0.22 4.41 -2.67
C LEU A 56 0.17 5.58 -3.63
N LYS A 57 1.18 6.46 -3.54
CA LYS A 57 1.25 7.59 -4.45
C LYS A 57 1.51 7.08 -5.86
N THR A 58 2.63 6.37 -6.00
CA THR A 58 3.02 5.77 -7.27
C THR A 58 1.95 4.79 -7.71
N MET A 59 1.28 4.21 -6.74
CA MET A 59 0.21 3.26 -7.00
C MET A 59 -0.93 3.93 -7.71
N SER A 60 -1.46 4.98 -7.10
CA SER A 60 -2.56 5.71 -7.68
C SER A 60 -2.10 6.54 -8.87
N GLU A 61 -0.79 6.77 -8.97
CA GLU A 61 -0.24 7.51 -10.11
C GLU A 61 -0.11 6.56 -11.30
N ARG A 62 0.28 5.31 -11.02
CA ARG A 62 0.37 4.30 -12.07
C ARG A 62 -1.05 4.02 -12.49
N LEU A 63 -1.84 3.76 -11.46
CA LEU A 63 -3.25 3.53 -11.57
C LEU A 63 -3.89 4.63 -12.42
N LYS A 64 -3.53 5.86 -12.05
CA LYS A 64 -4.00 7.06 -12.74
C LYS A 64 -3.55 7.08 -14.19
N ASN A 65 -2.33 6.62 -14.42
CA ASN A 65 -1.77 6.57 -15.76
C ASN A 65 -2.38 5.38 -16.52
N ARG A 66 -3.30 4.71 -15.84
CA ARG A 66 -4.00 3.56 -16.41
C ARG A 66 -3.09 2.34 -16.42
N TYR A 67 -2.43 2.13 -15.30
CA TYR A 67 -1.53 1.02 -15.12
C TYR A 67 -2.21 -0.12 -14.38
N TYR A 68 -3.22 0.22 -13.57
CA TYR A 68 -3.95 -0.80 -12.83
C TYR A 68 -4.97 -1.46 -13.72
N VAL A 69 -4.49 -1.95 -14.85
CA VAL A 69 -5.29 -2.63 -15.83
C VAL A 69 -5.64 -4.03 -15.37
N SER A 70 -5.18 -4.38 -14.17
CA SER A 70 -5.43 -5.68 -13.60
C SER A 70 -5.71 -5.57 -12.11
N LYS A 71 -6.72 -6.27 -11.65
CA LYS A 71 -7.09 -6.24 -10.25
C LYS A 71 -5.87 -6.43 -9.37
N LYS A 72 -5.08 -7.43 -9.66
CA LYS A 72 -3.93 -7.70 -8.84
C LYS A 72 -2.81 -6.70 -9.06
N LEU A 73 -2.61 -6.17 -10.28
CA LEU A 73 -1.56 -5.16 -10.45
C LEU A 73 -1.68 -4.21 -9.30
N PHE A 74 -2.88 -3.67 -9.19
CA PHE A 74 -3.26 -2.82 -8.11
C PHE A 74 -2.75 -3.41 -6.82
N MET A 75 -3.13 -4.65 -6.59
CA MET A 75 -2.72 -5.34 -5.39
C MET A 75 -1.22 -5.46 -5.24
N ALA A 76 -0.58 -6.21 -6.14
CA ALA A 76 0.86 -6.37 -6.06
C ALA A 76 1.53 -5.06 -5.68
N ASP A 77 0.85 -3.97 -6.00
CA ASP A 77 1.37 -2.65 -5.70
C ASP A 77 1.00 -2.26 -4.28
N LEU A 78 -0.29 -2.40 -3.94
CA LEU A 78 -0.74 -2.09 -2.59
C LEU A 78 -0.17 -3.14 -1.67
N GLN A 79 -0.46 -4.38 -1.98
CA GLN A 79 0.08 -5.49 -1.25
C GLN A 79 1.56 -5.25 -1.06
N ARG A 80 2.21 -4.75 -2.12
CA ARG A 80 3.64 -4.44 -2.06
C ARG A 80 3.93 -3.40 -0.98
N VAL A 81 3.23 -2.26 -0.99
CA VAL A 81 3.47 -1.24 0.02
C VAL A 81 3.51 -1.89 1.39
N PHE A 82 2.60 -2.83 1.59
CA PHE A 82 2.54 -3.56 2.84
C PHE A 82 3.80 -4.41 2.99
N THR A 83 4.23 -5.04 1.89
CA THR A 83 5.41 -5.90 1.93
C THR A 83 6.66 -5.15 2.37
N ASN A 84 7.03 -4.09 1.63
CA ASN A 84 8.22 -3.31 1.99
C ASN A 84 8.08 -2.77 3.40
N CYS A 85 6.84 -2.44 3.77
CA CYS A 85 6.58 -1.95 5.10
C CYS A 85 7.08 -2.96 6.12
N LYS A 86 6.63 -4.19 5.98
CA LYS A 86 7.01 -5.26 6.88
C LYS A 86 8.46 -5.71 6.61
N GLU A 87 8.96 -5.38 5.43
CA GLU A 87 10.30 -5.76 5.01
C GLU A 87 11.37 -4.98 5.74
N TYR A 88 11.09 -3.71 6.03
CA TYR A 88 12.06 -2.84 6.65
C TYR A 88 11.67 -2.46 8.06
N ASN A 89 10.38 -2.41 8.29
CA ASN A 89 9.86 -1.98 9.58
C ASN A 89 9.51 -3.15 10.51
N PRO A 90 9.72 -2.96 11.82
CA PRO A 90 9.39 -3.95 12.84
C PRO A 90 7.89 -4.00 13.11
N PRO A 91 7.33 -5.18 13.42
CA PRO A 91 5.89 -5.32 13.72
C PRO A 91 5.43 -4.32 14.77
N GLU A 92 6.36 -3.91 15.61
CA GLU A 92 6.07 -2.96 16.67
C GLU A 92 5.92 -1.53 16.14
N SER A 93 6.73 -1.17 15.15
CA SER A 93 6.66 0.18 14.58
C SER A 93 5.27 0.48 14.05
N GLU A 94 4.85 1.72 14.20
CA GLU A 94 3.54 2.15 13.72
C GLU A 94 3.45 1.95 12.21
N TYR A 95 4.55 1.49 11.62
CA TYR A 95 4.61 1.28 10.19
C TYR A 95 4.06 -0.08 9.81
N TYR A 96 4.75 -1.12 10.26
CA TYR A 96 4.37 -2.47 9.95
C TYR A 96 2.92 -2.72 10.29
N LYS A 97 2.55 -2.58 11.55
CA LYS A 97 1.19 -2.85 11.97
C LYS A 97 0.20 -2.11 11.07
N CYS A 98 0.55 -0.88 10.71
CA CYS A 98 -0.28 -0.07 9.82
C CYS A 98 -0.52 -0.81 8.52
N ALA A 99 0.51 -1.49 8.07
CA ALA A 99 0.43 -2.27 6.85
C ALA A 99 -0.70 -3.25 7.01
N ASN A 100 -0.64 -3.96 8.11
CA ASN A 100 -1.64 -4.95 8.45
C ASN A 100 -3.00 -4.30 8.70
N ILE A 101 -3.00 -3.13 9.36
CA ILE A 101 -4.26 -2.47 9.70
C ILE A 101 -5.04 -2.09 8.44
N LEU A 102 -4.46 -1.22 7.63
CA LEU A 102 -5.09 -0.81 6.41
C LEU A 102 -5.27 -2.04 5.53
N GLU A 103 -4.28 -2.93 5.49
CA GLU A 103 -4.40 -4.13 4.66
C GLU A 103 -5.75 -4.80 4.89
N LYS A 104 -6.24 -4.74 6.13
CA LYS A 104 -7.55 -5.30 6.47
C LYS A 104 -8.62 -4.48 5.79
N PHE A 105 -8.65 -3.19 6.13
CA PHE A 105 -9.60 -2.28 5.50
C PHE A 105 -9.46 -2.37 3.99
N PHE A 106 -8.25 -2.72 3.58
CA PHE A 106 -7.89 -2.83 2.19
C PHE A 106 -8.48 -4.11 1.65
N PHE A 107 -8.49 -5.12 2.52
CA PHE A 107 -9.02 -6.43 2.17
C PHE A 107 -10.51 -6.36 1.95
N SER A 108 -11.22 -5.62 2.78
CA SER A 108 -12.65 -5.50 2.63
C SER A 108 -12.94 -4.68 1.39
N LYS A 109 -12.05 -3.74 1.08
CA LYS A 109 -12.20 -2.89 -0.09
C LYS A 109 -12.15 -3.72 -1.36
N ILE A 110 -11.06 -4.45 -1.52
CA ILE A 110 -10.86 -5.32 -2.69
C ILE A 110 -11.92 -6.40 -2.76
N LYS A 111 -12.01 -7.17 -1.69
CA LYS A 111 -12.96 -8.25 -1.57
C LYS A 111 -14.35 -7.75 -1.96
N GLU A 112 -14.59 -6.47 -1.71
CA GLU A 112 -15.85 -5.84 -2.05
C GLU A 112 -15.78 -5.34 -3.48
N ALA A 113 -14.59 -4.98 -3.90
CA ALA A 113 -14.35 -4.48 -5.23
C ALA A 113 -14.12 -5.65 -6.20
N GLY A 114 -14.52 -6.86 -5.78
CA GLY A 114 -14.32 -8.05 -6.60
C GLY A 114 -12.91 -8.09 -7.12
N LEU A 115 -12.06 -7.41 -6.38
CA LEU A 115 -10.66 -7.27 -6.68
C LEU A 115 -9.88 -8.51 -6.26
N ILE A 116 -9.38 -8.45 -5.03
CA ILE A 116 -8.62 -9.50 -4.41
C ILE A 116 -9.02 -10.90 -4.87
N ASP A 117 -8.03 -11.78 -4.92
CA ASP A 117 -8.24 -13.16 -5.33
C ASP A 117 -7.35 -14.09 -4.51
N LYS A 118 -6.24 -13.55 -4.00
CA LYS A 118 -5.28 -14.31 -3.19
C LYS A 118 -5.26 -15.79 -3.57
N ALA B 1 18.93 20.99 9.44
CA ALA B 1 17.93 21.62 10.33
C ALA B 1 18.06 21.08 11.75
N ARG B 2 18.12 19.77 11.89
CA ARG B 2 18.24 19.13 13.19
C ARG B 2 19.71 18.85 13.53
N THR B 3 19.94 18.34 14.74
CA THR B 3 21.29 18.03 15.19
C THR B 3 21.89 16.91 14.36
N LYS B 4 21.30 15.72 14.46
CA LYS B 4 21.77 14.56 13.73
C LYS B 4 20.64 13.58 13.47
N GLN B 5 20.28 12.80 14.49
CA GLN B 5 19.21 11.82 14.38
C GLN B 5 19.48 10.84 13.24
N THR B 6 20.14 9.73 13.57
CA THR B 6 20.46 8.71 12.57
C THR B 6 19.22 8.00 12.07
N ALA B 7 18.95 8.11 10.77
CA ALA B 7 17.79 7.48 10.15
C ALA B 7 16.49 7.92 10.82
N ARG B 8 15.86 8.95 10.25
CA ARG B 8 14.61 9.46 10.78
C ARG B 8 13.46 9.29 9.78
N SER B 10 10.72 8.55 10.25
CA SER B 10 9.52 9.10 10.88
C SER B 10 9.14 10.46 10.31
N THR B 11 9.64 11.54 10.93
CA THR B 11 9.35 12.90 10.49
C THR B 11 7.85 13.10 10.29
N GLY B 12 7.06 12.46 11.14
CA GLY B 12 5.61 12.58 11.04
C GLY B 12 4.87 11.69 12.02
N GLY B 13 4.50 10.50 11.58
CA GLY B 13 3.77 9.58 12.43
C GLY B 13 4.62 9.04 13.57
N LYS B 14 5.52 8.11 13.25
CA LYS B 14 6.39 7.50 14.25
C LYS B 14 5.60 6.67 15.25
N ALA B 15 6.18 5.56 15.69
CA ALA B 15 5.53 4.67 16.65
C ALA B 15 5.31 5.37 17.98
N GLY A 1 -27.67 -14.08 -9.62
CA GLY A 1 -26.26 -14.53 -9.53
C GLY A 1 -26.02 -15.85 -10.24
N SER A 2 -24.76 -16.15 -10.52
CA SER A 2 -24.40 -17.38 -11.21
C SER A 2 -23.06 -17.91 -10.71
N HIS A 3 -22.00 -17.15 -10.94
CA HIS A 3 -20.66 -17.53 -10.52
C HIS A 3 -19.77 -16.32 -10.35
N MET A 4 -20.39 -15.15 -10.20
CA MET A 4 -19.65 -13.90 -10.03
C MET A 4 -19.05 -13.81 -8.63
N SER A 5 -17.83 -14.30 -8.49
CA SER A 5 -17.13 -14.28 -7.20
C SER A 5 -15.74 -13.67 -7.35
N LYS A 6 -15.61 -12.43 -6.88
CA LYS A 6 -14.33 -11.71 -6.95
C LYS A 6 -13.85 -11.60 -8.39
N GLU A 7 -14.33 -10.57 -9.08
CA GLU A 7 -13.95 -10.35 -10.47
C GLU A 7 -14.41 -8.97 -10.94
N PRO A 8 -13.49 -7.99 -11.08
CA PRO A 8 -13.82 -6.65 -11.53
C PRO A 8 -13.82 -6.53 -13.04
N ARG A 9 -12.71 -6.94 -13.65
CA ARG A 9 -12.54 -6.90 -15.10
C ARG A 9 -12.57 -5.47 -15.64
N ASP A 10 -12.16 -5.32 -16.90
CA ASP A 10 -12.12 -4.02 -17.54
C ASP A 10 -11.09 -3.13 -16.86
N PRO A 11 -10.29 -2.37 -17.62
CA PRO A 11 -9.27 -1.49 -17.08
C PRO A 11 -9.84 -0.20 -16.53
N ASP A 12 -11.12 0.05 -16.80
CA ASP A 12 -11.79 1.26 -16.35
C ASP A 12 -12.47 1.01 -15.02
N GLN A 13 -13.36 0.02 -15.01
CA GLN A 13 -14.05 -0.35 -13.80
C GLN A 13 -13.03 -0.63 -12.70
N LEU A 14 -11.92 -1.25 -13.09
CA LEU A 14 -10.83 -1.55 -12.17
C LEU A 14 -10.15 -0.26 -11.76
N TYR A 15 -9.56 0.42 -12.73
CA TYR A 15 -8.86 1.66 -12.45
C TYR A 15 -9.56 2.45 -11.36
N SER A 16 -10.79 2.85 -11.56
CA SER A 16 -11.45 3.65 -10.53
C SER A 16 -11.89 2.83 -9.31
N THR A 17 -12.07 1.53 -9.45
CA THR A 17 -12.36 0.69 -8.31
C THR A 17 -11.16 0.77 -7.42
N LEU A 18 -10.06 0.45 -8.04
CA LEU A 18 -8.74 0.48 -7.45
C LEU A 18 -8.39 1.91 -7.06
N LYS A 19 -8.93 2.87 -7.81
CA LYS A 19 -8.67 4.28 -7.56
C LYS A 19 -9.40 4.73 -6.31
N SER A 20 -10.63 4.26 -6.17
CA SER A 20 -11.43 4.59 -5.00
C SER A 20 -10.86 3.86 -3.79
N ILE A 21 -10.40 2.63 -4.02
CA ILE A 21 -9.79 1.86 -2.97
C ILE A 21 -8.54 2.55 -2.50
N LEU A 22 -7.52 2.62 -3.38
CA LEU A 22 -6.27 3.29 -3.06
C LEU A 22 -6.59 4.57 -2.32
N GLN A 23 -7.53 5.32 -2.89
CA GLN A 23 -8.01 6.55 -2.31
C GLN A 23 -8.24 6.37 -0.82
N GLN A 24 -9.15 5.46 -0.50
CA GLN A 24 -9.50 5.15 0.87
C GLN A 24 -8.35 4.56 1.67
N VAL A 25 -7.57 3.66 1.07
CA VAL A 25 -6.45 3.08 1.79
C VAL A 25 -5.59 4.21 2.32
N LYS A 26 -5.27 5.16 1.44
CA LYS A 26 -4.47 6.31 1.81
C LYS A 26 -5.26 7.14 2.81
N SER A 27 -6.58 7.07 2.67
CA SER A 27 -7.50 7.78 3.55
C SER A 27 -7.73 7.00 4.83
N HIS A 28 -7.21 5.78 4.86
CA HIS A 28 -7.37 4.91 6.03
C HIS A 28 -6.39 5.26 7.14
N GLN A 29 -5.74 6.41 7.02
CA GLN A 29 -4.76 6.86 7.99
C GLN A 29 -3.51 5.98 7.98
N SER A 30 -3.68 4.71 8.34
CA SER A 30 -2.60 3.74 8.39
C SER A 30 -1.73 3.80 7.15
N ALA A 31 -2.32 4.21 6.04
CA ALA A 31 -1.61 4.29 4.78
C ALA A 31 -0.89 5.63 4.67
N TRP A 32 -0.62 6.22 5.84
CA TRP A 32 0.06 7.50 5.90
C TRP A 32 1.50 7.41 5.40
N PRO A 33 2.20 6.27 5.57
CA PRO A 33 3.55 6.12 5.05
C PRO A 33 3.55 5.58 3.64
N PHE A 34 2.68 4.61 3.39
CA PHE A 34 2.58 4.02 2.07
C PHE A 34 2.34 5.10 1.04
N MET A 35 1.39 5.97 1.36
CA MET A 35 1.04 7.06 0.46
C MET A 35 2.25 7.82 0.00
N GLU A 36 3.19 8.04 0.91
CA GLU A 36 4.38 8.79 0.54
C GLU A 36 5.65 7.93 0.58
N PRO A 37 6.32 7.85 -0.57
CA PRO A 37 7.56 7.09 -0.73
C PRO A 37 8.63 7.51 0.25
N VAL A 38 9.44 6.56 0.64
CA VAL A 38 10.50 6.78 1.60
C VAL A 38 11.75 7.29 0.89
N LYS A 39 12.69 7.83 1.66
CA LYS A 39 13.93 8.31 1.10
C LYS A 39 14.88 7.16 0.84
N ARG A 40 16.11 7.49 0.50
CA ARG A 40 17.12 6.47 0.24
C ARG A 40 18.38 6.78 1.03
N THR A 41 18.20 7.54 2.10
CA THR A 41 19.29 7.93 2.97
C THR A 41 18.76 8.48 4.29
N GLU A 42 17.45 8.69 4.33
CA GLU A 42 16.78 9.19 5.52
C GLU A 42 16.23 7.99 6.24
N ALA A 43 15.85 7.02 5.43
CA ALA A 43 15.33 5.76 5.92
C ALA A 43 16.49 4.90 6.41
N PRO A 44 16.46 4.52 7.69
CA PRO A 44 17.50 3.70 8.32
C PRO A 44 17.80 2.42 7.55
N GLY A 45 18.67 2.52 6.55
CA GLY A 45 19.00 1.34 5.75
C GLY A 45 17.75 0.64 5.26
N TYR A 46 16.81 1.43 4.76
CA TYR A 46 15.52 0.95 4.27
C TYR A 46 15.63 0.40 2.85
N TYR A 47 16.34 1.11 1.99
CA TYR A 47 16.47 0.66 0.60
C TYR A 47 17.45 -0.51 0.50
N GLU A 48 18.27 -0.69 1.53
CA GLU A 48 19.24 -1.79 1.55
C GLU A 48 18.51 -3.10 1.81
N VAL A 49 17.35 -3.00 2.45
CA VAL A 49 16.52 -4.14 2.79
C VAL A 49 15.36 -4.23 1.82
N ILE A 50 14.76 -3.10 1.62
CA ILE A 50 13.61 -2.96 0.76
C ILE A 50 13.99 -3.02 -0.70
N ARG A 51 13.92 -4.23 -1.25
CA ARG A 51 14.22 -4.43 -2.66
C ARG A 51 13.16 -3.78 -3.54
N PHE A 52 11.92 -3.70 -3.03
CA PHE A 52 10.83 -3.10 -3.77
C PHE A 52 10.01 -2.14 -2.91
N PRO A 53 10.49 -0.91 -2.74
CA PRO A 53 9.78 0.10 -1.97
C PRO A 53 8.65 0.72 -2.76
N MET A 54 7.43 0.41 -2.38
CA MET A 54 6.28 0.94 -3.07
C MET A 54 5.70 2.12 -2.32
N ASP A 55 4.60 2.64 -2.83
CA ASP A 55 3.92 3.76 -2.23
C ASP A 55 2.63 4.07 -2.97
N LEU A 56 1.56 4.23 -2.21
CA LEU A 56 0.24 4.52 -2.75
C LEU A 56 0.29 5.66 -3.75
N LYS A 57 1.24 6.56 -3.57
CA LYS A 57 1.39 7.69 -4.48
C LYS A 57 1.59 7.19 -5.91
N THR A 58 2.65 6.42 -6.09
CA THR A 58 2.99 5.84 -7.39
C THR A 58 1.88 4.89 -7.84
N MET A 59 1.24 4.29 -6.86
CA MET A 59 0.15 3.36 -7.11
C MET A 59 -1.00 4.05 -7.81
N SER A 60 -1.56 5.05 -7.15
CA SER A 60 -2.67 5.79 -7.72
C SER A 60 -2.21 6.61 -8.91
N GLU A 61 -0.91 6.88 -8.99
CA GLU A 61 -0.34 7.62 -10.12
C GLU A 61 -0.27 6.69 -11.33
N ARG A 62 0.14 5.44 -11.09
CA ARG A 62 0.20 4.46 -12.16
C ARG A 62 -1.23 4.18 -12.56
N LEU A 63 -1.97 3.83 -11.55
CA LEU A 63 -3.38 3.58 -11.64
C LEU A 63 -4.04 4.67 -12.47
N LYS A 64 -3.67 5.91 -12.15
CA LYS A 64 -4.16 7.10 -12.82
C LYS A 64 -3.78 7.09 -14.28
N ASN A 65 -2.58 6.62 -14.58
CA ASN A 65 -2.11 6.54 -15.95
C ASN A 65 -2.78 5.37 -16.65
N ARG A 66 -3.68 4.71 -15.91
CA ARG A 66 -4.40 3.55 -16.40
C ARG A 66 -3.48 2.36 -16.43
N TYR A 67 -2.61 2.31 -15.44
CA TYR A 67 -1.65 1.25 -15.28
C TYR A 67 -2.28 0.08 -14.53
N TYR A 68 -3.27 0.39 -13.70
CA TYR A 68 -3.96 -0.65 -12.95
C TYR A 68 -5.01 -1.33 -13.80
N VAL A 69 -4.57 -1.78 -14.96
CA VAL A 69 -5.40 -2.47 -15.92
C VAL A 69 -5.79 -3.84 -15.40
N SER A 70 -5.20 -4.23 -14.28
CA SER A 70 -5.47 -5.52 -13.68
C SER A 70 -5.73 -5.37 -12.19
N LYS A 71 -6.70 -6.11 -11.69
CA LYS A 71 -7.04 -6.03 -10.28
C LYS A 71 -5.80 -6.23 -9.43
N LYS A 72 -5.01 -7.22 -9.76
CA LYS A 72 -3.82 -7.51 -8.98
C LYS A 72 -2.73 -6.48 -9.20
N LEU A 73 -2.47 -6.01 -10.42
CA LEU A 73 -1.44 -4.98 -10.57
C LEU A 73 -1.58 -4.03 -9.42
N PHE A 74 -2.79 -3.53 -9.33
CA PHE A 74 -3.21 -2.65 -8.29
C PHE A 74 -2.75 -3.14 -6.92
N MET A 75 -3.27 -4.30 -6.51
CA MET A 75 -2.95 -4.80 -5.19
C MET A 75 -1.50 -5.26 -5.12
N ALA A 76 -1.07 -6.07 -6.05
CA ALA A 76 0.34 -6.46 -6.06
C ALA A 76 1.20 -5.26 -5.72
N ASP A 77 0.67 -4.08 -6.06
CA ASP A 77 1.35 -2.83 -5.82
C ASP A 77 1.08 -2.37 -4.40
N LEU A 78 -0.19 -2.45 -3.98
CA LEU A 78 -0.54 -2.08 -2.63
C LEU A 78 -0.06 -3.17 -1.69
N GLN A 79 -0.46 -4.39 -1.99
CA GLN A 79 0.04 -5.53 -1.24
C GLN A 79 1.52 -5.30 -1.03
N ARG A 80 2.17 -4.91 -2.13
CA ARG A 80 3.59 -4.60 -2.11
C ARG A 80 3.93 -3.53 -1.08
N VAL A 81 3.17 -2.42 -1.03
CA VAL A 81 3.46 -1.38 -0.04
C VAL A 81 3.56 -1.99 1.34
N PHE A 82 2.62 -2.88 1.64
CA PHE A 82 2.61 -3.56 2.92
C PHE A 82 3.80 -4.50 3.02
N THR A 83 4.19 -5.12 1.90
CA THR A 83 5.30 -6.06 1.92
C THR A 83 6.59 -5.41 2.39
N ASN A 84 6.98 -4.31 1.74
CA ASN A 84 8.21 -3.60 2.11
C ASN A 84 8.10 -3.06 3.53
N CYS A 85 6.98 -2.40 3.82
CA CYS A 85 6.75 -1.84 5.15
C CYS A 85 6.91 -2.95 6.19
N LYS A 86 6.41 -4.13 5.84
CA LYS A 86 6.52 -5.29 6.72
C LYS A 86 7.89 -5.94 6.59
N GLU A 87 8.55 -5.69 5.46
CA GLU A 87 9.85 -6.26 5.16
C GLU A 87 10.91 -5.82 6.16
N TYR A 88 10.99 -4.52 6.39
CA TYR A 88 12.00 -3.97 7.28
C TYR A 88 11.36 -3.29 8.48
N ASN A 89 10.53 -2.29 8.22
CA ASN A 89 9.87 -1.56 9.28
C ASN A 89 9.28 -2.52 10.32
N PRO A 90 9.73 -2.43 11.59
CA PRO A 90 9.25 -3.31 12.67
C PRO A 90 7.74 -3.32 12.80
N PRO A 91 7.15 -4.41 13.34
CA PRO A 91 5.70 -4.52 13.53
C PRO A 91 5.23 -3.68 14.72
N GLU A 92 6.10 -2.80 15.17
CA GLU A 92 5.82 -1.90 16.27
C GLU A 92 6.07 -0.46 15.86
N SER A 93 6.81 -0.28 14.78
CA SER A 93 7.16 1.05 14.31
C SER A 93 5.95 1.80 13.76
N GLU A 94 4.75 1.25 13.96
CA GLU A 94 3.52 1.87 13.46
C GLU A 94 3.42 1.75 11.94
N TYR A 95 4.58 1.60 11.27
CA TYR A 95 4.61 1.48 9.82
C TYR A 95 4.06 0.12 9.41
N TYR A 96 4.77 -0.91 9.82
CA TYR A 96 4.35 -2.27 9.54
C TYR A 96 2.89 -2.42 9.97
N LYS A 97 2.64 -2.12 11.23
CA LYS A 97 1.30 -2.24 11.77
C LYS A 97 0.29 -1.59 10.84
N CYS A 98 0.59 -0.35 10.46
CA CYS A 98 -0.28 0.39 9.53
C CYS A 98 -0.69 -0.50 8.39
N ALA A 99 0.23 -1.33 7.91
CA ALA A 99 -0.11 -2.26 6.86
C ALA A 99 -1.21 -3.12 7.35
N ASN A 100 -0.91 -3.84 8.41
CA ASN A 100 -1.86 -4.73 9.00
C ASN A 100 -3.22 -4.03 9.18
N ILE A 101 -3.19 -2.75 9.56
CA ILE A 101 -4.43 -2.01 9.79
C ILE A 101 -5.15 -1.72 8.48
N LEU A 102 -4.53 -0.93 7.62
CA LEU A 102 -5.10 -0.61 6.33
C LEU A 102 -5.22 -1.88 5.50
N GLU A 103 -4.11 -2.57 5.29
CA GLU A 103 -4.13 -3.81 4.50
C GLU A 103 -5.37 -4.63 4.86
N LYS A 104 -5.77 -4.61 6.13
CA LYS A 104 -6.98 -5.30 6.55
C LYS A 104 -8.18 -4.65 5.86
N PHE A 105 -8.30 -3.33 6.02
CA PHE A 105 -9.36 -2.56 5.37
C PHE A 105 -9.25 -2.81 3.87
N PHE A 106 -8.10 -2.48 3.33
CA PHE A 106 -7.75 -2.70 1.95
C PHE A 106 -8.24 -4.06 1.50
N PHE A 107 -8.08 -5.04 2.39
CA PHE A 107 -8.50 -6.39 2.10
C PHE A 107 -10.00 -6.49 1.91
N SER A 108 -10.76 -5.81 2.74
CA SER A 108 -12.20 -5.83 2.61
C SER A 108 -12.61 -5.05 1.37
N LYS A 109 -11.80 -4.05 1.03
CA LYS A 109 -12.06 -3.21 -0.13
C LYS A 109 -11.98 -4.02 -1.42
N ILE A 110 -10.87 -4.69 -1.58
CA ILE A 110 -10.62 -5.51 -2.77
C ILE A 110 -11.55 -6.70 -2.86
N LYS A 111 -11.51 -7.53 -1.83
CA LYS A 111 -12.36 -8.71 -1.77
C LYS A 111 -13.78 -8.32 -2.17
N GLU A 112 -14.16 -7.10 -1.77
CA GLU A 112 -15.48 -6.56 -2.09
C GLU A 112 -15.50 -6.01 -3.50
N ALA A 113 -14.41 -5.35 -3.86
CA ALA A 113 -14.28 -4.78 -5.19
C ALA A 113 -13.92 -5.87 -6.19
N GLY A 114 -14.13 -7.12 -5.74
CA GLY A 114 -13.84 -8.28 -6.56
C GLY A 114 -12.42 -8.30 -7.09
N LEU A 115 -11.56 -7.47 -6.52
CA LEU A 115 -10.19 -7.39 -6.98
C LEU A 115 -9.39 -8.60 -6.51
N ILE A 116 -8.93 -8.50 -5.28
CA ILE A 116 -8.14 -9.52 -4.63
C ILE A 116 -8.63 -10.94 -4.95
N ASP A 117 -7.69 -11.87 -4.98
CA ASP A 117 -8.00 -13.27 -5.26
C ASP A 117 -7.04 -14.18 -4.48
N LYS A 118 -5.80 -13.73 -4.34
CA LYS A 118 -4.78 -14.48 -3.61
C LYS A 118 -4.69 -15.92 -4.13
N ALA B 1 9.30 -0.27 26.37
CA ALA B 1 9.64 1.16 26.64
C ALA B 1 11.07 1.47 26.20
N ARG B 2 11.50 2.70 26.46
CA ARG B 2 12.85 3.13 26.11
C ARG B 2 13.07 3.07 24.60
N THR B 3 14.24 3.51 24.16
CA THR B 3 14.58 3.51 22.74
C THR B 3 15.14 2.17 22.30
N LYS B 4 14.50 1.56 21.29
CA LYS B 4 14.93 0.27 20.77
C LYS B 4 15.26 0.38 19.29
N GLN B 5 14.23 0.58 18.47
CA GLN B 5 14.41 0.72 17.02
C GLN B 5 14.44 2.18 16.62
N THR B 6 15.59 2.65 16.17
CA THR B 6 15.76 4.03 15.76
C THR B 6 15.44 4.21 14.27
N ALA B 7 14.18 4.55 13.99
CA ALA B 7 13.74 4.75 12.61
C ALA B 7 12.95 6.04 12.47
N ARG B 8 13.33 6.86 11.50
CA ARG B 8 12.66 8.14 11.27
C ARG B 8 11.81 8.09 10.01
N SER B 10 9.86 9.32 7.84
CA SER B 10 9.07 10.53 7.64
C SER B 10 9.36 11.57 8.71
N THR B 11 8.76 12.75 8.59
CA THR B 11 8.96 13.81 9.55
C THR B 11 7.67 14.14 10.29
N GLY B 12 7.68 13.94 11.61
CA GLY B 12 6.50 14.21 12.41
C GLY B 12 5.57 13.02 12.51
N GLY B 13 5.81 12.15 13.48
CA GLY B 13 5.00 10.97 13.65
C GLY B 13 5.65 9.72 13.12
N LYS B 14 5.98 8.78 14.01
CA LYS B 14 6.62 7.54 13.62
C LYS B 14 6.19 6.40 14.53
N ALA B 15 5.24 6.67 15.40
CA ALA B 15 4.75 5.66 16.34
C ALA B 15 3.33 5.99 16.81
N GLY A 1 -23.66 -5.60 -3.58
CA GLY A 1 -22.17 -5.70 -3.74
C GLY A 1 -21.78 -6.09 -5.14
N SER A 2 -21.75 -5.10 -6.04
CA SER A 2 -21.38 -5.33 -7.44
C SER A 2 -22.32 -6.34 -8.09
N HIS A 3 -22.00 -6.71 -9.34
CA HIS A 3 -22.82 -7.67 -10.08
C HIS A 3 -22.85 -9.02 -9.37
N MET A 4 -21.75 -9.75 -9.46
CA MET A 4 -21.65 -11.07 -8.83
C MET A 4 -20.20 -11.57 -8.82
N SER A 5 -19.98 -12.69 -8.14
CA SER A 5 -18.65 -13.28 -8.03
C SER A 5 -17.67 -12.31 -7.38
N LYS A 6 -16.42 -12.76 -7.22
CA LYS A 6 -15.40 -11.93 -6.60
C LYS A 6 -14.36 -11.51 -7.64
N GLU A 7 -14.83 -10.92 -8.74
CA GLU A 7 -13.94 -10.47 -9.80
C GLU A 7 -14.43 -9.14 -10.38
N PRO A 8 -13.53 -8.15 -10.54
CA PRO A 8 -13.89 -6.84 -11.08
C PRO A 8 -13.82 -6.80 -12.61
N ARG A 9 -12.66 -7.18 -13.14
CA ARG A 9 -12.44 -7.18 -14.59
C ARG A 9 -12.57 -5.77 -15.16
N ASP A 10 -12.27 -5.63 -16.45
CA ASP A 10 -12.35 -4.34 -17.13
C ASP A 10 -11.32 -3.37 -16.54
N PRO A 11 -10.37 -2.88 -17.37
CA PRO A 11 -9.34 -1.96 -16.90
C PRO A 11 -9.90 -0.63 -16.40
N ASP A 12 -11.17 -0.39 -16.69
CA ASP A 12 -11.82 0.86 -16.29
C ASP A 12 -12.48 0.69 -14.93
N GLN A 13 -13.38 -0.29 -14.86
CA GLN A 13 -14.06 -0.57 -13.61
C GLN A 13 -13.01 -0.82 -12.53
N LEU A 14 -11.92 -1.46 -12.91
CA LEU A 14 -10.82 -1.73 -12.01
C LEU A 14 -10.13 -0.44 -11.65
N TYR A 15 -9.53 0.20 -12.64
CA TYR A 15 -8.81 1.44 -12.42
C TYR A 15 -9.48 2.30 -11.36
N SER A 16 -10.69 2.75 -11.58
CA SER A 16 -11.32 3.60 -10.60
C SER A 16 -11.76 2.87 -9.33
N THR A 17 -11.96 1.55 -9.40
CA THR A 17 -12.26 0.79 -8.22
C THR A 17 -11.05 0.84 -7.33
N LEU A 18 -9.95 0.55 -7.97
CA LEU A 18 -8.64 0.54 -7.38
C LEU A 18 -8.24 1.98 -7.06
N LYS A 19 -8.78 2.90 -7.85
CA LYS A 19 -8.51 4.32 -7.66
C LYS A 19 -9.21 4.84 -6.42
N SER A 20 -10.44 4.38 -6.24
CA SER A 20 -11.22 4.76 -5.07
C SER A 20 -10.71 3.99 -3.87
N ILE A 21 -10.29 2.75 -4.10
CA ILE A 21 -9.75 1.94 -3.03
C ILE A 21 -8.49 2.58 -2.51
N LEU A 22 -7.48 2.64 -3.38
CA LEU A 22 -6.21 3.26 -3.04
C LEU A 22 -6.46 4.57 -2.33
N GLN A 23 -7.40 5.31 -2.88
CA GLN A 23 -7.81 6.60 -2.33
C GLN A 23 -8.15 6.45 -0.86
N GLN A 24 -8.95 5.44 -0.56
CA GLN A 24 -9.40 5.15 0.78
C GLN A 24 -8.33 4.49 1.64
N VAL A 25 -7.51 3.64 1.04
CA VAL A 25 -6.46 3.00 1.80
C VAL A 25 -5.59 4.10 2.30
N LYS A 26 -5.44 5.07 1.42
CA LYS A 26 -4.67 6.23 1.67
C LYS A 26 -5.38 7.08 2.69
N SER A 27 -6.70 7.08 2.58
CA SER A 27 -7.53 7.83 3.51
C SER A 27 -7.48 7.14 4.85
N HIS A 28 -7.04 5.88 4.81
CA HIS A 28 -6.90 5.09 6.00
C HIS A 28 -5.59 5.48 6.67
N GLN A 29 -5.69 6.03 7.87
CA GLN A 29 -4.51 6.48 8.62
C GLN A 29 -3.30 5.59 8.38
N SER A 30 -3.50 4.29 8.57
CA SER A 30 -2.46 3.27 8.45
C SER A 30 -1.67 3.37 7.14
N ALA A 31 -2.22 4.04 6.16
CA ALA A 31 -1.55 4.19 4.89
C ALA A 31 -0.84 5.53 4.83
N TRP A 32 -0.52 6.04 6.01
CA TRP A 32 0.16 7.31 6.15
C TRP A 32 1.57 7.30 5.54
N PRO A 33 2.31 6.16 5.58
CA PRO A 33 3.63 6.11 5.01
C PRO A 33 3.60 5.65 3.56
N PHE A 34 2.85 4.58 3.29
CA PHE A 34 2.76 4.06 1.94
C PHE A 34 2.39 5.16 0.98
N MET A 35 1.47 6.02 1.39
CA MET A 35 1.03 7.09 0.52
C MET A 35 2.21 7.93 0.04
N GLU A 36 2.96 8.50 0.98
CA GLU A 36 4.10 9.33 0.62
C GLU A 36 5.38 8.50 0.50
N PRO A 37 6.08 8.61 -0.65
CA PRO A 37 7.34 7.90 -0.91
C PRO A 37 8.28 7.95 0.27
N VAL A 38 9.24 7.03 0.29
CA VAL A 38 10.19 6.94 1.38
C VAL A 38 11.63 6.99 0.93
N LYS A 39 12.50 6.91 1.91
CA LYS A 39 13.93 6.95 1.73
C LYS A 39 14.36 7.76 0.56
N ARG A 40 15.44 7.31 -0.07
CA ARG A 40 16.01 8.06 -1.15
C ARG A 40 16.54 9.33 -0.49
N THR A 41 16.32 9.37 0.85
CA THR A 41 16.72 10.46 1.75
C THR A 41 15.68 10.75 2.83
N GLU A 42 14.84 9.76 3.21
CA GLU A 42 13.84 10.02 4.24
C GLU A 42 13.49 8.79 5.05
N ALA A 43 14.21 7.71 4.81
CA ALA A 43 13.94 6.46 5.53
C ALA A 43 15.22 5.82 6.06
N PRO A 44 15.21 5.44 7.34
CA PRO A 44 16.35 4.79 8.01
C PRO A 44 16.83 3.52 7.30
N GLY A 45 17.75 3.68 6.34
CA GLY A 45 18.28 2.54 5.59
C GLY A 45 17.19 1.69 4.96
N TYR A 46 15.99 2.26 4.90
CA TYR A 46 14.81 1.61 4.35
C TYR A 46 15.02 1.14 2.92
N TYR A 47 15.61 1.96 2.07
CA TYR A 47 15.83 1.56 0.67
C TYR A 47 16.93 0.51 0.56
N GLU A 48 17.76 0.40 1.60
CA GLU A 48 18.85 -0.58 1.60
C GLU A 48 18.31 -1.97 1.89
N VAL A 49 17.17 -2.01 2.58
CA VAL A 49 16.49 -3.25 2.93
C VAL A 49 15.38 -3.49 1.93
N ILE A 50 14.65 -2.43 1.69
CA ILE A 50 13.53 -2.43 0.81
C ILE A 50 13.96 -2.36 -0.64
N ARG A 51 14.15 -3.52 -1.23
CA ARG A 51 14.53 -3.62 -2.61
C ARG A 51 13.30 -3.46 -3.49
N PHE A 52 12.16 -3.30 -2.83
CA PHE A 52 10.89 -3.18 -3.51
C PHE A 52 9.94 -2.25 -2.76
N PRO A 53 10.26 -0.95 -2.75
CA PRO A 53 9.45 0.05 -2.07
C PRO A 53 8.38 0.64 -2.97
N MET A 54 7.13 0.42 -2.60
CA MET A 54 6.02 0.97 -3.35
C MET A 54 5.21 1.87 -2.45
N ASP A 55 4.70 2.93 -3.04
CA ASP A 55 3.92 3.90 -2.32
C ASP A 55 2.58 4.13 -3.02
N LEU A 56 1.54 4.26 -2.22
CA LEU A 56 0.19 4.47 -2.72
C LEU A 56 0.17 5.59 -3.74
N LYS A 57 1.14 6.50 -3.61
CA LYS A 57 1.26 7.60 -4.54
C LYS A 57 1.53 7.07 -5.94
N THR A 58 2.63 6.34 -6.08
CA THR A 58 3.01 5.73 -7.35
C THR A 58 1.91 4.79 -7.80
N MET A 59 1.28 4.16 -6.83
CA MET A 59 0.20 3.24 -7.08
C MET A 59 -0.95 3.93 -7.79
N SER A 60 -1.47 4.98 -7.18
CA SER A 60 -2.57 5.70 -7.76
C SER A 60 -2.12 6.52 -8.96
N GLU A 61 -0.80 6.77 -9.07
CA GLU A 61 -0.25 7.49 -10.20
C GLU A 61 -0.13 6.55 -11.38
N ARG A 62 0.25 5.31 -11.10
CA ARG A 62 0.35 4.29 -12.14
C ARG A 62 -1.07 3.98 -12.56
N LEU A 63 -1.85 3.71 -11.54
CA LEU A 63 -3.27 3.44 -11.65
C LEU A 63 -3.91 4.53 -12.51
N LYS A 64 -3.55 5.77 -12.19
CA LYS A 64 -4.03 6.96 -12.89
C LYS A 64 -3.57 6.94 -14.34
N ASN A 65 -2.35 6.47 -14.56
CA ASN A 65 -1.81 6.38 -15.90
C ASN A 65 -2.40 5.18 -16.62
N ARG A 66 -3.31 4.50 -15.92
CA ARG A 66 -4.00 3.33 -16.45
C ARG A 66 -3.09 2.12 -16.44
N TYR A 67 -2.38 1.97 -15.33
CA TYR A 67 -1.48 0.85 -15.15
C TYR A 67 -2.18 -0.26 -14.39
N TYR A 68 -3.17 0.10 -13.59
CA TYR A 68 -3.93 -0.89 -12.83
C TYR A 68 -5.00 -1.55 -13.69
N VAL A 69 -4.60 -1.98 -14.88
CA VAL A 69 -5.49 -2.64 -15.81
C VAL A 69 -5.80 -4.05 -15.33
N SER A 70 -5.22 -4.41 -14.19
CA SER A 70 -5.41 -5.74 -13.62
C SER A 70 -5.68 -5.63 -12.13
N LYS A 71 -6.59 -6.45 -11.64
CA LYS A 71 -6.96 -6.44 -10.24
C LYS A 71 -5.74 -6.60 -9.34
N LYS A 72 -4.95 -7.64 -9.58
CA LYS A 72 -3.80 -7.88 -8.73
C LYS A 72 -2.69 -6.88 -8.97
N LEU A 73 -2.52 -6.37 -10.19
CA LEU A 73 -1.49 -5.35 -10.40
C LEU A 73 -1.59 -4.37 -9.27
N PHE A 74 -2.79 -3.83 -9.19
CA PHE A 74 -3.15 -2.94 -8.13
C PHE A 74 -2.69 -3.51 -6.82
N MET A 75 -2.98 -4.78 -6.62
CA MET A 75 -2.59 -5.43 -5.39
C MET A 75 -1.08 -5.51 -5.23
N ALA A 76 -0.41 -6.24 -6.10
CA ALA A 76 1.03 -6.37 -6.02
C ALA A 76 1.65 -5.04 -5.65
N ASP A 77 0.97 -3.97 -5.99
CA ASP A 77 1.45 -2.64 -5.70
C ASP A 77 1.06 -2.24 -4.29
N LEU A 78 -0.23 -2.40 -3.97
CA LEU A 78 -0.70 -2.07 -2.63
C LEU A 78 -0.13 -3.09 -1.67
N GLN A 79 -0.40 -4.36 -1.99
CA GLN A 79 0.13 -5.45 -1.23
C GLN A 79 1.61 -5.18 -1.03
N ARG A 80 2.27 -4.68 -2.08
CA ARG A 80 3.69 -4.34 -2.01
C ARG A 80 3.95 -3.29 -0.93
N VAL A 81 3.23 -2.16 -0.96
CA VAL A 81 3.43 -1.12 0.06
C VAL A 81 3.48 -1.78 1.43
N PHE A 82 2.56 -2.70 1.64
CA PHE A 82 2.51 -3.43 2.88
C PHE A 82 3.78 -4.25 3.04
N THR A 83 4.16 -4.97 1.97
CA THR A 83 5.34 -5.84 2.00
C THR A 83 6.57 -5.10 2.52
N ASN A 84 6.94 -4.00 1.88
CA ASN A 84 8.12 -3.26 2.30
C ASN A 84 7.98 -2.83 3.75
N CYS A 85 6.83 -2.28 4.10
CA CYS A 85 6.60 -1.85 5.47
C CYS A 85 6.78 -3.04 6.41
N LYS A 86 6.37 -4.21 5.96
CA LYS A 86 6.51 -5.43 6.74
C LYS A 86 7.91 -6.01 6.60
N GLU A 87 8.60 -5.63 5.54
CA GLU A 87 9.95 -6.14 5.25
C GLU A 87 10.99 -5.62 6.21
N TYR A 88 10.97 -4.32 6.46
CA TYR A 88 11.95 -3.69 7.32
C TYR A 88 11.31 -3.12 8.56
N ASN A 89 10.37 -2.21 8.36
CA ASN A 89 9.68 -1.57 9.46
C ASN A 89 9.26 -2.63 10.50
N PRO A 90 9.35 -2.30 11.79
CA PRO A 90 9.05 -3.22 12.90
C PRO A 90 7.56 -3.50 13.13
N PRO A 91 7.19 -4.79 13.32
CA PRO A 91 5.80 -5.18 13.63
C PRO A 91 5.29 -4.45 14.86
N GLU A 92 6.22 -4.08 15.72
CA GLU A 92 5.91 -3.34 16.92
C GLU A 92 5.69 -1.87 16.61
N SER A 93 6.36 -1.41 15.56
CA SER A 93 6.25 -0.03 15.13
C SER A 93 4.95 0.17 14.37
N GLU A 94 4.34 1.33 14.57
CA GLU A 94 3.09 1.64 13.89
C GLU A 94 3.24 1.49 12.39
N TYR A 95 4.48 1.27 11.93
CA TYR A 95 4.73 1.13 10.50
C TYR A 95 4.27 -0.22 9.98
N TYR A 96 4.98 -1.27 10.34
CA TYR A 96 4.60 -2.58 9.88
C TYR A 96 3.10 -2.73 10.09
N LYS A 97 2.70 -2.43 11.31
CA LYS A 97 1.31 -2.54 11.70
C LYS A 97 0.42 -1.73 10.75
N CYS A 98 0.81 -0.50 10.46
CA CYS A 98 0.04 0.37 9.55
C CYS A 98 -0.36 -0.43 8.32
N ALA A 99 0.51 -1.33 7.91
CA ALA A 99 0.22 -2.18 6.77
C ALA A 99 -0.90 -3.10 7.12
N ASN A 100 -0.65 -3.86 8.16
CA ASN A 100 -1.62 -4.82 8.61
C ASN A 100 -3.00 -4.18 8.81
N ILE A 101 -3.02 -2.97 9.38
CA ILE A 101 -4.29 -2.31 9.66
C ILE A 101 -5.06 -1.95 8.40
N LEU A 102 -4.49 -1.07 7.58
CA LEU A 102 -5.13 -0.66 6.36
C LEU A 102 -5.32 -1.91 5.49
N GLU A 103 -4.30 -2.75 5.40
CA GLU A 103 -4.40 -3.98 4.60
C GLU A 103 -5.74 -4.65 4.85
N LYS A 104 -6.20 -4.64 6.10
CA LYS A 104 -7.51 -5.20 6.44
C LYS A 104 -8.58 -4.39 5.74
N PHE A 105 -8.63 -3.11 6.06
CA PHE A 105 -9.58 -2.20 5.42
C PHE A 105 -9.45 -2.32 3.91
N PHE A 106 -8.27 -2.70 3.50
CA PHE A 106 -7.93 -2.83 2.10
C PHE A 106 -8.51 -4.14 1.61
N PHE A 107 -8.46 -5.14 2.47
CA PHE A 107 -8.98 -6.46 2.16
C PHE A 107 -10.49 -6.41 2.00
N SER A 108 -11.14 -5.60 2.81
CA SER A 108 -12.58 -5.46 2.72
C SER A 108 -12.91 -4.63 1.49
N LYS A 109 -11.99 -3.75 1.13
CA LYS A 109 -12.15 -2.87 -0.03
C LYS A 109 -12.12 -3.68 -1.33
N ILE A 110 -11.02 -4.38 -1.52
CA ILE A 110 -10.83 -5.21 -2.72
C ILE A 110 -11.90 -6.27 -2.82
N LYS A 111 -11.98 -7.09 -1.78
CA LYS A 111 -12.94 -8.15 -1.69
C LYS A 111 -14.30 -7.61 -2.09
N GLU A 112 -14.57 -6.38 -1.66
CA GLU A 112 -15.80 -5.68 -2.00
C GLU A 112 -15.81 -5.38 -3.48
N ALA A 113 -14.71 -4.81 -3.93
CA ALA A 113 -14.52 -4.45 -5.31
C ALA A 113 -14.28 -5.68 -6.16
N GLY A 114 -14.49 -6.85 -5.57
CA GLY A 114 -14.27 -8.10 -6.26
C GLY A 114 -12.84 -8.25 -6.71
N LEU A 115 -11.98 -7.32 -6.31
CA LEU A 115 -10.58 -7.36 -6.71
C LEU A 115 -9.90 -8.61 -6.20
N ILE A 116 -9.37 -8.51 -4.99
CA ILE A 116 -8.68 -9.58 -4.31
C ILE A 116 -9.08 -10.97 -4.80
N ASP A 117 -8.08 -11.83 -4.94
CA ASP A 117 -8.28 -13.20 -5.39
C ASP A 117 -7.22 -14.12 -4.76
N LYS A 118 -6.09 -13.52 -4.38
CA LYS A 118 -4.99 -14.28 -3.78
C LYS A 118 -4.59 -15.45 -4.66
N ALA B 1 16.12 7.27 29.78
CA ALA B 1 15.74 7.16 28.34
C ALA B 1 15.94 5.74 27.83
N ARG B 2 14.92 4.90 28.02
CA ARG B 2 14.97 3.52 27.58
C ARG B 2 14.49 3.37 26.13
N THR B 3 14.97 2.33 25.47
CA THR B 3 14.60 2.06 24.08
C THR B 3 15.09 3.16 23.13
N LYS B 4 15.97 2.79 22.21
CA LYS B 4 16.52 3.73 21.24
C LYS B 4 16.56 3.12 19.85
N GLN B 5 15.45 3.24 19.12
CA GLN B 5 15.36 2.70 17.77
C GLN B 5 14.46 3.57 16.90
N THR B 6 14.58 4.89 17.08
CA THR B 6 13.77 5.84 16.32
C THR B 6 13.94 5.65 14.82
N ALA B 7 12.84 5.66 14.09
CA ALA B 7 12.86 5.50 12.64
C ALA B 7 12.21 6.68 11.95
N ARG B 8 12.99 7.74 11.71
CA ARG B 8 12.48 8.94 11.06
C ARG B 8 12.17 8.69 9.60
N SER B 10 8.71 9.71 8.10
CA SER B 10 7.91 10.85 7.66
C SER B 10 7.28 11.54 8.87
N THR B 11 6.26 12.37 8.60
CA THR B 11 5.58 13.11 9.65
C THR B 11 4.97 12.15 10.68
N GLY B 12 5.34 12.34 11.94
CA GLY B 12 4.83 11.50 13.01
C GLY B 12 5.20 10.04 12.83
N GLY B 13 6.47 9.70 13.10
CA GLY B 13 6.92 8.33 12.97
C GLY B 13 6.72 7.55 14.25
N LYS B 14 6.86 6.22 14.16
CA LYS B 14 6.69 5.37 15.34
C LYS B 14 7.71 4.24 15.35
N ALA B 15 8.25 3.96 16.54
CA ALA B 15 9.24 2.90 16.69
C ALA B 15 8.89 2.01 17.87
N GLY A 1 -16.00 -21.05 -4.84
CA GLY A 1 -15.73 -21.48 -6.25
C GLY A 1 -16.33 -20.54 -7.27
N SER A 2 -17.65 -20.60 -7.42
CA SER A 2 -18.35 -19.74 -8.38
C SER A 2 -18.93 -18.52 -7.69
N HIS A 3 -18.20 -17.42 -7.71
CA HIS A 3 -18.65 -16.18 -7.09
C HIS A 3 -19.07 -15.16 -8.15
N MET A 4 -20.19 -14.49 -7.90
CA MET A 4 -20.70 -13.49 -8.84
C MET A 4 -20.03 -12.14 -8.60
N SER A 5 -19.69 -11.87 -7.34
CA SER A 5 -19.04 -10.61 -6.99
C SER A 5 -17.58 -10.84 -6.59
N LYS A 6 -16.74 -11.10 -7.58
CA LYS A 6 -15.33 -11.35 -7.35
C LYS A 6 -14.53 -11.15 -8.63
N GLU A 7 -15.17 -10.58 -9.65
CA GLU A 7 -14.52 -10.34 -10.94
C GLU A 7 -14.75 -8.90 -11.40
N PRO A 8 -13.82 -7.98 -11.06
CA PRO A 8 -13.92 -6.58 -11.44
C PRO A 8 -13.40 -6.32 -12.85
N ARG A 9 -12.36 -7.10 -13.21
CA ARG A 9 -11.67 -7.04 -14.52
C ARG A 9 -11.81 -5.68 -15.22
N ASP A 10 -11.48 -5.63 -16.51
CA ASP A 10 -11.55 -4.40 -17.28
C ASP A 10 -10.60 -3.35 -16.70
N PRO A 11 -9.98 -2.52 -17.55
CA PRO A 11 -9.04 -1.52 -17.10
C PRO A 11 -9.67 -0.23 -16.54
N ASP A 12 -10.94 0.05 -16.85
CA ASP A 12 -11.54 1.30 -16.39
C ASP A 12 -12.29 1.01 -15.11
N GLN A 13 -13.04 -0.06 -15.18
CA GLN A 13 -13.82 -0.53 -14.07
C GLN A 13 -12.90 -0.74 -12.86
N LEU A 14 -11.80 -1.42 -13.12
CA LEU A 14 -10.79 -1.68 -12.11
C LEU A 14 -10.11 -0.39 -11.72
N TYR A 15 -9.50 0.27 -12.68
CA TYR A 15 -8.79 1.52 -12.41
C TYR A 15 -9.48 2.36 -11.35
N SER A 16 -10.68 2.82 -11.60
CA SER A 16 -11.33 3.65 -10.61
C SER A 16 -11.79 2.89 -9.39
N THR A 17 -12.05 1.60 -9.52
CA THR A 17 -12.37 0.79 -8.37
C THR A 17 -11.19 0.85 -7.45
N LEU A 18 -10.08 0.47 -8.02
CA LEU A 18 -8.79 0.46 -7.38
C LEU A 18 -8.40 1.89 -7.00
N LYS A 19 -8.91 2.85 -7.77
CA LYS A 19 -8.63 4.26 -7.54
C LYS A 19 -9.37 4.75 -6.31
N SER A 20 -10.59 4.28 -6.14
CA SER A 20 -11.40 4.64 -4.98
C SER A 20 -10.88 3.90 -3.76
N ILE A 21 -10.41 2.67 -3.99
CA ILE A 21 -9.84 1.88 -2.92
C ILE A 21 -8.58 2.53 -2.43
N LEU A 22 -7.55 2.55 -3.27
CA LEU A 22 -6.27 3.17 -2.94
C LEU A 22 -6.55 4.48 -2.21
N GLN A 23 -7.50 5.21 -2.77
CA GLN A 23 -7.95 6.48 -2.21
C GLN A 23 -8.20 6.30 -0.72
N GLN A 24 -9.12 5.39 -0.40
CA GLN A 24 -9.49 5.08 0.95
C GLN A 24 -8.37 4.48 1.77
N VAL A 25 -7.63 3.52 1.22
CA VAL A 25 -6.53 2.91 1.91
C VAL A 25 -5.60 4.00 2.42
N LYS A 26 -5.28 4.95 1.56
CA LYS A 26 -4.45 6.08 1.95
C LYS A 26 -5.23 6.92 2.94
N SER A 27 -6.55 6.94 2.75
CA SER A 27 -7.44 7.67 3.64
C SER A 27 -7.38 7.01 5.00
N HIS A 28 -7.03 5.73 4.98
CA HIS A 28 -6.88 4.95 6.20
C HIS A 28 -5.58 5.36 6.86
N GLN A 29 -5.67 5.79 8.11
CA GLN A 29 -4.52 6.23 8.87
C GLN A 29 -3.32 5.31 8.70
N SER A 30 -3.61 4.02 8.65
CA SER A 30 -2.57 3.00 8.53
C SER A 30 -1.75 3.10 7.25
N ALA A 31 -2.26 3.83 6.28
CA ALA A 31 -1.55 3.99 5.02
C ALA A 31 -0.80 5.31 5.01
N TRP A 32 -0.49 5.79 6.22
CA TRP A 32 0.20 7.06 6.41
C TRP A 32 1.59 7.11 5.74
N PRO A 33 2.37 6.00 5.71
CA PRO A 33 3.67 6.01 5.09
C PRO A 33 3.60 5.63 3.61
N PHE A 34 2.95 4.52 3.36
CA PHE A 34 2.79 4.01 2.00
C PHE A 34 2.33 5.12 1.09
N MET A 35 1.32 5.86 1.53
CA MET A 35 0.78 6.94 0.74
C MET A 35 1.89 7.88 0.29
N GLU A 36 2.79 8.20 1.20
CA GLU A 36 3.86 9.13 0.88
C GLU A 36 5.19 8.41 0.71
N PRO A 37 5.78 8.55 -0.48
CA PRO A 37 7.06 7.95 -0.82
C PRO A 37 8.18 8.36 0.12
N VAL A 38 9.07 7.42 0.38
CA VAL A 38 10.22 7.64 1.24
C VAL A 38 11.19 8.61 0.59
N LYS A 39 12.05 9.25 1.37
CA LYS A 39 13.01 10.19 0.82
C LYS A 39 14.18 9.45 0.19
N ARG A 40 14.13 8.12 0.29
CA ARG A 40 15.17 7.26 -0.25
C ARG A 40 16.48 7.43 0.50
N THR A 41 16.42 8.06 1.68
CA THR A 41 17.63 8.28 2.47
C THR A 41 17.32 8.43 3.95
N GLU A 42 16.39 9.32 4.29
CA GLU A 42 16.02 9.52 5.69
C GLU A 42 15.84 8.16 6.32
N ALA A 43 15.24 7.29 5.54
CA ALA A 43 14.99 5.93 5.93
C ALA A 43 16.26 5.18 6.31
N PRO A 44 16.23 4.49 7.45
CA PRO A 44 17.34 3.66 7.93
C PRO A 44 17.71 2.55 6.94
N GLY A 45 18.35 2.92 5.82
CA GLY A 45 18.75 1.94 4.82
C GLY A 45 17.58 1.33 4.06
N TYR A 46 16.49 2.09 3.97
CA TYR A 46 15.26 1.66 3.28
C TYR A 46 15.52 0.98 1.95
N TYR A 47 16.07 1.69 0.99
CA TYR A 47 16.31 1.07 -0.31
C TYR A 47 17.26 -0.14 -0.23
N GLU A 48 17.99 -0.27 0.88
CA GLU A 48 18.90 -1.41 1.07
C GLU A 48 18.12 -2.65 1.49
N VAL A 49 17.12 -2.45 2.34
CA VAL A 49 16.27 -3.52 2.85
C VAL A 49 15.13 -3.74 1.89
N ILE A 50 14.71 -2.64 1.32
CA ILE A 50 13.60 -2.61 0.42
C ILE A 50 14.03 -2.82 -1.02
N ARG A 51 14.04 -4.07 -1.44
CA ARG A 51 14.40 -4.42 -2.80
C ARG A 51 13.17 -4.27 -3.69
N PHE A 52 12.07 -3.90 -3.05
CA PHE A 52 10.79 -3.74 -3.72
C PHE A 52 9.96 -2.64 -3.06
N PRO A 53 10.32 -1.36 -3.31
CA PRO A 53 9.64 -0.22 -2.74
C PRO A 53 8.46 0.28 -3.55
N MET A 54 7.33 0.45 -2.88
CA MET A 54 6.13 0.96 -3.51
C MET A 54 5.36 1.83 -2.52
N ASP A 55 4.69 2.82 -3.05
CA ASP A 55 3.92 3.74 -2.24
C ASP A 55 2.59 4.01 -2.91
N LEU A 56 1.54 4.06 -2.11
CA LEU A 56 0.18 4.30 -2.59
C LEU A 56 0.12 5.48 -3.54
N LYS A 57 1.10 6.38 -3.47
CA LYS A 57 1.13 7.51 -4.36
C LYS A 57 1.40 7.03 -5.78
N THR A 58 2.54 6.35 -5.95
CA THR A 58 2.93 5.78 -7.23
C THR A 58 1.84 4.85 -7.71
N MET A 59 1.24 4.17 -6.75
CA MET A 59 0.16 3.24 -7.03
C MET A 59 -0.99 3.93 -7.71
N SER A 60 -1.51 4.98 -7.10
CA SER A 60 -2.62 5.71 -7.67
C SER A 60 -2.17 6.54 -8.86
N GLU A 61 -0.85 6.77 -8.96
CA GLU A 61 -0.30 7.51 -10.09
C GLU A 61 -0.18 6.58 -11.29
N ARG A 62 0.18 5.32 -11.01
CA ARG A 62 0.27 4.31 -12.05
C ARG A 62 -1.15 4.02 -12.46
N LEU A 63 -1.91 3.71 -11.44
CA LEU A 63 -3.33 3.45 -11.54
C LEU A 63 -3.96 4.55 -12.39
N LYS A 64 -3.59 5.79 -12.06
CA LYS A 64 -4.05 6.98 -12.77
C LYS A 64 -3.64 6.93 -14.23
N ASN A 65 -2.38 6.60 -14.47
CA ASN A 65 -1.87 6.53 -15.82
C ASN A 65 -2.37 5.27 -16.51
N ARG A 66 -3.34 4.62 -15.88
CA ARG A 66 -3.97 3.42 -16.43
C ARG A 66 -3.02 2.24 -16.40
N TYR A 67 -2.41 2.05 -15.23
CA TYR A 67 -1.50 0.96 -15.03
C TYR A 67 -2.20 -0.18 -14.31
N TYR A 68 -3.23 0.15 -13.54
CA TYR A 68 -3.98 -0.86 -12.82
C TYR A 68 -5.02 -1.50 -13.71
N VAL A 69 -4.53 -1.99 -14.84
CA VAL A 69 -5.36 -2.65 -15.83
C VAL A 69 -5.76 -4.04 -15.35
N SER A 70 -5.30 -4.39 -14.15
CA SER A 70 -5.61 -5.69 -13.57
C SER A 70 -5.82 -5.55 -12.08
N LYS A 71 -6.75 -6.34 -11.55
CA LYS A 71 -7.06 -6.30 -10.13
C LYS A 71 -5.81 -6.50 -9.29
N LYS A 72 -5.02 -7.52 -9.59
CA LYS A 72 -3.85 -7.78 -8.79
C LYS A 72 -2.75 -6.77 -9.03
N LEU A 73 -2.59 -6.23 -10.25
CA LEU A 73 -1.54 -5.21 -10.43
C LEU A 73 -1.65 -4.25 -9.29
N PHE A 74 -2.86 -3.75 -9.17
CA PHE A 74 -3.24 -2.88 -8.10
C PHE A 74 -2.75 -3.46 -6.79
N MET A 75 -3.01 -4.75 -6.60
CA MET A 75 -2.61 -5.41 -5.39
C MET A 75 -1.11 -5.50 -5.25
N ALA A 76 -0.46 -6.23 -6.14
CA ALA A 76 0.99 -6.37 -6.06
C ALA A 76 1.61 -5.06 -5.69
N ASP A 77 0.94 -3.96 -6.01
CA ASP A 77 1.44 -2.65 -5.70
C ASP A 77 1.03 -2.27 -4.28
N LEU A 78 -0.26 -2.44 -3.96
CA LEU A 78 -0.73 -2.15 -2.60
C LEU A 78 -0.14 -3.19 -1.69
N GLN A 79 -0.43 -4.44 -2.01
CA GLN A 79 0.12 -5.56 -1.28
C GLN A 79 1.60 -5.31 -1.07
N ARG A 80 2.24 -4.80 -2.12
CA ARG A 80 3.67 -4.47 -2.05
C ARG A 80 3.96 -3.46 -0.93
N VAL A 81 3.23 -2.33 -0.93
CA VAL A 81 3.47 -1.32 0.11
C VAL A 81 3.51 -2.00 1.46
N PHE A 82 2.59 -2.95 1.66
CA PHE A 82 2.54 -3.71 2.90
C PHE A 82 3.80 -4.56 3.04
N THR A 83 4.27 -5.13 1.92
CA THR A 83 5.47 -5.97 1.93
C THR A 83 6.70 -5.19 2.36
N ASN A 84 7.03 -4.13 1.62
CA ASN A 84 8.19 -3.31 1.93
C ASN A 84 8.06 -2.72 3.33
N CYS A 85 6.83 -2.34 3.69
CA CYS A 85 6.60 -1.78 5.00
C CYS A 85 7.13 -2.73 6.06
N LYS A 86 6.63 -3.96 6.04
CA LYS A 86 7.05 -4.98 6.99
C LYS A 86 8.48 -5.43 6.72
N GLU A 87 8.96 -5.19 5.49
CA GLU A 87 10.30 -5.57 5.09
C GLU A 87 11.35 -4.66 5.70
N TYR A 88 10.97 -3.41 5.86
CA TYR A 88 11.85 -2.36 6.33
C TYR A 88 11.55 -2.01 7.76
N ASN A 89 10.46 -2.56 8.23
CA ASN A 89 10.01 -2.29 9.57
C ASN A 89 9.90 -3.57 10.40
N PRO A 90 10.12 -3.46 11.71
CA PRO A 90 10.03 -4.59 12.64
C PRO A 90 8.60 -4.83 13.08
N PRO A 91 8.13 -6.10 13.12
CA PRO A 91 6.79 -6.40 13.59
C PRO A 91 6.57 -5.86 15.00
N GLU A 92 6.43 -4.56 15.06
CA GLU A 92 6.25 -3.82 16.28
C GLU A 92 6.18 -2.31 16.02
N SER A 93 6.76 -1.88 14.89
CA SER A 93 6.79 -0.48 14.49
C SER A 93 5.40 0.01 14.10
N GLU A 94 5.14 1.31 14.32
CA GLU A 94 3.85 1.91 13.95
C GLU A 94 3.65 1.84 12.46
N TYR A 95 4.68 1.38 11.76
CA TYR A 95 4.68 1.24 10.32
C TYR A 95 4.07 -0.08 9.96
N TYR A 96 4.77 -1.08 10.44
CA TYR A 96 4.43 -2.46 10.22
C TYR A 96 2.94 -2.70 10.33
N LYS A 97 2.45 -2.48 11.52
CA LYS A 97 1.07 -2.77 11.80
C LYS A 97 0.19 -2.12 10.81
N CYS A 98 0.37 -0.81 10.72
CA CYS A 98 -0.38 0.01 9.79
C CYS A 98 -0.49 -0.66 8.43
N ALA A 99 0.51 -1.44 8.09
CA ALA A 99 0.51 -2.20 6.86
C ALA A 99 -0.60 -3.21 6.92
N ASN A 100 -0.58 -3.94 8.03
CA ASN A 100 -1.58 -4.96 8.28
C ASN A 100 -2.96 -4.37 8.50
N ILE A 101 -3.04 -3.28 9.28
CA ILE A 101 -4.32 -2.65 9.61
C ILE A 101 -5.08 -2.24 8.35
N LEU A 102 -4.51 -1.34 7.58
CA LEU A 102 -5.15 -0.93 6.36
C LEU A 102 -5.27 -2.13 5.46
N GLU A 103 -4.32 -3.05 5.50
CA GLU A 103 -4.40 -4.24 4.66
C GLU A 103 -5.75 -4.95 4.83
N LYS A 104 -6.28 -4.94 6.06
CA LYS A 104 -7.59 -5.55 6.32
C LYS A 104 -8.66 -4.71 5.69
N PHE A 105 -8.67 -3.42 6.04
CA PHE A 105 -9.62 -2.47 5.47
C PHE A 105 -9.47 -2.54 3.96
N PHE A 106 -8.27 -2.88 3.57
CA PHE A 106 -7.90 -2.97 2.17
C PHE A 106 -8.51 -4.24 1.63
N PHE A 107 -8.48 -5.28 2.46
CA PHE A 107 -9.03 -6.58 2.11
C PHE A 107 -10.52 -6.48 1.93
N SER A 108 -11.16 -5.64 2.73
CA SER A 108 -12.60 -5.45 2.64
C SER A 108 -12.90 -4.59 1.42
N LYS A 109 -11.95 -3.74 1.06
CA LYS A 109 -12.10 -2.86 -0.10
C LYS A 109 -12.09 -3.68 -1.39
N ILE A 110 -10.99 -4.38 -1.61
CA ILE A 110 -10.82 -5.22 -2.79
C ILE A 110 -11.94 -6.23 -2.91
N LYS A 111 -12.07 -7.04 -1.87
CA LYS A 111 -13.09 -8.07 -1.80
C LYS A 111 -14.44 -7.48 -2.18
N GLU A 112 -14.67 -6.26 -1.70
CA GLU A 112 -15.88 -5.54 -2.02
C GLU A 112 -15.91 -5.26 -3.51
N ALA A 113 -14.79 -4.74 -3.98
CA ALA A 113 -14.61 -4.42 -5.38
C ALA A 113 -14.40 -5.69 -6.19
N GLY A 114 -14.53 -6.84 -5.52
CA GLY A 114 -14.34 -8.11 -6.18
C GLY A 114 -12.93 -8.28 -6.68
N LEU A 115 -12.06 -7.34 -6.32
CA LEU A 115 -10.67 -7.38 -6.75
C LEU A 115 -9.97 -8.65 -6.26
N ILE A 116 -9.40 -8.55 -5.07
CA ILE A 116 -8.69 -9.62 -4.40
C ILE A 116 -9.07 -11.01 -4.87
N ASP A 117 -8.05 -11.84 -5.05
CA ASP A 117 -8.22 -13.22 -5.48
C ASP A 117 -7.34 -14.13 -4.64
N LYS A 118 -6.37 -13.52 -3.94
CA LYS A 118 -5.46 -14.27 -3.09
C LYS A 118 -4.69 -15.33 -3.89
N ALA B 1 3.51 14.81 15.83
CA ALA B 1 3.71 14.66 17.30
C ALA B 1 4.65 13.52 17.61
N ARG B 2 5.93 13.84 17.79
CA ARG B 2 6.94 12.84 18.10
C ARG B 2 7.03 12.61 19.61
N THR B 3 6.84 11.36 20.03
CA THR B 3 6.89 11.01 21.44
C THR B 3 7.72 9.75 21.68
N LYS B 4 8.09 9.08 20.60
CA LYS B 4 8.88 7.85 20.69
C LYS B 4 9.92 7.77 19.58
N GLN B 5 10.53 8.91 19.26
CA GLN B 5 11.55 8.98 18.21
C GLN B 5 10.97 8.58 16.86
N THR B 6 10.89 7.28 16.61
CA THR B 6 10.35 6.73 15.36
C THR B 6 11.18 7.20 14.16
N ALA B 7 10.99 6.51 13.04
CA ALA B 7 11.70 6.85 11.80
C ALA B 7 11.03 8.02 11.11
N ARG B 8 9.74 7.86 10.81
CA ARG B 8 8.97 8.90 10.12
C ARG B 8 9.69 9.38 8.86
N SER B 10 12.38 10.72 8.43
CA SER B 10 12.89 12.08 8.62
C SER B 10 14.19 12.07 9.42
N THR B 11 14.44 10.98 10.13
CA THR B 11 15.65 10.86 10.95
C THR B 11 16.12 9.41 11.05
N GLY B 12 15.19 8.51 11.38
CA GLY B 12 15.52 7.11 11.50
C GLY B 12 15.01 6.50 12.79
N GLY B 13 14.52 5.27 12.70
CA GLY B 13 14.00 4.59 13.88
C GLY B 13 13.16 3.39 13.52
N LYS B 14 12.47 2.82 14.52
CA LYS B 14 11.62 1.67 14.29
C LYS B 14 10.29 1.80 15.04
N ALA B 15 10.32 1.69 16.36
CA ALA B 15 9.11 1.80 17.17
C ALA B 15 9.20 2.99 18.11
N GLY A 1 -20.02 -27.60 -3.92
CA GLY A 1 -18.79 -27.87 -4.72
C GLY A 1 -17.79 -26.72 -4.65
N SER A 2 -17.45 -26.18 -5.82
CA SER A 2 -16.49 -25.08 -5.89
C SER A 2 -17.21 -23.76 -6.16
N HIS A 3 -16.88 -22.74 -5.37
CA HIS A 3 -17.49 -21.42 -5.53
C HIS A 3 -16.59 -20.35 -4.95
N MET A 4 -16.40 -19.27 -5.71
CA MET A 4 -15.57 -18.16 -5.28
C MET A 4 -16.24 -16.82 -5.58
N SER A 5 -16.47 -16.56 -6.87
CA SER A 5 -17.09 -15.31 -7.30
C SER A 5 -16.32 -14.10 -6.79
N LYS A 6 -15.30 -13.70 -7.53
CA LYS A 6 -14.49 -12.56 -7.15
C LYS A 6 -13.63 -12.07 -8.32
N GLU A 7 -14.22 -11.23 -9.17
CA GLU A 7 -13.52 -10.70 -10.33
C GLU A 7 -14.11 -9.36 -10.76
N PRO A 8 -13.28 -8.30 -10.85
CA PRO A 8 -13.72 -6.98 -11.25
C PRO A 8 -13.68 -6.80 -12.77
N ARG A 9 -12.52 -7.16 -13.35
CA ARG A 9 -12.30 -7.07 -14.78
C ARG A 9 -12.45 -5.64 -15.29
N ASP A 10 -12.20 -5.45 -16.58
CA ASP A 10 -12.30 -4.13 -17.21
C ASP A 10 -11.26 -3.17 -16.62
N PRO A 11 -10.30 -2.70 -17.46
CA PRO A 11 -9.25 -1.77 -17.01
C PRO A 11 -9.82 -0.46 -16.48
N ASP A 12 -11.09 -0.20 -16.78
CA ASP A 12 -11.73 1.03 -16.35
C ASP A 12 -12.42 0.84 -15.02
N GLN A 13 -13.32 -0.12 -14.95
CA GLN A 13 -14.01 -0.44 -13.72
C GLN A 13 -12.99 -0.70 -12.62
N LEU A 14 -11.87 -1.32 -13.02
CA LEU A 14 -10.79 -1.61 -12.10
C LEU A 14 -10.09 -0.33 -11.72
N TYR A 15 -9.49 0.32 -12.70
CA TYR A 15 -8.75 1.54 -12.45
C TYR A 15 -9.43 2.40 -11.39
N SER A 16 -10.63 2.86 -11.63
CA SER A 16 -11.26 3.70 -10.63
C SER A 16 -11.68 2.95 -9.36
N THR A 17 -12.01 1.66 -9.48
CA THR A 17 -12.31 0.87 -8.29
C THR A 17 -11.09 0.94 -7.41
N LEU A 18 -10.01 0.49 -8.00
CA LEU A 18 -8.71 0.49 -7.39
C LEU A 18 -8.31 1.92 -7.02
N LYS A 19 -8.84 2.88 -7.78
CA LYS A 19 -8.56 4.28 -7.56
C LYS A 19 -9.28 4.82 -6.33
N SER A 20 -10.48 4.29 -6.08
CA SER A 20 -11.26 4.72 -4.94
C SER A 20 -10.75 3.98 -3.73
N ILE A 21 -10.25 2.78 -3.97
CA ILE A 21 -9.69 1.98 -2.92
C ILE A 21 -8.40 2.62 -2.44
N LEU A 22 -7.40 2.65 -3.33
CA LEU A 22 -6.12 3.27 -3.02
C LEU A 22 -6.38 4.56 -2.28
N GLN A 23 -7.33 5.31 -2.80
CA GLN A 23 -7.76 6.58 -2.22
C GLN A 23 -8.02 6.41 -0.72
N GLN A 24 -8.89 5.46 -0.41
CA GLN A 24 -9.29 5.16 0.94
C GLN A 24 -8.21 4.49 1.78
N VAL A 25 -7.46 3.57 1.17
CA VAL A 25 -6.40 2.89 1.90
C VAL A 25 -5.50 3.97 2.40
N LYS A 26 -5.22 4.89 1.50
CA LYS A 26 -4.41 6.04 1.76
C LYS A 26 -5.06 6.88 2.84
N SER A 27 -6.40 6.88 2.80
CA SER A 27 -7.20 7.63 3.76
C SER A 27 -7.19 6.91 5.09
N HIS A 28 -6.86 5.62 5.02
CA HIS A 28 -6.81 4.78 6.21
C HIS A 28 -5.60 5.18 7.06
N GLN A 29 -5.86 5.34 8.36
CA GLN A 29 -4.83 5.75 9.31
C GLN A 29 -3.53 4.97 9.18
N SER A 30 -3.59 3.80 8.55
CA SER A 30 -2.41 2.96 8.40
C SER A 30 -1.55 3.31 7.19
N ALA A 31 -2.19 3.79 6.14
CA ALA A 31 -1.50 4.08 4.90
C ALA A 31 -0.82 5.44 4.95
N TRP A 32 -0.51 5.87 6.17
CA TRP A 32 0.17 7.13 6.39
C TRP A 32 1.58 7.16 5.82
N PRO A 33 2.31 6.01 5.80
CA PRO A 33 3.66 5.97 5.28
C PRO A 33 3.72 5.62 3.81
N PHE A 34 3.06 4.52 3.47
CA PHE A 34 3.03 4.05 2.10
C PHE A 34 2.68 5.20 1.19
N MET A 35 1.54 5.81 1.47
CA MET A 35 1.05 6.93 0.68
C MET A 35 2.16 7.88 0.31
N GLU A 36 3.00 8.24 1.27
CA GLU A 36 4.05 9.19 1.00
C GLU A 36 5.36 8.52 0.66
N PRO A 37 5.90 8.83 -0.52
CA PRO A 37 7.17 8.30 -1.00
C PRO A 37 8.31 8.59 -0.05
N VAL A 38 9.07 7.56 0.28
CA VAL A 38 10.21 7.70 1.16
C VAL A 38 11.24 8.61 0.53
N LYS A 39 12.01 9.28 1.38
CA LYS A 39 13.00 10.19 0.93
C LYS A 39 14.23 9.43 0.41
N ARG A 40 14.18 8.11 0.56
CA ARG A 40 15.26 7.24 0.11
C ARG A 40 16.55 7.46 0.90
N THR A 41 16.47 8.11 2.05
CA THR A 41 17.67 8.33 2.85
C THR A 41 17.37 8.56 4.33
N GLU A 42 16.29 9.26 4.62
CA GLU A 42 15.91 9.47 6.02
C GLU A 42 15.62 8.09 6.56
N ALA A 43 15.37 7.26 5.58
CA ALA A 43 15.05 5.87 5.71
C ALA A 43 16.31 5.01 5.90
N PRO A 44 16.41 4.35 7.07
CA PRO A 44 17.55 3.48 7.41
C PRO A 44 17.85 2.43 6.35
N GLY A 45 18.83 2.72 5.48
CA GLY A 45 19.20 1.79 4.42
C GLY A 45 17.98 1.23 3.72
N TYR A 46 16.92 2.01 3.74
CA TYR A 46 15.62 1.65 3.16
C TYR A 46 15.74 0.97 1.80
N TYR A 47 16.24 1.67 0.80
CA TYR A 47 16.35 1.06 -0.53
C TYR A 47 17.26 -0.17 -0.52
N GLU A 48 18.07 -0.33 0.52
CA GLU A 48 18.98 -1.46 0.63
C GLU A 48 18.23 -2.70 1.15
N VAL A 49 17.31 -2.47 2.09
CA VAL A 49 16.50 -3.53 2.66
C VAL A 49 15.30 -3.74 1.78
N ILE A 50 14.82 -2.63 1.29
CA ILE A 50 13.66 -2.58 0.46
C ILE A 50 14.03 -2.75 -1.01
N ARG A 51 14.06 -3.99 -1.46
CA ARG A 51 14.36 -4.28 -2.85
C ARG A 51 13.10 -4.14 -3.68
N PHE A 52 12.02 -3.82 -2.99
CA PHE A 52 10.71 -3.68 -3.59
C PHE A 52 9.92 -2.57 -2.92
N PRO A 53 10.30 -1.31 -3.15
CA PRO A 53 9.65 -0.15 -2.57
C PRO A 53 8.49 0.37 -3.39
N MET A 54 7.32 0.40 -2.78
CA MET A 54 6.13 0.92 -3.43
C MET A 54 5.35 1.79 -2.45
N ASP A 55 4.79 2.84 -2.98
CA ASP A 55 4.02 3.80 -2.21
C ASP A 55 2.69 4.06 -2.88
N LEU A 56 1.65 4.19 -2.08
CA LEU A 56 0.31 4.43 -2.59
C LEU A 56 0.28 5.62 -3.53
N LYS A 57 1.29 6.47 -3.45
CA LYS A 57 1.37 7.62 -4.34
C LYS A 57 1.65 7.11 -5.75
N THR A 58 2.74 6.36 -5.88
CA THR A 58 3.14 5.77 -7.15
C THR A 58 2.00 4.90 -7.67
N MET A 59 1.43 4.12 -6.77
CA MET A 59 0.32 3.25 -7.08
C MET A 59 -0.81 4.03 -7.74
N SER A 60 -1.37 4.97 -7.01
CA SER A 60 -2.44 5.78 -7.51
C SER A 60 -2.03 6.55 -8.76
N GLU A 61 -0.73 6.85 -8.88
CA GLU A 61 -0.20 7.55 -10.04
C GLU A 61 -0.08 6.59 -11.23
N ARG A 62 0.28 5.34 -10.95
CA ARG A 62 0.37 4.33 -12.00
C ARG A 62 -1.04 4.06 -12.45
N LEU A 63 -1.82 3.73 -11.46
CA LEU A 63 -3.24 3.48 -11.58
C LEU A 63 -3.87 4.58 -12.42
N LYS A 64 -3.53 5.81 -12.04
CA LYS A 64 -4.01 7.02 -12.72
C LYS A 64 -3.55 7.02 -14.17
N ASN A 65 -2.29 6.67 -14.39
CA ASN A 65 -1.74 6.62 -15.73
C ASN A 65 -2.35 5.45 -16.49
N ARG A 66 -3.25 4.74 -15.81
CA ARG A 66 -3.96 3.60 -16.37
C ARG A 66 -3.06 2.38 -16.39
N TYR A 67 -2.41 2.15 -15.25
CA TYR A 67 -1.51 1.03 -15.09
C TYR A 67 -2.19 -0.11 -14.37
N TYR A 68 -3.21 0.21 -13.57
CA TYR A 68 -3.94 -0.82 -12.84
C TYR A 68 -4.98 -1.47 -13.73
N VAL A 69 -4.49 -1.98 -14.85
CA VAL A 69 -5.31 -2.67 -15.83
C VAL A 69 -5.68 -4.06 -15.33
N SER A 70 -5.15 -4.40 -14.16
CA SER A 70 -5.41 -5.70 -13.56
C SER A 70 -5.64 -5.55 -12.07
N LYS A 71 -6.68 -6.21 -11.57
CA LYS A 71 -7.01 -6.15 -10.16
C LYS A 71 -5.80 -6.41 -9.30
N LYS A 72 -5.03 -7.42 -9.64
CA LYS A 72 -3.88 -7.75 -8.84
C LYS A 72 -2.72 -6.80 -9.08
N LEU A 73 -2.60 -6.19 -10.26
CA LEU A 73 -1.52 -5.21 -10.44
C LEU A 73 -1.63 -4.26 -9.28
N PHE A 74 -2.83 -3.72 -9.18
CA PHE A 74 -3.21 -2.86 -8.11
C PHE A 74 -2.74 -3.44 -6.79
N MET A 75 -3.04 -4.70 -6.60
CA MET A 75 -2.66 -5.38 -5.39
C MET A 75 -1.17 -5.52 -5.22
N ALA A 76 -0.53 -6.26 -6.10
CA ALA A 76 0.91 -6.43 -6.00
C ALA A 76 1.56 -5.12 -5.64
N ASP A 77 0.90 -4.03 -5.99
CA ASP A 77 1.39 -2.70 -5.72
C ASP A 77 1.03 -2.29 -4.29
N LEU A 78 -0.26 -2.44 -3.95
CA LEU A 78 -0.72 -2.12 -2.61
C LEU A 78 -0.15 -3.18 -1.68
N GLN A 79 -0.47 -4.42 -2.01
CA GLN A 79 0.05 -5.56 -1.28
C GLN A 79 1.54 -5.32 -1.07
N ARG A 80 2.20 -4.77 -2.11
CA ARG A 80 3.62 -4.46 -2.03
C ARG A 80 3.91 -3.43 -0.94
N VAL A 81 3.22 -2.28 -0.97
CA VAL A 81 3.46 -1.25 0.05
C VAL A 81 3.48 -1.90 1.42
N PHE A 82 2.56 -2.83 1.62
CA PHE A 82 2.48 -3.56 2.87
C PHE A 82 3.77 -4.37 3.07
N THR A 83 4.23 -5.02 2.00
CA THR A 83 5.43 -5.86 2.09
C THR A 83 6.66 -5.07 2.54
N ASN A 84 7.01 -4.02 1.79
CA ASN A 84 8.17 -3.20 2.14
C ASN A 84 8.00 -2.61 3.52
N CYS A 85 6.76 -2.34 3.90
CA CYS A 85 6.46 -1.80 5.21
C CYS A 85 7.00 -2.71 6.29
N LYS A 86 6.68 -3.98 6.15
CA LYS A 86 7.08 -5.02 7.09
C LYS A 86 8.52 -5.47 6.83
N GLU A 87 9.00 -5.20 5.62
CA GLU A 87 10.35 -5.61 5.21
C GLU A 87 11.43 -4.78 5.91
N TYR A 88 11.16 -3.50 6.08
CA TYR A 88 12.15 -2.60 6.65
C TYR A 88 11.73 -2.08 8.01
N ASN A 89 10.47 -2.30 8.35
CA ASN A 89 9.96 -1.84 9.63
C ASN A 89 9.50 -3.02 10.50
N PRO A 90 9.63 -2.90 11.83
CA PRO A 90 9.24 -3.94 12.77
C PRO A 90 7.74 -3.91 13.11
N PRO A 91 7.15 -5.08 13.42
CA PRO A 91 5.72 -5.20 13.76
C PRO A 91 5.31 -4.28 14.89
N GLU A 92 6.29 -3.67 15.54
CA GLU A 92 6.04 -2.76 16.66
C GLU A 92 6.43 -1.32 16.38
N SER A 93 6.52 -0.91 15.12
CA SER A 93 6.90 0.47 14.84
C SER A 93 5.70 1.30 14.37
N GLU A 94 4.49 0.79 14.59
CA GLU A 94 3.29 1.50 14.16
C GLU A 94 3.23 1.51 12.62
N TYR A 95 4.35 1.13 12.03
CA TYR A 95 4.49 1.08 10.58
C TYR A 95 3.97 -0.23 10.05
N TYR A 96 4.63 -1.31 10.44
CA TYR A 96 4.24 -2.64 10.03
C TYR A 96 2.78 -2.86 10.33
N LYS A 97 2.43 -2.78 11.62
CA LYS A 97 1.06 -3.01 12.04
C LYS A 97 0.11 -2.35 11.07
N CYS A 98 0.35 -1.06 10.85
CA CYS A 98 -0.45 -0.28 9.91
C CYS A 98 -0.69 -1.09 8.65
N ALA A 99 0.38 -1.58 8.06
CA ALA A 99 0.29 -2.40 6.86
C ALA A 99 -0.84 -3.39 7.03
N ASN A 100 -0.80 -4.08 8.16
CA ASN A 100 -1.81 -5.06 8.51
C ASN A 100 -3.16 -4.40 8.80
N ILE A 101 -3.12 -3.19 9.37
CA ILE A 101 -4.35 -2.47 9.71
C ILE A 101 -5.11 -2.12 8.44
N LEU A 102 -4.46 -1.31 7.60
CA LEU A 102 -5.04 -0.93 6.35
C LEU A 102 -5.34 -2.19 5.55
N GLU A 103 -4.31 -3.01 5.33
CA GLU A 103 -4.47 -4.24 4.55
C GLU A 103 -5.77 -4.95 4.91
N LYS A 104 -6.16 -4.86 6.18
CA LYS A 104 -7.42 -5.45 6.63
C LYS A 104 -8.56 -4.70 5.95
N PHE A 105 -8.53 -3.38 6.07
CA PHE A 105 -9.52 -2.52 5.41
C PHE A 105 -9.44 -2.78 3.91
N PHE A 106 -8.26 -2.51 3.38
CA PHE A 106 -7.94 -2.74 1.98
C PHE A 106 -8.49 -4.08 1.52
N PHE A 107 -8.37 -5.09 2.38
CA PHE A 107 -8.86 -6.43 2.05
C PHE A 107 -10.37 -6.45 1.90
N SER A 108 -11.07 -5.71 2.74
CA SER A 108 -12.51 -5.65 2.64
C SER A 108 -12.91 -4.80 1.45
N LYS A 109 -12.02 -3.88 1.06
CA LYS A 109 -12.27 -3.01 -0.07
C LYS A 109 -12.23 -3.79 -1.37
N ILE A 110 -11.09 -4.43 -1.63
CA ILE A 110 -10.91 -5.24 -2.82
C ILE A 110 -11.98 -6.30 -2.91
N LYS A 111 -12.05 -7.11 -1.86
CA LYS A 111 -13.02 -8.18 -1.75
C LYS A 111 -14.41 -7.66 -2.07
N GLU A 112 -14.67 -6.43 -1.67
CA GLU A 112 -15.95 -5.78 -1.93
C GLU A 112 -15.97 -5.27 -3.36
N ALA A 113 -14.80 -4.87 -3.83
CA ALA A 113 -14.65 -4.35 -5.18
C ALA A 113 -14.34 -5.50 -6.13
N GLY A 114 -14.66 -6.72 -5.68
CA GLY A 114 -14.43 -7.92 -6.45
C GLY A 114 -13.01 -8.03 -6.97
N LEU A 115 -12.12 -7.21 -6.42
CA LEU A 115 -10.73 -7.21 -6.84
C LEU A 115 -10.00 -8.47 -6.40
N ILE A 116 -9.28 -8.32 -5.27
CA ILE A 116 -8.49 -9.35 -4.64
C ILE A 116 -8.78 -10.77 -5.13
N ASP A 117 -7.70 -11.50 -5.38
CA ASP A 117 -7.78 -12.88 -5.84
C ASP A 117 -6.77 -13.75 -5.10
N LYS A 118 -5.84 -13.09 -4.39
CA LYS A 118 -4.82 -13.81 -3.62
C LYS A 118 -3.93 -14.64 -4.55
N ALA B 1 26.34 10.79 7.65
CA ALA B 1 25.97 10.07 6.40
C ALA B 1 25.79 8.59 6.65
N ARG B 2 26.87 7.92 7.06
CA ARG B 2 26.83 6.49 7.32
C ARG B 2 25.84 6.17 8.43
N THR B 3 25.93 6.90 9.54
CA THR B 3 25.05 6.71 10.68
C THR B 3 24.91 5.24 11.04
N LYS B 4 25.87 4.72 11.80
CA LYS B 4 25.85 3.33 12.23
C LYS B 4 24.62 3.03 13.06
N GLN B 5 24.07 4.06 13.70
CA GLN B 5 22.89 3.92 14.54
C GLN B 5 21.64 3.76 13.68
N THR B 6 20.52 3.43 14.33
CA THR B 6 19.26 3.25 13.61
C THR B 6 18.72 4.58 13.11
N ALA B 7 18.22 4.60 11.88
CA ALA B 7 17.68 5.81 11.29
C ALA B 7 16.16 5.85 11.35
N ARG B 8 15.61 7.05 11.47
CA ARG B 8 14.17 7.25 11.52
C ARG B 8 13.69 7.88 10.22
N SER B 10 10.63 9.11 8.90
CA SER B 10 9.98 10.40 9.10
C SER B 10 8.90 10.32 10.17
N THR B 11 9.30 10.45 11.43
CA THR B 11 8.36 10.40 12.55
C THR B 11 9.08 10.64 13.87
N GLY B 12 8.39 11.31 14.80
CA GLY B 12 8.98 11.59 16.09
C GLY B 12 8.61 10.55 17.13
N GLY B 13 8.13 9.40 16.65
CA GLY B 13 7.74 8.33 17.54
C GLY B 13 7.15 7.15 16.80
N LYS B 14 6.99 6.03 17.48
CA LYS B 14 6.43 4.83 16.86
C LYS B 14 5.42 4.15 17.80
N ALA B 15 4.87 3.03 17.33
CA ALA B 15 3.89 2.27 18.11
C ALA B 15 2.70 3.15 18.49
#